data_7A05
#
_entry.id   7A05
#
_entity_poly.entity_id   1
_entity_poly.type   'polypeptide(L)'
_entity_poly.pdbx_seq_one_letter_code
;GAMETLQEGSEVKGIVKNLTDYGAFVDLGGVDGLLHITDMAWKRVKHPSEIVNVGDEILVKVLKFDRDRTRVSLGLKQLG
EDPWVAIAKRYPEGHKLSGRVTNLTDYGCFVEIEEGVEGLVHVSEMDWTNKNIHPSKVVNVGDEVEVMVLEIDEERRRIS
LGLKQCKANPWQS
;
_entity_poly.pdbx_strand_id   A
#
# COMPACT_ATOMS: atom_id res chain seq x y z
N GLY A 1 -21.05 7.49 22.37
CA GLY A 1 -19.82 7.41 21.53
C GLY A 1 -20.14 7.23 20.06
N ALA A 2 -20.80 8.20 19.46
CA ALA A 2 -21.21 8.13 18.06
C ALA A 2 -21.13 9.50 17.42
N MET A 3 -21.75 9.64 16.24
CA MET A 3 -21.81 10.91 15.52
C MET A 3 -22.24 12.08 16.43
N GLU A 4 -22.87 11.74 17.54
CA GLU A 4 -23.33 12.70 18.55
C GLU A 4 -22.23 13.72 18.91
N THR A 5 -21.01 13.24 19.14
CA THR A 5 -19.89 14.10 19.52
C THR A 5 -18.64 13.77 18.71
N LEU A 6 -18.79 12.85 17.77
CA LEU A 6 -17.66 12.42 16.95
C LEU A 6 -17.38 13.40 15.83
N GLN A 7 -16.13 13.40 15.42
CA GLN A 7 -15.68 14.29 14.38
C GLN A 7 -14.49 13.67 13.67
N GLU A 8 -14.41 13.90 12.37
CA GLU A 8 -13.36 13.36 11.52
C GLU A 8 -11.99 13.36 12.21
N GLY A 9 -11.29 12.24 12.10
CA GLY A 9 -9.99 12.09 12.72
C GLY A 9 -10.03 11.45 14.10
N SER A 10 -11.21 11.42 14.71
CA SER A 10 -11.37 10.85 16.05
C SER A 10 -11.26 9.33 16.00
N GLU A 11 -10.89 8.72 17.13
CA GLU A 11 -10.76 7.27 17.24
C GLU A 11 -11.81 6.68 18.17
N VAL A 12 -12.57 5.74 17.65
CA VAL A 12 -13.65 5.11 18.41
C VAL A 12 -13.80 3.63 18.07
N LYS A 13 -14.23 2.83 19.02
CA LYS A 13 -14.44 1.42 18.78
C LYS A 13 -15.88 1.17 18.35
N GLY A 14 -16.05 0.29 17.39
CA GLY A 14 -17.37 -0.02 16.89
C GLY A 14 -17.55 -1.50 16.60
N ILE A 15 -18.79 -1.92 16.36
CA ILE A 15 -19.09 -3.32 16.08
C ILE A 15 -19.40 -3.55 14.61
N VAL A 16 -18.60 -4.38 13.97
CA VAL A 16 -18.82 -4.72 12.57
C VAL A 16 -19.93 -5.76 12.49
N LYS A 17 -21.14 -5.31 12.21
CA LYS A 17 -22.30 -6.19 12.15
C LYS A 17 -22.72 -6.56 10.73
N ASN A 18 -21.98 -6.08 9.73
CA ASN A 18 -22.35 -6.38 8.35
C ASN A 18 -21.13 -6.30 7.47
N LEU A 19 -21.08 -7.13 6.43
CA LEU A 19 -19.93 -7.18 5.54
C LEU A 19 -20.40 -7.30 4.10
N THR A 20 -20.24 -6.22 3.32
CA THR A 20 -20.63 -6.21 1.91
C THR A 20 -19.40 -6.50 1.03
N ASP A 21 -19.58 -6.46 -0.30
CA ASP A 21 -18.48 -6.73 -1.21
C ASP A 21 -17.73 -5.45 -1.59
N TYR A 22 -18.20 -4.32 -1.09
CA TYR A 22 -17.54 -3.04 -1.35
C TYR A 22 -17.10 -2.38 -0.04
N GLY A 23 -17.57 -2.94 1.07
CA GLY A 23 -17.23 -2.41 2.36
C GLY A 23 -17.92 -3.16 3.48
N ALA A 24 -18.09 -2.49 4.60
CA ALA A 24 -18.73 -3.09 5.76
C ALA A 24 -19.50 -2.03 6.52
N PHE A 25 -20.22 -2.44 7.55
CA PHE A 25 -20.98 -1.50 8.37
C PHE A 25 -20.73 -1.73 9.85
N VAL A 26 -20.29 -0.67 10.52
CA VAL A 26 -20.00 -0.69 11.93
C VAL A 26 -21.06 0.05 12.75
N ASP A 27 -21.44 -0.54 13.87
CA ASP A 27 -22.40 0.05 14.77
C ASP A 27 -21.67 0.93 15.78
N LEU A 28 -21.97 2.21 15.78
CA LEU A 28 -21.35 3.16 16.71
C LEU A 28 -22.22 3.28 17.94
N GLY A 29 -23.22 2.43 18.01
CA GLY A 29 -24.17 2.47 19.10
C GLY A 29 -25.38 3.29 18.73
N GLY A 30 -26.03 2.91 17.64
CA GLY A 30 -27.22 3.61 17.19
C GLY A 30 -27.09 4.22 15.81
N VAL A 31 -25.92 4.06 15.19
CA VAL A 31 -25.70 4.58 13.85
C VAL A 31 -24.69 3.71 13.12
N ASP A 32 -24.96 3.43 11.85
CA ASP A 32 -24.06 2.59 11.06
C ASP A 32 -23.08 3.43 10.27
N GLY A 33 -21.81 3.07 10.35
CA GLY A 33 -20.80 3.75 9.58
C GLY A 33 -20.29 2.84 8.47
N LEU A 34 -20.13 3.39 7.28
CA LEU A 34 -19.64 2.61 6.15
C LEU A 34 -18.12 2.65 6.11
N LEU A 35 -17.51 1.48 6.20
CA LEU A 35 -16.07 1.37 6.10
C LEU A 35 -15.77 0.79 4.75
N HIS A 36 -15.23 1.60 3.87
CA HIS A 36 -14.93 1.15 2.52
C HIS A 36 -13.83 0.10 2.57
N ILE A 37 -13.97 -0.96 1.78
CA ILE A 37 -13.00 -2.06 1.73
C ILE A 37 -11.56 -1.59 1.58
N THR A 38 -11.34 -0.49 0.88
CA THR A 38 -9.99 -0.01 0.62
C THR A 38 -9.42 0.75 1.82
N ASP A 39 -10.22 0.88 2.87
CA ASP A 39 -9.81 1.57 4.07
C ASP A 39 -9.58 0.60 5.23
N MET A 40 -9.59 -0.70 4.94
CA MET A 40 -9.36 -1.72 5.96
C MET A 40 -7.87 -1.86 6.25
N ALA A 41 -7.04 -1.50 5.27
CA ALA A 41 -5.59 -1.62 5.40
C ALA A 41 -4.88 -0.77 4.38
N TRP A 42 -3.56 -0.66 4.55
CA TRP A 42 -2.74 0.09 3.63
C TRP A 42 -2.62 -0.62 2.29
N LYS A 43 -2.81 -1.94 2.32
CA LYS A 43 -2.72 -2.76 1.12
C LYS A 43 -4.05 -2.83 0.40
N ARG A 44 -4.10 -3.65 -0.64
CA ARG A 44 -5.31 -3.85 -1.40
C ARG A 44 -6.14 -4.99 -0.82
N VAL A 45 -7.01 -4.65 0.11
CA VAL A 45 -7.92 -5.63 0.69
C VAL A 45 -9.03 -5.92 -0.32
N LYS A 46 -9.38 -7.20 -0.44
CA LYS A 46 -10.37 -7.62 -1.42
C LYS A 46 -11.74 -7.81 -0.80
N HIS A 47 -11.78 -8.23 0.46
CA HIS A 47 -13.03 -8.48 1.14
C HIS A 47 -12.86 -8.06 2.61
N PRO A 48 -13.90 -7.51 3.25
CA PRO A 48 -13.77 -7.01 4.62
C PRO A 48 -13.60 -8.15 5.64
N SER A 49 -14.11 -9.32 5.29
CA SER A 49 -14.04 -10.49 6.15
C SER A 49 -12.58 -10.92 6.36
N GLU A 50 -11.70 -10.46 5.47
CA GLU A 50 -10.28 -10.76 5.58
C GLU A 50 -9.68 -10.07 6.81
N ILE A 51 -10.13 -8.83 7.02
CA ILE A 51 -9.61 -7.99 8.09
C ILE A 51 -10.49 -8.05 9.36
N VAL A 52 -11.81 -8.04 9.20
CA VAL A 52 -12.71 -8.06 10.34
C VAL A 52 -13.98 -8.85 10.03
N ASN A 53 -14.59 -9.44 11.06
CA ASN A 53 -15.78 -10.29 10.88
C ASN A 53 -16.99 -9.71 11.60
N VAL A 54 -18.16 -10.30 11.34
CA VAL A 54 -19.40 -9.85 11.96
C VAL A 54 -19.40 -10.10 13.47
N GLY A 55 -19.80 -9.07 14.21
CA GLY A 55 -19.90 -9.16 15.66
C GLY A 55 -18.59 -8.86 16.37
N ASP A 56 -17.64 -8.29 15.64
CA ASP A 56 -16.33 -8.00 16.21
C ASP A 56 -16.23 -6.54 16.60
N GLU A 57 -15.57 -6.28 17.73
CA GLU A 57 -15.40 -4.93 18.24
C GLU A 57 -13.97 -4.46 17.99
N ILE A 58 -13.79 -3.62 16.99
CA ILE A 58 -12.46 -3.12 16.68
C ILE A 58 -12.42 -1.60 16.85
N LEU A 59 -11.22 -1.06 16.81
CA LEU A 59 -11.02 0.37 16.97
C LEU A 59 -10.83 1.02 15.60
N VAL A 60 -11.82 1.79 15.17
CA VAL A 60 -11.77 2.46 13.86
C VAL A 60 -11.62 3.97 14.02
N LYS A 61 -11.15 4.61 12.96
CA LYS A 61 -11.02 6.06 12.93
C LYS A 61 -12.03 6.65 11.95
N VAL A 62 -12.68 7.72 12.38
CA VAL A 62 -13.64 8.41 11.51
C VAL A 62 -12.90 9.19 10.44
N LEU A 63 -13.15 8.88 9.18
CA LEU A 63 -12.46 9.52 8.10
C LEU A 63 -13.29 10.63 7.49
N LYS A 64 -14.58 10.38 7.30
CA LYS A 64 -15.46 11.34 6.66
C LYS A 64 -16.81 11.32 7.36
N PHE A 65 -17.70 12.18 6.90
CA PHE A 65 -19.06 12.24 7.42
C PHE A 65 -20.05 12.42 6.27
N ASP A 66 -21.28 11.98 6.50
CA ASP A 66 -22.35 12.09 5.51
C ASP A 66 -22.84 13.53 5.45
N ARG A 67 -23.83 13.77 4.58
CA ARG A 67 -24.33 15.13 4.28
C ARG A 67 -24.18 16.11 5.45
N ASP A 68 -24.87 15.96 6.57
CA ASP A 68 -24.58 16.86 7.68
C ASP A 68 -23.90 16.13 8.84
N ARG A 69 -24.60 15.17 9.45
CA ARG A 69 -23.99 14.37 10.53
C ARG A 69 -24.31 12.88 10.39
N THR A 70 -25.53 12.61 9.93
CA THR A 70 -26.13 11.26 9.83
C THR A 70 -25.15 10.06 9.71
N ARG A 71 -24.60 9.80 8.53
CA ARG A 71 -23.73 8.63 8.37
C ARG A 71 -22.27 9.04 8.48
N VAL A 72 -21.36 8.07 8.48
CA VAL A 72 -19.94 8.38 8.65
C VAL A 72 -19.06 7.38 7.93
N SER A 73 -17.80 7.77 7.69
CA SER A 73 -16.83 6.89 7.07
C SER A 73 -15.82 6.44 8.11
N LEU A 74 -15.51 5.15 8.13
CA LEU A 74 -14.51 4.63 9.07
C LEU A 74 -13.31 4.11 8.33
N GLY A 75 -12.27 3.89 9.09
CA GLY A 75 -11.05 3.35 8.57
C GLY A 75 -10.40 2.38 9.51
N LEU A 76 -9.56 1.52 8.96
CA LEU A 76 -8.86 0.52 9.75
C LEU A 76 -7.37 0.49 9.44
N LYS A 77 -6.87 1.57 8.82
CA LYS A 77 -5.44 1.64 8.51
C LYS A 77 -4.80 2.90 9.08
N GLN A 78 -5.63 3.92 9.27
CA GLN A 78 -5.20 5.21 9.81
C GLN A 78 -4.94 5.11 11.31
N LEU A 79 -5.23 3.94 11.85
CA LEU A 79 -5.08 3.70 13.27
C LEU A 79 -3.61 3.48 13.59
N GLY A 80 -2.85 3.27 12.51
CA GLY A 80 -1.42 3.11 12.60
C GLY A 80 -0.77 4.02 11.60
N GLU A 81 0.55 4.07 11.59
CA GLU A 81 1.24 4.95 10.67
C GLU A 81 1.58 4.19 9.39
N ASP A 82 1.17 4.73 8.26
CA ASP A 82 1.41 4.08 6.97
C ASP A 82 2.91 4.02 6.69
N PRO A 83 3.43 2.89 6.21
CA PRO A 83 4.87 2.73 5.96
C PRO A 83 5.41 3.61 4.82
N TRP A 84 4.52 4.13 3.99
CA TRP A 84 4.94 4.93 2.85
C TRP A 84 5.23 6.38 3.22
N VAL A 85 4.58 6.88 4.26
CA VAL A 85 4.77 8.28 4.64
C VAL A 85 6.18 8.51 5.19
N ALA A 86 6.72 7.49 5.85
CA ALA A 86 8.07 7.55 6.39
C ALA A 86 9.08 6.86 5.47
N ILE A 87 8.59 6.26 4.39
CA ILE A 87 9.46 5.52 3.47
C ILE A 87 10.62 6.38 3.00
N ALA A 88 10.37 7.68 2.92
CA ALA A 88 11.35 8.64 2.47
C ALA A 88 12.50 8.78 3.49
N LYS A 89 12.22 8.56 4.77
CA LYS A 89 13.25 8.64 5.79
C LYS A 89 13.87 7.28 6.04
N ARG A 90 13.14 6.21 5.73
CA ARG A 90 13.64 4.86 5.89
C ARG A 90 14.75 4.62 4.89
N TYR A 91 14.39 4.79 3.62
CA TYR A 91 15.32 4.61 2.53
C TYR A 91 15.01 5.52 1.34
N PRO A 92 15.64 6.72 1.31
CA PRO A 92 15.49 7.67 0.21
C PRO A 92 16.34 7.26 -1.00
N GLU A 93 16.30 8.08 -2.04
CA GLU A 93 17.09 7.84 -3.25
C GLU A 93 18.55 7.56 -2.93
N GLY A 94 19.12 6.57 -3.62
CA GLY A 94 20.52 6.24 -3.42
C GLY A 94 20.72 5.08 -2.48
N HIS A 95 19.73 4.83 -1.62
CA HIS A 95 19.81 3.71 -0.69
C HIS A 95 19.76 2.37 -1.43
N LYS A 96 20.60 1.44 -0.99
CA LYS A 96 20.63 0.09 -1.57
C LYS A 96 19.72 -0.82 -0.77
N LEU A 97 18.81 -1.50 -1.45
CA LEU A 97 17.88 -2.39 -0.79
C LEU A 97 17.72 -3.68 -1.57
N SER A 98 17.38 -4.75 -0.86
CA SER A 98 17.16 -6.04 -1.48
C SER A 98 15.67 -6.30 -1.64
N GLY A 99 15.24 -6.44 -2.87
CA GLY A 99 13.84 -6.71 -3.17
C GLY A 99 13.66 -8.05 -3.87
N ARG A 100 12.46 -8.36 -4.27
CA ARG A 100 12.20 -9.59 -5.02
C ARG A 100 11.12 -9.36 -6.05
N VAL A 101 11.39 -9.81 -7.27
CA VAL A 101 10.46 -9.64 -8.37
C VAL A 101 9.19 -10.42 -8.11
N THR A 102 8.07 -9.72 -8.06
CA THR A 102 6.78 -10.35 -7.77
C THR A 102 5.93 -10.43 -9.03
N ASN A 103 6.26 -9.60 -10.00
CA ASN A 103 5.52 -9.48 -11.23
C ASN A 103 6.43 -9.01 -12.35
N LEU A 104 6.13 -9.45 -13.55
CA LEU A 104 6.95 -9.12 -14.69
C LEU A 104 6.06 -8.55 -15.78
N THR A 105 6.52 -7.52 -16.45
CA THR A 105 5.77 -6.89 -17.52
C THR A 105 6.62 -6.85 -18.77
N ASP A 106 6.20 -6.08 -19.76
CA ASP A 106 6.99 -5.91 -20.98
C ASP A 106 7.72 -4.57 -20.93
N TYR A 107 7.44 -3.78 -19.90
CA TYR A 107 8.03 -2.45 -19.76
C TYR A 107 8.81 -2.32 -18.45
N GLY A 108 9.18 -3.45 -17.87
CA GLY A 108 9.89 -3.42 -16.61
C GLY A 108 9.51 -4.56 -15.70
N CYS A 109 10.09 -4.59 -14.52
CA CYS A 109 9.80 -5.63 -13.55
C CYS A 109 9.45 -5.04 -12.19
N PHE A 110 8.43 -5.59 -11.59
CA PHE A 110 7.96 -5.16 -10.28
C PHE A 110 8.70 -5.89 -9.18
N VAL A 111 9.21 -5.14 -8.23
CA VAL A 111 10.00 -5.71 -7.15
C VAL A 111 9.42 -5.31 -5.77
N GLU A 112 9.08 -6.29 -4.97
CA GLU A 112 8.55 -6.03 -3.63
C GLU A 112 9.68 -5.78 -2.66
N ILE A 113 9.64 -4.61 -2.06
CA ILE A 113 10.68 -4.18 -1.13
C ILE A 113 10.42 -4.74 0.26
N GLU A 114 9.15 -4.81 0.59
CA GLU A 114 8.69 -5.27 1.89
C GLU A 114 7.17 -5.39 1.92
N GLU A 115 6.65 -5.82 3.06
CA GLU A 115 5.23 -6.01 3.25
C GLU A 115 4.47 -4.70 3.09
N GLY A 116 3.89 -4.50 1.91
CA GLY A 116 3.13 -3.30 1.65
C GLY A 116 3.86 -2.33 0.74
N VAL A 117 5.14 -2.59 0.50
CA VAL A 117 5.95 -1.72 -0.36
C VAL A 117 6.43 -2.50 -1.58
N GLU A 118 5.99 -2.06 -2.73
CA GLU A 118 6.34 -2.67 -4.00
C GLU A 118 6.80 -1.59 -4.97
N GLY A 119 7.99 -1.75 -5.49
CA GLY A 119 8.54 -0.80 -6.44
C GLY A 119 8.57 -1.37 -7.85
N LEU A 120 9.04 -0.57 -8.80
CA LEU A 120 9.11 -0.99 -10.19
C LEU A 120 10.43 -0.54 -10.83
N VAL A 121 11.03 -1.45 -11.58
CA VAL A 121 12.26 -1.15 -12.29
C VAL A 121 11.96 -1.06 -13.78
N HIS A 122 12.32 0.05 -14.40
CA HIS A 122 12.05 0.26 -15.82
C HIS A 122 13.07 -0.50 -16.65
N VAL A 123 12.63 -1.02 -17.79
CA VAL A 123 13.51 -1.76 -18.72
C VAL A 123 14.78 -0.98 -19.08
N SER A 124 14.71 0.34 -18.96
CA SER A 124 15.82 1.19 -19.33
C SER A 124 16.97 1.14 -18.34
N GLU A 125 16.64 0.96 -17.07
CA GLU A 125 17.67 0.96 -16.04
C GLU A 125 17.79 -0.40 -15.36
N MET A 126 17.36 -1.46 -16.05
CA MET A 126 17.51 -2.79 -15.46
C MET A 126 18.69 -3.54 -16.07
N ASP A 127 19.11 -3.16 -17.28
CA ASP A 127 20.29 -3.75 -17.90
C ASP A 127 21.15 -2.64 -18.50
N TRP A 128 22.37 -2.97 -18.92
CA TRP A 128 23.25 -1.97 -19.55
C TRP A 128 23.28 -2.12 -21.08
N THR A 129 22.88 -3.29 -21.59
CA THR A 129 22.96 -3.57 -23.02
C THR A 129 21.93 -2.81 -23.87
N ASN A 130 20.68 -2.81 -23.42
CA ASN A 130 19.61 -2.19 -24.18
C ASN A 130 18.87 -1.20 -23.29
N LYS A 131 17.83 -0.61 -23.83
CA LYS A 131 16.99 0.32 -23.10
C LYS A 131 15.57 -0.22 -22.99
N ASN A 132 15.21 -1.07 -23.94
CA ASN A 132 13.86 -1.63 -23.99
C ASN A 132 13.88 -3.16 -23.99
N ILE A 133 14.98 -3.73 -23.49
CA ILE A 133 15.11 -5.18 -23.42
C ILE A 133 13.99 -5.77 -22.57
N HIS A 134 13.51 -6.95 -22.93
CA HIS A 134 12.46 -7.59 -22.17
C HIS A 134 12.98 -7.92 -20.77
N PRO A 135 12.23 -7.58 -19.71
CA PRO A 135 12.70 -7.81 -18.34
C PRO A 135 12.92 -9.27 -18.01
N SER A 136 12.37 -10.16 -18.84
CA SER A 136 12.53 -11.60 -18.63
C SER A 136 13.94 -12.04 -18.98
N LYS A 137 14.62 -11.22 -19.78
CA LYS A 137 15.99 -11.53 -20.18
C LYS A 137 16.94 -11.15 -19.04
N VAL A 138 16.42 -10.33 -18.14
CA VAL A 138 17.20 -9.83 -17.02
C VAL A 138 16.87 -10.56 -15.72
N VAL A 139 15.58 -10.68 -15.42
CA VAL A 139 15.12 -11.35 -14.20
C VAL A 139 13.82 -12.11 -14.44
N ASN A 140 13.33 -12.77 -13.40
CA ASN A 140 12.09 -13.50 -13.47
C ASN A 140 11.34 -13.36 -12.15
N VAL A 141 10.04 -13.58 -12.17
CA VAL A 141 9.24 -13.49 -10.96
C VAL A 141 9.64 -14.56 -9.96
N GLY A 142 10.02 -14.14 -8.77
CA GLY A 142 10.44 -15.05 -7.74
C GLY A 142 11.92 -14.95 -7.47
N ASP A 143 12.62 -14.26 -8.36
CA ASP A 143 14.04 -14.06 -8.20
C ASP A 143 14.30 -12.92 -7.26
N GLU A 144 14.99 -13.19 -6.17
CA GLU A 144 15.30 -12.16 -5.22
C GLU A 144 16.55 -11.42 -5.70
N VAL A 145 16.46 -10.10 -5.71
CA VAL A 145 17.52 -9.26 -6.24
C VAL A 145 17.69 -7.97 -5.46
N GLU A 146 18.68 -7.19 -5.83
CA GLU A 146 18.95 -5.92 -5.15
C GLU A 146 18.67 -4.76 -6.07
N VAL A 147 18.18 -3.68 -5.50
CA VAL A 147 17.88 -2.48 -6.26
C VAL A 147 18.21 -1.22 -5.47
N MET A 148 18.17 -0.08 -6.15
CA MET A 148 18.44 1.20 -5.52
C MET A 148 17.31 2.17 -5.80
N VAL A 149 16.94 2.96 -4.80
CA VAL A 149 15.83 3.91 -4.91
C VAL A 149 16.11 5.00 -5.95
N LEU A 150 15.20 5.17 -6.91
CA LEU A 150 15.36 6.20 -7.93
C LEU A 150 14.28 7.26 -7.78
N GLU A 151 13.08 6.84 -7.43
CA GLU A 151 11.97 7.76 -7.28
C GLU A 151 10.83 7.11 -6.52
N ILE A 152 10.39 7.74 -5.45
CA ILE A 152 9.24 7.23 -4.70
C ILE A 152 8.12 8.25 -4.69
N ASP A 153 6.95 7.82 -5.13
CA ASP A 153 5.77 8.66 -5.13
C ASP A 153 4.82 8.19 -4.05
N GLU A 154 4.97 8.72 -2.85
CA GLU A 154 4.14 8.32 -1.74
C GLU A 154 2.68 8.72 -1.99
N GLU A 155 2.51 9.79 -2.77
CA GLU A 155 1.18 10.31 -3.09
C GLU A 155 0.47 9.43 -4.11
N ARG A 156 1.21 9.01 -5.12
CA ARG A 156 0.64 8.22 -6.21
C ARG A 156 0.75 6.74 -5.87
N ARG A 157 1.35 6.50 -4.71
CA ARG A 157 1.60 5.17 -4.19
C ARG A 157 2.24 4.26 -5.25
N ARG A 158 3.36 4.73 -5.77
CA ARG A 158 4.15 3.95 -6.73
C ARG A 158 5.62 4.27 -6.51
N ILE A 159 6.46 3.24 -6.61
CA ILE A 159 7.88 3.36 -6.33
C ILE A 159 8.74 2.92 -7.52
N SER A 160 9.87 3.61 -7.70
CA SER A 160 10.80 3.38 -8.80
C SER A 160 12.17 2.94 -8.29
N LEU A 161 12.71 1.87 -8.85
CA LEU A 161 14.03 1.37 -8.46
C LEU A 161 14.93 1.15 -9.67
N GLY A 162 16.22 1.00 -9.40
CA GLY A 162 17.19 0.73 -10.45
C GLY A 162 17.93 -0.57 -10.19
N LEU A 163 17.93 -1.46 -11.17
CA LEU A 163 18.57 -2.76 -11.02
C LEU A 163 20.04 -2.67 -11.46
N LYS A 164 20.29 -1.91 -12.53
CA LYS A 164 21.64 -1.79 -13.07
C LYS A 164 22.62 -1.27 -12.02
N GLN A 165 22.08 -0.57 -11.03
CA GLN A 165 22.88 -0.03 -9.92
C GLN A 165 23.49 -1.17 -9.08
N CYS A 166 23.03 -2.39 -9.31
CA CYS A 166 23.51 -3.55 -8.58
C CYS A 166 24.13 -4.56 -9.54
N LYS A 167 24.34 -4.13 -10.77
CA LYS A 167 24.88 -5.01 -11.80
C LYS A 167 26.34 -4.70 -12.06
N ALA A 168 27.02 -5.59 -12.78
CA ALA A 168 28.43 -5.46 -13.05
C ALA A 168 28.69 -4.60 -14.28
N ASN A 169 29.71 -3.75 -14.17
CA ASN A 169 30.13 -2.88 -15.26
C ASN A 169 30.81 -3.69 -16.37
N PRO A 170 30.35 -3.58 -17.62
CA PRO A 170 30.93 -4.36 -18.74
C PRO A 170 32.37 -4.00 -19.06
N TRP A 171 32.80 -2.81 -18.69
CA TRP A 171 34.15 -2.37 -18.98
C TRP A 171 35.15 -2.89 -17.95
N GLN A 172 34.79 -3.97 -17.26
CA GLN A 172 35.67 -4.60 -16.30
C GLN A 172 35.75 -6.08 -16.61
N SER A 173 36.93 -6.65 -16.49
CA SER A 173 37.11 -8.08 -16.73
C SER A 173 38.24 -8.61 -15.84
N GLY A 1 -19.57 7.17 21.81
CA GLY A 1 -18.76 6.42 20.82
C GLY A 1 -19.38 6.45 19.44
N ALA A 2 -20.13 7.52 19.16
CA ALA A 2 -20.83 7.63 17.89
C ALA A 2 -20.81 9.06 17.37
N MET A 3 -21.53 9.29 16.27
CA MET A 3 -21.67 10.61 15.65
C MET A 3 -22.11 11.68 16.66
N GLU A 4 -22.64 11.22 17.79
CA GLU A 4 -23.09 12.09 18.87
C GLU A 4 -22.03 13.12 19.25
N THR A 5 -20.79 12.67 19.40
CA THR A 5 -19.68 13.54 19.74
C THR A 5 -18.47 13.26 18.87
N LEU A 6 -18.72 12.60 17.75
CA LEU A 6 -17.66 12.26 16.81
C LEU A 6 -17.35 13.38 15.84
N GLN A 7 -16.11 13.39 15.40
CA GLN A 7 -15.65 14.33 14.40
C GLN A 7 -14.52 13.71 13.61
N GLU A 8 -14.52 13.93 12.31
CA GLU A 8 -13.49 13.42 11.40
C GLU A 8 -12.10 13.44 12.03
N GLY A 9 -11.36 12.35 11.84
CA GLY A 9 -10.02 12.24 12.39
C GLY A 9 -9.97 11.61 13.78
N SER A 10 -11.10 11.53 14.44
CA SER A 10 -11.17 10.98 15.80
C SER A 10 -11.09 9.44 15.76
N GLU A 11 -10.70 8.85 16.89
CA GLU A 11 -10.62 7.39 17.00
C GLU A 11 -11.73 6.88 17.90
N VAL A 12 -12.45 5.88 17.40
CA VAL A 12 -13.56 5.27 18.17
C VAL A 12 -13.68 3.79 17.87
N LYS A 13 -14.12 3.03 18.86
CA LYS A 13 -14.32 1.61 18.68
C LYS A 13 -15.75 1.32 18.28
N GLY A 14 -15.91 0.37 17.37
CA GLY A 14 -17.24 0.01 16.91
C GLY A 14 -17.38 -1.47 16.61
N ILE A 15 -18.62 -1.91 16.39
CA ILE A 15 -18.91 -3.32 16.12
C ILE A 15 -19.24 -3.55 14.65
N VAL A 16 -18.47 -4.41 14.01
CA VAL A 16 -18.71 -4.75 12.62
C VAL A 16 -19.84 -5.77 12.56
N LYS A 17 -21.04 -5.30 12.30
CA LYS A 17 -22.22 -6.15 12.25
C LYS A 17 -22.67 -6.52 10.83
N ASN A 18 -21.97 -6.01 9.83
CA ASN A 18 -22.36 -6.28 8.44
C ASN A 18 -21.16 -6.15 7.53
N LEU A 19 -21.10 -6.98 6.49
CA LEU A 19 -19.99 -7.01 5.56
C LEU A 19 -20.50 -7.05 4.12
N THR A 20 -20.27 -6.00 3.36
CA THR A 20 -20.72 -5.93 1.97
C THR A 20 -19.57 -6.25 1.01
N ASP A 21 -19.78 -6.07 -0.29
CA ASP A 21 -18.77 -6.36 -1.29
C ASP A 21 -17.92 -5.14 -1.60
N TYR A 22 -18.37 -4.00 -1.12
CA TYR A 22 -17.66 -2.73 -1.31
C TYR A 22 -17.13 -2.18 0.02
N GLY A 23 -17.58 -2.79 1.11
CA GLY A 23 -17.17 -2.34 2.43
C GLY A 23 -17.86 -3.11 3.52
N ALA A 24 -17.97 -2.48 4.67
CA ALA A 24 -18.62 -3.09 5.82
C ALA A 24 -19.36 -2.03 6.60
N PHE A 25 -20.10 -2.43 7.61
CA PHE A 25 -20.82 -1.48 8.44
C PHE A 25 -20.59 -1.75 9.92
N VAL A 26 -20.11 -0.72 10.60
CA VAL A 26 -19.83 -0.78 12.01
C VAL A 26 -20.89 -0.03 12.80
N ASP A 27 -21.31 -0.63 13.90
CA ASP A 27 -22.29 -0.01 14.78
C ASP A 27 -21.54 0.83 15.81
N LEU A 28 -21.79 2.13 15.80
CA LEU A 28 -21.14 3.04 16.74
C LEU A 28 -21.98 3.15 18.00
N GLY A 29 -23.00 2.31 18.08
CA GLY A 29 -23.92 2.34 19.19
C GLY A 29 -25.13 3.19 18.86
N GLY A 30 -25.84 2.78 17.80
CA GLY A 30 -27.03 3.49 17.39
C GLY A 30 -26.94 4.05 15.98
N VAL A 31 -25.76 3.97 15.37
CA VAL A 31 -25.57 4.45 14.02
C VAL A 31 -24.53 3.59 13.32
N ASP A 32 -24.75 3.29 12.05
CA ASP A 32 -23.81 2.48 11.29
C ASP A 32 -22.91 3.36 10.43
N GLY A 33 -21.64 3.04 10.44
CA GLY A 33 -20.67 3.73 9.62
C GLY A 33 -20.13 2.83 8.56
N LEU A 34 -19.99 3.35 7.35
CA LEU A 34 -19.50 2.57 6.23
C LEU A 34 -17.98 2.55 6.25
N LEU A 35 -17.41 1.35 6.35
CA LEU A 35 -15.98 1.20 6.31
C LEU A 35 -15.65 0.71 4.91
N HIS A 36 -15.08 1.56 4.08
CA HIS A 36 -14.78 1.18 2.69
C HIS A 36 -13.73 0.06 2.69
N ILE A 37 -13.93 -0.94 1.82
CA ILE A 37 -13.01 -2.07 1.70
C ILE A 37 -11.55 -1.65 1.55
N THR A 38 -11.30 -0.58 0.82
CA THR A 38 -9.93 -0.16 0.56
C THR A 38 -9.36 0.55 1.78
N ASP A 39 -10.19 0.78 2.78
CA ASP A 39 -9.76 1.47 3.99
C ASP A 39 -9.53 0.48 5.13
N MET A 40 -9.64 -0.81 4.85
CA MET A 40 -9.41 -1.83 5.85
C MET A 40 -7.92 -2.03 6.11
N ALA A 41 -7.12 -1.73 5.11
CA ALA A 41 -5.68 -1.91 5.19
C ALA A 41 -4.95 -1.16 4.10
N TRP A 42 -3.63 -1.05 4.26
CA TRP A 42 -2.79 -0.33 3.32
C TRP A 42 -2.60 -1.14 2.02
N LYS A 43 -2.76 -2.44 2.13
CA LYS A 43 -2.58 -3.34 0.99
C LYS A 43 -3.79 -3.32 0.07
N ARG A 44 -3.80 -4.28 -0.86
CA ARG A 44 -4.91 -4.43 -1.77
C ARG A 44 -5.85 -5.50 -1.22
N VAL A 45 -6.69 -5.09 -0.30
CA VAL A 45 -7.68 -5.96 0.29
C VAL A 45 -8.86 -6.13 -0.66
N LYS A 46 -9.32 -7.38 -0.78
CA LYS A 46 -10.37 -7.73 -1.73
C LYS A 46 -11.73 -7.89 -1.06
N HIS A 47 -11.76 -8.19 0.23
CA HIS A 47 -13.01 -8.44 0.93
C HIS A 47 -12.81 -8.05 2.42
N PRO A 48 -13.85 -7.54 3.11
CA PRO A 48 -13.72 -7.07 4.50
C PRO A 48 -13.61 -8.20 5.52
N SER A 49 -14.22 -9.34 5.21
CA SER A 49 -14.25 -10.48 6.11
C SER A 49 -12.84 -11.02 6.33
N GLU A 50 -11.95 -10.67 5.42
CA GLU A 50 -10.57 -11.13 5.51
C GLU A 50 -9.83 -10.40 6.63
N ILE A 51 -10.30 -9.20 6.98
CA ILE A 51 -9.67 -8.40 8.03
C ILE A 51 -10.50 -8.43 9.31
N VAL A 52 -11.82 -8.29 9.20
CA VAL A 52 -12.70 -8.25 10.36
C VAL A 52 -13.99 -9.00 10.06
N ASN A 53 -14.63 -9.55 11.08
CA ASN A 53 -15.84 -10.35 10.89
C ASN A 53 -17.03 -9.74 11.61
N VAL A 54 -18.20 -10.32 11.38
CA VAL A 54 -19.43 -9.88 12.02
C VAL A 54 -19.37 -10.11 13.53
N GLY A 55 -19.71 -9.07 14.29
CA GLY A 55 -19.75 -9.15 15.72
C GLY A 55 -18.42 -8.80 16.38
N ASP A 56 -17.48 -8.25 15.61
CA ASP A 56 -16.16 -7.91 16.15
C ASP A 56 -16.07 -6.44 16.54
N GLU A 57 -15.43 -6.18 17.67
CA GLU A 57 -15.23 -4.82 18.13
C GLU A 57 -13.80 -4.39 17.82
N ILE A 58 -13.64 -3.45 16.90
CA ILE A 58 -12.31 -2.97 16.55
C ILE A 58 -12.23 -1.46 16.71
N LEU A 59 -11.03 -0.93 16.60
CA LEU A 59 -10.81 0.49 16.73
C LEU A 59 -10.78 1.13 15.34
N VAL A 60 -11.80 1.89 14.96
CA VAL A 60 -11.82 2.56 13.67
C VAL A 60 -11.64 4.07 13.81
N LYS A 61 -11.17 4.69 12.75
CA LYS A 61 -11.03 6.12 12.71
C LYS A 61 -12.05 6.72 11.75
N VAL A 62 -12.65 7.82 12.15
CA VAL A 62 -13.62 8.50 11.30
C VAL A 62 -12.90 9.31 10.24
N LEU A 63 -13.19 9.04 8.96
CA LEU A 63 -12.55 9.75 7.87
C LEU A 63 -13.43 10.87 7.33
N LYS A 64 -14.74 10.60 7.18
CA LYS A 64 -15.66 11.59 6.61
C LYS A 64 -16.96 11.57 7.37
N PHE A 65 -17.90 12.41 6.95
CA PHE A 65 -19.21 12.46 7.56
C PHE A 65 -20.29 12.75 6.52
N ASP A 66 -21.47 12.20 6.76
CA ASP A 66 -22.64 12.43 5.91
C ASP A 66 -23.20 13.80 6.23
N ARG A 67 -24.26 14.21 5.52
CA ARG A 67 -24.81 15.57 5.61
C ARG A 67 -24.57 16.27 6.96
N ASP A 68 -25.19 15.87 8.08
CA ASP A 68 -24.79 16.52 9.34
C ASP A 68 -24.01 15.58 10.26
N ARG A 69 -24.70 14.53 10.74
CA ARG A 69 -24.08 13.51 11.60
C ARG A 69 -24.50 12.09 11.19
N THR A 70 -25.78 12.00 10.80
CA THR A 70 -26.51 10.76 10.46
C THR A 70 -25.67 9.56 9.99
N ARG A 71 -24.69 9.77 9.14
CA ARG A 71 -23.91 8.65 8.61
C ARG A 71 -22.42 9.04 8.63
N VAL A 72 -21.51 8.07 8.51
CA VAL A 72 -20.10 8.40 8.60
C VAL A 72 -19.21 7.43 7.80
N SER A 73 -17.99 7.88 7.52
CA SER A 73 -17.00 7.10 6.82
C SER A 73 -15.91 6.62 7.78
N LEU A 74 -15.56 5.33 7.71
CA LEU A 74 -14.57 4.75 8.63
C LEU A 74 -13.34 4.23 7.92
N GLY A 75 -12.26 4.20 8.67
CA GLY A 75 -11.01 3.68 8.19
C GLY A 75 -10.39 2.75 9.19
N LEU A 76 -9.67 1.75 8.71
CA LEU A 76 -9.08 0.76 9.62
C LEU A 76 -7.56 0.81 9.55
N LYS A 77 -7.05 1.30 8.43
CA LYS A 77 -5.61 1.35 8.22
C LYS A 77 -4.98 2.61 8.80
N GLN A 78 -5.75 3.71 8.86
CA GLN A 78 -5.24 4.97 9.41
C GLN A 78 -5.12 4.94 10.93
N LEU A 79 -5.31 3.75 11.50
CA LEU A 79 -5.17 3.57 12.93
C LEU A 79 -3.76 3.09 13.24
N GLY A 80 -3.06 2.66 12.18
CA GLY A 80 -1.73 2.12 12.34
C GLY A 80 -0.65 2.97 11.71
N GLU A 81 0.10 2.34 10.81
CA GLU A 81 1.20 3.05 10.17
C GLU A 81 1.16 2.82 8.67
N ASP A 82 1.08 3.87 7.88
CA ASP A 82 1.16 3.71 6.44
C ASP A 82 2.65 3.65 6.07
N PRO A 83 3.17 2.46 5.70
CA PRO A 83 4.61 2.27 5.43
C PRO A 83 5.20 3.25 4.41
N TRP A 84 4.35 3.87 3.63
CA TRP A 84 4.79 4.77 2.59
C TRP A 84 5.05 6.19 3.12
N VAL A 85 4.48 6.53 4.27
CA VAL A 85 4.68 7.88 4.84
C VAL A 85 6.12 8.04 5.33
N ALA A 86 6.66 6.98 5.90
CA ALA A 86 8.00 6.99 6.45
C ALA A 86 9.00 6.43 5.46
N ILE A 87 8.51 5.94 4.33
CA ILE A 87 9.37 5.30 3.34
C ILE A 87 10.50 6.24 2.93
N ALA A 88 10.22 7.54 2.97
CA ALA A 88 11.19 8.55 2.59
C ALA A 88 12.31 8.67 3.64
N LYS A 89 11.99 8.37 4.90
CA LYS A 89 13.02 8.41 5.95
C LYS A 89 13.68 7.05 6.12
N ARG A 90 12.95 5.99 5.74
CA ARG A 90 13.48 4.65 5.83
C ARG A 90 14.55 4.46 4.75
N TYR A 91 14.15 4.70 3.51
CA TYR A 91 15.07 4.55 2.39
C TYR A 91 14.72 5.52 1.24
N PRO A 92 15.35 6.72 1.23
CA PRO A 92 15.16 7.69 0.16
C PRO A 92 16.04 7.37 -1.04
N GLU A 93 15.99 8.20 -2.07
CA GLU A 93 16.78 8.00 -3.27
C GLU A 93 18.26 7.79 -2.95
N GLY A 94 18.85 6.78 -3.60
CA GLY A 94 20.25 6.47 -3.40
C GLY A 94 20.46 5.32 -2.44
N HIS A 95 19.49 5.06 -1.59
CA HIS A 95 19.58 3.97 -0.62
C HIS A 95 19.52 2.61 -1.32
N LYS A 96 20.44 1.73 -0.94
CA LYS A 96 20.50 0.38 -1.49
C LYS A 96 19.66 -0.56 -0.63
N LEU A 97 18.80 -1.33 -1.27
CA LEU A 97 17.91 -2.23 -0.54
C LEU A 97 17.67 -3.50 -1.34
N SER A 98 17.35 -4.58 -0.64
CA SER A 98 17.12 -5.87 -1.26
C SER A 98 15.63 -6.12 -1.46
N GLY A 99 15.28 -6.68 -2.60
CA GLY A 99 13.89 -7.00 -2.90
C GLY A 99 13.79 -8.29 -3.69
N ARG A 100 12.58 -8.64 -4.11
CA ARG A 100 12.38 -9.81 -4.93
C ARG A 100 11.31 -9.55 -5.98
N VAL A 101 11.57 -9.97 -7.21
CA VAL A 101 10.62 -9.77 -8.30
C VAL A 101 9.36 -10.56 -8.02
N THR A 102 8.23 -9.87 -7.99
CA THR A 102 6.94 -10.46 -7.67
C THR A 102 6.02 -10.49 -8.89
N ASN A 103 6.30 -9.60 -9.82
CA ASN A 103 5.48 -9.41 -11.00
C ASN A 103 6.34 -8.93 -12.15
N LEU A 104 6.04 -9.40 -13.33
CA LEU A 104 6.80 -9.04 -14.50
C LEU A 104 5.88 -8.34 -15.50
N THR A 105 6.37 -7.30 -16.15
CA THR A 105 5.59 -6.57 -17.14
C THR A 105 6.38 -6.51 -18.44
N ASP A 106 5.90 -5.75 -19.40
CA ASP A 106 6.61 -5.55 -20.66
C ASP A 106 7.34 -4.22 -20.65
N TYR A 107 7.21 -3.49 -19.54
CA TYR A 107 7.83 -2.18 -19.40
C TYR A 107 8.66 -2.11 -18.12
N GLY A 108 9.03 -3.27 -17.59
CA GLY A 108 9.80 -3.29 -16.36
C GLY A 108 9.43 -4.44 -15.45
N CYS A 109 9.98 -4.45 -14.26
CA CYS A 109 9.68 -5.50 -13.29
C CYS A 109 9.38 -4.92 -11.93
N PHE A 110 8.42 -5.53 -11.26
CA PHE A 110 8.01 -5.16 -9.93
C PHE A 110 8.78 -5.96 -8.90
N VAL A 111 9.40 -5.27 -7.96
CA VAL A 111 10.20 -5.90 -6.93
C VAL A 111 9.70 -5.49 -5.55
N GLU A 112 9.36 -6.49 -4.73
CA GLU A 112 8.83 -6.24 -3.40
C GLU A 112 9.95 -5.89 -2.44
N ILE A 113 9.89 -4.68 -1.90
CA ILE A 113 10.90 -4.21 -0.95
C ILE A 113 10.62 -4.77 0.44
N GLU A 114 9.33 -4.88 0.71
CA GLU A 114 8.85 -5.36 2.00
C GLU A 114 7.35 -5.56 1.93
N GLU A 115 6.79 -6.08 3.01
CA GLU A 115 5.37 -6.36 3.07
C GLU A 115 4.58 -5.06 3.09
N GLY A 116 4.08 -4.68 1.91
CA GLY A 116 3.33 -3.44 1.77
C GLY A 116 4.03 -2.46 0.85
N VAL A 117 5.30 -2.71 0.54
CA VAL A 117 6.07 -1.83 -0.34
C VAL A 117 6.68 -2.61 -1.49
N GLU A 118 6.32 -2.18 -2.69
CA GLU A 118 6.79 -2.80 -3.91
C GLU A 118 7.18 -1.71 -4.90
N GLY A 119 8.41 -1.78 -5.40
CA GLY A 119 8.88 -0.79 -6.35
C GLY A 119 8.95 -1.32 -7.77
N LEU A 120 9.15 -0.42 -8.72
CA LEU A 120 9.20 -0.80 -10.13
C LEU A 120 10.49 -0.35 -10.79
N VAL A 121 11.06 -1.26 -11.56
CA VAL A 121 12.28 -1.00 -12.30
C VAL A 121 11.96 -0.91 -13.78
N HIS A 122 12.17 0.27 -14.37
CA HIS A 122 11.89 0.49 -15.78
C HIS A 122 12.87 -0.31 -16.64
N VAL A 123 12.39 -0.84 -17.78
CA VAL A 123 13.22 -1.63 -18.70
C VAL A 123 14.58 -0.99 -18.99
N SER A 124 14.61 0.34 -19.02
CA SER A 124 15.83 1.08 -19.30
C SER A 124 16.83 0.95 -18.16
N GLU A 125 16.33 0.72 -16.96
CA GLU A 125 17.19 0.62 -15.80
C GLU A 125 17.35 -0.82 -15.34
N MET A 126 17.09 -1.76 -16.23
CA MET A 126 17.24 -3.17 -15.90
C MET A 126 18.59 -3.70 -16.36
N ASP A 127 18.95 -3.40 -17.60
CA ASP A 127 20.24 -3.81 -18.14
C ASP A 127 20.89 -2.62 -18.82
N TRP A 128 22.19 -2.71 -19.09
CA TRP A 128 22.90 -1.58 -19.70
C TRP A 128 23.06 -1.76 -21.22
N THR A 129 22.75 -2.94 -21.72
CA THR A 129 22.91 -3.20 -23.16
C THR A 129 21.71 -2.72 -23.96
N ASN A 130 20.54 -2.75 -23.36
CA ASN A 130 19.31 -2.34 -24.03
C ASN A 130 18.43 -1.49 -23.14
N LYS A 131 17.77 -0.51 -23.73
CA LYS A 131 16.88 0.38 -23.00
C LYS A 131 15.44 -0.11 -23.07
N ASN A 132 15.22 -1.16 -23.84
CA ASN A 132 13.87 -1.69 -24.04
C ASN A 132 13.89 -3.22 -23.89
N ILE A 133 14.95 -3.73 -23.27
CA ILE A 133 15.10 -5.15 -23.04
C ILE A 133 13.89 -5.70 -22.26
N HIS A 134 13.36 -6.84 -22.68
CA HIS A 134 12.24 -7.42 -21.95
C HIS A 134 12.73 -7.86 -20.58
N PRO A 135 12.03 -7.51 -19.49
CA PRO A 135 12.45 -7.85 -18.14
C PRO A 135 12.71 -9.34 -17.95
N SER A 136 12.05 -10.17 -18.77
CA SER A 136 12.19 -11.62 -18.65
C SER A 136 13.57 -12.09 -19.10
N LYS A 137 14.27 -11.26 -19.87
CA LYS A 137 15.60 -11.64 -20.34
C LYS A 137 16.62 -11.43 -19.23
N VAL A 138 16.29 -10.57 -18.28
CA VAL A 138 17.20 -10.26 -17.18
C VAL A 138 16.77 -10.99 -15.90
N VAL A 139 15.49 -10.94 -15.57
CA VAL A 139 14.97 -11.58 -14.37
C VAL A 139 13.60 -12.18 -14.59
N ASN A 140 13.14 -12.93 -13.60
CA ASN A 140 11.83 -13.52 -13.62
C ASN A 140 11.20 -13.35 -12.25
N VAL A 141 9.92 -13.66 -12.15
CA VAL A 141 9.22 -13.58 -10.89
C VAL A 141 9.65 -14.71 -9.99
N GLY A 142 10.29 -14.37 -8.88
CA GLY A 142 10.80 -15.36 -7.97
C GLY A 142 12.27 -15.16 -7.70
N ASP A 143 12.88 -14.34 -8.55
CA ASP A 143 14.29 -14.02 -8.39
C ASP A 143 14.47 -12.93 -7.36
N GLU A 144 15.24 -13.24 -6.34
CA GLU A 144 15.54 -12.28 -5.30
C GLU A 144 16.78 -11.49 -5.69
N VAL A 145 16.68 -10.18 -5.57
CA VAL A 145 17.77 -9.30 -6.00
C VAL A 145 17.90 -8.08 -5.10
N GLU A 146 18.77 -7.16 -5.50
CA GLU A 146 18.93 -5.90 -4.81
C GLU A 146 18.63 -4.77 -5.78
N VAL A 147 18.14 -3.67 -5.25
CA VAL A 147 17.85 -2.50 -6.06
C VAL A 147 18.16 -1.23 -5.27
N MET A 148 18.07 -0.09 -5.94
CA MET A 148 18.31 1.19 -5.30
C MET A 148 17.16 2.13 -5.58
N VAL A 149 16.87 3.01 -4.64
CA VAL A 149 15.78 3.97 -4.78
C VAL A 149 16.13 5.04 -5.81
N LEU A 150 15.32 5.14 -6.85
CA LEU A 150 15.50 6.16 -7.87
C LEU A 150 14.49 7.28 -7.72
N GLU A 151 13.24 6.95 -7.40
CA GLU A 151 12.21 7.98 -7.28
C GLU A 151 10.91 7.43 -6.67
N ILE A 152 10.62 7.83 -5.43
CA ILE A 152 9.39 7.40 -4.77
C ILE A 152 8.32 8.49 -4.75
N ASP A 153 7.10 8.08 -5.04
CA ASP A 153 5.93 8.96 -4.98
C ASP A 153 4.93 8.36 -4.02
N GLU A 154 4.98 8.83 -2.78
CA GLU A 154 4.12 8.31 -1.74
C GLU A 154 2.66 8.64 -2.04
N GLU A 155 2.45 9.75 -2.75
CA GLU A 155 1.09 10.19 -3.07
C GLU A 155 0.55 9.50 -4.32
N ARG A 156 1.39 9.41 -5.36
CA ARG A 156 0.97 8.82 -6.63
C ARG A 156 1.12 7.30 -6.57
N ARG A 157 1.60 6.85 -5.40
CA ARG A 157 1.80 5.45 -5.11
C ARG A 157 2.68 4.79 -6.17
N ARG A 158 3.76 5.48 -6.53
CA ARG A 158 4.66 5.02 -7.57
C ARG A 158 6.08 5.02 -7.04
N ILE A 159 6.69 3.84 -6.98
CA ILE A 159 8.07 3.70 -6.52
C ILE A 159 8.97 3.24 -7.66
N SER A 160 10.05 3.98 -7.86
CA SER A 160 11.00 3.72 -8.93
C SER A 160 12.30 3.20 -8.36
N LEU A 161 12.76 2.07 -8.86
CA LEU A 161 13.98 1.45 -8.38
C LEU A 161 14.89 1.08 -9.55
N GLY A 162 16.18 0.91 -9.26
CA GLY A 162 17.14 0.58 -10.29
C GLY A 162 17.82 -0.75 -10.05
N LEU A 163 17.78 -1.60 -11.06
CA LEU A 163 18.39 -2.93 -10.98
C LEU A 163 19.88 -2.87 -11.29
N LYS A 164 20.26 -2.00 -12.21
CA LYS A 164 21.65 -1.89 -12.61
C LYS A 164 22.55 -1.50 -11.42
N GLN A 165 21.92 -0.98 -10.37
CA GLN A 165 22.63 -0.58 -9.17
C GLN A 165 23.02 -1.80 -8.32
N CYS A 166 22.66 -2.98 -8.81
CA CYS A 166 23.01 -4.25 -8.18
C CYS A 166 23.86 -5.07 -9.16
N LYS A 167 23.93 -4.57 -10.38
CA LYS A 167 24.64 -5.24 -11.45
C LYS A 167 26.05 -4.65 -11.60
N ALA A 168 26.89 -5.33 -12.36
CA ALA A 168 28.25 -4.87 -12.58
C ALA A 168 28.29 -3.80 -13.65
N ASN A 169 28.61 -2.58 -13.24
CA ASN A 169 28.72 -1.46 -14.17
C ASN A 169 29.89 -1.72 -15.12
N PRO A 170 29.64 -1.80 -16.45
CA PRO A 170 30.69 -2.10 -17.42
C PRO A 170 31.85 -1.10 -17.40
N TRP A 171 31.57 0.10 -16.89
CA TRP A 171 32.60 1.14 -16.83
C TRP A 171 33.54 0.93 -15.65
N GLN A 172 33.25 -0.03 -14.79
CA GLN A 172 34.11 -0.25 -13.63
C GLN A 172 35.32 -1.10 -14.02
N SER A 173 36.44 -0.82 -13.38
CA SER A 173 37.67 -1.57 -13.62
C SER A 173 38.50 -1.59 -12.34
N GLY A 1 -20.03 8.36 21.96
CA GLY A 1 -19.10 7.54 21.14
C GLY A 1 -19.47 7.55 19.66
N ALA A 2 -20.66 8.04 19.36
CA ALA A 2 -21.14 8.06 17.98
C ALA A 2 -21.07 9.45 17.38
N MET A 3 -21.74 9.62 16.23
CA MET A 3 -21.82 10.91 15.51
C MET A 3 -22.18 12.07 16.44
N GLU A 4 -22.82 11.73 17.55
CA GLU A 4 -23.20 12.69 18.58
C GLU A 4 -22.06 13.65 18.91
N THR A 5 -20.86 13.11 19.07
CA THR A 5 -19.69 13.89 19.41
C THR A 5 -18.49 13.49 18.55
N LEU A 6 -18.75 12.68 17.53
CA LEU A 6 -17.70 12.24 16.63
C LEU A 6 -17.38 13.29 15.60
N GLN A 7 -16.14 13.31 15.19
CA GLN A 7 -15.67 14.22 14.19
C GLN A 7 -14.50 13.59 13.48
N GLU A 8 -14.42 13.80 12.18
CA GLU A 8 -13.36 13.24 11.35
C GLU A 8 -12.00 13.26 12.05
N GLY A 9 -11.29 12.13 11.95
CA GLY A 9 -9.99 12.01 12.59
C GLY A 9 -10.06 11.41 13.99
N SER A 10 -11.26 11.35 14.56
CA SER A 10 -11.43 10.79 15.90
C SER A 10 -11.26 9.27 15.87
N GLU A 11 -10.86 8.70 17.00
CA GLU A 11 -10.65 7.27 17.09
C GLU A 11 -11.66 6.67 18.08
N VAL A 12 -12.49 5.73 17.61
CA VAL A 12 -13.54 5.14 18.44
C VAL A 12 -13.79 3.67 18.10
N LYS A 13 -14.32 2.92 19.05
CA LYS A 13 -14.59 1.51 18.83
C LYS A 13 -16.03 1.28 18.36
N GLY A 14 -16.21 0.32 17.49
CA GLY A 14 -17.54 -0.01 17.01
C GLY A 14 -17.71 -1.49 16.72
N ILE A 15 -18.96 -1.90 16.47
CA ILE A 15 -19.27 -3.31 16.19
C ILE A 15 -19.54 -3.54 14.71
N VAL A 16 -18.72 -4.36 14.08
CA VAL A 16 -18.92 -4.69 12.68
C VAL A 16 -20.01 -5.74 12.58
N LYS A 17 -21.21 -5.30 12.27
CA LYS A 17 -22.35 -6.20 12.19
C LYS A 17 -22.77 -6.54 10.76
N ASN A 18 -22.04 -6.04 9.78
CA ASN A 18 -22.39 -6.30 8.38
C ASN A 18 -21.15 -6.21 7.51
N LEU A 19 -21.05 -7.09 6.52
CA LEU A 19 -19.88 -7.15 5.64
C LEU A 19 -20.33 -7.25 4.18
N THR A 20 -20.18 -6.17 3.43
CA THR A 20 -20.53 -6.17 2.01
C THR A 20 -19.28 -6.47 1.18
N ASP A 21 -19.39 -6.35 -0.14
CA ASP A 21 -18.25 -6.64 -1.01
C ASP A 21 -17.51 -5.37 -1.42
N TYR A 22 -18.01 -4.23 -0.97
CA TYR A 22 -17.36 -2.94 -1.25
C TYR A 22 -16.94 -2.26 0.06
N GLY A 23 -17.41 -2.82 1.17
CA GLY A 23 -17.09 -2.30 2.48
C GLY A 23 -17.83 -3.04 3.57
N ALA A 24 -17.97 -2.40 4.71
CA ALA A 24 -18.65 -3.01 5.85
C ALA A 24 -19.42 -1.95 6.62
N PHE A 25 -20.16 -2.36 7.63
CA PHE A 25 -20.93 -1.42 8.45
C PHE A 25 -20.74 -1.68 9.94
N VAL A 26 -20.29 -0.63 10.62
CA VAL A 26 -20.04 -0.66 12.05
C VAL A 26 -21.11 0.08 12.82
N ASP A 27 -21.57 -0.54 13.90
CA ASP A 27 -22.58 0.07 14.76
C ASP A 27 -21.88 0.90 15.82
N LEU A 28 -22.15 2.20 15.83
CA LEU A 28 -21.54 3.11 16.80
C LEU A 28 -22.42 3.20 18.04
N GLY A 29 -23.43 2.34 18.07
CA GLY A 29 -24.39 2.37 19.15
C GLY A 29 -25.61 3.19 18.78
N GLY A 30 -26.25 2.80 17.69
CA GLY A 30 -27.45 3.49 17.23
C GLY A 30 -27.32 4.06 15.83
N VAL A 31 -26.10 4.07 15.30
CA VAL A 31 -25.86 4.59 13.97
C VAL A 31 -24.77 3.75 13.31
N ASP A 32 -24.97 3.42 12.05
CA ASP A 32 -23.98 2.63 11.33
C ASP A 32 -23.09 3.50 10.45
N GLY A 33 -21.84 3.12 10.38
CA GLY A 33 -20.87 3.80 9.55
C GLY A 33 -20.36 2.87 8.48
N LEU A 34 -20.10 3.41 7.31
CA LEU A 34 -19.60 2.62 6.19
C LEU A 34 -18.09 2.55 6.24
N LEU A 35 -17.56 1.33 6.32
CA LEU A 35 -16.12 1.12 6.31
C LEU A 35 -15.72 0.73 4.91
N HIS A 36 -15.14 1.67 4.19
CA HIS A 36 -14.74 1.41 2.82
C HIS A 36 -13.62 0.38 2.80
N ILE A 37 -13.75 -0.63 1.96
CA ILE A 37 -12.74 -1.70 1.85
C ILE A 37 -11.32 -1.15 1.63
N THR A 38 -11.20 -0.05 0.91
CA THR A 38 -9.89 0.51 0.61
C THR A 38 -9.32 1.23 1.83
N ASP A 39 -10.16 1.41 2.86
CA ASP A 39 -9.74 2.10 4.07
C ASP A 39 -9.52 1.11 5.20
N MET A 40 -9.40 -0.17 4.88
CA MET A 40 -9.18 -1.17 5.89
C MET A 40 -7.69 -1.47 6.08
N ALA A 41 -6.89 -1.18 5.09
CA ALA A 41 -5.45 -1.42 5.17
C ALA A 41 -4.71 -0.67 4.09
N TRP A 42 -3.41 -0.55 4.28
CA TRP A 42 -2.55 0.14 3.33
C TRP A 42 -2.37 -0.71 2.07
N LYS A 43 -2.57 -2.01 2.24
CA LYS A 43 -2.41 -2.98 1.16
C LYS A 43 -3.68 -3.12 0.31
N ARG A 44 -3.69 -4.19 -0.48
CA ARG A 44 -4.82 -4.51 -1.32
C ARG A 44 -5.81 -5.42 -0.62
N VAL A 45 -6.74 -4.82 0.10
CA VAL A 45 -7.81 -5.59 0.72
C VAL A 45 -8.89 -5.85 -0.32
N LYS A 46 -9.30 -7.11 -0.45
CA LYS A 46 -10.28 -7.49 -1.44
C LYS A 46 -11.66 -7.71 -0.84
N HIS A 47 -11.72 -8.04 0.45
CA HIS A 47 -12.99 -8.30 1.09
C HIS A 47 -12.84 -7.94 2.58
N PRO A 48 -13.88 -7.39 3.24
CA PRO A 48 -13.80 -6.96 4.64
C PRO A 48 -13.71 -8.11 5.62
N SER A 49 -14.24 -9.26 5.22
CA SER A 49 -14.23 -10.48 6.03
C SER A 49 -12.79 -10.89 6.35
N GLU A 50 -11.88 -10.47 5.50
CA GLU A 50 -10.47 -10.76 5.64
C GLU A 50 -9.85 -9.95 6.79
N ILE A 51 -10.40 -8.76 7.02
CA ILE A 51 -9.87 -7.85 8.05
C ILE A 51 -10.69 -7.95 9.35
N VAL A 52 -12.01 -7.99 9.24
CA VAL A 52 -12.88 -8.04 10.40
C VAL A 52 -14.12 -8.89 10.13
N ASN A 53 -14.73 -9.44 11.17
CA ASN A 53 -15.90 -10.32 11.01
C ASN A 53 -17.13 -9.74 11.70
N VAL A 54 -18.28 -10.32 11.42
CA VAL A 54 -19.55 -9.88 12.02
C VAL A 54 -19.58 -10.12 13.53
N GLY A 55 -20.01 -9.09 14.27
CA GLY A 55 -20.14 -9.18 15.71
C GLY A 55 -18.83 -8.92 16.42
N ASP A 56 -17.87 -8.35 15.72
CA ASP A 56 -16.56 -8.07 16.31
C ASP A 56 -16.47 -6.59 16.70
N GLU A 57 -15.85 -6.33 17.85
CA GLU A 57 -15.68 -4.97 18.32
C GLU A 57 -14.24 -4.55 18.11
N ILE A 58 -14.01 -3.66 17.18
CA ILE A 58 -12.65 -3.20 16.90
C ILE A 58 -12.58 -1.69 17.04
N LEU A 59 -11.37 -1.16 17.00
CA LEU A 59 -11.14 0.27 17.14
C LEU A 59 -10.89 0.88 15.76
N VAL A 60 -11.87 1.65 15.27
CA VAL A 60 -11.76 2.29 13.96
C VAL A 60 -11.60 3.80 14.08
N LYS A 61 -11.18 4.43 12.99
CA LYS A 61 -11.04 5.88 12.94
C LYS A 61 -11.95 6.46 11.86
N VAL A 62 -12.57 7.58 12.19
CA VAL A 62 -13.50 8.25 11.26
C VAL A 62 -12.73 9.05 10.19
N LEU A 63 -13.00 8.79 8.91
CA LEU A 63 -12.36 9.55 7.84
C LEU A 63 -13.30 10.60 7.29
N LYS A 64 -14.60 10.30 7.22
CA LYS A 64 -15.56 11.23 6.59
C LYS A 64 -16.85 11.25 7.35
N PHE A 65 -17.78 12.04 6.86
CA PHE A 65 -19.12 12.14 7.41
C PHE A 65 -20.12 12.34 6.29
N ASP A 66 -21.31 11.77 6.48
CA ASP A 66 -22.40 11.87 5.52
C ASP A 66 -22.89 13.32 5.44
N ARG A 67 -23.85 13.55 4.54
CA ARG A 67 -24.36 14.88 4.21
C ARG A 67 -24.26 15.90 5.35
N ASP A 68 -24.99 15.77 6.47
CA ASP A 68 -24.75 16.71 7.55
C ASP A 68 -24.06 16.05 8.74
N ARG A 69 -24.72 15.06 9.37
CA ARG A 69 -24.09 14.34 10.47
C ARG A 69 -24.34 12.83 10.41
N THR A 70 -25.56 12.49 9.98
CA THR A 70 -26.10 11.11 9.92
C THR A 70 -25.07 9.95 9.83
N ARG A 71 -24.64 9.55 8.64
CA ARG A 71 -23.74 8.40 8.51
C ARG A 71 -22.28 8.85 8.56
N VAL A 72 -21.35 7.90 8.58
CA VAL A 72 -19.94 8.24 8.71
C VAL A 72 -19.04 7.23 8.00
N SER A 73 -17.80 7.63 7.75
CA SER A 73 -16.83 6.74 7.11
C SER A 73 -15.78 6.28 8.13
N LEU A 74 -15.52 4.97 8.20
CA LEU A 74 -14.53 4.44 9.15
C LEU A 74 -13.33 3.83 8.42
N GLY A 75 -12.22 3.79 9.14
CA GLY A 75 -10.98 3.24 8.63
C GLY A 75 -10.33 2.26 9.58
N LEU A 76 -9.48 1.40 9.04
CA LEU A 76 -8.74 0.42 9.84
C LEU A 76 -7.23 0.62 9.69
N LYS A 77 -6.81 1.31 8.63
CA LYS A 77 -5.38 1.48 8.36
C LYS A 77 -4.81 2.71 9.06
N GLN A 78 -5.62 3.74 9.24
CA GLN A 78 -5.19 4.97 9.89
C GLN A 78 -5.10 4.82 11.41
N LEU A 79 -5.28 3.60 11.88
CA LEU A 79 -5.14 3.31 13.30
C LEU A 79 -3.67 3.12 13.62
N GLY A 80 -2.89 2.97 12.56
CA GLY A 80 -1.46 2.83 12.65
C GLY A 80 -0.77 3.70 11.62
N GLU A 81 0.53 3.63 11.56
CA GLU A 81 1.28 4.46 10.63
C GLU A 81 1.43 3.75 9.29
N ASP A 82 1.21 4.50 8.22
CA ASP A 82 1.35 3.97 6.86
C ASP A 82 2.84 3.80 6.53
N PRO A 83 3.22 2.70 5.84
CA PRO A 83 4.62 2.43 5.53
C PRO A 83 5.20 3.34 4.44
N TRP A 84 4.33 3.91 3.61
CA TRP A 84 4.78 4.75 2.50
C TRP A 84 5.00 6.19 2.91
N VAL A 85 4.27 6.67 3.90
CA VAL A 85 4.40 8.08 4.32
C VAL A 85 5.81 8.34 4.87
N ALA A 86 6.35 7.35 5.56
CA ALA A 86 7.68 7.47 6.14
C ALA A 86 8.75 6.85 5.24
N ILE A 87 8.33 6.25 4.14
CA ILE A 87 9.26 5.56 3.25
C ILE A 87 10.43 6.48 2.85
N ALA A 88 10.15 7.77 2.78
CA ALA A 88 11.13 8.77 2.40
C ALA A 88 12.22 8.94 3.46
N LYS A 89 11.85 8.84 4.74
CA LYS A 89 12.81 8.99 5.83
C LYS A 89 13.52 7.67 6.11
N ARG A 90 12.86 6.56 5.76
CA ARG A 90 13.44 5.24 5.97
C ARG A 90 14.52 4.96 4.93
N TYR A 91 14.13 4.98 3.67
CA TYR A 91 15.07 4.74 2.58
C TYR A 91 14.77 5.60 1.36
N PRO A 92 15.36 6.81 1.30
CA PRO A 92 15.21 7.73 0.17
C PRO A 92 16.13 7.36 -0.99
N GLU A 93 16.11 8.15 -2.04
CA GLU A 93 16.95 7.93 -3.21
C GLU A 93 18.41 7.70 -2.83
N GLY A 94 19.02 6.72 -3.47
CA GLY A 94 20.41 6.40 -3.22
C GLY A 94 20.59 5.22 -2.28
N HIS A 95 19.57 4.93 -1.48
CA HIS A 95 19.64 3.81 -0.55
C HIS A 95 19.65 2.48 -1.29
N LYS A 96 20.58 1.61 -0.90
CA LYS A 96 20.73 0.29 -1.49
C LYS A 96 19.85 -0.68 -0.71
N LEU A 97 19.00 -1.43 -1.40
CA LEU A 97 18.10 -2.34 -0.70
C LEU A 97 17.86 -3.60 -1.50
N SER A 98 17.50 -4.67 -0.81
CA SER A 98 17.24 -5.94 -1.44
C SER A 98 15.74 -6.13 -1.66
N GLY A 99 15.37 -6.60 -2.83
CA GLY A 99 13.98 -6.84 -3.15
C GLY A 99 13.80 -8.14 -3.91
N ARG A 100 12.59 -8.44 -4.31
CA ARG A 100 12.32 -9.63 -5.09
C ARG A 100 11.25 -9.37 -6.13
N VAL A 101 11.51 -9.83 -7.35
CA VAL A 101 10.56 -9.66 -8.44
C VAL A 101 9.27 -10.44 -8.15
N THR A 102 8.16 -9.72 -8.15
CA THR A 102 6.86 -10.31 -7.84
C THR A 102 5.96 -10.31 -9.06
N ASN A 103 6.27 -9.45 -10.00
CA ASN A 103 5.47 -9.24 -11.19
C ASN A 103 6.37 -8.82 -12.34
N LEU A 104 6.12 -9.39 -13.50
CA LEU A 104 6.92 -9.12 -14.68
C LEU A 104 6.03 -8.46 -15.73
N THR A 105 6.51 -7.37 -16.32
CA THR A 105 5.73 -6.66 -17.33
C THR A 105 6.54 -6.54 -18.61
N ASP A 106 6.07 -5.74 -19.56
CA ASP A 106 6.82 -5.48 -20.79
C ASP A 106 7.54 -4.14 -20.71
N TYR A 107 7.35 -3.42 -19.61
CA TYR A 107 7.95 -2.11 -19.44
C TYR A 107 8.78 -2.06 -18.15
N GLY A 108 9.17 -3.24 -17.67
CA GLY A 108 9.93 -3.31 -16.44
C GLY A 108 9.47 -4.45 -15.55
N CYS A 109 10.07 -4.59 -14.39
CA CYS A 109 9.66 -5.63 -13.46
C CYS A 109 9.42 -5.04 -12.10
N PHE A 110 8.41 -5.54 -11.43
CA PHE A 110 8.04 -5.10 -10.11
C PHE A 110 8.81 -5.87 -9.06
N VAL A 111 9.42 -5.13 -8.15
CA VAL A 111 10.24 -5.73 -7.11
C VAL A 111 9.71 -5.35 -5.72
N GLU A 112 9.35 -6.35 -4.95
CA GLU A 112 8.84 -6.13 -3.61
C GLU A 112 9.98 -5.84 -2.65
N ILE A 113 9.94 -4.65 -2.09
CA ILE A 113 10.95 -4.20 -1.15
C ILE A 113 10.68 -4.78 0.23
N GLU A 114 9.41 -4.92 0.52
CA GLU A 114 8.93 -5.41 1.81
C GLU A 114 7.42 -5.57 1.77
N GLU A 115 6.88 -6.14 2.83
CA GLU A 115 5.45 -6.38 2.93
C GLU A 115 4.67 -5.07 3.00
N GLY A 116 4.16 -4.66 1.84
CA GLY A 116 3.42 -3.41 1.73
C GLY A 116 4.10 -2.42 0.81
N VAL A 117 5.37 -2.69 0.50
CA VAL A 117 6.14 -1.82 -0.38
C VAL A 117 6.68 -2.60 -1.56
N GLU A 118 6.28 -2.18 -2.75
CA GLU A 118 6.68 -2.81 -3.98
C GLU A 118 7.05 -1.74 -5.01
N GLY A 119 8.24 -1.84 -5.56
CA GLY A 119 8.71 -0.88 -6.51
C GLY A 119 8.73 -1.40 -7.93
N LEU A 120 9.24 -0.59 -8.86
CA LEU A 120 9.28 -0.94 -10.27
C LEU A 120 10.55 -0.42 -10.92
N VAL A 121 11.20 -1.29 -11.67
CA VAL A 121 12.43 -0.95 -12.39
C VAL A 121 12.14 -0.88 -13.88
N HIS A 122 12.67 0.16 -14.53
CA HIS A 122 12.45 0.41 -15.95
C HIS A 122 13.31 -0.52 -16.83
N VAL A 123 12.77 -0.94 -17.98
CA VAL A 123 13.48 -1.83 -18.92
C VAL A 123 14.90 -1.37 -19.25
N SER A 124 15.08 -0.07 -19.41
CA SER A 124 16.39 0.48 -19.76
C SER A 124 17.38 0.33 -18.61
N GLU A 125 16.86 0.30 -17.39
CA GLU A 125 17.68 0.19 -16.19
C GLU A 125 17.75 -1.24 -15.67
N MET A 126 17.32 -2.20 -16.50
CA MET A 126 17.36 -3.62 -16.12
C MET A 126 18.74 -4.20 -16.37
N ASP A 127 19.22 -3.99 -17.58
CA ASP A 127 20.50 -4.51 -17.99
C ASP A 127 21.25 -3.46 -18.80
N TRP A 128 22.48 -3.76 -19.17
CA TRP A 128 23.30 -2.81 -19.90
C TRP A 128 23.29 -3.08 -21.40
N THR A 129 22.87 -4.28 -21.78
CA THR A 129 22.88 -4.69 -23.19
C THR A 129 21.86 -3.93 -24.05
N ASN A 130 20.58 -4.18 -23.81
CA ASN A 130 19.51 -3.56 -24.60
C ASN A 130 18.75 -2.50 -23.82
N LYS A 131 18.38 -1.44 -24.53
CA LYS A 131 17.67 -0.31 -23.94
C LYS A 131 16.20 -0.65 -23.68
N ASN A 132 15.66 -1.53 -24.51
CA ASN A 132 14.26 -1.95 -24.38
C ASN A 132 14.19 -3.44 -24.12
N ILE A 133 15.21 -3.95 -23.42
CA ILE A 133 15.29 -5.37 -23.10
C ILE A 133 14.07 -5.82 -22.30
N HIS A 134 13.48 -6.95 -22.69
CA HIS A 134 12.35 -7.49 -21.96
C HIS A 134 12.85 -7.93 -20.59
N PRO A 135 12.15 -7.55 -19.51
CA PRO A 135 12.59 -7.89 -18.15
C PRO A 135 12.75 -9.39 -17.92
N SER A 136 12.13 -10.19 -18.77
CA SER A 136 12.19 -11.65 -18.65
C SER A 136 13.57 -12.16 -19.05
N LYS A 137 14.29 -11.39 -19.85
CA LYS A 137 15.61 -11.80 -20.30
C LYS A 137 16.63 -11.55 -19.19
N VAL A 138 16.26 -10.70 -18.25
CA VAL A 138 17.13 -10.34 -17.14
C VAL A 138 16.71 -11.07 -15.86
N VAL A 139 15.43 -11.01 -15.56
CA VAL A 139 14.88 -11.62 -14.34
C VAL A 139 13.52 -12.24 -14.58
N ASN A 140 12.97 -12.81 -13.53
CA ASN A 140 11.65 -13.40 -13.56
C ASN A 140 11.02 -13.30 -12.18
N VAL A 141 9.73 -13.57 -12.10
CA VAL A 141 9.02 -13.49 -10.84
C VAL A 141 9.45 -14.60 -9.90
N GLY A 142 9.93 -14.21 -8.72
CA GLY A 142 10.40 -15.16 -7.75
C GLY A 142 11.88 -15.01 -7.51
N ASP A 143 12.54 -14.28 -8.41
CA ASP A 143 13.97 -14.06 -8.29
C ASP A 143 14.25 -12.92 -7.34
N GLU A 144 15.03 -13.22 -6.32
CA GLU A 144 15.39 -12.22 -5.33
C GLU A 144 16.66 -11.50 -5.80
N VAL A 145 16.63 -10.18 -5.72
CA VAL A 145 17.73 -9.34 -6.19
C VAL A 145 17.89 -8.07 -5.35
N GLU A 146 18.83 -7.23 -5.73
CA GLU A 146 19.05 -5.97 -5.03
C GLU A 146 18.81 -4.81 -5.98
N VAL A 147 18.36 -3.70 -5.43
CA VAL A 147 18.10 -2.50 -6.23
C VAL A 147 18.39 -1.23 -5.42
N MET A 148 18.34 -0.09 -6.09
CA MET A 148 18.57 1.19 -5.43
C MET A 148 17.43 2.14 -5.73
N VAL A 149 17.08 2.97 -4.75
CA VAL A 149 15.96 3.92 -4.89
C VAL A 149 16.30 5.00 -5.92
N LEU A 150 15.45 5.12 -6.94
CA LEU A 150 15.63 6.15 -7.97
C LEU A 150 14.58 7.25 -7.85
N GLU A 151 13.34 6.87 -7.55
CA GLU A 151 12.27 7.85 -7.44
C GLU A 151 11.02 7.27 -6.79
N ILE A 152 10.69 7.74 -5.58
CA ILE A 152 9.48 7.29 -4.90
C ILE A 152 8.42 8.37 -4.93
N ASP A 153 7.21 7.98 -5.32
CA ASP A 153 6.06 8.87 -5.33
C ASP A 153 5.01 8.32 -4.37
N GLU A 154 5.07 8.79 -3.13
CA GLU A 154 4.17 8.34 -2.09
C GLU A 154 2.74 8.74 -2.43
N GLU A 155 2.62 9.86 -3.13
CA GLU A 155 1.32 10.39 -3.52
C GLU A 155 0.70 9.61 -4.66
N ARG A 156 1.52 9.30 -5.66
CA ARG A 156 1.07 8.62 -6.87
C ARG A 156 1.11 7.12 -6.68
N ARG A 157 1.61 6.73 -5.51
CA ARG A 157 1.78 5.32 -5.15
C ARG A 157 2.61 4.61 -6.22
N ARG A 158 3.76 5.18 -6.51
CA ARG A 158 4.69 4.62 -7.48
C ARG A 158 6.10 4.67 -6.92
N ILE A 159 6.82 3.58 -7.02
CA ILE A 159 8.20 3.51 -6.55
C ILE A 159 9.12 3.06 -7.68
N SER A 160 10.19 3.80 -7.88
CA SER A 160 11.15 3.53 -8.95
C SER A 160 12.49 3.10 -8.38
N LEU A 161 13.01 1.99 -8.90
CA LEU A 161 14.30 1.48 -8.47
C LEU A 161 15.22 1.29 -9.66
N GLY A 162 16.45 0.93 -9.36
CA GLY A 162 17.43 0.63 -10.38
C GLY A 162 17.93 -0.79 -10.23
N LEU A 163 17.88 -1.57 -11.29
CA LEU A 163 18.31 -2.96 -11.23
C LEU A 163 19.76 -3.11 -11.65
N LYS A 164 20.13 -2.46 -12.74
CA LYS A 164 21.48 -2.56 -13.28
C LYS A 164 22.53 -2.08 -12.25
N GLN A 165 22.07 -1.34 -11.26
CA GLN A 165 22.95 -0.84 -10.21
C GLN A 165 23.60 -1.99 -9.41
N CYS A 166 22.89 -3.13 -9.31
CA CYS A 166 23.42 -4.29 -8.59
C CYS A 166 24.07 -5.25 -9.57
N LYS A 167 23.85 -5.00 -10.85
CA LYS A 167 24.36 -5.84 -11.93
C LYS A 167 25.88 -5.67 -12.06
N ALA A 168 26.53 -6.61 -12.70
CA ALA A 168 27.96 -6.53 -12.93
C ALA A 168 28.26 -5.60 -14.10
N ASN A 169 28.86 -4.47 -13.80
CA ASN A 169 29.23 -3.51 -14.84
C ASN A 169 30.23 -4.14 -15.80
N PRO A 170 29.94 -4.22 -17.10
CA PRO A 170 30.84 -4.86 -18.07
C PRO A 170 32.22 -4.19 -18.11
N TRP A 171 32.25 -2.90 -17.77
CA TRP A 171 33.48 -2.14 -17.82
C TRP A 171 34.29 -2.25 -16.53
N GLN A 172 33.83 -3.06 -15.57
CA GLN A 172 34.54 -3.21 -14.31
C GLN A 172 35.76 -4.10 -14.51
N SER A 173 36.91 -3.65 -14.05
CA SER A 173 38.14 -4.39 -14.19
C SER A 173 39.17 -3.82 -13.21
N GLY A 1 -20.50 8.11 22.62
CA GLY A 1 -19.27 7.91 21.81
C GLY A 1 -19.58 7.59 20.37
N ALA A 2 -20.27 8.50 19.71
CA ALA A 2 -20.64 8.33 18.31
C ALA A 2 -20.57 9.67 17.59
N MET A 3 -21.13 9.71 16.38
CA MET A 3 -21.17 10.92 15.56
C MET A 3 -21.62 12.16 16.37
N GLU A 4 -22.37 11.90 17.44
CA GLU A 4 -22.90 12.92 18.35
C GLU A 4 -21.87 14.02 18.68
N THR A 5 -20.64 13.61 18.97
CA THR A 5 -19.59 14.55 19.34
C THR A 5 -18.29 14.22 18.62
N LEU A 6 -18.34 13.22 17.75
CA LEU A 6 -17.15 12.78 17.03
C LEU A 6 -16.85 13.65 15.84
N GLN A 7 -15.62 13.57 15.39
CA GLN A 7 -15.14 14.34 14.26
C GLN A 7 -14.09 13.57 13.51
N GLU A 8 -14.02 13.80 12.20
CA GLU A 8 -13.03 13.15 11.34
C GLU A 8 -11.64 13.14 12.00
N GLY A 9 -10.94 12.02 11.81
CA GLY A 9 -9.62 11.86 12.40
C GLY A 9 -9.65 11.23 13.78
N SER A 10 -10.81 11.25 14.42
CA SER A 10 -10.95 10.69 15.76
C SER A 10 -10.90 9.16 15.73
N GLU A 11 -10.50 8.56 16.84
CA GLU A 11 -10.42 7.10 16.96
C GLU A 11 -11.45 6.58 17.94
N VAL A 12 -12.28 5.66 17.46
CA VAL A 12 -13.34 5.09 18.29
C VAL A 12 -13.57 3.63 17.91
N LYS A 13 -13.88 2.82 18.90
CA LYS A 13 -14.11 1.42 18.68
C LYS A 13 -15.57 1.17 18.32
N GLY A 14 -15.78 0.28 17.37
CA GLY A 14 -17.13 -0.01 16.92
C GLY A 14 -17.36 -1.47 16.59
N ILE A 15 -18.62 -1.85 16.39
CA ILE A 15 -18.97 -3.23 16.11
C ILE A 15 -19.30 -3.45 14.64
N VAL A 16 -18.50 -4.28 13.99
CA VAL A 16 -18.74 -4.61 12.58
C VAL A 16 -19.86 -5.64 12.51
N LYS A 17 -21.07 -5.17 12.30
CA LYS A 17 -22.24 -6.04 12.26
C LYS A 17 -22.69 -6.38 10.85
N ASN A 18 -21.98 -5.91 9.84
CA ASN A 18 -22.37 -6.21 8.46
C ASN A 18 -21.17 -6.12 7.54
N LEU A 19 -21.16 -6.95 6.50
CA LEU A 19 -20.04 -7.02 5.57
C LEU A 19 -20.56 -7.11 4.13
N THR A 20 -20.52 -6.01 3.40
CA THR A 20 -20.97 -5.98 2.01
C THR A 20 -19.80 -6.32 1.08
N ASP A 21 -20.02 -6.22 -0.23
CA ASP A 21 -18.98 -6.55 -1.19
C ASP A 21 -18.20 -5.31 -1.59
N TYR A 22 -18.66 -4.15 -1.13
CA TYR A 22 -17.99 -2.88 -1.42
C TYR A 22 -17.46 -2.23 -0.14
N GLY A 23 -17.82 -2.82 0.99
CA GLY A 23 -17.38 -2.30 2.27
C GLY A 23 -18.04 -3.01 3.43
N ALA A 24 -18.08 -2.38 4.58
CA ALA A 24 -18.69 -2.98 5.75
C ALA A 24 -19.43 -1.93 6.56
N PHE A 25 -20.13 -2.34 7.61
CA PHE A 25 -20.86 -1.39 8.45
C PHE A 25 -20.60 -1.64 9.93
N VAL A 26 -20.17 -0.58 10.60
CA VAL A 26 -19.87 -0.60 12.03
C VAL A 26 -20.89 0.18 12.83
N ASP A 27 -21.29 -0.38 13.96
CA ASP A 27 -22.22 0.29 14.86
C ASP A 27 -21.42 1.09 15.88
N LEU A 28 -21.62 2.41 15.91
CA LEU A 28 -20.91 3.27 16.86
C LEU A 28 -21.75 3.44 18.11
N GLY A 29 -22.81 2.65 18.20
CA GLY A 29 -23.72 2.74 19.30
C GLY A 29 -24.90 3.64 18.97
N GLY A 30 -25.61 3.27 17.90
CA GLY A 30 -26.78 4.03 17.49
C GLY A 30 -26.65 4.62 16.10
N VAL A 31 -25.50 4.40 15.46
CA VAL A 31 -25.28 4.89 14.12
C VAL A 31 -24.35 3.96 13.37
N ASP A 32 -24.64 3.71 12.10
CA ASP A 32 -23.83 2.81 11.29
C ASP A 32 -22.89 3.60 10.40
N GLY A 33 -21.64 3.21 10.41
CA GLY A 33 -20.64 3.83 9.56
C GLY A 33 -20.24 2.90 8.44
N LEU A 34 -19.96 3.43 7.28
CA LEU A 34 -19.53 2.62 6.15
C LEU A 34 -18.02 2.52 6.14
N LEU A 35 -17.50 1.31 6.23
CA LEU A 35 -16.07 1.08 6.17
C LEU A 35 -15.71 0.66 4.77
N HIS A 36 -15.06 1.53 4.04
CA HIS A 36 -14.69 1.28 2.66
C HIS A 36 -13.65 0.14 2.58
N ILE A 37 -13.91 -0.81 1.69
CA ILE A 37 -13.08 -2.00 1.51
C ILE A 37 -11.57 -1.71 1.36
N THR A 38 -11.21 -0.65 0.66
CA THR A 38 -9.80 -0.39 0.44
C THR A 38 -9.18 0.29 1.65
N ASP A 39 -10.01 0.61 2.62
CA ASP A 39 -9.55 1.29 3.82
C ASP A 39 -9.39 0.29 4.96
N MET A 40 -9.51 -0.99 4.62
CA MET A 40 -9.33 -2.06 5.61
C MET A 40 -7.84 -2.32 5.86
N ALA A 41 -7.01 -1.94 4.90
CA ALA A 41 -5.57 -2.12 5.00
C ALA A 41 -4.85 -1.33 3.93
N TRP A 42 -3.55 -1.18 4.10
CA TRP A 42 -2.72 -0.44 3.15
C TRP A 42 -2.64 -1.17 1.81
N LYS A 43 -2.84 -2.49 1.86
CA LYS A 43 -2.74 -3.33 0.67
C LYS A 43 -4.06 -3.41 -0.10
N ARG A 44 -4.08 -4.29 -1.09
CA ARG A 44 -5.27 -4.53 -1.89
C ARG A 44 -6.20 -5.53 -1.21
N VAL A 45 -7.06 -5.04 -0.34
CA VAL A 45 -8.04 -5.90 0.31
C VAL A 45 -9.17 -6.20 -0.66
N LYS A 46 -9.53 -7.46 -0.75
CA LYS A 46 -10.54 -7.91 -1.71
C LYS A 46 -11.93 -7.94 -1.09
N HIS A 47 -12.01 -8.31 0.18
CA HIS A 47 -13.28 -8.45 0.87
C HIS A 47 -13.08 -8.04 2.33
N PRO A 48 -14.09 -7.43 3.00
CA PRO A 48 -13.92 -6.95 4.37
C PRO A 48 -13.81 -8.08 5.40
N SER A 49 -14.42 -9.21 5.06
CA SER A 49 -14.42 -10.38 5.94
C SER A 49 -13.00 -10.92 6.15
N GLU A 50 -12.12 -10.57 5.24
CA GLU A 50 -10.74 -11.03 5.31
C GLU A 50 -9.98 -10.28 6.41
N ILE A 51 -10.47 -9.08 6.74
CA ILE A 51 -9.82 -8.22 7.74
C ILE A 51 -10.62 -8.23 9.05
N VAL A 52 -11.95 -8.15 8.97
CA VAL A 52 -12.80 -8.12 10.16
C VAL A 52 -14.10 -8.88 9.89
N ASN A 53 -14.70 -9.46 10.93
CA ASN A 53 -15.91 -10.26 10.76
C ASN A 53 -17.09 -9.64 11.51
N VAL A 54 -18.26 -10.23 11.32
CA VAL A 54 -19.47 -9.76 11.97
C VAL A 54 -19.42 -9.98 13.49
N GLY A 55 -19.77 -8.93 14.23
CA GLY A 55 -19.84 -9.01 15.67
C GLY A 55 -18.50 -8.72 16.35
N ASP A 56 -17.54 -8.23 15.59
CA ASP A 56 -16.22 -7.95 16.15
C ASP A 56 -16.07 -6.48 16.49
N GLU A 57 -15.65 -6.20 17.72
CA GLU A 57 -15.40 -4.84 18.14
C GLU A 57 -13.94 -4.50 17.86
N ILE A 58 -13.70 -3.60 16.93
CA ILE A 58 -12.33 -3.20 16.61
C ILE A 58 -12.20 -1.70 16.75
N LEU A 59 -10.98 -1.22 16.65
CA LEU A 59 -10.72 0.20 16.80
C LEU A 59 -10.64 0.82 15.39
N VAL A 60 -11.64 1.61 15.01
CA VAL A 60 -11.62 2.28 13.72
C VAL A 60 -11.47 3.78 13.88
N LYS A 61 -11.03 4.41 12.80
CA LYS A 61 -10.88 5.86 12.76
C LYS A 61 -11.88 6.45 11.77
N VAL A 62 -12.45 7.59 12.13
CA VAL A 62 -13.40 8.27 11.26
C VAL A 62 -12.66 9.07 10.18
N LEU A 63 -12.95 8.78 8.92
CA LEU A 63 -12.29 9.44 7.79
C LEU A 63 -13.16 10.53 7.18
N LYS A 64 -14.48 10.33 7.16
CA LYS A 64 -15.39 11.29 6.52
C LYS A 64 -16.69 11.37 7.30
N PHE A 65 -17.59 12.21 6.82
CA PHE A 65 -18.91 12.36 7.42
C PHE A 65 -19.96 12.65 6.35
N ASP A 66 -21.20 12.33 6.66
CA ASP A 66 -22.34 12.55 5.78
C ASP A 66 -22.90 13.96 6.02
N ARG A 67 -23.95 14.36 5.27
CA ARG A 67 -24.48 15.74 5.32
C ARG A 67 -24.29 16.42 6.69
N ASP A 68 -24.91 16.00 7.80
CA ASP A 68 -24.51 16.64 9.05
C ASP A 68 -23.70 15.68 9.93
N ARG A 69 -24.35 14.59 10.38
CA ARG A 69 -23.68 13.56 11.18
C ARG A 69 -24.06 12.14 10.75
N THR A 70 -25.36 12.00 10.40
CA THR A 70 -26.03 10.73 10.03
C THR A 70 -25.10 9.55 9.68
N ARG A 71 -24.37 9.62 8.56
CA ARG A 71 -23.47 8.53 8.19
C ARG A 71 -22.02 8.97 8.35
N VAL A 72 -21.11 8.02 8.33
CA VAL A 72 -19.71 8.34 8.52
C VAL A 72 -18.82 7.33 7.82
N SER A 73 -17.57 7.70 7.58
CA SER A 73 -16.63 6.80 6.93
C SER A 73 -15.60 6.31 7.96
N LEU A 74 -15.32 5.00 7.98
CA LEU A 74 -14.32 4.47 8.91
C LEU A 74 -13.10 3.98 8.16
N GLY A 75 -12.00 3.98 8.88
CA GLY A 75 -10.75 3.48 8.36
C GLY A 75 -10.16 2.44 9.28
N LEU A 76 -9.49 1.47 8.70
CA LEU A 76 -8.92 0.36 9.46
C LEU A 76 -7.40 0.46 9.44
N LYS A 77 -6.87 1.02 8.36
CA LYS A 77 -5.43 1.10 8.18
C LYS A 77 -4.83 2.37 8.78
N GLN A 78 -5.64 3.44 8.89
CA GLN A 78 -5.14 4.71 9.43
C GLN A 78 -5.00 4.69 10.95
N LEU A 79 -5.20 3.52 11.56
CA LEU A 79 -5.00 3.39 12.99
C LEU A 79 -3.50 3.26 13.27
N GLY A 80 -2.77 3.04 12.18
CA GLY A 80 -1.33 2.93 12.25
C GLY A 80 -0.70 3.83 11.20
N GLU A 81 0.61 3.80 11.11
CA GLU A 81 1.31 4.62 10.14
C GLU A 81 1.58 3.82 8.88
N ASP A 82 1.16 4.35 7.73
CA ASP A 82 1.40 3.69 6.46
C ASP A 82 2.91 3.56 6.24
N PRO A 83 3.40 2.40 5.78
CA PRO A 83 4.83 2.24 5.52
C PRO A 83 5.33 3.16 4.42
N TRP A 84 4.37 3.73 3.68
CA TRP A 84 4.68 4.62 2.56
C TRP A 84 4.89 6.07 2.96
N VAL A 85 4.14 6.56 3.94
CA VAL A 85 4.25 7.96 4.32
C VAL A 85 5.60 8.25 4.96
N ALA A 86 6.12 7.27 5.70
CA ALA A 86 7.42 7.39 6.35
C ALA A 86 8.52 6.75 5.50
N ILE A 87 8.13 6.13 4.40
CA ILE A 87 9.07 5.43 3.52
C ILE A 87 10.23 6.36 3.13
N ALA A 88 9.94 7.65 3.11
CA ALA A 88 10.91 8.67 2.74
C ALA A 88 11.97 8.86 3.82
N LYS A 89 11.61 8.73 5.10
CA LYS A 89 12.56 8.91 6.18
C LYS A 89 13.32 7.62 6.47
N ARG A 90 12.76 6.49 6.03
CA ARG A 90 13.40 5.20 6.20
C ARG A 90 14.51 5.03 5.16
N TYR A 91 14.12 5.02 3.89
CA TYR A 91 15.05 4.87 2.81
C TYR A 91 14.71 5.79 1.63
N PRO A 92 15.29 7.00 1.60
CA PRO A 92 15.09 7.95 0.51
C PRO A 92 15.84 7.54 -0.75
N GLU A 93 15.76 8.36 -1.78
CA GLU A 93 16.39 8.06 -3.06
C GLU A 93 17.90 7.91 -2.90
N GLY A 94 18.46 6.96 -3.63
CA GLY A 94 19.89 6.69 -3.55
C GLY A 94 20.21 5.55 -2.60
N HIS A 95 19.26 5.19 -1.75
CA HIS A 95 19.43 4.09 -0.81
C HIS A 95 19.44 2.73 -1.51
N LYS A 96 20.31 1.84 -1.08
CA LYS A 96 20.41 0.47 -1.61
C LYS A 96 19.55 -0.48 -0.77
N LEU A 97 18.73 -1.27 -1.42
CA LEU A 97 17.87 -2.22 -0.73
C LEU A 97 17.75 -3.52 -1.49
N SER A 98 17.42 -4.59 -0.79
CA SER A 98 17.23 -5.89 -1.41
C SER A 98 15.73 -6.18 -1.56
N GLY A 99 15.30 -6.44 -2.78
CA GLY A 99 13.90 -6.74 -3.06
C GLY A 99 13.75 -8.08 -3.76
N ARG A 100 12.54 -8.41 -4.17
CA ARG A 100 12.30 -9.63 -4.91
C ARG A 100 11.18 -9.44 -5.93
N VAL A 101 11.44 -9.91 -7.15
CA VAL A 101 10.48 -9.76 -8.22
C VAL A 101 9.23 -10.57 -7.93
N THR A 102 8.10 -9.89 -7.83
CA THR A 102 6.84 -10.53 -7.51
C THR A 102 5.95 -10.64 -8.74
N ASN A 103 6.25 -9.82 -9.73
CA ASN A 103 5.46 -9.75 -10.94
C ASN A 103 6.36 -9.33 -12.10
N LEU A 104 6.07 -9.82 -13.27
CA LEU A 104 6.86 -9.50 -14.44
C LEU A 104 5.98 -8.87 -15.49
N THR A 105 6.48 -7.83 -16.14
CA THR A 105 5.74 -7.18 -17.21
C THR A 105 6.60 -7.14 -18.45
N ASP A 106 6.21 -6.35 -19.43
CA ASP A 106 6.98 -6.18 -20.65
C ASP A 106 7.76 -4.87 -20.58
N TYR A 107 7.30 -3.98 -19.70
CA TYR A 107 7.87 -2.65 -19.56
C TYR A 107 8.64 -2.51 -18.25
N GLY A 108 9.08 -3.63 -17.71
CA GLY A 108 9.81 -3.61 -16.46
C GLY A 108 9.42 -4.75 -15.56
N CYS A 109 9.99 -4.81 -14.37
CA CYS A 109 9.65 -5.84 -13.43
C CYS A 109 9.36 -5.26 -12.06
N PHE A 110 8.34 -5.80 -11.43
CA PHE A 110 7.90 -5.35 -10.12
C PHE A 110 8.70 -6.06 -9.05
N VAL A 111 9.30 -5.29 -8.15
CA VAL A 111 10.14 -5.85 -7.10
C VAL A 111 9.63 -5.40 -5.72
N GLU A 112 9.25 -6.36 -4.89
CA GLU A 112 8.70 -6.05 -3.58
C GLU A 112 9.82 -5.84 -2.56
N ILE A 113 9.77 -4.69 -1.91
CA ILE A 113 10.74 -4.31 -0.91
C ILE A 113 10.39 -4.97 0.43
N GLU A 114 9.09 -5.04 0.67
CA GLU A 114 8.55 -5.57 1.91
C GLU A 114 7.03 -5.64 1.83
N GLU A 115 6.42 -6.09 2.93
CA GLU A 115 4.97 -6.24 3.00
C GLU A 115 4.25 -4.91 2.77
N GLY A 116 3.64 -4.76 1.60
CA GLY A 116 2.89 -3.57 1.30
C GLY A 116 3.72 -2.56 0.52
N VAL A 117 5.03 -2.77 0.48
CA VAL A 117 5.91 -1.88 -0.26
C VAL A 117 6.56 -2.62 -1.43
N GLU A 118 6.18 -2.22 -2.62
CA GLU A 118 6.70 -2.80 -3.82
C GLU A 118 7.06 -1.71 -4.82
N GLY A 119 8.30 -1.77 -5.31
CA GLY A 119 8.78 -0.81 -6.28
C GLY A 119 8.89 -1.40 -7.67
N LEU A 120 8.96 -0.53 -8.66
CA LEU A 120 9.03 -0.97 -10.05
C LEU A 120 10.28 -0.43 -10.71
N VAL A 121 10.99 -1.30 -11.39
CA VAL A 121 12.17 -0.92 -12.12
C VAL A 121 11.86 -0.95 -13.61
N HIS A 122 12.00 0.22 -14.23
CA HIS A 122 11.69 0.38 -15.64
C HIS A 122 12.74 -0.33 -16.48
N VAL A 123 12.34 -0.84 -17.63
CA VAL A 123 13.24 -1.55 -18.55
C VAL A 123 14.53 -0.79 -18.83
N SER A 124 14.45 0.54 -18.79
CA SER A 124 15.62 1.38 -19.04
C SER A 124 16.52 1.44 -17.81
N GLU A 125 15.93 1.18 -16.65
CA GLU A 125 16.65 1.27 -15.41
C GLU A 125 17.02 -0.10 -14.85
N MET A 126 16.77 -1.16 -15.62
CA MET A 126 17.09 -2.49 -15.13
C MET A 126 18.37 -3.04 -15.75
N ASP A 127 18.65 -2.73 -17.02
CA ASP A 127 19.90 -3.15 -17.64
C ASP A 127 20.58 -1.97 -18.31
N TRP A 128 21.85 -2.12 -18.69
CA TRP A 128 22.61 -1.03 -19.30
C TRP A 128 22.68 -1.12 -20.83
N THR A 129 22.39 -2.30 -21.40
CA THR A 129 22.52 -2.46 -22.85
C THR A 129 21.37 -1.80 -23.61
N ASN A 130 20.17 -2.32 -23.44
CA ASN A 130 19.00 -1.81 -24.12
C ASN A 130 18.07 -1.10 -23.14
N LYS A 131 17.68 0.12 -23.47
CA LYS A 131 16.79 0.89 -22.61
C LYS A 131 15.38 0.33 -22.61
N ASN A 132 15.07 -0.44 -23.64
CA ASN A 132 13.75 -1.01 -23.80
C ASN A 132 13.86 -2.53 -23.84
N ILE A 133 14.93 -3.04 -23.23
CA ILE A 133 15.16 -4.47 -23.10
C ILE A 133 13.95 -5.16 -22.46
N HIS A 134 13.86 -6.48 -22.53
CA HIS A 134 12.73 -7.15 -21.95
C HIS A 134 13.14 -7.56 -20.54
N PRO A 135 12.32 -7.30 -19.50
CA PRO A 135 12.68 -7.63 -18.12
C PRO A 135 12.96 -9.11 -17.90
N SER A 136 12.40 -9.94 -18.77
CA SER A 136 12.56 -11.38 -18.68
C SER A 136 13.98 -11.79 -19.00
N LYS A 137 14.72 -10.94 -19.70
CA LYS A 137 16.09 -11.26 -20.09
C LYS A 137 17.02 -11.06 -18.92
N VAL A 138 16.62 -10.23 -17.98
CA VAL A 138 17.44 -9.91 -16.82
C VAL A 138 17.00 -10.68 -15.58
N VAL A 139 15.69 -10.70 -15.33
CA VAL A 139 15.16 -11.38 -14.15
C VAL A 139 13.81 -12.04 -14.43
N ASN A 140 13.38 -12.85 -13.47
CA ASN A 140 12.09 -13.53 -13.52
C ASN A 140 11.39 -13.32 -12.19
N VAL A 141 10.10 -13.58 -12.18
CA VAL A 141 9.31 -13.48 -10.96
C VAL A 141 9.66 -14.61 -10.01
N GLY A 142 10.20 -14.26 -8.86
CA GLY A 142 10.61 -15.23 -7.87
C GLY A 142 12.06 -15.09 -7.54
N ASP A 143 12.77 -14.33 -8.37
CA ASP A 143 14.18 -14.09 -8.15
C ASP A 143 14.38 -12.91 -7.23
N GLU A 144 15.10 -13.14 -6.15
CA GLU A 144 15.41 -12.09 -5.21
C GLU A 144 16.58 -11.28 -5.77
N VAL A 145 16.44 -9.96 -5.75
CA VAL A 145 17.45 -9.08 -6.33
C VAL A 145 17.69 -7.86 -5.45
N GLU A 146 18.64 -7.04 -5.86
CA GLU A 146 18.94 -5.82 -5.12
C GLU A 146 18.65 -4.63 -6.01
N VAL A 147 18.10 -3.59 -5.42
CA VAL A 147 17.75 -2.39 -6.16
C VAL A 147 18.06 -1.14 -5.34
N MET A 148 18.01 0.00 -6.00
CA MET A 148 18.26 1.27 -5.35
C MET A 148 17.11 2.23 -5.60
N VAL A 149 16.72 2.99 -4.59
CA VAL A 149 15.60 3.91 -4.70
C VAL A 149 15.88 5.00 -5.73
N LEU A 150 15.08 5.05 -6.78
CA LEU A 150 15.25 6.07 -7.82
C LEU A 150 14.25 7.20 -7.61
N GLU A 151 13.00 6.84 -7.35
CA GLU A 151 11.97 7.83 -7.15
C GLU A 151 10.72 7.23 -6.49
N ILE A 152 10.41 7.69 -5.29
CA ILE A 152 9.20 7.25 -4.62
C ILE A 152 8.13 8.33 -4.68
N ASP A 153 6.94 7.94 -5.10
CA ASP A 153 5.81 8.84 -5.15
C ASP A 153 4.73 8.33 -4.19
N GLU A 154 4.85 8.74 -2.94
CA GLU A 154 3.92 8.30 -1.90
C GLU A 154 2.52 8.82 -2.23
N GLU A 155 2.46 9.94 -2.95
CA GLU A 155 1.21 10.56 -3.33
C GLU A 155 0.52 9.76 -4.42
N ARG A 156 1.29 9.34 -5.41
CA ARG A 156 0.75 8.62 -6.56
C ARG A 156 0.72 7.13 -6.25
N ARG A 157 1.19 6.79 -5.06
CA ARG A 157 1.28 5.41 -4.60
C ARG A 157 2.05 4.56 -5.61
N ARG A 158 3.23 5.06 -6.01
CA ARG A 158 4.09 4.36 -6.95
C ARG A 158 5.55 4.54 -6.56
N ILE A 159 6.30 3.45 -6.61
CA ILE A 159 7.71 3.47 -6.27
C ILE A 159 8.58 3.06 -7.46
N SER A 160 9.67 3.79 -7.66
CA SER A 160 10.62 3.56 -8.73
C SER A 160 11.96 3.12 -8.15
N LEU A 161 12.45 1.98 -8.63
CA LEU A 161 13.70 1.43 -8.15
C LEU A 161 14.62 1.13 -9.31
N GLY A 162 15.91 1.06 -9.04
CA GLY A 162 16.88 0.80 -10.08
C GLY A 162 17.69 -0.45 -9.85
N LEU A 163 17.67 -1.34 -10.83
CA LEU A 163 18.42 -2.60 -10.75
C LEU A 163 19.81 -2.43 -11.34
N LYS A 164 19.92 -1.65 -12.40
CA LYS A 164 21.20 -1.43 -13.06
C LYS A 164 22.20 -0.82 -12.08
N GLN A 165 21.67 -0.08 -11.11
CA GLN A 165 22.49 0.54 -10.08
C GLN A 165 23.07 -0.52 -9.14
N CYS A 166 22.55 -1.73 -9.25
CA CYS A 166 22.96 -2.84 -8.41
C CYS A 166 23.51 -4.00 -9.22
N LYS A 167 23.70 -3.81 -10.52
CA LYS A 167 24.23 -4.87 -11.36
C LYS A 167 25.65 -4.51 -11.81
N ALA A 168 26.22 -5.31 -12.70
CA ALA A 168 27.59 -5.10 -13.15
C ALA A 168 27.70 -3.86 -14.03
N ASN A 169 28.49 -2.90 -13.56
CA ASN A 169 28.77 -1.69 -14.33
C ASN A 169 29.84 -1.99 -15.36
N PRO A 170 29.56 -1.87 -16.67
CA PRO A 170 30.54 -2.21 -17.71
C PRO A 170 31.82 -1.38 -17.63
N TRP A 171 31.72 -0.20 -17.03
CA TRP A 171 32.89 0.66 -16.88
C TRP A 171 33.76 0.25 -15.70
N GLN A 172 33.30 -0.69 -14.88
CA GLN A 172 34.06 -1.09 -13.70
C GLN A 172 35.13 -2.12 -14.07
N SER A 173 36.25 -2.04 -13.37
CA SER A 173 37.36 -2.95 -13.59
C SER A 173 37.19 -4.22 -12.75
N GLY A 1 -20.30 9.25 22.35
CA GLY A 1 -19.43 8.21 21.74
C GLY A 1 -19.72 7.97 20.27
N ALA A 2 -20.84 8.49 19.78
CA ALA A 2 -21.19 8.34 18.38
C ALA A 2 -21.14 9.69 17.66
N MET A 3 -21.66 9.73 16.43
CA MET A 3 -21.71 10.97 15.62
C MET A 3 -22.24 12.17 16.44
N GLU A 4 -23.01 11.84 17.48
CA GLU A 4 -23.59 12.82 18.41
C GLU A 4 -22.56 13.84 18.90
N THR A 5 -21.36 13.37 19.24
CA THR A 5 -20.30 14.23 19.75
C THR A 5 -18.98 13.94 19.07
N LEU A 6 -19.01 13.03 18.10
CA LEU A 6 -17.81 12.68 17.36
C LEU A 6 -17.50 13.68 16.28
N GLN A 7 -16.24 13.69 15.89
CA GLN A 7 -15.75 14.57 14.86
C GLN A 7 -14.72 13.84 14.01
N GLU A 8 -14.62 14.23 12.75
CA GLU A 8 -13.71 13.59 11.81
C GLU A 8 -12.27 13.58 12.35
N GLY A 9 -11.55 12.48 12.15
CA GLY A 9 -10.20 12.36 12.66
C GLY A 9 -10.14 11.71 14.04
N SER A 10 -11.30 11.57 14.67
CA SER A 10 -11.39 10.96 15.98
C SER A 10 -11.22 9.44 15.88
N GLU A 11 -10.85 8.82 16.98
CA GLU A 11 -10.63 7.38 17.01
C GLU A 11 -11.58 6.75 18.04
N VAL A 12 -12.41 5.81 17.57
CA VAL A 12 -13.44 5.19 18.43
C VAL A 12 -13.66 3.73 18.08
N LYS A 13 -14.12 2.96 19.05
CA LYS A 13 -14.40 1.55 18.81
C LYS A 13 -15.85 1.35 18.40
N GLY A 14 -16.05 0.43 17.46
CA GLY A 14 -17.40 0.15 17.00
C GLY A 14 -17.61 -1.33 16.73
N ILE A 15 -18.86 -1.72 16.51
CA ILE A 15 -19.21 -3.11 16.27
C ILE A 15 -19.54 -3.38 14.81
N VAL A 16 -18.78 -4.27 14.19
CA VAL A 16 -19.03 -4.65 12.80
C VAL A 16 -20.18 -5.65 12.76
N LYS A 17 -21.37 -5.16 12.50
CA LYS A 17 -22.55 -6.02 12.48
C LYS A 17 -23.03 -6.36 11.07
N ASN A 18 -22.32 -5.89 10.06
CA ASN A 18 -22.71 -6.16 8.68
C ASN A 18 -21.50 -6.12 7.77
N LEU A 19 -21.48 -6.99 6.76
CA LEU A 19 -20.38 -7.07 5.83
C LEU A 19 -20.93 -7.16 4.41
N THR A 20 -20.64 -6.16 3.60
CA THR A 20 -21.09 -6.16 2.21
C THR A 20 -19.94 -6.56 1.30
N ASP A 21 -20.11 -6.45 -0.02
CA ASP A 21 -19.06 -6.78 -0.94
C ASP A 21 -18.29 -5.55 -1.38
N TYR A 22 -18.67 -4.39 -0.86
CA TYR A 22 -17.98 -3.15 -1.16
C TYR A 22 -17.44 -2.51 0.12
N GLY A 23 -17.81 -3.11 1.24
CA GLY A 23 -17.37 -2.61 2.53
C GLY A 23 -18.11 -3.28 3.67
N ALA A 24 -18.23 -2.58 4.79
CA ALA A 24 -18.91 -3.10 5.96
C ALA A 24 -19.63 -2.00 6.71
N PHE A 25 -20.39 -2.37 7.74
CA PHE A 25 -21.10 -1.38 8.56
C PHE A 25 -20.84 -1.59 10.03
N VAL A 26 -20.37 -0.55 10.69
CA VAL A 26 -20.04 -0.56 12.10
C VAL A 26 -21.03 0.24 12.94
N ASP A 27 -21.41 -0.31 14.07
CA ASP A 27 -22.32 0.35 15.00
C ASP A 27 -21.53 1.21 15.98
N LEU A 28 -21.81 2.50 15.99
CA LEU A 28 -21.14 3.41 16.90
C LEU A 28 -22.00 3.57 18.14
N GLY A 29 -23.02 2.72 18.25
CA GLY A 29 -23.94 2.77 19.34
C GLY A 29 -25.18 3.58 18.97
N GLY A 30 -25.83 3.17 17.89
CA GLY A 30 -27.04 3.83 17.45
C GLY A 30 -26.93 4.41 16.05
N VAL A 31 -25.76 4.27 15.45
CA VAL A 31 -25.54 4.76 14.09
C VAL A 31 -24.55 3.87 13.37
N ASP A 32 -24.82 3.59 12.11
CA ASP A 32 -23.98 2.72 11.31
C ASP A 32 -22.99 3.52 10.48
N GLY A 33 -21.71 3.20 10.63
CA GLY A 33 -20.69 3.84 9.83
C GLY A 33 -20.29 2.93 8.71
N LEU A 34 -20.11 3.49 7.52
CA LEU A 34 -19.71 2.70 6.37
C LEU A 34 -18.20 2.64 6.28
N LEU A 35 -17.69 1.41 6.32
CA LEU A 35 -16.27 1.19 6.18
C LEU A 35 -16.05 0.59 4.81
N HIS A 36 -15.48 1.35 3.91
CA HIS A 36 -15.28 0.90 2.55
C HIS A 36 -14.14 -0.12 2.52
N ILE A 37 -14.29 -1.16 1.70
CA ILE A 37 -13.30 -2.24 1.61
C ILE A 37 -11.84 -1.74 1.51
N THR A 38 -11.63 -0.56 0.94
CA THR A 38 -10.29 -0.05 0.75
C THR A 38 -9.68 0.56 2.03
N ASP A 39 -10.49 0.81 3.05
CA ASP A 39 -9.98 1.42 4.27
C ASP A 39 -9.72 0.38 5.35
N MET A 40 -9.91 -0.88 5.01
CA MET A 40 -9.67 -2.00 5.94
C MET A 40 -8.16 -2.23 6.17
N ALA A 41 -7.36 -1.93 5.15
CA ALA A 41 -5.92 -2.14 5.23
C ALA A 41 -5.17 -1.38 4.15
N TRP A 42 -3.85 -1.31 4.30
CA TRP A 42 -3.00 -0.64 3.32
C TRP A 42 -2.92 -1.46 2.05
N LYS A 43 -3.10 -2.77 2.19
CA LYS A 43 -3.00 -3.68 1.06
C LYS A 43 -4.29 -3.72 0.27
N ARG A 44 -4.32 -4.59 -0.73
CA ARG A 44 -5.48 -4.76 -1.56
C ARG A 44 -6.43 -5.76 -0.92
N VAL A 45 -7.33 -5.26 -0.09
CA VAL A 45 -8.34 -6.10 0.53
C VAL A 45 -9.44 -6.44 -0.48
N LYS A 46 -9.74 -7.73 -0.56
CA LYS A 46 -10.71 -8.22 -1.53
C LYS A 46 -12.11 -8.32 -0.94
N HIS A 47 -12.21 -8.58 0.36
CA HIS A 47 -13.50 -8.73 1.01
C HIS A 47 -13.34 -8.31 2.48
N PRO A 48 -14.35 -7.69 3.11
CA PRO A 48 -14.22 -7.19 4.49
C PRO A 48 -14.14 -8.29 5.54
N SER A 49 -14.79 -9.43 5.27
CA SER A 49 -14.82 -10.54 6.22
C SER A 49 -13.42 -11.14 6.39
N GLU A 50 -12.53 -10.78 5.48
CA GLU A 50 -11.15 -11.25 5.55
C GLU A 50 -10.42 -10.52 6.69
N ILE A 51 -10.78 -9.25 6.91
CA ILE A 51 -10.12 -8.42 7.91
C ILE A 51 -10.92 -8.39 9.23
N VAL A 52 -12.24 -8.26 9.13
CA VAL A 52 -13.09 -8.19 10.32
C VAL A 52 -14.42 -8.92 10.06
N ASN A 53 -15.01 -9.50 11.10
CA ASN A 53 -16.24 -10.27 10.94
C ASN A 53 -17.40 -9.64 11.70
N VAL A 54 -18.58 -10.23 11.51
CA VAL A 54 -19.78 -9.78 12.19
C VAL A 54 -19.68 -10.03 13.70
N GLY A 55 -20.00 -9.00 14.47
CA GLY A 55 -19.99 -9.08 15.92
C GLY A 55 -18.65 -8.73 16.53
N ASP A 56 -17.75 -8.14 15.74
CA ASP A 56 -16.42 -7.81 16.23
C ASP A 56 -16.33 -6.35 16.66
N GLU A 57 -15.83 -6.12 17.87
CA GLU A 57 -15.63 -4.77 18.37
C GLU A 57 -14.19 -4.36 18.10
N ILE A 58 -13.98 -3.52 17.11
CA ILE A 58 -12.64 -3.09 16.78
C ILE A 58 -12.53 -1.59 16.94
N LEU A 59 -11.31 -1.09 16.90
CA LEU A 59 -11.04 0.32 17.05
C LEU A 59 -10.82 0.95 15.67
N VAL A 60 -11.73 1.83 15.28
CA VAL A 60 -11.64 2.50 13.97
C VAL A 60 -11.52 4.03 14.11
N LYS A 61 -11.01 4.66 13.06
CA LYS A 61 -10.91 6.11 13.02
C LYS A 61 -11.92 6.68 12.02
N VAL A 62 -12.58 7.77 12.40
CA VAL A 62 -13.53 8.41 11.50
C VAL A 62 -12.78 9.20 10.43
N LEU A 63 -13.02 8.88 9.17
CA LEU A 63 -12.33 9.53 8.07
C LEU A 63 -13.18 10.60 7.42
N LYS A 64 -14.49 10.34 7.30
CA LYS A 64 -15.39 11.28 6.63
C LYS A 64 -16.72 11.31 7.36
N PHE A 65 -17.60 12.21 6.94
CA PHE A 65 -18.93 12.31 7.50
C PHE A 65 -19.96 12.52 6.40
N ASP A 66 -21.16 12.01 6.62
CA ASP A 66 -22.27 12.10 5.67
C ASP A 66 -22.86 13.50 5.69
N ARG A 67 -23.87 13.74 4.84
CA ARG A 67 -24.47 15.06 4.65
C ARG A 67 -24.44 15.94 5.91
N ASP A 68 -25.15 15.64 7.02
CA ASP A 68 -24.91 16.49 8.19
C ASP A 68 -24.16 15.72 9.29
N ARG A 69 -24.81 14.66 9.83
CA ARG A 69 -24.15 13.77 10.81
C ARG A 69 -24.44 12.31 10.51
N THR A 70 -25.69 12.07 10.08
CA THR A 70 -26.29 10.74 9.81
C THR A 70 -25.30 9.56 9.66
N ARG A 71 -24.51 9.52 8.61
CA ARG A 71 -23.59 8.40 8.41
C ARG A 71 -22.15 8.88 8.53
N VAL A 72 -21.21 7.95 8.53
CA VAL A 72 -19.82 8.32 8.70
C VAL A 72 -18.89 7.33 8.00
N SER A 73 -17.67 7.75 7.72
CA SER A 73 -16.68 6.87 7.12
C SER A 73 -15.66 6.45 8.17
N LEU A 74 -15.37 5.16 8.24
CA LEU A 74 -14.38 4.66 9.18
C LEU A 74 -13.12 4.26 8.45
N GLY A 75 -12.09 4.05 9.23
CA GLY A 75 -10.82 3.60 8.70
C GLY A 75 -10.22 2.54 9.59
N LEU A 76 -9.47 1.61 9.00
CA LEU A 76 -8.89 0.53 9.78
C LEU A 76 -7.37 0.48 9.61
N LYS A 77 -6.88 1.11 8.54
CA LYS A 77 -5.44 1.07 8.24
C LYS A 77 -4.71 2.34 8.74
N GLN A 78 -5.38 3.49 8.65
CA GLN A 78 -4.76 4.75 9.03
C GLN A 78 -4.64 4.92 10.54
N LEU A 79 -5.02 3.91 11.30
CA LEU A 79 -4.83 3.96 12.74
C LEU A 79 -3.41 3.53 13.08
N GLY A 80 -2.77 2.92 12.10
CA GLY A 80 -1.42 2.43 12.26
C GLY A 80 -0.40 3.29 11.56
N GLU A 81 0.38 2.66 10.70
CA GLU A 81 1.40 3.40 9.97
C GLU A 81 1.36 2.98 8.52
N ASP A 82 1.15 3.90 7.61
CA ASP A 82 1.21 3.54 6.19
C ASP A 82 2.68 3.47 5.80
N PRO A 83 3.17 2.29 5.37
CA PRO A 83 4.59 2.10 5.04
C PRO A 83 5.15 3.13 4.06
N TRP A 84 4.27 3.81 3.34
CA TRP A 84 4.70 4.77 2.33
C TRP A 84 4.97 6.16 2.88
N VAL A 85 4.31 6.53 3.96
CA VAL A 85 4.49 7.88 4.52
C VAL A 85 5.90 8.04 5.08
N ALA A 86 6.40 6.96 5.66
CA ALA A 86 7.72 6.97 6.26
C ALA A 86 8.77 6.43 5.30
N ILE A 87 8.34 5.94 4.15
CA ILE A 87 9.25 5.33 3.19
C ILE A 87 10.39 6.28 2.84
N ALA A 88 10.11 7.57 2.89
CA ALA A 88 11.09 8.59 2.58
C ALA A 88 12.14 8.72 3.68
N LYS A 89 11.73 8.55 4.94
CA LYS A 89 12.67 8.64 6.05
C LYS A 89 13.38 7.31 6.29
N ARG A 90 12.73 6.22 5.93
CA ARG A 90 13.30 4.91 6.10
C ARG A 90 14.39 4.66 5.06
N TYR A 91 14.03 4.79 3.80
CA TYR A 91 14.95 4.60 2.70
C TYR A 91 14.66 5.51 1.51
N PRO A 92 15.27 6.71 1.50
CA PRO A 92 15.11 7.66 0.40
C PRO A 92 16.00 7.30 -0.80
N GLU A 93 15.96 8.14 -1.84
CA GLU A 93 16.75 7.91 -3.05
C GLU A 93 18.23 7.72 -2.73
N GLY A 94 18.83 6.73 -3.38
CA GLY A 94 20.24 6.46 -3.18
C GLY A 94 20.49 5.29 -2.25
N HIS A 95 19.53 5.00 -1.39
CA HIS A 95 19.66 3.88 -0.45
C HIS A 95 19.56 2.55 -1.18
N LYS A 96 20.46 1.64 -0.84
CA LYS A 96 20.47 0.31 -1.42
C LYS A 96 19.58 -0.61 -0.61
N LEU A 97 18.75 -1.38 -1.30
CA LEU A 97 17.85 -2.29 -0.64
C LEU A 97 17.67 -3.56 -1.47
N SER A 98 17.48 -4.67 -0.79
CA SER A 98 17.33 -5.95 -1.45
C SER A 98 15.85 -6.26 -1.63
N GLY A 99 15.46 -6.53 -2.86
CA GLY A 99 14.08 -6.85 -3.17
C GLY A 99 13.99 -8.19 -3.87
N ARG A 100 12.81 -8.54 -4.34
CA ARG A 100 12.61 -9.76 -5.09
C ARG A 100 11.54 -9.57 -6.15
N VAL A 101 11.86 -9.99 -7.37
CA VAL A 101 10.94 -9.83 -8.49
C VAL A 101 9.67 -10.64 -8.23
N THR A 102 8.55 -9.95 -8.20
CA THR A 102 7.27 -10.57 -7.89
C THR A 102 6.35 -10.62 -9.11
N ASN A 103 6.61 -9.73 -10.04
CA ASN A 103 5.79 -9.57 -11.23
C ASN A 103 6.66 -9.11 -12.37
N LEU A 104 6.33 -9.55 -13.57
CA LEU A 104 7.11 -9.22 -14.74
C LEU A 104 6.21 -8.57 -15.79
N THR A 105 6.66 -7.47 -16.36
CA THR A 105 5.87 -6.79 -17.39
C THR A 105 6.67 -6.78 -18.67
N ASP A 106 6.25 -5.97 -19.62
CA ASP A 106 6.97 -5.83 -20.88
C ASP A 106 7.80 -4.56 -20.86
N TYR A 107 7.48 -3.68 -19.91
CA TYR A 107 8.12 -2.37 -19.79
C TYR A 107 8.92 -2.27 -18.49
N GLY A 108 9.34 -3.42 -17.96
CA GLY A 108 10.10 -3.42 -16.71
C GLY A 108 9.69 -4.55 -15.79
N CYS A 109 10.27 -4.60 -14.62
CA CYS A 109 9.93 -5.63 -13.66
C CYS A 109 9.66 -5.05 -12.29
N PHE A 110 8.71 -5.65 -11.60
CA PHE A 110 8.32 -5.23 -10.26
C PHE A 110 9.08 -6.02 -9.23
N VAL A 111 9.68 -5.30 -8.29
CA VAL A 111 10.46 -5.92 -7.25
C VAL A 111 9.93 -5.48 -5.88
N GLU A 112 9.48 -6.44 -5.09
CA GLU A 112 8.90 -6.15 -3.80
C GLU A 112 9.98 -5.87 -2.77
N ILE A 113 9.90 -4.69 -2.19
CA ILE A 113 10.84 -4.23 -1.18
C ILE A 113 10.50 -4.84 0.17
N GLU A 114 9.20 -5.00 0.38
CA GLU A 114 8.64 -5.53 1.61
C GLU A 114 7.13 -5.68 1.48
N GLU A 115 6.52 -6.20 2.51
CA GLU A 115 5.08 -6.42 2.50
C GLU A 115 4.34 -5.10 2.50
N GLY A 116 3.85 -4.72 1.33
CA GLY A 116 3.13 -3.47 1.18
C GLY A 116 3.89 -2.48 0.33
N VAL A 117 5.17 -2.74 0.10
CA VAL A 117 5.99 -1.86 -0.71
C VAL A 117 6.64 -2.63 -1.85
N GLU A 118 6.28 -2.25 -3.05
CA GLU A 118 6.78 -2.86 -4.26
C GLU A 118 7.19 -1.77 -5.25
N GLY A 119 8.45 -1.82 -5.68
CA GLY A 119 8.96 -0.82 -6.61
C GLY A 119 9.09 -1.35 -8.01
N LEU A 120 9.22 -0.45 -8.97
CA LEU A 120 9.33 -0.82 -10.37
C LEU A 120 10.58 -0.26 -11.00
N VAL A 121 11.27 -1.10 -11.74
CA VAL A 121 12.45 -0.69 -12.46
C VAL A 121 12.18 -0.71 -13.96
N HIS A 122 12.41 0.43 -14.59
CA HIS A 122 12.16 0.61 -16.01
C HIS A 122 13.20 -0.19 -16.81
N VAL A 123 12.77 -0.75 -17.94
CA VAL A 123 13.65 -1.54 -18.81
C VAL A 123 14.98 -0.83 -19.10
N SER A 124 14.94 0.49 -19.21
CA SER A 124 16.13 1.28 -19.47
C SER A 124 17.09 1.25 -18.29
N GLU A 125 16.55 1.18 -17.09
CA GLU A 125 17.36 1.24 -15.90
C GLU A 125 17.53 -0.12 -15.25
N MET A 126 17.15 -1.18 -15.95
CA MET A 126 17.33 -2.51 -15.37
C MET A 126 18.58 -3.18 -15.95
N ASP A 127 18.86 -2.95 -17.22
CA ASP A 127 20.07 -3.48 -17.84
C ASP A 127 20.75 -2.35 -18.61
N TRP A 128 22.06 -2.44 -18.82
CA TRP A 128 22.79 -1.36 -19.48
C TRP A 128 23.03 -1.62 -20.96
N THR A 129 22.88 -2.87 -21.40
CA THR A 129 23.16 -3.22 -22.78
C THR A 129 22.08 -2.72 -23.74
N ASN A 130 20.88 -3.23 -23.59
CA ASN A 130 19.76 -2.86 -24.45
C ASN A 130 18.79 -1.97 -23.67
N LYS A 131 18.34 -0.91 -24.33
CA LYS A 131 17.46 0.09 -23.71
C LYS A 131 16.05 -0.45 -23.42
N ASN A 132 15.50 -1.22 -24.34
CA ASN A 132 14.13 -1.74 -24.19
C ASN A 132 14.15 -3.26 -24.05
N ILE A 133 15.20 -3.76 -23.44
CA ILE A 133 15.35 -5.19 -23.21
C ILE A 133 14.18 -5.73 -22.38
N HIS A 134 13.65 -6.87 -22.78
CA HIS A 134 12.55 -7.46 -22.04
C HIS A 134 13.04 -7.85 -20.66
N PRO A 135 12.30 -7.52 -19.60
CA PRO A 135 12.72 -7.80 -18.22
C PRO A 135 13.01 -9.28 -17.96
N SER A 136 12.43 -10.16 -18.77
CA SER A 136 12.61 -11.60 -18.62
C SER A 136 14.03 -12.03 -18.96
N LYS A 137 14.70 -11.22 -19.78
CA LYS A 137 16.04 -11.55 -20.22
C LYS A 137 17.04 -11.23 -19.11
N VAL A 138 16.63 -10.34 -18.22
CA VAL A 138 17.49 -9.90 -17.11
C VAL A 138 17.16 -10.66 -15.83
N VAL A 139 15.88 -10.74 -15.50
CA VAL A 139 15.42 -11.42 -14.29
C VAL A 139 14.08 -12.11 -14.52
N ASN A 140 13.72 -12.96 -13.58
CA ASN A 140 12.45 -13.66 -13.62
C ASN A 140 11.75 -13.50 -12.29
N VAL A 141 10.46 -13.78 -12.27
CA VAL A 141 9.68 -13.68 -11.06
C VAL A 141 10.05 -14.82 -10.12
N GLY A 142 10.61 -14.46 -8.98
CA GLY A 142 11.06 -15.43 -8.01
C GLY A 142 12.53 -15.23 -7.70
N ASP A 143 13.18 -14.42 -8.52
CA ASP A 143 14.58 -14.12 -8.31
C ASP A 143 14.75 -12.97 -7.34
N GLU A 144 15.48 -13.24 -6.29
CA GLU A 144 15.79 -12.22 -5.30
C GLU A 144 16.94 -11.39 -5.83
N VAL A 145 16.80 -10.07 -5.77
CA VAL A 145 17.80 -9.17 -6.31
C VAL A 145 17.95 -7.92 -5.45
N GLU A 146 18.87 -7.07 -5.84
CA GLU A 146 19.08 -5.82 -5.15
C GLU A 146 18.70 -4.67 -6.06
N VAL A 147 18.19 -3.61 -5.47
CA VAL A 147 17.83 -2.41 -6.21
C VAL A 147 18.10 -1.18 -5.36
N MET A 148 18.07 -0.02 -6.00
CA MET A 148 18.31 1.23 -5.30
C MET A 148 17.17 2.19 -5.57
N VAL A 149 16.78 2.95 -4.56
CA VAL A 149 15.70 3.91 -4.70
C VAL A 149 16.05 4.95 -5.74
N LEU A 150 15.30 4.97 -6.83
CA LEU A 150 15.55 5.90 -7.93
C LEU A 150 14.61 7.09 -7.85
N GLU A 151 13.34 6.83 -7.52
CA GLU A 151 12.34 7.88 -7.45
C GLU A 151 11.05 7.39 -6.78
N ILE A 152 10.76 7.86 -5.58
CA ILE A 152 9.53 7.49 -4.90
C ILE A 152 8.55 8.66 -4.84
N ASP A 153 7.30 8.37 -5.18
CA ASP A 153 6.21 9.34 -5.09
C ASP A 153 5.18 8.81 -4.11
N GLU A 154 5.33 9.18 -2.85
CA GLU A 154 4.44 8.70 -1.80
C GLU A 154 3.03 9.25 -2.01
N GLU A 155 2.96 10.44 -2.61
CA GLU A 155 1.70 11.12 -2.84
C GLU A 155 0.91 10.45 -3.98
N ARG A 156 1.62 10.10 -5.03
CA ARG A 156 1.01 9.50 -6.21
C ARG A 156 0.94 7.99 -6.05
N ARG A 157 1.76 7.51 -5.13
CA ARG A 157 1.88 6.10 -4.81
C ARG A 157 2.54 5.37 -5.97
N ARG A 158 3.70 5.90 -6.36
CA ARG A 158 4.54 5.37 -7.43
C ARG A 158 5.97 5.22 -6.91
N ILE A 159 6.58 4.07 -7.14
CA ILE A 159 7.96 3.83 -6.71
C ILE A 159 8.83 3.34 -7.85
N SER A 160 9.95 4.02 -8.03
CA SER A 160 10.92 3.71 -9.06
C SER A 160 12.21 3.20 -8.42
N LEU A 161 12.72 2.09 -8.90
CA LEU A 161 13.95 1.53 -8.39
C LEU A 161 14.90 1.24 -9.53
N GLY A 162 16.18 1.12 -9.21
CA GLY A 162 17.18 0.87 -10.23
C GLY A 162 17.88 -0.47 -10.04
N LEU A 163 17.78 -1.32 -11.05
CA LEU A 163 18.45 -2.62 -11.02
C LEU A 163 19.87 -2.44 -11.54
N LYS A 164 20.04 -1.58 -12.54
CA LYS A 164 21.34 -1.33 -13.13
C LYS A 164 22.35 -0.89 -12.05
N GLN A 165 21.80 -0.35 -10.97
CA GLN A 165 22.59 0.08 -9.82
C GLN A 165 23.34 -1.10 -9.17
N CYS A 166 22.83 -2.32 -9.30
CA CYS A 166 23.50 -3.50 -8.76
C CYS A 166 24.06 -4.36 -9.89
N LYS A 167 23.65 -4.03 -11.11
CA LYS A 167 24.11 -4.72 -12.30
C LYS A 167 25.59 -4.41 -12.53
N ALA A 168 26.28 -5.24 -13.30
CA ALA A 168 27.69 -4.98 -13.60
C ALA A 168 27.80 -3.66 -14.33
N ASN A 169 28.37 -2.68 -13.67
CA ASN A 169 28.49 -1.34 -14.22
C ASN A 169 29.52 -1.30 -15.34
N PRO A 170 29.13 -0.84 -16.55
CA PRO A 170 30.04 -0.78 -17.70
C PRO A 170 30.95 0.45 -17.70
N TRP A 171 30.78 1.31 -16.71
CA TRP A 171 31.57 2.53 -16.62
C TRP A 171 32.71 2.36 -15.64
N GLN A 172 32.76 1.21 -14.99
CA GLN A 172 33.83 0.91 -14.06
C GLN A 172 35.08 0.52 -14.84
N SER A 173 36.20 1.11 -14.50
CA SER A 173 37.46 0.80 -15.15
C SER A 173 38.59 0.88 -14.13
N GLY A 1 -17.85 6.53 21.36
CA GLY A 1 -18.57 7.77 20.99
C GLY A 1 -19.04 7.73 19.55
N ALA A 2 -20.32 8.03 19.35
CA ALA A 2 -20.90 8.00 18.01
C ALA A 2 -21.00 9.40 17.41
N MET A 3 -21.60 9.48 16.22
CA MET A 3 -21.78 10.72 15.45
C MET A 3 -22.26 11.90 16.31
N GLU A 4 -22.95 11.59 17.41
CA GLU A 4 -23.48 12.59 18.33
C GLU A 4 -22.40 13.59 18.76
N THR A 5 -21.20 13.09 19.06
CA THR A 5 -20.10 13.94 19.50
C THR A 5 -18.82 13.57 18.77
N LEU A 6 -18.97 12.73 17.77
CA LEU A 6 -17.87 12.26 16.95
C LEU A 6 -17.51 13.33 15.95
N GLN A 7 -16.25 13.41 15.62
CA GLN A 7 -15.79 14.39 14.66
C GLN A 7 -14.66 13.81 13.84
N GLU A 8 -14.64 14.15 12.57
CA GLU A 8 -13.67 13.63 11.60
C GLU A 8 -12.25 13.63 12.20
N GLY A 9 -11.53 12.51 12.02
CA GLY A 9 -10.19 12.38 12.57
C GLY A 9 -10.18 11.75 13.96
N SER A 10 -11.35 11.63 14.57
CA SER A 10 -11.45 11.06 15.91
C SER A 10 -11.26 9.55 15.86
N GLU A 11 -10.86 8.99 16.98
CA GLU A 11 -10.59 7.57 17.09
C GLU A 11 -11.58 6.91 18.06
N VAL A 12 -12.38 5.98 17.54
CA VAL A 12 -13.43 5.33 18.35
C VAL A 12 -13.62 3.86 17.94
N LYS A 13 -13.99 3.02 18.90
CA LYS A 13 -14.21 1.61 18.62
C LYS A 13 -15.66 1.35 18.20
N GLY A 14 -15.85 0.36 17.35
CA GLY A 14 -17.19 0.01 16.91
C GLY A 14 -17.32 -1.49 16.63
N ILE A 15 -18.55 -1.95 16.39
CA ILE A 15 -18.83 -3.36 16.13
C ILE A 15 -19.14 -3.63 14.66
N VAL A 16 -18.33 -4.45 14.01
CA VAL A 16 -18.57 -4.81 12.62
C VAL A 16 -19.71 -5.82 12.56
N LYS A 17 -20.90 -5.33 12.34
CA LYS A 17 -22.10 -6.19 12.29
C LYS A 17 -22.50 -6.59 10.87
N ASN A 18 -21.82 -6.09 9.85
CA ASN A 18 -22.17 -6.44 8.48
C ASN A 18 -20.96 -6.30 7.57
N LEU A 19 -20.98 -7.05 6.48
CA LEU A 19 -19.89 -7.08 5.54
C LEU A 19 -20.45 -7.14 4.12
N THR A 20 -20.23 -6.09 3.33
CA THR A 20 -20.71 -6.05 1.95
C THR A 20 -19.57 -6.38 1.00
N ASP A 21 -19.77 -6.19 -0.29
CA ASP A 21 -18.75 -6.48 -1.29
C ASP A 21 -17.97 -5.23 -1.64
N TYR A 22 -18.43 -4.09 -1.14
CA TYR A 22 -17.78 -2.80 -1.39
C TYR A 22 -17.26 -2.19 -0.10
N GLY A 23 -17.62 -2.82 1.02
CA GLY A 23 -17.21 -2.32 2.31
C GLY A 23 -17.83 -3.10 3.43
N ALA A 24 -17.92 -2.50 4.60
CA ALA A 24 -18.51 -3.14 5.76
C ALA A 24 -19.23 -2.11 6.60
N PHE A 25 -19.95 -2.55 7.61
CA PHE A 25 -20.68 -1.63 8.47
C PHE A 25 -20.41 -1.89 9.93
N VAL A 26 -20.07 -0.82 10.62
CA VAL A 26 -19.78 -0.85 12.04
C VAL A 26 -20.81 -0.09 12.86
N ASP A 27 -21.18 -0.66 13.99
CA ASP A 27 -22.10 -0.03 14.90
C ASP A 27 -21.34 0.86 15.87
N LEU A 28 -21.65 2.13 15.85
CA LEU A 28 -21.03 3.09 16.76
C LEU A 28 -21.89 3.21 18.00
N GLY A 29 -22.90 2.34 18.06
CA GLY A 29 -23.85 2.36 19.14
C GLY A 29 -25.07 3.17 18.77
N GLY A 30 -25.76 2.73 17.72
CA GLY A 30 -26.96 3.40 17.27
C GLY A 30 -26.87 3.94 15.85
N VAL A 31 -25.69 3.87 15.25
CA VAL A 31 -25.49 4.36 13.90
C VAL A 31 -24.48 3.50 13.18
N ASP A 32 -24.72 3.23 11.90
CA ASP A 32 -23.82 2.40 11.11
C ASP A 32 -22.83 3.28 10.37
N GLY A 33 -21.56 2.95 10.51
CA GLY A 33 -20.52 3.65 9.77
C GLY A 33 -19.95 2.76 8.69
N LEU A 34 -19.82 3.30 7.49
CA LEU A 34 -19.33 2.51 6.38
C LEU A 34 -17.81 2.52 6.37
N LEU A 35 -17.22 1.34 6.51
CA LEU A 35 -15.77 1.24 6.45
C LEU A 35 -15.44 0.79 5.03
N HIS A 36 -14.88 1.65 4.23
CA HIS A 36 -14.58 1.33 2.85
C HIS A 36 -13.53 0.20 2.76
N ILE A 37 -13.77 -0.75 1.86
CA ILE A 37 -12.91 -1.93 1.69
C ILE A 37 -11.42 -1.58 1.53
N THR A 38 -11.12 -0.49 0.84
CA THR A 38 -9.72 -0.15 0.59
C THR A 38 -9.14 0.57 1.80
N ASP A 39 -9.98 0.82 2.79
CA ASP A 39 -9.54 1.51 3.99
C ASP A 39 -9.36 0.54 5.15
N MET A 40 -9.48 -0.75 4.86
CA MET A 40 -9.27 -1.79 5.87
C MET A 40 -7.78 -1.96 6.14
N ALA A 41 -6.97 -1.52 5.18
CA ALA A 41 -5.52 -1.66 5.26
C ALA A 41 -4.85 -0.80 4.22
N TRP A 42 -3.54 -0.63 4.35
CA TRP A 42 -2.76 0.15 3.41
C TRP A 42 -2.67 -0.53 2.06
N LYS A 43 -2.88 -1.85 2.05
CA LYS A 43 -2.81 -2.62 0.82
C LYS A 43 -4.16 -2.67 0.11
N ARG A 44 -4.21 -3.41 -0.99
CA ARG A 44 -5.42 -3.54 -1.77
C ARG A 44 -6.25 -4.71 -1.24
N VAL A 45 -7.08 -4.43 -0.26
CA VAL A 45 -7.96 -5.44 0.32
C VAL A 45 -9.07 -5.78 -0.67
N LYS A 46 -9.32 -7.07 -0.84
CA LYS A 46 -10.31 -7.53 -1.80
C LYS A 46 -11.69 -7.73 -1.17
N HIS A 47 -11.73 -8.10 0.10
CA HIS A 47 -12.99 -8.37 0.76
C HIS A 47 -12.83 -8.01 2.24
N PRO A 48 -13.87 -7.47 2.92
CA PRO A 48 -13.74 -7.03 4.33
C PRO A 48 -13.60 -8.18 5.32
N SER A 49 -14.15 -9.34 4.98
CA SER A 49 -14.13 -10.50 5.86
C SER A 49 -12.69 -10.98 6.09
N GLU A 50 -11.81 -10.63 5.15
CA GLU A 50 -10.42 -11.05 5.21
C GLU A 50 -9.69 -10.29 6.31
N ILE A 51 -10.22 -9.12 6.65
CA ILE A 51 -9.62 -8.24 7.66
C ILE A 51 -10.42 -8.28 8.96
N VAL A 52 -11.75 -8.21 8.87
CA VAL A 52 -12.61 -8.20 10.06
C VAL A 52 -13.88 -8.99 9.80
N ASN A 53 -14.48 -9.54 10.86
CA ASN A 53 -15.67 -10.37 10.73
C ASN A 53 -16.85 -9.76 11.47
N VAL A 54 -18.01 -10.37 11.28
CA VAL A 54 -19.23 -9.92 11.94
C VAL A 54 -19.18 -10.18 13.45
N GLY A 55 -19.48 -9.15 14.22
CA GLY A 55 -19.51 -9.24 15.66
C GLY A 55 -18.20 -8.89 16.32
N ASP A 56 -17.25 -8.35 15.56
CA ASP A 56 -15.95 -8.01 16.12
C ASP A 56 -15.85 -6.53 16.44
N GLU A 57 -15.39 -6.25 17.66
CA GLU A 57 -15.18 -4.88 18.11
C GLU A 57 -13.76 -4.47 17.76
N ILE A 58 -13.62 -3.50 16.89
CA ILE A 58 -12.30 -3.01 16.51
C ILE A 58 -12.23 -1.50 16.65
N LEU A 59 -11.03 -0.96 16.56
CA LEU A 59 -10.83 0.46 16.70
C LEU A 59 -10.71 1.10 15.34
N VAL A 60 -11.73 1.86 14.94
CA VAL A 60 -11.72 2.54 13.66
C VAL A 60 -11.57 4.04 13.82
N LYS A 61 -11.14 4.70 12.76
CA LYS A 61 -11.01 6.14 12.76
C LYS A 61 -12.00 6.75 11.77
N VAL A 62 -12.64 7.83 12.17
CA VAL A 62 -13.59 8.51 11.28
C VAL A 62 -12.84 9.30 10.22
N LEU A 63 -13.07 8.95 8.95
CA LEU A 63 -12.37 9.61 7.86
C LEU A 63 -13.22 10.71 7.25
N LYS A 64 -14.52 10.46 7.11
CA LYS A 64 -15.42 11.43 6.47
C LYS A 64 -16.75 11.42 7.19
N PHE A 65 -17.63 12.33 6.81
CA PHE A 65 -18.96 12.40 7.38
C PHE A 65 -20.00 12.68 6.29
N ASP A 66 -21.17 12.06 6.45
CA ASP A 66 -22.30 12.25 5.53
C ASP A 66 -22.92 13.62 5.78
N ARG A 67 -23.96 13.97 5.02
CA ARG A 67 -24.53 15.32 5.03
C ARG A 67 -24.39 16.06 6.37
N ASP A 68 -25.03 15.67 7.49
CA ASP A 68 -24.70 16.36 8.73
C ASP A 68 -23.99 15.44 9.73
N ARG A 69 -24.70 14.41 10.21
CA ARG A 69 -24.09 13.40 11.11
C ARG A 69 -24.50 11.98 10.71
N THR A 70 -25.77 11.89 10.29
CA THR A 70 -26.47 10.64 9.92
C THR A 70 -25.60 9.43 9.55
N ARG A 71 -24.60 9.61 8.71
CA ARG A 71 -23.78 8.49 8.26
C ARG A 71 -22.32 8.89 8.31
N VAL A 72 -21.40 7.94 8.38
CA VAL A 72 -19.99 8.29 8.50
C VAL A 72 -19.07 7.33 7.74
N SER A 73 -17.87 7.81 7.45
CA SER A 73 -16.86 7.02 6.78
C SER A 73 -15.78 6.59 7.76
N LEU A 74 -15.45 5.31 7.76
CA LEU A 74 -14.48 4.75 8.68
C LEU A 74 -13.24 4.22 7.97
N GLY A 75 -12.21 4.05 8.77
CA GLY A 75 -10.97 3.50 8.28
C GLY A 75 -10.37 2.55 9.29
N LEU A 76 -9.56 1.61 8.79
CA LEU A 76 -8.93 0.63 9.66
C LEU A 76 -7.41 0.63 9.45
N LYS A 77 -6.90 1.57 8.66
CA LYS A 77 -5.47 1.61 8.37
C LYS A 77 -4.78 2.84 8.98
N GLN A 78 -5.55 3.89 9.17
CA GLN A 78 -5.04 5.14 9.72
C GLN A 78 -4.62 4.97 11.15
N LEU A 79 -5.30 4.06 11.84
CA LEU A 79 -5.05 3.79 13.23
C LEU A 79 -3.58 3.47 13.48
N GLY A 80 -2.93 2.95 12.45
CA GLY A 80 -1.53 2.65 12.50
C GLY A 80 -0.77 3.58 11.58
N GLU A 81 0.54 3.50 11.61
CA GLU A 81 1.35 4.35 10.76
C GLU A 81 1.54 3.71 9.40
N ASP A 82 1.23 4.46 8.36
CA ASP A 82 1.34 3.99 6.99
C ASP A 82 2.83 3.80 6.64
N PRO A 83 3.19 2.73 5.92
CA PRO A 83 4.58 2.46 5.58
C PRO A 83 5.16 3.40 4.54
N TRP A 84 4.30 4.05 3.78
CA TRP A 84 4.74 4.95 2.72
C TRP A 84 5.04 6.36 3.21
N VAL A 85 4.37 6.80 4.27
CA VAL A 85 4.57 8.16 4.77
C VAL A 85 5.98 8.34 5.34
N ALA A 86 6.50 7.28 5.96
CA ALA A 86 7.86 7.31 6.51
C ALA A 86 8.86 6.67 5.57
N ILE A 87 8.39 6.14 4.46
CA ILE A 87 9.26 5.44 3.51
C ILE A 87 10.46 6.31 3.13
N ALA A 88 10.23 7.63 3.14
CA ALA A 88 11.26 8.59 2.79
C ALA A 88 12.36 8.66 3.84
N LYS A 89 12.01 8.57 5.13
CA LYS A 89 13.03 8.64 6.17
C LYS A 89 13.67 7.27 6.39
N ARG A 90 13.00 6.22 5.93
CA ARG A 90 13.53 4.87 6.02
C ARG A 90 14.56 4.64 4.93
N TYR A 91 14.13 4.75 3.68
CA TYR A 91 15.01 4.53 2.55
C TYR A 91 14.68 5.45 1.37
N PRO A 92 15.29 6.65 1.35
CA PRO A 92 15.10 7.60 0.25
C PRO A 92 15.98 7.24 -0.94
N GLU A 93 15.92 8.05 -1.99
CA GLU A 93 16.70 7.82 -3.19
C GLU A 93 18.18 7.57 -2.87
N GLY A 94 18.75 6.56 -3.51
CA GLY A 94 20.14 6.23 -3.31
C GLY A 94 20.36 5.10 -2.32
N HIS A 95 19.36 4.81 -1.48
CA HIS A 95 19.47 3.72 -0.52
C HIS A 95 19.37 2.37 -1.21
N LYS A 96 20.23 1.44 -0.80
CA LYS A 96 20.24 0.09 -1.33
C LYS A 96 19.30 -0.80 -0.51
N LEU A 97 18.44 -1.54 -1.20
CA LEU A 97 17.51 -2.42 -0.53
C LEU A 97 17.31 -3.70 -1.33
N SER A 98 17.07 -4.78 -0.62
CA SER A 98 16.90 -6.07 -1.25
C SER A 98 15.41 -6.37 -1.44
N GLY A 99 15.02 -6.63 -2.66
CA GLY A 99 13.63 -6.93 -2.98
C GLY A 99 13.50 -8.26 -3.70
N ARG A 100 12.31 -8.56 -4.19
CA ARG A 100 12.09 -9.77 -4.97
C ARG A 100 11.07 -9.53 -6.06
N VAL A 101 11.38 -10.00 -7.27
CA VAL A 101 10.50 -9.82 -8.41
C VAL A 101 9.21 -10.59 -8.17
N THR A 102 8.13 -9.85 -8.03
CA THR A 102 6.83 -10.42 -7.73
C THR A 102 5.97 -10.54 -8.97
N ASN A 103 6.25 -9.69 -9.94
CA ASN A 103 5.48 -9.62 -11.16
C ASN A 103 6.35 -9.17 -12.29
N LEU A 104 6.27 -9.89 -13.38
CA LEU A 104 7.07 -9.57 -14.55
C LEU A 104 6.15 -8.98 -15.60
N THR A 105 6.54 -7.86 -16.18
CA THR A 105 5.71 -7.21 -17.19
C THR A 105 6.50 -7.13 -18.49
N ASP A 106 6.00 -6.36 -19.44
CA ASP A 106 6.68 -6.16 -20.70
C ASP A 106 7.43 -4.84 -20.66
N TYR A 107 7.03 -3.97 -19.74
CA TYR A 107 7.61 -2.64 -19.61
C TYR A 107 8.45 -2.51 -18.35
N GLY A 108 8.90 -3.64 -17.82
CA GLY A 108 9.71 -3.62 -16.61
C GLY A 108 9.35 -4.75 -15.66
N CYS A 109 9.88 -4.72 -14.45
CA CYS A 109 9.54 -5.75 -13.47
C CYS A 109 9.26 -5.14 -12.11
N PHE A 110 8.28 -5.71 -11.45
CA PHE A 110 7.89 -5.29 -10.12
C PHE A 110 8.66 -6.05 -9.07
N VAL A 111 9.20 -5.33 -8.11
CA VAL A 111 10.01 -5.93 -7.06
C VAL A 111 9.48 -5.51 -5.68
N GLU A 112 9.13 -6.50 -4.87
CA GLU A 112 8.59 -6.25 -3.54
C GLU A 112 9.70 -5.84 -2.59
N ILE A 113 9.55 -4.67 -2.00
CA ILE A 113 10.51 -4.18 -1.02
C ILE A 113 10.18 -4.78 0.34
N GLU A 114 8.88 -4.96 0.55
CA GLU A 114 8.32 -5.51 1.77
C GLU A 114 6.81 -5.63 1.65
N GLU A 115 6.18 -6.22 2.65
CA GLU A 115 4.73 -6.41 2.62
C GLU A 115 4.00 -5.07 2.64
N GLY A 116 3.52 -4.67 1.47
CA GLY A 116 2.82 -3.40 1.33
C GLY A 116 3.60 -2.41 0.49
N VAL A 117 4.88 -2.69 0.28
CA VAL A 117 5.72 -1.81 -0.52
C VAL A 117 6.35 -2.57 -1.68
N GLU A 118 5.96 -2.21 -2.88
CA GLU A 118 6.45 -2.81 -4.09
C GLU A 118 6.91 -1.73 -5.07
N GLY A 119 8.16 -1.80 -5.49
CA GLY A 119 8.69 -0.82 -6.40
C GLY A 119 8.73 -1.34 -7.82
N LEU A 120 8.95 -0.45 -8.79
CA LEU A 120 8.97 -0.84 -10.19
C LEU A 120 10.19 -0.28 -10.88
N VAL A 121 10.87 -1.17 -11.60
CA VAL A 121 12.04 -0.83 -12.38
C VAL A 121 11.68 -0.83 -13.87
N HIS A 122 12.12 0.20 -14.58
CA HIS A 122 11.78 0.34 -15.99
C HIS A 122 12.76 -0.45 -16.85
N VAL A 123 12.28 -0.95 -18.00
CA VAL A 123 13.11 -1.73 -18.92
C VAL A 123 14.41 -1.00 -19.31
N SER A 124 14.41 0.32 -19.20
CA SER A 124 15.57 1.11 -19.57
C SER A 124 16.69 1.01 -18.54
N GLU A 125 16.34 0.74 -17.30
CA GLU A 125 17.32 0.67 -16.22
C GLU A 125 17.42 -0.75 -15.64
N MET A 126 17.10 -1.74 -16.47
CA MET A 126 17.22 -3.15 -16.07
C MET A 126 18.63 -3.64 -16.32
N ASP A 127 19.14 -3.38 -17.52
CA ASP A 127 20.46 -3.85 -17.93
C ASP A 127 21.20 -2.73 -18.66
N TRP A 128 22.47 -2.96 -19.00
CA TRP A 128 23.29 -1.95 -19.67
C TRP A 128 23.33 -2.15 -21.18
N THR A 129 23.01 -3.36 -21.64
CA THR A 129 23.08 -3.67 -23.06
C THR A 129 22.02 -2.91 -23.88
N ASN A 130 20.77 -3.03 -23.47
CA ASN A 130 19.66 -2.41 -24.20
C ASN A 130 18.73 -1.67 -23.26
N LYS A 131 18.23 -0.51 -23.69
CA LYS A 131 17.36 0.33 -22.86
C LYS A 131 15.88 -0.02 -23.05
N ASN A 132 15.60 -1.05 -23.81
CA ASN A 132 14.24 -1.52 -24.01
C ASN A 132 14.19 -3.03 -23.91
N ILE A 133 15.24 -3.58 -23.30
CA ILE A 133 15.36 -5.02 -23.10
C ILE A 133 14.21 -5.54 -22.24
N HIS A 134 13.65 -6.69 -22.63
CA HIS A 134 12.55 -7.27 -21.88
C HIS A 134 13.06 -7.68 -20.51
N PRO A 135 12.26 -7.48 -19.44
CA PRO A 135 12.70 -7.80 -18.08
C PRO A 135 12.99 -9.27 -17.88
N SER A 136 12.42 -10.12 -18.73
CA SER A 136 12.60 -11.56 -18.63
C SER A 136 14.02 -11.96 -19.00
N LYS A 137 14.69 -11.11 -19.77
CA LYS A 137 16.04 -11.41 -20.22
C LYS A 137 17.03 -11.18 -19.08
N VAL A 138 16.63 -10.34 -18.13
CA VAL A 138 17.48 -9.97 -17.00
C VAL A 138 17.09 -10.71 -15.73
N VAL A 139 15.78 -10.77 -15.43
CA VAL A 139 15.30 -11.41 -14.21
C VAL A 139 14.02 -12.20 -14.46
N ASN A 140 13.57 -12.91 -13.44
CA ASN A 140 12.33 -13.67 -13.51
C ASN A 140 11.55 -13.45 -12.24
N VAL A 141 10.24 -13.61 -12.33
CA VAL A 141 9.38 -13.47 -11.17
C VAL A 141 9.59 -14.65 -10.23
N GLY A 142 10.12 -14.35 -9.05
CA GLY A 142 10.42 -15.38 -8.07
C GLY A 142 11.86 -15.33 -7.65
N ASP A 143 12.64 -14.52 -8.37
CA ASP A 143 14.04 -14.35 -8.04
C ASP A 143 14.22 -13.14 -7.15
N GLU A 144 14.84 -13.38 -6.00
CA GLU A 144 15.12 -12.32 -5.07
C GLU A 144 16.34 -11.54 -5.56
N VAL A 145 16.25 -10.22 -5.53
CA VAL A 145 17.31 -9.35 -6.05
C VAL A 145 17.49 -8.10 -5.19
N GLU A 146 18.43 -7.26 -5.60
CA GLU A 146 18.68 -6.00 -4.94
C GLU A 146 18.37 -4.86 -5.87
N VAL A 147 17.87 -3.78 -5.32
CA VAL A 147 17.58 -2.58 -6.08
C VAL A 147 17.85 -1.33 -5.26
N MET A 148 17.91 -0.20 -5.93
CA MET A 148 18.18 1.06 -5.28
C MET A 148 17.06 2.05 -5.57
N VAL A 149 16.73 2.88 -4.61
CA VAL A 149 15.65 3.84 -4.77
C VAL A 149 16.02 4.92 -5.77
N LEU A 150 15.21 5.07 -6.83
CA LEU A 150 15.44 6.11 -7.81
C LEU A 150 14.45 7.24 -7.66
N GLU A 151 13.20 6.93 -7.34
CA GLU A 151 12.19 7.97 -7.19
C GLU A 151 10.92 7.44 -6.53
N ILE A 152 10.68 7.85 -5.28
CA ILE A 152 9.46 7.48 -4.59
C ILE A 152 8.50 8.65 -4.53
N ASP A 153 7.26 8.40 -4.91
CA ASP A 153 6.20 9.40 -4.83
C ASP A 153 5.15 8.87 -3.88
N GLU A 154 5.28 9.25 -2.62
CA GLU A 154 4.37 8.79 -1.58
C GLU A 154 2.96 9.27 -1.87
N GLU A 155 2.86 10.45 -2.48
CA GLU A 155 1.57 11.04 -2.78
C GLU A 155 0.98 10.44 -4.05
N ARG A 156 1.83 10.22 -5.05
CA ARG A 156 1.38 9.69 -6.34
C ARG A 156 1.32 8.17 -6.28
N ARG A 157 1.68 7.65 -5.11
CA ARG A 157 1.71 6.21 -4.83
C ARG A 157 2.45 5.46 -5.94
N ARG A 158 3.62 5.99 -6.28
CA ARG A 158 4.46 5.42 -7.34
C ARG A 158 5.89 5.30 -6.81
N ILE A 159 6.46 4.09 -6.89
CA ILE A 159 7.82 3.88 -6.44
C ILE A 159 8.68 3.39 -7.59
N SER A 160 9.77 4.09 -7.81
CA SER A 160 10.72 3.79 -8.86
C SER A 160 12.02 3.32 -8.25
N LEU A 161 12.52 2.19 -8.75
CA LEU A 161 13.75 1.62 -8.25
C LEU A 161 14.71 1.39 -9.40
N GLY A 162 15.97 1.17 -9.08
CA GLY A 162 16.97 0.95 -10.11
C GLY A 162 17.67 -0.38 -9.99
N LEU A 163 17.53 -1.19 -11.03
CA LEU A 163 18.19 -2.48 -11.07
C LEU A 163 19.62 -2.34 -11.55
N LYS A 164 19.80 -1.51 -12.58
CA LYS A 164 21.12 -1.24 -13.14
C LYS A 164 22.05 -0.72 -12.05
N GLN A 165 21.49 0.04 -11.11
CA GLN A 165 22.25 0.63 -10.01
C GLN A 165 22.83 -0.44 -9.08
N CYS A 166 22.32 -1.66 -9.20
CA CYS A 166 22.77 -2.76 -8.37
C CYS A 166 23.35 -3.87 -9.25
N LYS A 167 23.57 -3.53 -10.51
CA LYS A 167 24.14 -4.45 -11.48
C LYS A 167 25.61 -4.14 -11.66
N ALA A 168 26.33 -5.07 -12.28
CA ALA A 168 27.75 -4.91 -12.49
C ALA A 168 27.99 -4.22 -13.83
N ASN A 169 28.62 -3.06 -13.80
CA ASN A 169 28.93 -2.34 -15.02
C ASN A 169 29.94 -3.09 -15.85
N PRO A 170 29.88 -2.98 -17.17
CA PRO A 170 30.86 -3.61 -18.06
C PRO A 170 32.18 -2.85 -18.01
N TRP A 171 32.14 -1.64 -17.44
CA TRP A 171 33.33 -0.81 -17.37
C TRP A 171 34.24 -1.19 -16.21
N GLN A 172 33.81 -2.16 -15.41
CA GLN A 172 34.60 -2.57 -14.26
C GLN A 172 35.78 -3.42 -14.68
N SER A 173 36.96 -3.04 -14.21
CA SER A 173 38.18 -3.75 -14.51
C SER A 173 39.23 -3.39 -13.47
N GLY A 1 -21.08 7.72 22.22
CA GLY A 1 -19.86 8.06 21.45
C GLY A 1 -20.07 7.98 19.96
N ALA A 2 -21.29 8.27 19.52
CA ALA A 2 -21.61 8.24 18.11
C ALA A 2 -21.61 9.64 17.52
N MET A 3 -22.21 9.79 16.32
CA MET A 3 -22.31 11.08 15.61
C MET A 3 -22.75 12.23 16.53
N GLU A 4 -23.44 11.87 17.61
CA GLU A 4 -23.91 12.82 18.62
C GLU A 4 -22.78 13.75 19.09
N THR A 5 -21.58 13.19 19.25
CA THR A 5 -20.41 13.95 19.72
C THR A 5 -19.16 13.53 18.95
N LEU A 6 -19.36 12.71 17.93
CA LEU A 6 -18.27 12.23 17.12
C LEU A 6 -17.89 13.27 16.10
N GLN A 7 -16.60 13.35 15.81
CA GLN A 7 -16.08 14.33 14.89
C GLN A 7 -14.85 13.78 14.20
N GLU A 8 -14.77 14.02 12.89
CA GLU A 8 -13.68 13.54 12.05
C GLU A 8 -12.31 13.61 12.76
N GLY A 9 -11.54 12.53 12.61
CA GLY A 9 -10.25 12.43 13.25
C GLY A 9 -10.31 11.77 14.62
N SER A 10 -11.50 11.70 15.21
CA SER A 10 -11.65 11.11 16.53
C SER A 10 -11.52 9.59 16.45
N GLU A 11 -11.17 8.97 17.56
CA GLU A 11 -10.98 7.54 17.63
C GLU A 11 -12.02 6.91 18.56
N VAL A 12 -12.86 6.03 18.01
CA VAL A 12 -13.95 5.40 18.77
C VAL A 12 -14.15 3.94 18.35
N LYS A 13 -14.63 3.13 19.26
CA LYS A 13 -14.87 1.72 18.96
C LYS A 13 -16.28 1.51 18.43
N GLY A 14 -16.42 0.55 17.55
CA GLY A 14 -17.73 0.24 17.00
C GLY A 14 -17.88 -1.25 16.73
N ILE A 15 -19.12 -1.69 16.47
CA ILE A 15 -19.41 -3.10 16.21
C ILE A 15 -19.65 -3.36 14.74
N VAL A 16 -18.82 -4.20 14.15
CA VAL A 16 -19.02 -4.58 12.75
C VAL A 16 -20.12 -5.62 12.69
N LYS A 17 -21.33 -5.17 12.42
CA LYS A 17 -22.49 -6.04 12.38
C LYS A 17 -22.92 -6.43 10.97
N ASN A 18 -22.20 -5.95 9.97
CA ASN A 18 -22.55 -6.24 8.59
C ASN A 18 -21.33 -6.17 7.70
N LEU A 19 -21.27 -7.05 6.71
CA LEU A 19 -20.13 -7.13 5.81
C LEU A 19 -20.63 -7.25 4.38
N THR A 20 -20.41 -6.22 3.58
CA THR A 20 -20.83 -6.24 2.19
C THR A 20 -19.64 -6.62 1.30
N ASP A 21 -19.79 -6.49 -0.01
CA ASP A 21 -18.73 -6.85 -0.93
C ASP A 21 -17.92 -5.62 -1.34
N TYR A 22 -18.30 -4.46 -0.84
CA TYR A 22 -17.60 -3.21 -1.13
C TYR A 22 -17.15 -2.53 0.15
N GLY A 23 -17.58 -3.08 1.27
CA GLY A 23 -17.24 -2.53 2.56
C GLY A 23 -17.98 -3.20 3.68
N ALA A 24 -18.19 -2.48 4.77
CA ALA A 24 -18.87 -3.05 5.93
C ALA A 24 -19.65 -1.96 6.64
N PHE A 25 -20.37 -2.34 7.69
CA PHE A 25 -21.13 -1.38 8.48
C PHE A 25 -20.87 -1.58 9.97
N VAL A 26 -20.45 -0.50 10.61
CA VAL A 26 -20.15 -0.51 12.03
C VAL A 26 -21.19 0.26 12.83
N ASP A 27 -21.61 -0.34 13.93
CA ASP A 27 -22.57 0.27 14.83
C ASP A 27 -21.85 1.14 15.83
N LEU A 28 -22.22 2.42 15.85
CA LEU A 28 -21.62 3.37 16.79
C LEU A 28 -22.50 3.45 18.02
N GLY A 29 -23.49 2.57 18.08
CA GLY A 29 -24.44 2.57 19.15
C GLY A 29 -25.68 3.35 18.78
N GLY A 30 -26.33 2.92 17.69
CA GLY A 30 -27.54 3.57 17.24
C GLY A 30 -27.43 4.13 15.83
N VAL A 31 -26.23 4.12 15.26
CA VAL A 31 -26.04 4.62 13.91
C VAL A 31 -24.98 3.78 13.19
N ASP A 32 -25.20 3.51 11.91
CA ASP A 32 -24.30 2.69 11.13
C ASP A 32 -23.30 3.55 10.37
N GLY A 33 -22.01 3.29 10.58
CA GLY A 33 -20.98 3.98 9.84
C GLY A 33 -20.49 3.12 8.71
N LEU A 34 -20.32 3.71 7.54
CA LEU A 34 -19.87 2.96 6.38
C LEU A 34 -18.36 3.01 6.29
N LEU A 35 -17.77 1.83 6.31
CA LEU A 35 -16.35 1.69 6.15
C LEU A 35 -16.13 0.95 4.85
N HIS A 36 -15.57 1.60 3.86
CA HIS A 36 -15.34 0.93 2.59
C HIS A 36 -14.16 -0.03 2.73
N ILE A 37 -14.20 -1.13 1.95
CA ILE A 37 -13.13 -2.13 1.93
C ILE A 37 -11.75 -1.46 1.83
N THR A 38 -11.77 -0.30 1.21
CA THR A 38 -10.61 0.52 1.00
C THR A 38 -9.97 0.97 2.32
N ASP A 39 -10.76 1.02 3.39
CA ASP A 39 -10.25 1.53 4.65
C ASP A 39 -9.84 0.42 5.60
N MET A 40 -9.96 -0.83 5.18
CA MET A 40 -9.62 -1.96 6.06
C MET A 40 -8.12 -2.09 6.25
N ALA A 41 -7.36 -1.68 5.24
CA ALA A 41 -5.91 -1.77 5.29
C ALA A 41 -5.26 -0.96 4.17
N TRP A 42 -3.94 -0.81 4.26
CA TRP A 42 -3.16 -0.06 3.27
C TRP A 42 -2.99 -0.86 1.99
N LYS A 43 -3.06 -2.18 2.13
CA LYS A 43 -2.85 -3.09 1.02
C LYS A 43 -4.13 -3.30 0.20
N ARG A 44 -4.05 -4.21 -0.76
CA ARG A 44 -5.18 -4.57 -1.57
C ARG A 44 -6.11 -5.53 -0.86
N VAL A 45 -7.01 -4.98 -0.06
CA VAL A 45 -8.02 -5.81 0.60
C VAL A 45 -9.13 -6.09 -0.41
N LYS A 46 -9.50 -7.35 -0.53
CA LYS A 46 -10.50 -7.75 -1.51
C LYS A 46 -11.88 -7.94 -0.89
N HIS A 47 -11.94 -8.29 0.38
CA HIS A 47 -13.21 -8.55 1.04
C HIS A 47 -13.05 -8.16 2.53
N PRO A 48 -14.11 -7.60 3.18
CA PRO A 48 -14.00 -7.12 4.57
C PRO A 48 -13.92 -8.24 5.59
N SER A 49 -14.52 -9.39 5.28
CA SER A 49 -14.53 -10.53 6.18
C SER A 49 -13.13 -11.07 6.42
N GLU A 50 -12.22 -10.71 5.53
CA GLU A 50 -10.84 -11.16 5.63
C GLU A 50 -10.11 -10.37 6.73
N ILE A 51 -10.59 -9.15 6.98
CA ILE A 51 -9.96 -8.26 7.97
C ILE A 51 -10.76 -8.21 9.28
N VAL A 52 -12.09 -8.14 9.18
CA VAL A 52 -12.96 -8.06 10.36
C VAL A 52 -14.25 -8.84 10.11
N ASN A 53 -14.89 -9.35 11.17
CA ASN A 53 -16.10 -10.15 11.00
C ASN A 53 -17.28 -9.55 11.75
N VAL A 54 -18.43 -10.19 11.58
CA VAL A 54 -19.66 -9.75 12.21
C VAL A 54 -19.61 -9.98 13.72
N GLY A 55 -19.96 -8.93 14.48
CA GLY A 55 -20.00 -9.02 15.91
C GLY A 55 -18.70 -8.64 16.57
N ASP A 56 -17.79 -8.05 15.82
CA ASP A 56 -16.48 -7.68 16.37
C ASP A 56 -16.44 -6.21 16.77
N GLU A 57 -16.03 -5.96 18.00
CA GLU A 57 -15.87 -4.60 18.49
C GLU A 57 -14.44 -4.16 18.28
N ILE A 58 -14.21 -3.39 17.23
CA ILE A 58 -12.86 -2.93 16.93
C ILE A 58 -12.78 -1.42 17.12
N LEU A 59 -11.56 -0.91 17.14
CA LEU A 59 -11.34 0.50 17.35
C LEU A 59 -11.05 1.19 16.02
N VAL A 60 -12.03 1.94 15.52
CA VAL A 60 -11.90 2.64 14.24
C VAL A 60 -11.75 4.14 14.44
N LYS A 61 -11.31 4.81 13.40
CA LYS A 61 -11.20 6.25 13.41
C LYS A 61 -12.20 6.84 12.42
N VAL A 62 -12.81 7.96 12.78
CA VAL A 62 -13.75 8.63 11.89
C VAL A 62 -12.99 9.45 10.85
N LEU A 63 -13.19 9.12 9.58
CA LEU A 63 -12.51 9.80 8.50
C LEU A 63 -13.37 10.90 7.88
N LYS A 64 -14.66 10.63 7.70
CA LYS A 64 -15.56 11.59 7.07
C LYS A 64 -16.89 11.57 7.78
N PHE A 65 -17.82 12.38 7.30
CA PHE A 65 -19.16 12.42 7.81
C PHE A 65 -20.15 12.62 6.68
N ASP A 66 -21.35 12.07 6.85
CA ASP A 66 -22.43 12.20 5.87
C ASP A 66 -22.82 13.68 5.80
N ARG A 67 -23.78 13.99 4.91
CA ARG A 67 -24.17 15.38 4.64
C ARG A 67 -23.98 16.29 5.85
N ASP A 68 -24.70 16.14 6.97
CA ASP A 68 -24.32 16.94 8.13
C ASP A 68 -23.72 16.07 9.24
N ARG A 69 -24.52 15.16 9.82
CA ARG A 69 -24.01 14.23 10.84
C ARG A 69 -24.50 12.80 10.63
N THR A 70 -25.76 12.71 10.17
CA THR A 70 -26.54 11.46 10.00
C THR A 70 -25.73 10.15 9.87
N ARG A 71 -24.76 10.07 8.97
CA ARG A 71 -23.96 8.86 8.83
C ARG A 71 -22.48 9.23 8.89
N VAL A 72 -21.58 8.25 8.88
CA VAL A 72 -20.17 8.57 9.01
C VAL A 72 -19.27 7.60 8.25
N SER A 73 -18.04 8.04 8.01
CA SER A 73 -17.03 7.22 7.36
C SER A 73 -15.95 6.81 8.36
N LEU A 74 -15.63 5.52 8.40
CA LEU A 74 -14.63 5.01 9.33
C LEU A 74 -13.39 4.53 8.60
N GLY A 75 -12.40 4.17 9.38
CA GLY A 75 -11.19 3.64 8.85
C GLY A 75 -10.56 2.63 9.77
N LEU A 76 -9.76 1.74 9.19
CA LEU A 76 -9.08 0.70 9.97
C LEU A 76 -7.57 0.79 9.77
N LYS A 77 -7.14 1.27 8.60
CA LYS A 77 -5.72 1.33 8.30
C LYS A 77 -5.00 2.53 8.93
N GLN A 78 -5.65 3.68 9.00
CA GLN A 78 -4.99 4.87 9.52
C GLN A 78 -4.74 4.76 11.02
N LEU A 79 -5.41 3.83 11.71
CA LEU A 79 -5.15 3.63 13.13
C LEU A 79 -3.71 3.18 13.33
N GLY A 80 -3.18 2.47 12.35
CA GLY A 80 -1.85 1.92 12.43
C GLY A 80 -0.80 2.82 11.82
N GLU A 81 0.02 2.21 10.98
CA GLU A 81 1.10 2.98 10.37
C GLU A 81 1.14 2.68 8.87
N ASP A 82 1.09 3.68 8.03
CA ASP A 82 1.20 3.44 6.60
C ASP A 82 2.70 3.34 6.26
N PRO A 83 3.15 2.22 5.66
CA PRO A 83 4.58 2.00 5.39
C PRO A 83 5.19 2.96 4.38
N TRP A 84 4.37 3.67 3.62
CA TRP A 84 4.87 4.56 2.59
C TRP A 84 5.18 5.95 3.13
N VAL A 85 4.59 6.31 4.26
CA VAL A 85 4.82 7.63 4.84
C VAL A 85 6.26 7.76 5.31
N ALA A 86 6.80 6.67 5.84
CA ALA A 86 8.16 6.63 6.34
C ALA A 86 9.13 6.06 5.33
N ILE A 87 8.61 5.60 4.19
CA ILE A 87 9.45 4.97 3.18
C ILE A 87 10.63 5.88 2.79
N ALA A 88 10.39 7.17 2.87
CA ALA A 88 11.39 8.16 2.51
C ALA A 88 12.50 8.22 3.57
N LYS A 89 12.15 8.04 4.84
CA LYS A 89 13.16 8.06 5.89
C LYS A 89 13.81 6.69 6.05
N ARG A 90 13.08 5.63 5.66
CA ARG A 90 13.63 4.29 5.74
C ARG A 90 14.73 4.14 4.70
N TYR A 91 14.35 4.35 3.45
CA TYR A 91 15.28 4.28 2.34
C TYR A 91 14.98 5.33 1.28
N PRO A 92 15.61 6.52 1.39
CA PRO A 92 15.42 7.61 0.42
C PRO A 92 16.06 7.30 -0.92
N GLU A 93 15.99 8.25 -1.84
CA GLU A 93 16.54 8.04 -3.17
C GLU A 93 18.06 7.92 -3.10
N GLY A 94 18.59 6.88 -3.76
CA GLY A 94 20.01 6.63 -3.72
C GLY A 94 20.40 5.51 -2.76
N HIS A 95 19.46 5.12 -1.89
CA HIS A 95 19.71 4.04 -0.93
C HIS A 95 19.74 2.67 -1.64
N LYS A 96 20.62 1.79 -1.18
CA LYS A 96 20.72 0.43 -1.72
C LYS A 96 19.85 -0.51 -0.91
N LEU A 97 18.98 -1.26 -1.57
CA LEU A 97 18.09 -2.19 -0.92
C LEU A 97 17.99 -3.49 -1.70
N SER A 98 17.66 -4.56 -1.00
CA SER A 98 17.49 -5.85 -1.64
C SER A 98 16.00 -6.16 -1.82
N GLY A 99 15.61 -6.37 -3.06
CA GLY A 99 14.22 -6.69 -3.38
C GLY A 99 14.12 -8.05 -4.06
N ARG A 100 12.92 -8.42 -4.49
CA ARG A 100 12.74 -9.66 -5.21
C ARG A 100 11.67 -9.49 -6.27
N VAL A 101 11.98 -9.95 -7.49
CA VAL A 101 11.06 -9.83 -8.60
C VAL A 101 9.81 -10.67 -8.34
N THR A 102 8.67 -10.02 -8.32
CA THR A 102 7.40 -10.67 -8.03
C THR A 102 6.51 -10.73 -9.26
N ASN A 103 6.78 -9.86 -10.21
CA ASN A 103 6.00 -9.72 -11.42
C ASN A 103 6.91 -9.29 -12.55
N LEU A 104 6.56 -9.69 -13.76
CA LEU A 104 7.37 -9.36 -14.91
C LEU A 104 6.46 -8.80 -15.99
N THR A 105 6.83 -7.65 -16.51
CA THR A 105 6.03 -7.01 -17.54
C THR A 105 6.85 -6.93 -18.81
N ASP A 106 6.40 -6.16 -19.77
CA ASP A 106 7.15 -5.96 -21.01
C ASP A 106 7.89 -4.63 -20.94
N TYR A 107 7.45 -3.78 -20.02
CA TYR A 107 8.03 -2.45 -19.86
C TYR A 107 8.82 -2.35 -18.56
N GLY A 108 9.24 -3.49 -18.03
CA GLY A 108 10.00 -3.48 -16.77
C GLY A 108 9.64 -4.64 -15.86
N CYS A 109 10.22 -4.66 -14.68
CA CYS A 109 9.95 -5.71 -13.72
C CYS A 109 9.60 -5.14 -12.36
N PHE A 110 8.66 -5.77 -11.69
CA PHE A 110 8.24 -5.38 -10.37
C PHE A 110 9.05 -6.11 -9.32
N VAL A 111 9.59 -5.36 -8.38
CA VAL A 111 10.44 -5.91 -7.34
C VAL A 111 9.88 -5.57 -5.95
N GLU A 112 9.52 -6.59 -5.19
CA GLU A 112 8.96 -6.38 -3.87
C GLU A 112 10.05 -6.06 -2.87
N ILE A 113 9.92 -4.90 -2.27
CA ILE A 113 10.89 -4.43 -1.30
C ILE A 113 10.54 -5.00 0.08
N GLU A 114 9.25 -5.13 0.28
CA GLU A 114 8.69 -5.61 1.54
C GLU A 114 7.19 -5.79 1.38
N GLU A 115 6.55 -6.35 2.39
CA GLU A 115 5.12 -6.59 2.33
C GLU A 115 4.35 -5.27 2.36
N GLY A 116 3.84 -4.90 1.20
CA GLY A 116 3.11 -3.66 1.06
C GLY A 116 3.87 -2.65 0.23
N VAL A 117 5.15 -2.93 0.00
CA VAL A 117 5.98 -2.04 -0.81
C VAL A 117 6.62 -2.82 -1.94
N GLU A 118 6.20 -2.51 -3.13
CA GLU A 118 6.69 -3.15 -4.34
C GLU A 118 6.99 -2.07 -5.36
N GLY A 119 8.24 -2.03 -5.81
CA GLY A 119 8.67 -1.02 -6.74
C GLY A 119 8.79 -1.56 -8.16
N LEU A 120 9.15 -0.68 -9.08
CA LEU A 120 9.25 -1.06 -10.49
C LEU A 120 10.55 -0.55 -11.11
N VAL A 121 11.17 -1.42 -11.90
CA VAL A 121 12.38 -1.07 -12.62
C VAL A 121 12.08 -0.97 -14.11
N HIS A 122 12.44 0.15 -14.71
CA HIS A 122 12.20 0.39 -16.12
C HIS A 122 13.18 -0.40 -16.97
N VAL A 123 12.71 -0.91 -18.12
CA VAL A 123 13.54 -1.71 -19.04
C VAL A 123 14.89 -1.07 -19.35
N SER A 124 14.92 0.23 -19.48
CA SER A 124 16.17 0.94 -19.78
C SER A 124 17.14 0.87 -18.59
N GLU A 125 16.57 0.75 -17.39
CA GLU A 125 17.36 0.73 -16.17
C GLU A 125 17.66 -0.71 -15.71
N MET A 126 17.29 -1.69 -16.54
CA MET A 126 17.50 -3.10 -16.21
C MET A 126 18.94 -3.52 -16.48
N ASP A 127 19.41 -3.28 -17.70
CA ASP A 127 20.75 -3.66 -18.10
C ASP A 127 21.44 -2.51 -18.82
N TRP A 128 22.70 -2.70 -19.20
CA TRP A 128 23.47 -1.66 -19.90
C TRP A 128 23.45 -1.88 -21.41
N THR A 129 23.14 -3.10 -21.83
CA THR A 129 23.16 -3.46 -23.24
C THR A 129 22.04 -2.78 -24.04
N ASN A 130 20.82 -3.18 -23.77
CA ASN A 130 19.66 -2.67 -24.49
C ASN A 130 18.77 -1.83 -23.58
N LYS A 131 18.34 -0.69 -24.11
CA LYS A 131 17.51 0.25 -23.36
C LYS A 131 16.04 -0.16 -23.35
N ASN A 132 15.69 -1.14 -24.16
CA ASN A 132 14.32 -1.65 -24.21
C ASN A 132 14.35 -3.16 -24.03
N ILE A 133 15.42 -3.62 -23.39
CA ILE A 133 15.61 -5.05 -23.15
C ILE A 133 14.45 -5.63 -22.36
N HIS A 134 13.95 -6.77 -22.81
CA HIS A 134 12.86 -7.42 -22.12
C HIS A 134 13.36 -7.82 -20.73
N PRO A 135 12.61 -7.50 -19.66
CA PRO A 135 13.04 -7.78 -18.28
C PRO A 135 13.32 -9.26 -18.04
N SER A 136 12.78 -10.13 -18.89
CA SER A 136 12.98 -11.56 -18.74
C SER A 136 14.40 -11.97 -19.13
N LYS A 137 15.06 -11.13 -19.94
CA LYS A 137 16.41 -11.44 -20.38
C LYS A 137 17.39 -11.16 -19.24
N VAL A 138 16.97 -10.31 -18.31
CA VAL A 138 17.82 -9.93 -17.19
C VAL A 138 17.45 -10.72 -15.92
N VAL A 139 16.15 -10.79 -15.62
CA VAL A 139 15.66 -11.46 -14.43
C VAL A 139 14.37 -12.22 -14.68
N ASN A 140 13.96 -12.99 -13.68
CA ASN A 140 12.71 -13.72 -13.71
C ASN A 140 11.99 -13.52 -12.40
N VAL A 141 10.71 -13.85 -12.37
CA VAL A 141 9.92 -13.72 -11.15
C VAL A 141 10.33 -14.80 -10.15
N GLY A 142 10.88 -14.36 -9.03
CA GLY A 142 11.35 -15.28 -8.02
C GLY A 142 12.79 -14.99 -7.66
N ASP A 143 13.46 -14.26 -8.55
CA ASP A 143 14.85 -13.90 -8.32
C ASP A 143 14.96 -12.76 -7.34
N GLU A 144 15.69 -13.01 -6.26
CA GLU A 144 15.96 -11.98 -5.29
C GLU A 144 17.13 -11.16 -5.82
N VAL A 145 16.95 -9.86 -5.86
CA VAL A 145 17.96 -8.97 -6.44
C VAL A 145 18.12 -7.70 -5.62
N GLU A 146 19.14 -6.94 -5.95
CA GLU A 146 19.39 -5.69 -5.27
C GLU A 146 19.07 -4.54 -6.19
N VAL A 147 18.45 -3.51 -5.64
CA VAL A 147 18.07 -2.35 -6.40
C VAL A 147 18.35 -1.08 -5.59
N MET A 148 18.36 0.05 -6.27
CA MET A 148 18.57 1.33 -5.61
C MET A 148 17.39 2.23 -5.89
N VAL A 149 16.95 2.96 -4.86
CA VAL A 149 15.81 3.85 -4.99
C VAL A 149 16.08 4.92 -6.04
N LEU A 150 15.29 4.90 -7.11
CA LEU A 150 15.47 5.85 -8.19
C LEU A 150 14.48 6.99 -8.02
N GLU A 151 13.23 6.67 -7.68
CA GLU A 151 12.19 7.67 -7.54
C GLU A 151 10.95 7.11 -6.85
N ILE A 152 10.65 7.63 -5.66
CA ILE A 152 9.44 7.21 -4.94
C ILE A 152 8.42 8.34 -4.87
N ASP A 153 7.16 7.99 -5.10
CA ASP A 153 6.03 8.91 -4.98
C ASP A 153 5.06 8.34 -3.97
N GLU A 154 5.16 8.78 -2.73
CA GLU A 154 4.31 8.27 -1.67
C GLU A 154 2.86 8.67 -1.91
N GLU A 155 2.69 9.80 -2.58
CA GLU A 155 1.38 10.34 -2.86
C GLU A 155 0.70 9.64 -4.02
N ARG A 156 1.44 9.44 -5.10
CA ARG A 156 0.89 8.85 -6.32
C ARG A 156 1.04 7.35 -6.23
N ARG A 157 1.61 6.94 -5.13
CA ARG A 157 1.92 5.55 -4.83
C ARG A 157 2.57 4.85 -6.02
N ARG A 158 3.72 5.40 -6.39
CA ARG A 158 4.56 4.88 -7.45
C ARG A 158 5.99 4.80 -6.95
N ILE A 159 6.64 3.69 -7.22
CA ILE A 159 8.02 3.51 -6.79
C ILE A 159 8.91 3.01 -7.95
N SER A 160 10.03 3.69 -8.11
CA SER A 160 10.97 3.42 -9.18
C SER A 160 12.31 2.95 -8.60
N LEU A 161 12.85 1.87 -9.16
CA LEU A 161 14.15 1.35 -8.72
C LEU A 161 15.09 1.19 -9.91
N GLY A 162 16.38 1.11 -9.60
CA GLY A 162 17.38 0.87 -10.62
C GLY A 162 18.01 -0.49 -10.46
N LEU A 163 18.26 -1.17 -11.57
CA LEU A 163 18.83 -2.51 -11.51
C LEU A 163 20.32 -2.48 -11.86
N LYS A 164 20.67 -1.80 -12.96
CA LYS A 164 22.08 -1.75 -13.41
C LYS A 164 23.00 -1.19 -12.34
N GLN A 165 22.40 -0.54 -11.35
CA GLN A 165 23.14 0.03 -10.23
C GLN A 165 23.93 -1.06 -9.46
N CYS A 166 23.46 -2.31 -9.54
CA CYS A 166 24.15 -3.42 -8.87
C CYS A 166 24.93 -4.24 -9.90
N LYS A 167 24.88 -3.80 -11.14
CA LYS A 167 25.54 -4.49 -12.23
C LYS A 167 26.98 -4.02 -12.37
N ALA A 168 27.80 -4.82 -13.04
CA ALA A 168 29.20 -4.50 -13.25
C ALA A 168 29.38 -3.76 -14.56
N ASN A 169 30.41 -2.94 -14.65
CA ASN A 169 30.69 -2.20 -15.86
C ASN A 169 31.37 -3.15 -16.85
N PRO A 170 30.89 -3.24 -18.10
CA PRO A 170 31.45 -4.18 -19.09
C PRO A 170 32.90 -3.93 -19.45
N TRP A 171 33.40 -2.75 -19.14
CA TRP A 171 34.78 -2.41 -19.46
C TRP A 171 35.69 -2.74 -18.29
N GLN A 172 35.20 -3.61 -17.40
CA GLN A 172 35.94 -3.98 -16.21
C GLN A 172 35.76 -5.46 -15.94
N SER A 173 36.74 -6.07 -15.30
CA SER A 173 36.67 -7.48 -14.95
C SER A 173 37.52 -7.74 -13.72
N GLY A 1 -19.99 9.69 22.20
CA GLY A 1 -19.24 8.54 21.62
C GLY A 1 -19.38 8.48 20.11
N ALA A 2 -20.61 8.44 19.65
CA ALA A 2 -20.91 8.37 18.22
C ALA A 2 -20.87 9.75 17.58
N MET A 3 -21.55 9.89 16.43
CA MET A 3 -21.62 11.16 15.66
C MET A 3 -21.93 12.37 16.56
N GLU A 4 -22.55 12.11 17.71
CA GLU A 4 -22.88 13.13 18.69
C GLU A 4 -21.64 13.93 19.14
N THR A 5 -20.51 13.23 19.21
CA THR A 5 -19.25 13.83 19.65
C THR A 5 -18.11 13.38 18.75
N LEU A 6 -18.47 12.77 17.65
CA LEU A 6 -17.50 12.24 16.72
C LEU A 6 -17.15 13.28 15.67
N GLN A 7 -15.90 13.33 15.30
CA GLN A 7 -15.43 14.27 14.32
C GLN A 7 -14.23 13.70 13.60
N GLU A 8 -14.21 13.86 12.28
CA GLU A 8 -13.14 13.35 11.43
C GLU A 8 -11.76 13.36 12.10
N GLY A 9 -11.09 12.21 12.06
CA GLY A 9 -9.79 12.05 12.69
C GLY A 9 -9.87 11.42 14.08
N SER A 10 -11.05 11.47 14.70
CA SER A 10 -11.24 10.95 16.05
C SER A 10 -11.29 9.41 16.08
N GLU A 11 -10.51 8.82 16.97
CA GLU A 11 -10.53 7.37 17.14
C GLU A 11 -11.63 6.93 18.08
N VAL A 12 -12.44 6.01 17.60
CA VAL A 12 -13.57 5.48 18.38
C VAL A 12 -13.79 4.01 18.04
N LYS A 13 -14.19 3.22 19.04
CA LYS A 13 -14.42 1.80 18.83
C LYS A 13 -15.85 1.55 18.40
N GLY A 14 -16.03 0.61 17.49
CA GLY A 14 -17.36 0.27 17.02
C GLY A 14 -17.50 -1.22 16.76
N ILE A 15 -18.72 -1.66 16.50
CA ILE A 15 -19.00 -3.06 16.26
C ILE A 15 -19.30 -3.33 14.78
N VAL A 16 -18.48 -4.15 14.17
CA VAL A 16 -18.70 -4.54 12.77
C VAL A 16 -19.71 -5.66 12.74
N LYS A 17 -20.96 -5.32 12.50
CA LYS A 17 -22.04 -6.30 12.51
C LYS A 17 -22.51 -6.69 11.11
N ASN A 18 -21.88 -6.13 10.09
CA ASN A 18 -22.28 -6.44 8.72
C ASN A 18 -21.09 -6.33 7.81
N LEU A 19 -21.01 -7.20 6.81
CA LEU A 19 -19.88 -7.22 5.90
C LEU A 19 -20.39 -7.37 4.47
N THR A 20 -20.23 -6.33 3.67
CA THR A 20 -20.66 -6.36 2.28
C THR A 20 -19.50 -6.78 1.39
N ASP A 21 -19.67 -6.68 0.07
CA ASP A 21 -18.61 -7.08 -0.85
C ASP A 21 -17.78 -5.88 -1.27
N TYR A 22 -18.20 -4.70 -0.83
CA TYR A 22 -17.49 -3.45 -1.15
C TYR A 22 -17.04 -2.74 0.12
N GLY A 23 -17.40 -3.30 1.26
CA GLY A 23 -17.06 -2.71 2.54
C GLY A 23 -17.80 -3.36 3.68
N ALA A 24 -18.00 -2.63 4.76
CA ALA A 24 -18.69 -3.17 5.92
C ALA A 24 -19.48 -2.07 6.65
N PHE A 25 -20.17 -2.45 7.71
CA PHE A 25 -20.94 -1.48 8.50
C PHE A 25 -20.68 -1.66 10.01
N VAL A 26 -20.28 -0.55 10.64
CA VAL A 26 -19.97 -0.52 12.07
C VAL A 26 -21.03 0.23 12.85
N ASP A 27 -21.40 -0.33 14.00
CA ASP A 27 -22.37 0.31 14.89
C ASP A 27 -21.64 1.17 15.91
N LEU A 28 -21.91 2.47 15.92
CA LEU A 28 -21.27 3.38 16.86
C LEU A 28 -22.11 3.53 18.10
N GLY A 29 -23.19 2.76 18.17
CA GLY A 29 -24.12 2.86 19.26
C GLY A 29 -25.24 3.81 18.94
N GLY A 30 -26.04 3.45 17.92
CA GLY A 30 -27.15 4.28 17.53
C GLY A 30 -27.05 4.80 16.11
N VAL A 31 -25.87 4.69 15.51
CA VAL A 31 -25.66 5.15 14.14
C VAL A 31 -24.71 4.20 13.42
N ASP A 32 -24.94 3.98 12.14
CA ASP A 32 -24.12 3.08 11.36
C ASP A 32 -23.09 3.86 10.54
N GLY A 33 -21.86 3.39 10.55
CA GLY A 33 -20.81 3.99 9.76
C GLY A 33 -20.38 3.04 8.66
N LEU A 34 -20.22 3.57 7.46
CA LEU A 34 -19.78 2.77 6.33
C LEU A 34 -18.29 2.81 6.21
N LEU A 35 -17.69 1.64 6.27
CA LEU A 35 -16.26 1.51 6.08
C LEU A 35 -16.08 0.77 4.77
N HIS A 36 -15.49 1.43 3.82
CA HIS A 36 -15.24 0.84 2.52
C HIS A 36 -14.04 -0.09 2.59
N ILE A 37 -14.06 -1.14 1.78
CA ILE A 37 -12.94 -2.09 1.71
C ILE A 37 -11.61 -1.35 1.54
N THR A 38 -11.68 -0.20 0.91
CA THR A 38 -10.54 0.67 0.68
C THR A 38 -9.86 1.17 1.96
N ASP A 39 -10.64 1.34 3.02
CA ASP A 39 -10.10 1.89 4.27
C ASP A 39 -9.76 0.81 5.29
N MET A 40 -9.86 -0.46 4.89
CA MET A 40 -9.59 -1.57 5.81
C MET A 40 -8.09 -1.78 6.06
N ALA A 41 -7.28 -1.48 5.06
CA ALA A 41 -5.84 -1.68 5.16
C ALA A 41 -5.10 -0.93 4.09
N TRP A 42 -3.80 -0.77 4.29
CA TRP A 42 -2.95 -0.05 3.35
C TRP A 42 -2.78 -0.83 2.04
N LYS A 43 -2.93 -2.15 2.13
CA LYS A 43 -2.73 -3.02 0.98
C LYS A 43 -4.00 -3.19 0.15
N ARG A 44 -3.93 -4.12 -0.79
CA ARG A 44 -5.05 -4.45 -1.65
C ARG A 44 -5.98 -5.48 -0.99
N VAL A 45 -6.90 -4.98 -0.19
CA VAL A 45 -7.88 -5.85 0.44
C VAL A 45 -8.96 -6.24 -0.54
N LYS A 46 -9.24 -7.54 -0.59
CA LYS A 46 -10.20 -8.07 -1.54
C LYS A 46 -11.59 -8.23 -0.94
N HIS A 47 -11.67 -8.39 0.36
CA HIS A 47 -12.94 -8.62 1.03
C HIS A 47 -12.78 -8.18 2.51
N PRO A 48 -13.83 -7.62 3.15
CA PRO A 48 -13.73 -7.10 4.52
C PRO A 48 -13.60 -8.21 5.59
N SER A 49 -14.18 -9.37 5.30
CA SER A 49 -14.16 -10.49 6.24
C SER A 49 -12.73 -10.96 6.52
N GLU A 50 -11.84 -10.63 5.61
CA GLU A 50 -10.44 -11.03 5.72
C GLU A 50 -9.73 -10.16 6.75
N ILE A 51 -10.31 -8.99 7.00
CA ILE A 51 -9.72 -7.99 7.91
C ILE A 51 -10.47 -7.97 9.25
N VAL A 52 -11.81 -7.97 9.18
CA VAL A 52 -12.64 -7.92 10.39
C VAL A 52 -13.90 -8.79 10.19
N ASN A 53 -14.45 -9.30 11.29
CA ASN A 53 -15.61 -10.18 11.21
C ASN A 53 -16.81 -9.61 11.93
N VAL A 54 -17.94 -10.25 11.75
CA VAL A 54 -19.19 -9.82 12.37
C VAL A 54 -19.14 -10.00 13.88
N GLY A 55 -19.44 -8.93 14.60
CA GLY A 55 -19.47 -8.97 16.05
C GLY A 55 -18.14 -8.63 16.68
N ASP A 56 -17.22 -8.05 15.91
CA ASP A 56 -15.91 -7.69 16.43
C ASP A 56 -15.86 -6.21 16.81
N GLU A 57 -15.48 -5.93 18.05
CA GLU A 57 -15.34 -4.55 18.51
C GLU A 57 -13.92 -4.09 18.26
N ILE A 58 -13.72 -3.32 17.22
CA ILE A 58 -12.39 -2.82 16.90
C ILE A 58 -12.36 -1.30 17.02
N LEU A 59 -11.17 -0.75 16.99
CA LEU A 59 -10.97 0.67 17.09
C LEU A 59 -10.82 1.27 15.71
N VAL A 60 -11.84 1.97 15.23
CA VAL A 60 -11.79 2.59 13.90
C VAL A 60 -11.60 4.09 14.02
N LYS A 61 -11.15 4.70 12.94
CA LYS A 61 -10.97 6.13 12.90
C LYS A 61 -11.94 6.76 11.89
N VAL A 62 -12.59 7.83 12.30
CA VAL A 62 -13.53 8.52 11.41
C VAL A 62 -12.79 9.29 10.34
N LEU A 63 -13.09 9.03 9.07
CA LEU A 63 -12.41 9.70 7.98
C LEU A 63 -13.25 10.79 7.38
N LYS A 64 -14.56 10.55 7.28
CA LYS A 64 -15.47 11.51 6.66
C LYS A 64 -16.77 11.52 7.42
N PHE A 65 -17.69 12.33 6.96
CA PHE A 65 -19.02 12.40 7.52
C PHE A 65 -20.04 12.60 6.40
N ASP A 66 -21.19 11.96 6.55
CA ASP A 66 -22.28 12.09 5.60
C ASP A 66 -22.83 13.52 5.70
N ARG A 67 -23.81 13.89 4.85
CA ARG A 67 -24.29 15.30 4.76
C ARG A 67 -24.12 16.11 6.05
N ASP A 68 -24.82 15.83 7.18
CA ASP A 68 -24.47 16.59 8.38
C ASP A 68 -23.83 15.71 9.46
N ARG A 69 -24.59 14.74 10.02
CA ARG A 69 -24.04 13.79 11.00
C ARG A 69 -24.47 12.35 10.72
N THR A 70 -25.72 12.25 10.26
CA THR A 70 -26.46 11.01 9.97
C THR A 70 -25.61 9.75 9.76
N ARG A 71 -24.57 9.84 8.94
CA ARG A 71 -23.73 8.70 8.65
C ARG A 71 -22.26 9.13 8.61
N VAL A 72 -21.33 8.19 8.68
CA VAL A 72 -19.92 8.53 8.75
C VAL A 72 -19.04 7.54 8.00
N SER A 73 -17.81 7.97 7.70
CA SER A 73 -16.83 7.10 7.07
C SER A 73 -15.82 6.65 8.12
N LEU A 74 -15.53 5.36 8.16
CA LEU A 74 -14.55 4.85 9.10
C LEU A 74 -13.29 4.45 8.36
N GLY A 75 -12.29 4.16 9.14
CA GLY A 75 -11.02 3.70 8.64
C GLY A 75 -10.45 2.65 9.54
N LEU A 76 -9.82 1.63 8.96
CA LEU A 76 -9.29 0.56 9.76
C LEU A 76 -7.80 0.40 9.52
N LYS A 77 -7.24 1.34 8.78
CA LYS A 77 -5.83 1.29 8.43
C LYS A 77 -5.08 2.51 8.99
N GLN A 78 -5.76 3.66 9.07
CA GLN A 78 -5.13 4.87 9.59
C GLN A 78 -5.06 4.87 11.12
N LEU A 79 -5.28 3.72 11.73
CA LEU A 79 -5.12 3.59 13.17
C LEU A 79 -3.64 3.45 13.47
N GLY A 80 -2.91 3.17 12.40
CA GLY A 80 -1.47 3.05 12.45
C GLY A 80 -0.86 3.89 11.36
N GLU A 81 0.44 3.79 11.17
CA GLU A 81 1.11 4.57 10.14
C GLU A 81 1.33 3.74 8.89
N ASP A 82 0.87 4.24 7.74
CA ASP A 82 1.06 3.56 6.46
C ASP A 82 2.55 3.36 6.21
N PRO A 83 2.97 2.18 5.71
CA PRO A 83 4.38 1.95 5.44
C PRO A 83 4.89 2.85 4.32
N TRP A 84 3.96 3.41 3.56
CA TRP A 84 4.30 4.28 2.45
C TRP A 84 4.53 5.72 2.87
N VAL A 85 3.79 6.21 3.85
CA VAL A 85 3.92 7.61 4.25
C VAL A 85 5.25 7.84 4.96
N ALA A 86 5.79 6.79 5.56
CA ALA A 86 7.09 6.85 6.21
C ALA A 86 8.19 6.25 5.33
N ILE A 87 7.80 5.69 4.19
CA ILE A 87 8.72 5.01 3.30
C ILE A 87 9.93 5.88 2.96
N ALA A 88 9.71 7.19 2.86
CA ALA A 88 10.78 8.12 2.52
C ALA A 88 11.80 8.22 3.65
N LYS A 89 11.38 8.07 4.90
CA LYS A 89 12.33 8.14 6.01
C LYS A 89 12.98 6.78 6.24
N ARG A 90 12.30 5.71 5.81
CA ARG A 90 12.85 4.37 5.93
C ARG A 90 14.01 4.21 4.96
N TYR A 91 13.70 4.46 3.70
CA TYR A 91 14.68 4.35 2.64
C TYR A 91 14.42 5.35 1.50
N PRO A 92 15.09 6.50 1.55
CA PRO A 92 15.00 7.52 0.49
C PRO A 92 15.91 7.17 -0.68
N GLU A 93 15.92 8.01 -1.70
CA GLU A 93 16.76 7.78 -2.88
C GLU A 93 18.22 7.58 -2.50
N GLY A 94 18.83 6.57 -3.10
CA GLY A 94 20.22 6.27 -2.82
C GLY A 94 20.40 5.08 -1.91
N HIS A 95 19.39 4.77 -1.10
CA HIS A 95 19.46 3.62 -0.20
C HIS A 95 19.41 2.31 -0.98
N LYS A 96 20.25 1.36 -0.58
CA LYS A 96 20.30 0.03 -1.18
C LYS A 96 19.35 -0.90 -0.44
N LEU A 97 18.47 -1.55 -1.16
CA LEU A 97 17.52 -2.48 -0.55
C LEU A 97 17.40 -3.74 -1.39
N SER A 98 17.08 -4.83 -0.74
CA SER A 98 16.90 -6.10 -1.42
C SER A 98 15.42 -6.36 -1.69
N GLY A 99 15.07 -6.43 -2.96
CA GLY A 99 13.70 -6.67 -3.37
C GLY A 99 13.60 -7.88 -4.29
N ARG A 100 12.52 -8.64 -4.18
CA ARG A 100 12.32 -9.79 -5.07
C ARG A 100 11.37 -9.47 -6.20
N VAL A 101 11.72 -9.90 -7.42
CA VAL A 101 10.87 -9.69 -8.58
C VAL A 101 9.58 -10.50 -8.43
N THR A 102 8.46 -9.82 -8.47
CA THR A 102 7.16 -10.46 -8.27
C THR A 102 6.30 -10.49 -9.54
N ASN A 103 6.64 -9.63 -10.48
CA ASN A 103 5.90 -9.48 -11.71
C ASN A 103 6.81 -9.00 -12.81
N LEU A 104 6.62 -9.54 -13.99
CA LEU A 104 7.44 -9.20 -15.13
C LEU A 104 6.57 -8.59 -16.21
N THR A 105 7.03 -7.53 -16.84
CA THR A 105 6.27 -6.88 -17.89
C THR A 105 7.13 -6.76 -19.14
N ASP A 106 6.69 -5.97 -20.11
CA ASP A 106 7.49 -5.73 -21.30
C ASP A 106 8.20 -4.38 -21.20
N TYR A 107 7.87 -3.62 -20.16
CA TYR A 107 8.43 -2.28 -19.97
C TYR A 107 9.17 -2.16 -18.64
N GLY A 108 9.54 -3.29 -18.05
CA GLY A 108 10.21 -3.26 -16.77
C GLY A 108 9.83 -4.44 -15.92
N CYS A 109 10.43 -4.52 -14.75
CA CYS A 109 10.14 -5.60 -13.82
C CYS A 109 9.72 -5.05 -12.47
N PHE A 110 8.70 -5.66 -11.90
CA PHE A 110 8.19 -5.29 -10.60
C PHE A 110 8.95 -6.02 -9.52
N VAL A 111 9.35 -5.28 -8.51
CA VAL A 111 10.14 -5.83 -7.42
C VAL A 111 9.50 -5.47 -6.08
N GLU A 112 9.05 -6.48 -5.33
CA GLU A 112 8.40 -6.21 -4.05
C GLU A 112 9.43 -6.07 -2.95
N ILE A 113 9.38 -4.92 -2.31
CA ILE A 113 10.32 -4.54 -1.28
C ILE A 113 9.97 -5.15 0.07
N GLU A 114 8.67 -5.26 0.30
CA GLU A 114 8.15 -5.77 1.57
C GLU A 114 6.64 -5.91 1.52
N GLU A 115 6.06 -6.30 2.66
CA GLU A 115 4.61 -6.48 2.80
C GLU A 115 3.87 -5.17 2.55
N GLY A 116 3.30 -5.04 1.36
CA GLY A 116 2.52 -3.86 1.03
C GLY A 116 3.31 -2.85 0.22
N VAL A 117 4.61 -3.08 0.06
CA VAL A 117 5.43 -2.18 -0.73
C VAL A 117 6.07 -2.92 -1.89
N GLU A 118 5.68 -2.53 -3.09
CA GLU A 118 6.20 -3.12 -4.30
C GLU A 118 6.56 -2.01 -5.28
N GLY A 119 7.79 -2.04 -5.74
CA GLY A 119 8.28 -1.04 -6.67
C GLY A 119 8.41 -1.57 -8.08
N LEU A 120 8.88 -0.72 -9.00
CA LEU A 120 9.04 -1.09 -10.39
C LEU A 120 10.35 -0.55 -10.95
N VAL A 121 11.03 -1.41 -11.69
CA VAL A 121 12.29 -1.05 -12.35
C VAL A 121 12.05 -0.92 -13.84
N HIS A 122 12.28 0.27 -14.38
CA HIS A 122 12.07 0.53 -15.80
C HIS A 122 13.16 -0.14 -16.63
N VAL A 123 12.77 -0.70 -17.78
CA VAL A 123 13.72 -1.38 -18.69
C VAL A 123 14.96 -0.52 -19.00
N SER A 124 14.77 0.79 -19.05
CA SER A 124 15.85 1.70 -19.39
C SER A 124 16.87 1.83 -18.26
N GLU A 125 16.45 1.57 -17.03
CA GLU A 125 17.35 1.73 -15.90
C GLU A 125 17.64 0.36 -15.26
N MET A 126 17.20 -0.72 -15.89
CA MET A 126 17.43 -2.03 -15.30
C MET A 126 18.69 -2.67 -15.87
N ASP A 127 19.04 -2.38 -17.11
CA ASP A 127 20.23 -2.96 -17.72
C ASP A 127 21.44 -2.06 -17.56
N TRP A 128 22.57 -2.60 -17.97
CA TRP A 128 23.84 -1.92 -17.98
C TRP A 128 23.81 -0.70 -18.89
N THR A 129 23.15 -0.84 -20.04
CA THR A 129 23.11 0.24 -21.01
C THR A 129 21.94 0.15 -21.98
N ASN A 130 21.40 -1.05 -22.19
CA ASN A 130 20.25 -1.23 -23.09
C ASN A 130 19.03 -0.53 -22.49
N LYS A 131 18.20 0.07 -23.34
CA LYS A 131 17.06 0.83 -22.85
C LYS A 131 15.73 0.07 -22.94
N ASN A 132 15.53 -0.71 -23.99
CA ASN A 132 14.27 -1.45 -24.15
C ASN A 132 14.48 -2.95 -24.08
N ILE A 133 15.60 -3.37 -23.52
CA ILE A 133 15.86 -4.80 -23.35
C ILE A 133 14.76 -5.41 -22.47
N HIS A 134 14.25 -6.56 -22.88
CA HIS A 134 13.17 -7.22 -22.16
C HIS A 134 13.66 -7.61 -20.75
N PRO A 135 12.85 -7.37 -19.71
CA PRO A 135 13.26 -7.66 -18.33
C PRO A 135 13.57 -9.13 -18.10
N SER A 136 13.04 -10.00 -18.95
CA SER A 136 13.24 -11.44 -18.82
C SER A 136 14.68 -11.83 -19.14
N LYS A 137 15.34 -10.97 -19.92
CA LYS A 137 16.71 -11.23 -20.34
C LYS A 137 17.66 -10.97 -19.18
N VAL A 138 17.19 -10.18 -18.22
CA VAL A 138 17.99 -9.83 -17.07
C VAL A 138 17.56 -10.63 -15.83
N VAL A 139 16.27 -10.58 -15.52
CA VAL A 139 15.73 -11.25 -14.33
C VAL A 139 14.44 -11.99 -14.64
N ASN A 140 13.91 -12.66 -13.62
CA ASN A 140 12.67 -13.39 -13.75
C ASN A 140 11.89 -13.27 -12.45
N VAL A 141 10.58 -13.52 -12.50
CA VAL A 141 9.75 -13.48 -11.31
C VAL A 141 10.16 -14.59 -10.36
N GLY A 142 10.48 -14.22 -9.14
CA GLY A 142 10.90 -15.20 -8.16
C GLY A 142 12.38 -15.04 -7.86
N ASP A 143 13.05 -14.25 -8.69
CA ASP A 143 14.46 -13.98 -8.50
C ASP A 143 14.64 -12.86 -7.51
N GLU A 144 15.33 -13.15 -6.43
CA GLU A 144 15.56 -12.14 -5.41
C GLU A 144 16.81 -11.35 -5.77
N VAL A 145 16.67 -10.04 -5.77
CA VAL A 145 17.75 -9.17 -6.20
C VAL A 145 17.84 -7.92 -5.33
N GLU A 146 18.77 -7.04 -5.68
CA GLU A 146 18.95 -5.81 -4.95
C GLU A 146 18.68 -4.63 -5.84
N VAL A 147 18.03 -3.64 -5.27
CA VAL A 147 17.65 -2.44 -5.98
C VAL A 147 17.94 -1.21 -5.14
N MET A 148 17.92 -0.06 -5.78
CA MET A 148 18.15 1.20 -5.09
C MET A 148 17.01 2.15 -5.41
N VAL A 149 16.58 2.88 -4.39
CA VAL A 149 15.47 3.82 -4.54
C VAL A 149 15.79 4.87 -5.58
N LEU A 150 14.97 4.95 -6.62
CA LEU A 150 15.18 5.93 -7.67
C LEU A 150 14.12 7.03 -7.61
N GLU A 151 12.88 6.64 -7.29
CA GLU A 151 11.78 7.59 -7.22
C GLU A 151 10.55 6.96 -6.56
N ILE A 152 10.14 7.49 -5.41
CA ILE A 152 8.95 7.00 -4.74
C ILE A 152 7.88 8.07 -4.68
N ASP A 153 6.68 7.72 -5.13
CA ASP A 153 5.53 8.61 -5.07
C ASP A 153 4.56 8.05 -4.06
N GLU A 154 4.60 8.59 -2.87
CA GLU A 154 3.74 8.14 -1.79
C GLU A 154 2.27 8.50 -2.07
N GLU A 155 2.04 9.58 -2.84
CA GLU A 155 0.70 10.05 -3.15
C GLU A 155 0.03 9.21 -4.25
N ARG A 156 0.75 9.02 -5.36
CA ARG A 156 0.22 8.29 -6.50
C ARG A 156 0.41 6.82 -6.27
N ARG A 157 1.07 6.51 -5.17
CA ARG A 157 1.40 5.17 -4.76
C ARG A 157 2.14 4.43 -5.88
N ARG A 158 3.23 5.04 -6.32
CA ARG A 158 4.08 4.46 -7.35
C ARG A 158 5.53 4.49 -6.88
N ILE A 159 6.23 3.38 -7.01
CA ILE A 159 7.62 3.29 -6.57
C ILE A 159 8.54 2.85 -7.71
N SER A 160 9.67 3.55 -7.82
CA SER A 160 10.66 3.30 -8.85
C SER A 160 11.98 2.86 -8.26
N LEU A 161 12.53 1.78 -8.79
CA LEU A 161 13.83 1.28 -8.34
C LEU A 161 14.78 1.16 -9.52
N GLY A 162 16.04 1.04 -9.19
CA GLY A 162 17.07 0.86 -10.20
C GLY A 162 17.74 -0.49 -10.04
N LEU A 163 18.20 -1.06 -11.13
CA LEU A 163 18.90 -2.34 -11.09
C LEU A 163 20.37 -2.09 -11.43
N LYS A 164 20.60 -1.22 -12.42
CA LYS A 164 21.95 -0.85 -12.85
C LYS A 164 22.78 -0.37 -11.67
N GLN A 165 22.11 0.14 -10.65
CA GLN A 165 22.75 0.65 -9.44
C GLN A 165 23.62 -0.42 -8.74
N CYS A 166 23.24 -1.69 -8.83
CA CYS A 166 24.01 -2.78 -8.20
C CYS A 166 25.02 -3.31 -9.22
N LYS A 167 25.11 -2.62 -10.35
CA LYS A 167 25.96 -3.01 -11.45
C LYS A 167 26.88 -1.87 -11.87
N ALA A 168 28.13 -2.18 -12.15
CA ALA A 168 29.05 -1.18 -12.65
C ALA A 168 28.52 -0.55 -13.93
N ASN A 169 28.16 0.73 -13.86
CA ASN A 169 27.60 1.42 -15.00
C ASN A 169 28.71 1.78 -15.99
N PRO A 170 28.40 1.90 -17.29
CA PRO A 170 29.40 2.24 -18.31
C PRO A 170 29.84 3.71 -18.27
N TRP A 171 29.22 4.47 -17.39
CA TRP A 171 29.51 5.90 -17.29
C TRP A 171 30.56 6.20 -16.20
N GLN A 172 30.98 5.17 -15.46
CA GLN A 172 31.98 5.35 -14.39
C GLN A 172 33.39 5.68 -14.93
N SER A 173 33.45 6.70 -15.79
CA SER A 173 34.69 7.16 -16.35
C SER A 173 35.31 8.21 -15.43
N GLY A 1 -21.08 7.14 22.24
CA GLY A 1 -19.84 7.42 21.47
C GLY A 1 -20.06 7.32 19.97
N ALA A 2 -21.06 8.04 19.49
CA ALA A 2 -21.39 8.04 18.08
C ALA A 2 -21.24 9.44 17.48
N MET A 3 -21.88 9.67 16.33
CA MET A 3 -21.88 10.99 15.64
C MET A 3 -22.22 12.14 16.61
N GLU A 4 -22.81 11.78 17.75
CA GLU A 4 -23.15 12.72 18.81
C GLU A 4 -21.92 13.50 19.26
N THR A 5 -20.77 12.83 19.26
CA THR A 5 -19.52 13.40 19.70
C THR A 5 -18.38 13.05 18.75
N LEU A 6 -18.73 12.46 17.62
CA LEU A 6 -17.72 12.07 16.63
C LEU A 6 -17.41 13.20 15.68
N GLN A 7 -16.14 13.32 15.37
CA GLN A 7 -15.65 14.28 14.43
C GLN A 7 -14.46 13.67 13.72
N GLU A 8 -14.44 13.84 12.41
CA GLU A 8 -13.37 13.30 11.56
C GLU A 8 -12.00 13.35 12.25
N GLY A 9 -11.30 12.23 12.18
CA GLY A 9 -10.01 12.10 12.83
C GLY A 9 -10.07 11.46 14.19
N SER A 10 -11.25 11.45 14.81
CA SER A 10 -11.40 10.88 16.16
C SER A 10 -11.31 9.35 16.13
N GLU A 11 -10.96 8.77 17.28
CA GLU A 11 -10.86 7.31 17.42
C GLU A 11 -11.92 6.78 18.37
N VAL A 12 -12.72 5.86 17.86
CA VAL A 12 -13.81 5.27 18.62
C VAL A 12 -14.03 3.82 18.22
N LYS A 13 -14.52 3.02 19.16
CA LYS A 13 -14.76 1.62 18.90
C LYS A 13 -16.18 1.40 18.40
N GLY A 14 -16.34 0.45 17.49
CA GLY A 14 -17.66 0.14 16.96
C GLY A 14 -17.86 -1.35 16.71
N ILE A 15 -19.10 -1.75 16.48
CA ILE A 15 -19.43 -3.15 16.24
C ILE A 15 -19.73 -3.41 14.77
N VAL A 16 -18.92 -4.26 14.16
CA VAL A 16 -19.13 -4.62 12.76
C VAL A 16 -20.27 -5.62 12.68
N LYS A 17 -21.46 -5.13 12.39
CA LYS A 17 -22.65 -5.97 12.32
C LYS A 17 -23.02 -6.40 10.90
N ASN A 18 -22.28 -5.94 9.90
CA ASN A 18 -22.58 -6.31 8.52
C ASN A 18 -21.33 -6.22 7.67
N LEU A 19 -21.33 -7.00 6.60
CA LEU A 19 -20.19 -7.08 5.70
C LEU A 19 -20.68 -7.18 4.26
N THR A 20 -20.38 -6.18 3.46
CA THR A 20 -20.76 -6.20 2.05
C THR A 20 -19.55 -6.55 1.20
N ASP A 21 -19.67 -6.45 -0.12
CA ASP A 21 -18.56 -6.77 -0.99
C ASP A 21 -17.79 -5.53 -1.42
N TYR A 22 -18.24 -4.39 -0.94
CA TYR A 22 -17.58 -3.11 -1.22
C TYR A 22 -17.16 -2.43 0.09
N GLY A 23 -17.61 -2.99 1.20
CA GLY A 23 -17.28 -2.43 2.49
C GLY A 23 -18.00 -3.15 3.61
N ALA A 24 -18.11 -2.50 4.76
CA ALA A 24 -18.78 -3.09 5.91
C ALA A 24 -19.56 -2.02 6.65
N PHE A 25 -20.34 -2.43 7.64
CA PHE A 25 -21.13 -1.49 8.44
C PHE A 25 -20.90 -1.72 9.94
N VAL A 26 -20.56 -0.62 10.63
CA VAL A 26 -20.31 -0.64 12.06
C VAL A 26 -21.36 0.14 12.83
N ASP A 27 -21.79 -0.43 13.94
CA ASP A 27 -22.76 0.21 14.82
C ASP A 27 -22.01 1.08 15.83
N LEU A 28 -22.24 2.37 15.80
CA LEU A 28 -21.61 3.30 16.73
C LEU A 28 -22.48 3.46 17.96
N GLY A 29 -23.54 2.67 18.00
CA GLY A 29 -24.51 2.74 19.07
C GLY A 29 -25.67 3.61 18.68
N GLY A 30 -26.35 3.23 17.59
CA GLY A 30 -27.51 3.97 17.12
C GLY A 30 -27.34 4.52 15.71
N VAL A 31 -26.17 4.32 15.13
CA VAL A 31 -25.91 4.80 13.78
C VAL A 31 -24.89 3.90 13.09
N ASP A 32 -25.13 3.60 11.82
CA ASP A 32 -24.26 2.72 11.06
C ASP A 32 -23.21 3.52 10.29
N GLY A 33 -21.95 3.14 10.46
CA GLY A 33 -20.88 3.77 9.71
C GLY A 33 -20.43 2.86 8.59
N LEU A 34 -20.13 3.42 7.44
CA LEU A 34 -19.68 2.63 6.31
C LEU A 34 -18.16 2.53 6.32
N LEU A 35 -17.65 1.32 6.42
CA LEU A 35 -16.21 1.09 6.43
C LEU A 35 -15.80 0.66 5.03
N HIS A 36 -15.14 1.54 4.33
CA HIS A 36 -14.73 1.27 2.96
C HIS A 36 -13.61 0.20 2.94
N ILE A 37 -13.79 -0.82 2.10
CA ILE A 37 -12.86 -1.95 1.99
C ILE A 37 -11.38 -1.56 1.81
N THR A 38 -11.10 -0.53 1.04
CA THR A 38 -9.72 -0.18 0.78
C THR A 38 -9.15 0.61 1.95
N ASP A 39 -9.99 0.89 2.93
CA ASP A 39 -9.57 1.62 4.11
C ASP A 39 -9.45 0.70 5.31
N MET A 40 -9.41 -0.60 5.04
CA MET A 40 -9.25 -1.59 6.10
C MET A 40 -7.78 -1.92 6.33
N ALA A 41 -6.98 -1.71 5.30
CA ALA A 41 -5.54 -1.97 5.39
C ALA A 41 -4.81 -1.29 4.25
N TRP A 42 -3.49 -1.22 4.37
CA TRP A 42 -2.66 -0.58 3.37
C TRP A 42 -2.48 -1.49 2.16
N LYS A 43 -2.65 -2.79 2.38
CA LYS A 43 -2.46 -3.79 1.34
C LYS A 43 -3.70 -3.95 0.47
N ARG A 44 -3.68 -4.98 -0.35
CA ARG A 44 -4.77 -5.30 -1.24
C ARG A 44 -5.88 -6.05 -0.53
N VAL A 45 -6.74 -5.32 0.17
CA VAL A 45 -7.89 -5.93 0.82
C VAL A 45 -8.96 -6.17 -0.21
N LYS A 46 -9.33 -7.44 -0.33
CA LYS A 46 -10.27 -7.84 -1.34
C LYS A 46 -11.66 -8.11 -0.78
N HIS A 47 -11.76 -8.32 0.52
CA HIS A 47 -13.06 -8.57 1.15
C HIS A 47 -12.97 -8.20 2.63
N PRO A 48 -14.03 -7.66 3.25
CA PRO A 48 -13.98 -7.20 4.66
C PRO A 48 -13.89 -8.34 5.67
N SER A 49 -14.51 -9.47 5.35
CA SER A 49 -14.51 -10.64 6.24
C SER A 49 -13.10 -11.14 6.51
N GLU A 50 -12.18 -10.78 5.63
CA GLU A 50 -10.80 -11.19 5.78
C GLU A 50 -10.12 -10.36 6.89
N ILE A 51 -10.62 -9.13 7.05
CA ILE A 51 -10.06 -8.19 8.03
C ILE A 51 -10.88 -8.20 9.34
N VAL A 52 -12.21 -8.13 9.22
CA VAL A 52 -13.09 -8.09 10.39
C VAL A 52 -14.40 -8.82 10.09
N ASN A 53 -15.04 -9.38 11.11
CA ASN A 53 -16.27 -10.16 10.92
C ASN A 53 -17.44 -9.56 11.69
N VAL A 54 -18.60 -10.17 11.50
CA VAL A 54 -19.82 -9.74 12.16
C VAL A 54 -19.74 -10.00 13.68
N GLY A 55 -20.03 -8.95 14.44
CA GLY A 55 -20.03 -9.04 15.89
C GLY A 55 -18.69 -8.70 16.49
N ASP A 56 -17.79 -8.09 15.73
CA ASP A 56 -16.47 -7.75 16.24
C ASP A 56 -16.42 -6.29 16.69
N GLU A 57 -15.97 -6.08 17.92
CA GLU A 57 -15.81 -4.74 18.44
C GLU A 57 -14.36 -4.32 18.23
N ILE A 58 -14.12 -3.45 17.26
CA ILE A 58 -12.76 -3.00 16.99
C ILE A 58 -12.68 -1.49 17.15
N LEU A 59 -11.48 -0.97 17.16
CA LEU A 59 -11.25 0.45 17.33
C LEU A 59 -10.96 1.09 15.97
N VAL A 60 -11.94 1.83 15.46
CA VAL A 60 -11.80 2.50 14.16
C VAL A 60 -11.69 4.01 14.31
N LYS A 61 -11.18 4.64 13.27
CA LYS A 61 -11.08 6.08 13.24
C LYS A 61 -12.08 6.62 12.23
N VAL A 62 -12.68 7.75 12.57
CA VAL A 62 -13.62 8.40 11.66
C VAL A 62 -12.85 9.17 10.60
N LEU A 63 -13.05 8.81 9.34
CA LEU A 63 -12.35 9.47 8.25
C LEU A 63 -13.21 10.53 7.59
N LYS A 64 -14.51 10.24 7.41
CA LYS A 64 -15.41 11.17 6.74
C LYS A 64 -16.75 11.17 7.42
N PHE A 65 -17.67 11.95 6.88
CA PHE A 65 -19.03 12.01 7.38
C PHE A 65 -20.03 12.15 6.23
N ASP A 66 -21.25 11.68 6.45
CA ASP A 66 -22.33 11.79 5.46
C ASP A 66 -22.78 13.24 5.41
N ARG A 67 -23.74 13.57 4.54
CA ARG A 67 -24.16 14.95 4.29
C ARG A 67 -24.02 15.85 5.52
N ASP A 68 -24.75 15.67 6.64
CA ASP A 68 -24.41 16.49 7.80
C ASP A 68 -23.76 15.67 8.91
N ARG A 69 -24.52 14.72 9.49
CA ARG A 69 -23.96 13.80 10.51
C ARG A 69 -24.40 12.35 10.30
N THR A 70 -25.66 12.23 9.86
CA THR A 70 -26.38 10.96 9.66
C THR A 70 -25.52 9.69 9.55
N ARG A 71 -24.59 9.61 8.62
CA ARG A 71 -23.73 8.42 8.51
C ARG A 71 -22.27 8.85 8.60
N VAL A 72 -21.35 7.89 8.64
CA VAL A 72 -19.95 8.24 8.80
C VAL A 72 -19.05 7.23 8.09
N SER A 73 -17.81 7.63 7.84
CA SER A 73 -16.83 6.78 7.21
C SER A 73 -15.75 6.34 8.21
N LEU A 74 -15.49 5.04 8.28
CA LEU A 74 -14.50 4.52 9.23
C LEU A 74 -13.27 4.03 8.49
N GLY A 75 -12.22 3.87 9.25
CA GLY A 75 -10.97 3.37 8.73
C GLY A 75 -10.31 2.41 9.69
N LEU A 76 -9.49 1.53 9.14
CA LEU A 76 -8.78 0.52 9.94
C LEU A 76 -7.26 0.56 9.71
N LYS A 77 -6.82 1.16 8.61
CA LYS A 77 -5.39 1.19 8.32
C LYS A 77 -4.69 2.39 8.94
N GLN A 78 -5.36 3.54 8.96
CA GLN A 78 -4.74 4.75 9.46
C GLN A 78 -4.55 4.72 10.98
N LEU A 79 -5.20 3.77 11.68
CA LEU A 79 -4.98 3.64 13.10
C LEU A 79 -3.51 3.29 13.37
N GLY A 80 -2.89 2.65 12.37
CA GLY A 80 -1.52 2.21 12.51
C GLY A 80 -0.53 3.14 11.88
N GLU A 81 0.22 2.60 10.94
CA GLU A 81 1.26 3.39 10.29
C GLU A 81 1.17 3.18 8.79
N ASP A 82 1.09 4.26 8.02
CA ASP A 82 1.12 4.13 6.57
C ASP A 82 2.60 4.08 6.15
N PRO A 83 3.13 2.89 5.77
CA PRO A 83 4.57 2.69 5.49
C PRO A 83 5.16 3.63 4.43
N TRP A 84 4.32 4.22 3.61
CA TRP A 84 4.79 5.07 2.54
C TRP A 84 5.10 6.50 3.01
N VAL A 85 4.54 6.89 4.15
CA VAL A 85 4.76 8.25 4.67
C VAL A 85 6.21 8.42 5.11
N ALA A 86 6.75 7.39 5.74
CA ALA A 86 8.11 7.41 6.25
C ALA A 86 9.07 6.76 5.29
N ILE A 87 8.56 6.21 4.20
CA ILE A 87 9.40 5.49 3.23
C ILE A 87 10.58 6.36 2.78
N ALA A 88 10.36 7.67 2.77
CA ALA A 88 11.37 8.63 2.33
C ALA A 88 12.50 8.77 3.35
N LYS A 89 12.22 8.55 4.63
CA LYS A 89 13.25 8.64 5.65
C LYS A 89 13.94 7.30 5.86
N ARG A 90 13.21 6.22 5.54
CA ARG A 90 13.74 4.88 5.71
C ARG A 90 14.77 4.59 4.62
N TYR A 91 14.34 4.73 3.37
CA TYR A 91 15.21 4.49 2.25
C TYR A 91 14.91 5.44 1.08
N PRO A 92 15.55 6.62 1.08
CA PRO A 92 15.40 7.60 -0.01
C PRO A 92 16.31 7.24 -1.18
N GLU A 93 16.29 8.07 -2.21
CA GLU A 93 17.12 7.84 -3.40
C GLU A 93 18.58 7.58 -3.03
N GLY A 94 19.16 6.58 -3.66
CA GLY A 94 20.55 6.24 -3.40
C GLY A 94 20.72 5.09 -2.42
N HIS A 95 19.70 4.84 -1.59
CA HIS A 95 19.76 3.76 -0.63
C HIS A 95 19.66 2.40 -1.33
N LYS A 96 20.50 1.48 -0.89
CA LYS A 96 20.51 0.12 -1.44
C LYS A 96 19.53 -0.75 -0.66
N LEU A 97 18.68 -1.47 -1.38
CA LEU A 97 17.72 -2.35 -0.73
C LEU A 97 17.54 -3.63 -1.55
N SER A 98 17.30 -4.73 -0.86
CA SER A 98 17.13 -6.01 -1.51
C SER A 98 15.64 -6.28 -1.74
N GLY A 99 15.29 -6.50 -2.99
CA GLY A 99 13.91 -6.78 -3.33
C GLY A 99 13.80 -7.98 -4.24
N ARG A 100 12.72 -8.74 -4.11
CA ARG A 100 12.50 -9.90 -4.97
C ARG A 100 11.47 -9.60 -6.04
N VAL A 101 11.74 -10.06 -7.25
CA VAL A 101 10.83 -9.84 -8.37
C VAL A 101 9.55 -10.65 -8.16
N THR A 102 8.42 -9.95 -8.13
CA THR A 102 7.14 -10.57 -7.85
C THR A 102 6.24 -10.60 -9.08
N ASN A 103 6.52 -9.72 -10.02
CA ASN A 103 5.72 -9.56 -11.21
C ASN A 103 6.58 -9.10 -12.35
N LEU A 104 6.27 -9.58 -13.54
CA LEU A 104 7.04 -9.26 -14.72
C LEU A 104 6.12 -8.64 -15.75
N THR A 105 6.58 -7.59 -16.41
CA THR A 105 5.79 -6.93 -17.43
C THR A 105 6.61 -6.89 -18.71
N ASP A 106 6.14 -6.14 -19.71
CA ASP A 106 6.91 -5.96 -20.95
C ASP A 106 7.59 -4.60 -20.93
N TYR A 107 7.36 -3.82 -19.87
CA TYR A 107 7.91 -2.47 -19.75
C TYR A 107 8.71 -2.30 -18.46
N GLY A 108 9.17 -3.42 -17.91
CA GLY A 108 9.91 -3.37 -16.67
C GLY A 108 9.55 -4.54 -15.77
N CYS A 109 10.13 -4.60 -14.58
CA CYS A 109 9.84 -5.68 -13.66
C CYS A 109 9.60 -5.14 -12.26
N PHE A 110 8.58 -5.70 -11.62
CA PHE A 110 8.21 -5.30 -10.28
C PHE A 110 9.02 -6.04 -9.25
N VAL A 111 9.43 -5.32 -8.23
CA VAL A 111 10.28 -5.89 -7.20
C VAL A 111 9.74 -5.51 -5.80
N GLU A 112 9.36 -6.52 -5.03
CA GLU A 112 8.82 -6.30 -3.69
C GLU A 112 9.94 -5.94 -2.73
N ILE A 113 9.80 -4.76 -2.15
CA ILE A 113 10.77 -4.27 -1.17
C ILE A 113 10.43 -4.85 0.19
N GLU A 114 9.14 -5.03 0.40
CA GLU A 114 8.59 -5.56 1.62
C GLU A 114 7.09 -5.70 1.49
N GLU A 115 6.46 -6.29 2.49
CA GLU A 115 5.01 -6.50 2.44
C GLU A 115 4.27 -5.17 2.56
N GLY A 116 3.74 -4.74 1.43
CA GLY A 116 3.04 -3.48 1.35
C GLY A 116 3.80 -2.47 0.52
N VAL A 117 5.05 -2.79 0.21
CA VAL A 117 5.88 -1.91 -0.60
C VAL A 117 6.52 -2.70 -1.75
N GLU A 118 6.08 -2.39 -2.94
CA GLU A 118 6.57 -3.03 -4.15
C GLU A 118 6.94 -1.95 -5.16
N GLY A 119 8.17 -1.99 -5.62
CA GLY A 119 8.65 -1.01 -6.56
C GLY A 119 8.71 -1.52 -7.97
N LEU A 120 9.15 -0.68 -8.90
CA LEU A 120 9.19 -1.04 -10.31
C LEU A 120 10.42 -0.44 -10.98
N VAL A 121 11.14 -1.27 -11.71
CA VAL A 121 12.31 -0.82 -12.46
C VAL A 121 11.96 -0.73 -13.94
N HIS A 122 12.39 0.34 -14.57
CA HIS A 122 12.09 0.57 -15.98
C HIS A 122 13.08 -0.20 -16.85
N VAL A 123 12.62 -0.64 -18.02
CA VAL A 123 13.44 -1.43 -18.94
C VAL A 123 14.80 -0.78 -19.28
N SER A 124 14.85 0.55 -19.36
CA SER A 124 16.10 1.23 -19.69
C SER A 124 16.96 1.43 -18.44
N GLU A 125 16.35 1.31 -17.28
CA GLU A 125 17.05 1.51 -16.02
C GLU A 125 17.41 0.17 -15.38
N MET A 126 17.20 -0.93 -16.09
CA MET A 126 17.57 -2.23 -15.56
C MET A 126 18.87 -2.74 -16.18
N ASP A 127 19.10 -2.44 -17.45
CA ASP A 127 20.34 -2.87 -18.10
C ASP A 127 21.18 -1.65 -18.44
N TRP A 128 22.46 -1.84 -18.78
CA TRP A 128 23.34 -0.70 -19.09
C TRP A 128 23.50 -0.46 -20.59
N THR A 129 23.29 -1.50 -21.40
CA THR A 129 23.48 -1.38 -22.85
C THR A 129 22.15 -1.43 -23.60
N ASN A 130 21.20 -2.17 -23.07
CA ASN A 130 19.88 -2.27 -23.68
C ASN A 130 18.90 -1.33 -22.97
N LYS A 131 18.20 -0.51 -23.74
CA LYS A 131 17.27 0.45 -23.16
C LYS A 131 15.82 -0.01 -23.24
N ASN A 132 15.56 -1.02 -24.05
CA ASN A 132 14.20 -1.48 -24.25
C ASN A 132 14.16 -3.00 -24.19
N ILE A 133 15.17 -3.56 -23.53
CA ILE A 133 15.27 -5.00 -23.33
C ILE A 133 14.03 -5.54 -22.63
N HIS A 134 13.80 -6.85 -22.73
CA HIS A 134 12.64 -7.40 -22.09
C HIS A 134 13.06 -7.72 -20.66
N PRO A 135 12.29 -7.33 -19.65
CA PRO A 135 12.68 -7.57 -18.25
C PRO A 135 12.97 -9.04 -17.95
N SER A 136 12.41 -9.92 -18.77
CA SER A 136 12.59 -11.35 -18.58
C SER A 136 14.03 -11.77 -18.91
N LYS A 137 14.73 -10.97 -19.71
CA LYS A 137 16.09 -11.29 -20.09
C LYS A 137 17.05 -10.95 -18.96
N VAL A 138 16.63 -10.05 -18.09
CA VAL A 138 17.46 -9.59 -16.99
C VAL A 138 17.13 -10.37 -15.71
N VAL A 139 15.83 -10.50 -15.43
CA VAL A 139 15.36 -11.22 -14.24
C VAL A 139 14.06 -11.96 -14.53
N ASN A 140 13.60 -12.72 -13.55
CA ASN A 140 12.35 -13.43 -13.64
C ASN A 140 11.65 -13.39 -12.28
N VAL A 141 10.36 -13.65 -12.26
CA VAL A 141 9.61 -13.66 -11.01
C VAL A 141 10.01 -14.86 -10.19
N GLY A 142 10.67 -14.60 -9.07
CA GLY A 142 11.15 -15.67 -8.22
C GLY A 142 12.61 -15.51 -7.94
N ASP A 143 13.24 -14.58 -8.63
CA ASP A 143 14.64 -14.28 -8.43
C ASP A 143 14.77 -13.13 -7.46
N GLU A 144 15.48 -13.36 -6.37
CA GLU A 144 15.71 -12.32 -5.39
C GLU A 144 16.93 -11.52 -5.82
N VAL A 145 16.80 -10.21 -5.77
CA VAL A 145 17.87 -9.32 -6.23
C VAL A 145 17.98 -8.08 -5.36
N GLU A 146 18.84 -7.16 -5.78
CA GLU A 146 19.02 -5.91 -5.10
C GLU A 146 18.75 -4.77 -6.06
N VAL A 147 18.20 -3.70 -5.52
CA VAL A 147 17.92 -2.51 -6.31
C VAL A 147 18.19 -1.26 -5.47
N MET A 148 18.22 -0.12 -6.14
CA MET A 148 18.48 1.14 -5.48
C MET A 148 17.38 2.13 -5.78
N VAL A 149 16.96 2.89 -4.78
CA VAL A 149 15.87 3.85 -4.92
C VAL A 149 16.19 4.88 -6.00
N LEU A 150 15.35 4.93 -7.02
CA LEU A 150 15.53 5.90 -8.11
C LEU A 150 14.55 7.04 -7.96
N GLU A 151 13.29 6.73 -7.62
CA GLU A 151 12.28 7.76 -7.46
C GLU A 151 11.04 7.22 -6.77
N ILE A 152 10.78 7.68 -5.55
CA ILE A 152 9.57 7.30 -4.83
C ILE A 152 8.61 8.47 -4.80
N ASP A 153 7.38 8.20 -5.20
CA ASP A 153 6.33 9.19 -5.14
C ASP A 153 5.24 8.71 -4.21
N GLU A 154 5.33 9.15 -2.96
CA GLU A 154 4.34 8.76 -1.96
C GLU A 154 2.99 9.38 -2.33
N GLU A 155 3.06 10.47 -3.09
CA GLU A 155 1.87 11.18 -3.56
C GLU A 155 1.19 10.39 -4.67
N ARG A 156 1.97 10.02 -5.66
CA ARG A 156 1.47 9.33 -6.84
C ARG A 156 1.43 7.83 -6.60
N ARG A 157 1.85 7.44 -5.41
CA ARG A 157 1.90 6.04 -5.00
C ARG A 157 2.62 5.21 -6.07
N ARG A 158 3.79 5.71 -6.45
CA ARG A 158 4.63 5.10 -7.46
C ARG A 158 6.05 4.98 -6.92
N ILE A 159 6.65 3.80 -7.05
CA ILE A 159 8.02 3.61 -6.60
C ILE A 159 8.90 3.09 -7.74
N SER A 160 9.99 3.81 -7.96
CA SER A 160 10.94 3.51 -9.01
C SER A 160 12.28 3.07 -8.43
N LEU A 161 12.83 1.99 -8.96
CA LEU A 161 14.12 1.49 -8.53
C LEU A 161 15.08 1.36 -9.71
N GLY A 162 16.35 1.25 -9.40
CA GLY A 162 17.37 1.07 -10.41
C GLY A 162 18.04 -0.28 -10.27
N LEU A 163 17.91 -1.11 -11.29
CA LEU A 163 18.50 -2.44 -11.27
C LEU A 163 19.91 -2.38 -11.81
N LYS A 164 20.13 -1.58 -12.86
CA LYS A 164 21.44 -1.48 -13.48
C LYS A 164 22.46 -0.95 -12.47
N GLN A 165 21.96 -0.17 -11.51
CA GLN A 165 22.80 0.42 -10.48
C GLN A 165 23.25 -0.63 -9.46
N CYS A 166 22.71 -1.84 -9.60
CA CYS A 166 23.10 -2.95 -8.75
C CYS A 166 23.67 -4.08 -9.59
N LYS A 167 23.78 -3.81 -10.90
CA LYS A 167 24.34 -4.76 -11.84
C LYS A 167 25.84 -4.55 -11.95
N ALA A 168 26.55 -5.52 -12.51
CA ALA A 168 27.99 -5.43 -12.67
C ALA A 168 28.34 -4.40 -13.74
N ASN A 169 29.10 -3.39 -13.35
CA ASN A 169 29.56 -2.36 -14.27
C ASN A 169 30.55 -3.00 -15.25
N PRO A 170 30.34 -2.88 -16.57
CA PRO A 170 31.22 -3.51 -17.56
C PRO A 170 32.67 -3.04 -17.46
N TRP A 171 32.89 -1.87 -16.88
CA TRP A 171 34.23 -1.31 -16.76
C TRP A 171 34.95 -1.80 -15.50
N GLN A 172 34.34 -2.71 -14.75
CA GLN A 172 34.98 -3.20 -13.53
C GLN A 172 36.03 -4.26 -13.85
N SER A 173 37.05 -4.30 -13.02
CA SER A 173 38.13 -5.27 -13.16
C SER A 173 37.77 -6.57 -12.46
N GLY A 1 -18.18 5.82 20.69
CA GLY A 1 -18.68 7.20 20.45
C GLY A 1 -19.30 7.32 19.08
N ALA A 2 -20.44 7.99 18.99
CA ALA A 2 -21.13 8.14 17.72
C ALA A 2 -21.05 9.57 17.20
N MET A 3 -21.57 9.76 16.00
CA MET A 3 -21.60 11.05 15.28
C MET A 3 -21.98 12.25 16.17
N GLU A 4 -22.77 12.01 17.20
CA GLU A 4 -23.22 13.06 18.12
C GLU A 4 -22.06 13.72 18.86
N THR A 5 -21.04 12.93 19.18
CA THR A 5 -19.88 13.40 19.91
C THR A 5 -18.61 13.11 19.13
N LEU A 6 -18.83 12.67 17.89
CA LEU A 6 -17.76 12.32 16.98
C LEU A 6 -17.14 13.56 16.36
N GLN A 7 -16.18 13.29 15.50
CA GLN A 7 -15.49 14.36 14.82
C GLN A 7 -14.59 13.74 13.77
N GLU A 8 -14.62 14.23 12.55
CA GLU A 8 -13.79 13.63 11.49
C GLU A 8 -12.33 13.58 11.97
N GLY A 9 -11.69 12.40 11.88
CA GLY A 9 -10.34 12.26 12.40
C GLY A 9 -10.32 11.66 13.79
N SER A 10 -11.51 11.46 14.38
CA SER A 10 -11.64 10.89 15.71
C SER A 10 -11.34 9.39 15.69
N GLU A 11 -10.92 8.87 16.83
CA GLU A 11 -10.69 7.45 17.00
C GLU A 11 -11.73 6.89 17.94
N VAL A 12 -12.54 6.00 17.41
CA VAL A 12 -13.63 5.41 18.19
C VAL A 12 -13.78 3.93 17.86
N LYS A 13 -14.09 3.16 18.88
CA LYS A 13 -14.27 1.74 18.70
C LYS A 13 -15.71 1.45 18.32
N GLY A 14 -15.88 0.48 17.44
CA GLY A 14 -17.21 0.12 16.99
C GLY A 14 -17.32 -1.38 16.74
N ILE A 15 -18.54 -1.84 16.49
CA ILE A 15 -18.80 -3.25 16.26
C ILE A 15 -19.09 -3.54 14.79
N VAL A 16 -18.25 -4.36 14.18
CA VAL A 16 -18.47 -4.74 12.78
C VAL A 16 -19.55 -5.79 12.73
N LYS A 17 -20.77 -5.35 12.45
CA LYS A 17 -21.90 -6.25 12.42
C LYS A 17 -22.39 -6.57 11.02
N ASN A 18 -21.71 -6.05 10.00
CA ASN A 18 -22.11 -6.31 8.62
C ASN A 18 -20.90 -6.24 7.71
N LEU A 19 -20.89 -7.06 6.67
CA LEU A 19 -19.78 -7.13 5.73
C LEU A 19 -20.33 -7.21 4.30
N THR A 20 -20.13 -6.17 3.53
CA THR A 20 -20.60 -6.16 2.14
C THR A 20 -19.45 -6.50 1.20
N ASP A 21 -19.66 -6.33 -0.11
CA ASP A 21 -18.66 -6.65 -1.10
C ASP A 21 -17.79 -5.45 -1.45
N TYR A 22 -18.22 -4.28 -1.02
CA TYR A 22 -17.46 -3.05 -1.27
C TYR A 22 -16.98 -2.43 0.04
N GLY A 23 -17.43 -2.99 1.15
CA GLY A 23 -17.05 -2.47 2.45
C GLY A 23 -17.73 -3.20 3.58
N ALA A 24 -17.86 -2.53 4.71
CA ALA A 24 -18.48 -3.12 5.88
C ALA A 24 -19.22 -2.05 6.67
N PHE A 25 -19.97 -2.46 7.68
CA PHE A 25 -20.71 -1.51 8.51
C PHE A 25 -20.48 -1.77 9.99
N VAL A 26 -20.06 -0.72 10.67
CA VAL A 26 -19.77 -0.76 12.09
C VAL A 26 -20.80 0.00 12.91
N ASP A 27 -21.16 -0.57 14.05
CA ASP A 27 -22.10 0.08 14.95
C ASP A 27 -21.35 1.03 15.88
N LEU A 28 -21.71 2.30 15.83
CA LEU A 28 -21.11 3.30 16.70
C LEU A 28 -21.98 3.49 17.92
N GLY A 29 -23.01 2.66 18.01
CA GLY A 29 -23.96 2.76 19.09
C GLY A 29 -25.17 3.56 18.66
N GLY A 30 -25.83 3.09 17.60
CA GLY A 30 -27.04 3.75 17.10
C GLY A 30 -26.90 4.25 15.68
N VAL A 31 -25.71 4.14 15.10
CA VAL A 31 -25.49 4.57 13.74
C VAL A 31 -24.45 3.68 13.07
N ASP A 32 -24.68 3.31 11.82
CA ASP A 32 -23.76 2.45 11.10
C ASP A 32 -22.76 3.29 10.31
N GLY A 33 -21.48 3.01 10.52
CA GLY A 33 -20.45 3.68 9.77
C GLY A 33 -19.91 2.78 8.68
N LEU A 34 -19.82 3.30 7.47
CA LEU A 34 -19.35 2.51 6.35
C LEU A 34 -17.83 2.48 6.31
N LEU A 35 -17.29 1.28 6.38
CA LEU A 35 -15.85 1.11 6.28
C LEU A 35 -15.57 0.58 4.87
N HIS A 36 -15.02 1.41 4.01
CA HIS A 36 -14.75 0.99 2.62
C HIS A 36 -13.65 -0.07 2.62
N ILE A 37 -13.82 -1.11 1.80
CA ILE A 37 -12.85 -2.21 1.72
C ILE A 37 -11.39 -1.72 1.54
N THR A 38 -11.20 -0.60 0.85
CA THR A 38 -9.87 -0.11 0.57
C THR A 38 -9.25 0.61 1.78
N ASP A 39 -10.05 0.90 2.81
CA ASP A 39 -9.51 1.55 4.00
C ASP A 39 -9.27 0.56 5.13
N MET A 40 -9.48 -0.72 4.86
CA MET A 40 -9.23 -1.78 5.84
C MET A 40 -7.74 -1.96 6.08
N ALA A 41 -6.95 -1.64 5.07
CA ALA A 41 -5.50 -1.80 5.13
C ALA A 41 -4.82 -1.05 4.00
N TRP A 42 -3.50 -0.92 4.12
CA TRP A 42 -2.70 -0.21 3.14
C TRP A 42 -2.59 -1.00 1.84
N LYS A 43 -2.78 -2.32 1.94
CA LYS A 43 -2.65 -3.20 0.78
C LYS A 43 -3.97 -3.30 0.00
N ARG A 44 -3.97 -4.17 -1.00
CA ARG A 44 -5.15 -4.40 -1.81
C ARG A 44 -6.08 -5.45 -1.20
N VAL A 45 -6.91 -4.99 -0.27
CA VAL A 45 -7.89 -5.86 0.35
C VAL A 45 -9.01 -6.14 -0.61
N LYS A 46 -9.40 -7.40 -0.68
CA LYS A 46 -10.41 -7.82 -1.64
C LYS A 46 -11.77 -8.07 -0.99
N HIS A 47 -11.80 -8.28 0.31
CA HIS A 47 -13.03 -8.56 1.01
C HIS A 47 -12.82 -8.18 2.48
N PRO A 48 -13.84 -7.65 3.18
CA PRO A 48 -13.69 -7.21 4.56
C PRO A 48 -13.57 -8.35 5.56
N SER A 49 -14.16 -9.50 5.25
CA SER A 49 -14.14 -10.64 6.15
C SER A 49 -12.73 -11.18 6.35
N GLU A 50 -11.84 -10.83 5.42
CA GLU A 50 -10.45 -11.25 5.50
C GLU A 50 -9.72 -10.46 6.59
N ILE A 51 -10.16 -9.22 6.84
CA ILE A 51 -9.52 -8.34 7.81
C ILE A 51 -10.28 -8.34 9.14
N VAL A 52 -11.61 -8.27 9.09
CA VAL A 52 -12.45 -8.21 10.29
C VAL A 52 -13.74 -8.99 10.07
N ASN A 53 -14.35 -9.49 11.14
CA ASN A 53 -15.54 -10.31 11.00
C ASN A 53 -16.72 -9.71 11.75
N VAL A 54 -17.87 -10.36 11.60
CA VAL A 54 -19.09 -9.93 12.26
C VAL A 54 -19.01 -10.13 13.77
N GLY A 55 -19.30 -9.07 14.50
CA GLY A 55 -19.29 -9.12 15.95
C GLY A 55 -17.95 -8.76 16.56
N ASP A 56 -17.05 -8.16 15.78
CA ASP A 56 -15.74 -7.77 16.29
C ASP A 56 -15.72 -6.30 16.69
N GLU A 57 -15.26 -6.03 17.91
CA GLU A 57 -15.12 -4.66 18.39
C GLU A 57 -13.71 -4.17 18.10
N ILE A 58 -13.55 -3.34 17.10
CA ILE A 58 -12.24 -2.84 16.75
C ILE A 58 -12.22 -1.32 16.87
N LEU A 59 -11.03 -0.76 16.81
CA LEU A 59 -10.86 0.68 16.88
C LEU A 59 -10.71 1.25 15.47
N VAL A 60 -11.73 1.97 15.00
CA VAL A 60 -11.68 2.59 13.67
C VAL A 60 -11.57 4.11 13.77
N LYS A 61 -11.11 4.72 12.69
CA LYS A 61 -11.00 6.16 12.63
C LYS A 61 -12.00 6.73 11.63
N VAL A 62 -12.71 7.75 12.04
CA VAL A 62 -13.66 8.42 11.14
C VAL A 62 -12.89 9.21 10.09
N LEU A 63 -13.07 8.86 8.82
CA LEU A 63 -12.36 9.52 7.75
C LEU A 63 -13.23 10.58 7.10
N LYS A 64 -14.52 10.27 6.91
CA LYS A 64 -15.42 11.19 6.22
C LYS A 64 -16.77 11.19 6.92
N PHE A 65 -17.71 11.95 6.38
CA PHE A 65 -19.04 12.01 6.92
C PHE A 65 -20.09 12.09 5.81
N ASP A 66 -21.31 11.65 6.14
CA ASP A 66 -22.45 11.70 5.24
C ASP A 66 -23.00 13.13 5.24
N ARG A 67 -24.02 13.42 4.43
CA ARG A 67 -24.52 14.79 4.24
C ARG A 67 -24.37 15.70 5.47
N ASP A 68 -25.06 15.51 6.61
CA ASP A 68 -24.72 16.34 7.76
C ASP A 68 -24.03 15.53 8.86
N ARG A 69 -24.77 14.56 9.44
CA ARG A 69 -24.18 13.65 10.44
C ARG A 69 -24.59 12.20 10.18
N THR A 70 -25.85 12.05 9.73
CA THR A 70 -26.54 10.77 9.47
C THR A 70 -25.65 9.50 9.39
N ARG A 71 -24.67 9.47 8.49
CA ARG A 71 -23.78 8.31 8.39
C ARG A 71 -22.33 8.78 8.45
N VAL A 72 -21.39 7.86 8.46
CA VAL A 72 -20.00 8.24 8.54
C VAL A 72 -19.10 7.25 7.80
N SER A 73 -17.91 7.69 7.45
CA SER A 73 -16.93 6.84 6.80
C SER A 73 -15.82 6.50 7.79
N LEU A 74 -15.40 5.25 7.78
CA LEU A 74 -14.39 4.78 8.71
C LEU A 74 -13.13 4.35 8.00
N GLY A 75 -12.14 4.03 8.81
CA GLY A 75 -10.88 3.55 8.31
C GLY A 75 -10.25 2.59 9.28
N LEU A 76 -9.42 1.68 8.78
CA LEU A 76 -8.79 0.70 9.65
C LEU A 76 -7.27 0.75 9.52
N LYS A 77 -6.79 1.24 8.38
CA LYS A 77 -5.36 1.28 8.11
C LYS A 77 -4.66 2.47 8.78
N GLN A 78 -5.34 3.62 8.83
CA GLN A 78 -4.78 4.84 9.37
C GLN A 78 -4.83 4.89 10.90
N LEU A 79 -5.13 3.76 11.52
CA LEU A 79 -5.09 3.66 12.97
C LEU A 79 -3.67 3.29 13.39
N GLY A 80 -2.88 2.89 12.39
CA GLY A 80 -1.51 2.49 12.60
C GLY A 80 -0.53 3.43 11.93
N GLU A 81 0.24 2.87 11.02
CA GLU A 81 1.21 3.69 10.30
C GLU A 81 1.14 3.36 8.82
N ASP A 82 0.93 4.35 7.98
CA ASP A 82 0.96 4.13 6.54
C ASP A 82 2.43 4.06 6.12
N PRO A 83 2.96 2.86 5.80
CA PRO A 83 4.39 2.65 5.50
C PRO A 83 4.97 3.58 4.45
N TRP A 84 4.12 4.13 3.62
CA TRP A 84 4.57 4.99 2.52
C TRP A 84 4.83 6.43 2.97
N VAL A 85 4.22 6.85 4.06
CA VAL A 85 4.40 8.22 4.55
C VAL A 85 5.79 8.40 5.13
N ALA A 86 6.28 7.36 5.78
CA ALA A 86 7.60 7.39 6.40
C ALA A 86 8.64 6.75 5.49
N ILE A 87 8.20 6.20 4.36
CA ILE A 87 9.11 5.48 3.46
C ILE A 87 10.29 6.36 3.05
N ALA A 88 10.09 7.67 3.07
CA ALA A 88 11.13 8.61 2.71
C ALA A 88 12.20 8.71 3.79
N LYS A 89 11.81 8.52 5.07
CA LYS A 89 12.78 8.52 6.16
C LYS A 89 13.33 7.11 6.37
N ARG A 90 12.57 6.12 5.90
CA ARG A 90 12.98 4.73 5.98
C ARG A 90 14.14 4.49 5.02
N TYR A 91 13.82 4.66 3.75
CA TYR A 91 14.78 4.47 2.67
C TYR A 91 14.50 5.36 1.47
N PRO A 92 15.14 6.55 1.41
CA PRO A 92 15.01 7.47 0.28
C PRO A 92 15.97 7.10 -0.86
N GLU A 93 15.96 7.89 -1.93
CA GLU A 93 16.81 7.64 -3.09
C GLU A 93 18.27 7.48 -2.70
N GLY A 94 18.88 6.41 -3.21
CA GLY A 94 20.26 6.13 -2.92
C GLY A 94 20.44 4.99 -1.95
N HIS A 95 19.42 4.71 -1.14
CA HIS A 95 19.50 3.62 -0.19
C HIS A 95 19.41 2.26 -0.89
N LYS A 96 20.29 1.35 -0.49
CA LYS A 96 20.32 -0.02 -1.03
C LYS A 96 19.38 -0.91 -0.24
N LEU A 97 18.57 -1.68 -0.94
CA LEU A 97 17.64 -2.59 -0.29
C LEU A 97 17.41 -3.82 -1.15
N SER A 98 17.08 -4.93 -0.51
CA SER A 98 16.86 -6.17 -1.24
C SER A 98 15.36 -6.38 -1.48
N GLY A 99 15.01 -6.65 -2.73
CA GLY A 99 13.63 -6.89 -3.10
C GLY A 99 13.47 -8.18 -3.89
N ARG A 100 12.23 -8.61 -4.11
CA ARG A 100 11.96 -9.81 -4.90
C ARG A 100 10.90 -9.53 -5.95
N VAL A 101 11.19 -9.91 -7.19
CA VAL A 101 10.27 -9.68 -8.30
C VAL A 101 8.97 -10.44 -8.07
N THR A 102 7.84 -9.74 -8.12
CA THR A 102 6.55 -10.37 -7.86
C THR A 102 5.70 -10.42 -9.12
N ASN A 103 6.05 -9.58 -10.09
CA ASN A 103 5.31 -9.45 -11.34
C ASN A 103 6.25 -9.02 -12.44
N LEU A 104 5.90 -9.34 -13.66
CA LEU A 104 6.74 -8.98 -14.80
C LEU A 104 5.87 -8.36 -15.89
N THR A 105 6.36 -7.31 -16.52
CA THR A 105 5.60 -6.63 -17.56
C THR A 105 6.45 -6.54 -18.82
N ASP A 106 6.04 -5.70 -19.75
CA ASP A 106 6.80 -5.45 -20.97
C ASP A 106 7.57 -4.13 -20.87
N TYR A 107 7.35 -3.39 -19.79
CA TYR A 107 8.01 -2.09 -19.62
C TYR A 107 8.76 -2.03 -18.29
N GLY A 108 9.10 -3.18 -17.75
CA GLY A 108 9.78 -3.21 -16.47
C GLY A 108 9.35 -4.36 -15.59
N CYS A 109 10.00 -4.50 -14.45
CA CYS A 109 9.69 -5.55 -13.51
C CYS A 109 9.29 -4.96 -12.17
N PHE A 110 8.30 -5.57 -11.55
CA PHE A 110 7.80 -5.15 -10.26
C PHE A 110 8.47 -5.93 -9.15
N VAL A 111 9.19 -5.23 -8.29
CA VAL A 111 9.94 -5.86 -7.21
C VAL A 111 9.42 -5.39 -5.84
N GLU A 112 9.06 -6.33 -5.00
CA GLU A 112 8.50 -6.00 -3.69
C GLU A 112 9.59 -5.83 -2.65
N ILE A 113 9.57 -4.66 -2.01
CA ILE A 113 10.54 -4.34 -0.96
C ILE A 113 10.13 -4.99 0.35
N GLU A 114 8.81 -5.08 0.53
CA GLU A 114 8.21 -5.62 1.73
C GLU A 114 6.69 -5.67 1.60
N GLU A 115 6.03 -6.22 2.60
CA GLU A 115 4.58 -6.37 2.59
C GLU A 115 3.88 -5.01 2.53
N GLY A 116 3.44 -4.64 1.33
CA GLY A 116 2.76 -3.38 1.13
C GLY A 116 3.60 -2.37 0.38
N VAL A 117 4.89 -2.65 0.27
CA VAL A 117 5.80 -1.75 -0.43
C VAL A 117 6.44 -2.48 -1.61
N GLU A 118 6.18 -1.98 -2.79
CA GLU A 118 6.70 -2.55 -4.00
C GLU A 118 7.13 -1.46 -4.98
N GLY A 119 8.33 -1.62 -5.48
CA GLY A 119 8.87 -0.69 -6.45
C GLY A 119 8.93 -1.28 -7.85
N LEU A 120 9.05 -0.42 -8.85
CA LEU A 120 9.09 -0.85 -10.24
C LEU A 120 10.35 -0.35 -10.92
N VAL A 121 11.03 -1.27 -11.59
CA VAL A 121 12.26 -0.96 -12.32
C VAL A 121 11.95 -0.83 -13.81
N HIS A 122 12.20 0.34 -14.38
CA HIS A 122 11.95 0.56 -15.80
C HIS A 122 12.98 -0.19 -16.63
N VAL A 123 12.54 -0.72 -17.78
CA VAL A 123 13.42 -1.48 -18.69
C VAL A 123 14.77 -0.80 -18.95
N SER A 124 14.76 0.54 -18.99
CA SER A 124 15.96 1.31 -19.26
C SER A 124 16.93 1.29 -18.07
N GLU A 125 16.41 0.95 -16.89
CA GLU A 125 17.23 0.93 -15.69
C GLU A 125 17.48 -0.53 -15.22
N MET A 126 17.12 -1.48 -16.07
CA MET A 126 17.32 -2.89 -15.73
C MET A 126 18.70 -3.33 -16.14
N ASP A 127 19.06 -3.11 -17.39
CA ASP A 127 20.38 -3.45 -17.89
C ASP A 127 20.98 -2.22 -18.56
N TRP A 128 22.30 -2.20 -18.77
CA TRP A 128 22.96 -1.03 -19.35
C TRP A 128 23.23 -1.17 -20.85
N THR A 129 23.15 -2.38 -21.38
CA THR A 129 23.45 -2.59 -22.79
C THR A 129 22.26 -2.21 -23.66
N ASN A 130 21.06 -2.47 -23.14
CA ASN A 130 19.84 -2.20 -23.87
C ASN A 130 18.88 -1.39 -23.02
N LYS A 131 18.41 -0.27 -23.56
CA LYS A 131 17.51 0.62 -22.83
C LYS A 131 16.04 0.18 -22.96
N ASN A 132 15.80 -0.84 -23.76
CA ASN A 132 14.45 -1.31 -24.00
C ASN A 132 14.37 -2.83 -23.88
N ILE A 133 15.38 -3.41 -23.24
CA ILE A 133 15.44 -4.85 -23.02
C ILE A 133 14.21 -5.34 -22.27
N HIS A 134 13.65 -6.47 -22.71
CA HIS A 134 12.50 -7.03 -22.03
C HIS A 134 12.93 -7.49 -20.63
N PRO A 135 12.15 -7.17 -19.58
CA PRO A 135 12.50 -7.51 -18.20
C PRO A 135 12.78 -8.99 -17.99
N SER A 136 12.22 -9.85 -18.85
CA SER A 136 12.39 -11.29 -18.72
C SER A 136 13.82 -11.70 -19.05
N LYS A 137 14.51 -10.90 -19.85
CA LYS A 137 15.86 -11.24 -20.27
C LYS A 137 16.85 -10.93 -19.14
N VAL A 138 16.41 -10.13 -18.18
CA VAL A 138 17.24 -9.77 -17.03
C VAL A 138 16.81 -10.52 -15.77
N VAL A 139 15.51 -10.58 -15.50
CA VAL A 139 14.98 -11.26 -14.32
C VAL A 139 13.66 -11.97 -14.59
N ASN A 140 13.16 -12.65 -13.58
CA ASN A 140 11.88 -13.35 -13.65
C ASN A 140 11.17 -13.24 -12.30
N VAL A 141 9.88 -13.54 -12.29
CA VAL A 141 9.11 -13.48 -11.06
C VAL A 141 9.48 -14.63 -10.14
N GLY A 142 10.03 -14.30 -8.98
CA GLY A 142 10.46 -15.31 -8.05
C GLY A 142 11.94 -15.18 -7.76
N ASP A 143 12.61 -14.37 -8.55
CA ASP A 143 14.01 -14.11 -8.37
C ASP A 143 14.21 -12.95 -7.41
N GLU A 144 14.90 -13.20 -6.32
CA GLU A 144 15.15 -12.15 -5.35
C GLU A 144 16.46 -11.46 -5.72
N VAL A 145 16.42 -10.14 -5.64
CA VAL A 145 17.57 -9.33 -6.04
C VAL A 145 17.69 -8.10 -5.15
N GLU A 146 18.65 -7.25 -5.48
CA GLU A 146 18.83 -6.01 -4.76
C GLU A 146 18.56 -4.86 -5.69
N VAL A 147 17.99 -3.82 -5.15
CA VAL A 147 17.67 -2.64 -5.91
C VAL A 147 17.93 -1.40 -5.08
N MET A 148 18.02 -0.25 -5.73
CA MET A 148 18.25 0.99 -5.04
C MET A 148 17.11 1.96 -5.33
N VAL A 149 16.73 2.72 -4.34
CA VAL A 149 15.65 3.67 -4.50
C VAL A 149 15.99 4.68 -5.59
N LEU A 150 15.22 4.67 -6.66
CA LEU A 150 15.45 5.53 -7.80
C LEU A 150 14.56 6.77 -7.70
N GLU A 151 13.29 6.57 -7.34
CA GLU A 151 12.33 7.66 -7.23
C GLU A 151 11.02 7.18 -6.59
N ILE A 152 10.78 7.55 -5.34
CA ILE A 152 9.54 7.16 -4.67
C ILE A 152 8.48 8.24 -4.78
N ASP A 153 7.27 7.84 -5.16
CA ASP A 153 6.14 8.76 -5.21
C ASP A 153 5.12 8.28 -4.18
N GLU A 154 5.20 8.83 -3.00
CA GLU A 154 4.30 8.44 -1.92
C GLU A 154 2.87 8.87 -2.24
N GLU A 155 2.73 9.93 -3.02
CA GLU A 155 1.42 10.48 -3.35
C GLU A 155 0.70 9.60 -4.37
N ARG A 156 1.39 9.31 -5.47
CA ARG A 156 0.79 8.54 -6.56
C ARG A 156 0.98 7.06 -6.31
N ARG A 157 1.56 6.76 -5.15
CA ARG A 157 1.87 5.42 -4.72
C ARG A 157 2.63 4.66 -5.81
N ARG A 158 3.77 5.22 -6.22
CA ARG A 158 4.63 4.58 -7.21
C ARG A 158 6.08 4.70 -6.80
N ILE A 159 6.70 3.56 -6.55
CA ILE A 159 8.09 3.50 -6.18
C ILE A 159 8.92 3.05 -7.37
N SER A 160 9.97 3.80 -7.63
CA SER A 160 10.90 3.53 -8.71
C SER A 160 12.19 3.00 -8.14
N LEU A 161 12.65 1.85 -8.61
CA LEU A 161 13.87 1.25 -8.12
C LEU A 161 14.79 0.92 -9.29
N GLY A 162 16.08 0.87 -9.03
CA GLY A 162 17.04 0.53 -10.05
C GLY A 162 17.57 -0.88 -9.85
N LEU A 163 17.93 -1.55 -10.94
CA LEU A 163 18.47 -2.90 -10.88
C LEU A 163 19.93 -2.87 -11.34
N LYS A 164 20.14 -2.12 -12.42
CA LYS A 164 21.46 -1.89 -12.98
C LYS A 164 22.47 -1.45 -11.90
N GLN A 165 21.93 -0.83 -10.85
CA GLN A 165 22.71 -0.37 -9.72
C GLN A 165 23.36 -1.51 -8.90
N CYS A 166 22.91 -2.75 -9.09
CA CYS A 166 23.43 -3.89 -8.34
C CYS A 166 24.11 -4.88 -9.28
N LYS A 167 23.59 -4.99 -10.50
CA LYS A 167 24.13 -5.93 -11.48
C LYS A 167 25.47 -5.41 -12.00
N ALA A 168 26.05 -6.07 -13.00
CA ALA A 168 27.31 -5.63 -13.58
C ALA A 168 27.19 -4.16 -13.98
N ASN A 169 27.91 -3.31 -13.26
CA ASN A 169 27.85 -1.88 -13.46
C ASN A 169 28.98 -1.41 -14.37
N PRO A 170 28.66 -0.71 -15.48
CA PRO A 170 29.68 -0.22 -16.42
C PRO A 170 30.49 0.95 -15.87
N TRP A 171 30.08 1.44 -14.70
CA TRP A 171 30.80 2.53 -14.03
C TRP A 171 31.86 1.96 -13.13
N GLN A 172 31.54 0.78 -12.60
CA GLN A 172 32.43 0.02 -11.72
C GLN A 172 33.08 0.89 -10.65
N SER A 173 32.33 1.86 -10.16
CA SER A 173 32.83 2.79 -9.16
C SER A 173 32.22 2.48 -7.80
N GLY A 1 -19.81 6.58 22.21
CA GLY A 1 -18.93 7.28 21.24
C GLY A 1 -19.48 7.21 19.84
N ALA A 2 -20.33 8.17 19.49
CA ALA A 2 -20.96 8.20 18.18
C ALA A 2 -20.93 9.62 17.62
N MET A 3 -21.51 9.79 16.43
CA MET A 3 -21.58 11.08 15.72
C MET A 3 -21.95 12.26 16.65
N GLU A 4 -22.64 11.95 17.74
CA GLU A 4 -23.03 12.94 18.75
C GLU A 4 -21.84 13.74 19.29
N THR A 5 -20.72 13.08 19.49
CA THR A 5 -19.52 13.70 20.06
C THR A 5 -18.28 13.39 19.24
N LEU A 6 -18.47 12.71 18.13
CA LEU A 6 -17.37 12.33 17.25
C LEU A 6 -16.86 13.48 16.43
N GLN A 7 -15.86 13.16 15.61
CA GLN A 7 -15.23 14.20 14.83
C GLN A 7 -14.21 13.58 13.91
N GLU A 8 -14.27 13.89 12.62
CA GLU A 8 -13.29 13.36 11.66
C GLU A 8 -11.89 13.33 12.25
N GLY A 9 -11.28 12.15 12.26
CA GLY A 9 -9.97 11.97 12.86
C GLY A 9 -10.02 11.26 14.21
N SER A 10 -11.20 11.21 14.82
CA SER A 10 -11.37 10.58 16.12
C SER A 10 -11.35 9.05 16.08
N GLU A 11 -10.52 8.46 16.94
CA GLU A 11 -10.50 7.01 17.07
C GLU A 11 -11.64 6.56 17.93
N VAL A 12 -12.43 5.63 17.40
CA VAL A 12 -13.62 5.15 18.10
C VAL A 12 -13.84 3.67 17.86
N LYS A 13 -14.29 2.97 18.90
CA LYS A 13 -14.55 1.56 18.77
C LYS A 13 -15.98 1.31 18.37
N GLY A 14 -16.18 0.34 17.50
CA GLY A 14 -17.52 0.01 17.06
C GLY A 14 -17.69 -1.47 16.76
N ILE A 15 -18.92 -1.89 16.52
CA ILE A 15 -19.23 -3.30 16.25
C ILE A 15 -19.51 -3.53 14.77
N VAL A 16 -18.69 -4.37 14.15
CA VAL A 16 -18.91 -4.72 12.74
C VAL A 16 -20.02 -5.74 12.66
N LYS A 17 -21.22 -5.28 12.38
CA LYS A 17 -22.38 -6.16 12.33
C LYS A 17 -22.80 -6.56 10.91
N ASN A 18 -22.16 -5.99 9.90
CA ASN A 18 -22.53 -6.28 8.52
C ASN A 18 -21.35 -6.07 7.59
N LEU A 19 -21.24 -6.93 6.58
CA LEU A 19 -20.13 -6.90 5.65
C LEU A 19 -20.68 -6.98 4.22
N THR A 20 -20.45 -5.96 3.44
CA THR A 20 -20.88 -5.95 2.04
C THR A 20 -19.69 -6.16 1.11
N ASP A 21 -19.88 -6.02 -0.20
CA ASP A 21 -18.79 -6.17 -1.15
C ASP A 21 -18.22 -4.82 -1.57
N TYR A 22 -18.72 -3.77 -0.95
CA TYR A 22 -18.20 -2.42 -1.22
C TYR A 22 -17.68 -1.81 0.09
N GLY A 23 -17.95 -2.50 1.19
CA GLY A 23 -17.50 -2.03 2.49
C GLY A 23 -18.15 -2.80 3.61
N ALA A 24 -18.13 -2.23 4.79
CA ALA A 24 -18.72 -2.86 5.95
C ALA A 24 -19.52 -1.85 6.74
N PHE A 25 -20.26 -2.32 7.74
CA PHE A 25 -21.05 -1.43 8.58
C PHE A 25 -20.77 -1.68 10.05
N VAL A 26 -20.36 -0.60 10.73
CA VAL A 26 -20.03 -0.65 12.14
C VAL A 26 -21.05 0.11 12.97
N ASP A 27 -21.44 -0.48 14.10
CA ASP A 27 -22.36 0.13 15.02
C ASP A 27 -21.60 0.97 16.02
N LEU A 28 -21.88 2.26 16.05
CA LEU A 28 -21.23 3.18 16.98
C LEU A 28 -22.08 3.30 18.22
N GLY A 29 -23.09 2.44 18.29
CA GLY A 29 -24.02 2.46 19.40
C GLY A 29 -25.24 3.30 19.07
N GLY A 30 -25.93 2.92 18.00
CA GLY A 30 -27.13 3.62 17.58
C GLY A 30 -27.03 4.20 16.18
N VAL A 31 -25.85 4.15 15.59
CA VAL A 31 -25.65 4.65 14.23
C VAL A 31 -24.65 3.76 13.52
N ASP A 32 -24.90 3.47 12.25
CA ASP A 32 -24.03 2.61 11.47
C ASP A 32 -23.09 3.43 10.61
N GLY A 33 -21.79 3.15 10.71
CA GLY A 33 -20.81 3.83 9.90
C GLY A 33 -20.38 2.94 8.75
N LEU A 34 -20.26 3.50 7.56
CA LEU A 34 -19.81 2.73 6.41
C LEU A 34 -18.30 2.72 6.35
N LEU A 35 -17.71 1.55 6.42
CA LEU A 35 -16.27 1.42 6.34
C LEU A 35 -15.94 0.99 4.92
N HIS A 36 -15.42 1.91 4.14
CA HIS A 36 -15.09 1.63 2.75
C HIS A 36 -14.01 0.54 2.67
N ILE A 37 -14.22 -0.44 1.78
CA ILE A 37 -13.32 -1.59 1.61
C ILE A 37 -11.84 -1.22 1.43
N THR A 38 -11.55 -0.16 0.70
CA THR A 38 -10.15 0.19 0.44
C THR A 38 -9.55 0.91 1.64
N ASP A 39 -10.37 1.12 2.67
CA ASP A 39 -9.91 1.80 3.86
C ASP A 39 -9.69 0.81 5.01
N MET A 40 -9.75 -0.48 4.70
CA MET A 40 -9.50 -1.52 5.71
C MET A 40 -8.01 -1.77 5.88
N ALA A 41 -7.25 -1.60 4.80
CA ALA A 41 -5.82 -1.85 4.81
C ALA A 41 -5.14 -1.16 3.65
N TRP A 42 -3.83 -0.97 3.78
CA TRP A 42 -3.03 -0.31 2.77
C TRP A 42 -2.81 -1.22 1.56
N LYS A 43 -2.95 -2.52 1.77
CA LYS A 43 -2.70 -3.52 0.74
C LYS A 43 -3.86 -3.63 -0.25
N ARG A 44 -3.80 -4.69 -1.03
CA ARG A 44 -4.83 -4.99 -2.02
C ARG A 44 -5.87 -5.93 -1.40
N VAL A 45 -6.77 -5.37 -0.64
CA VAL A 45 -7.87 -6.13 -0.05
C VAL A 45 -9.11 -6.04 -0.90
N LYS A 46 -9.88 -7.10 -0.81
CA LYS A 46 -11.12 -7.16 -1.52
C LYS A 46 -12.26 -7.17 -0.54
N HIS A 47 -12.40 -8.28 0.17
CA HIS A 47 -13.53 -8.33 1.08
C HIS A 47 -13.17 -7.86 2.48
N PRO A 48 -14.10 -7.21 3.18
CA PRO A 48 -13.84 -6.73 4.53
C PRO A 48 -13.73 -7.87 5.53
N SER A 49 -14.30 -9.01 5.16
CA SER A 49 -14.29 -10.20 5.99
C SER A 49 -12.86 -10.72 6.14
N GLU A 50 -12.02 -10.37 5.17
CA GLU A 50 -10.63 -10.80 5.18
C GLU A 50 -9.85 -10.06 6.28
N ILE A 51 -10.45 -9.00 6.82
CA ILE A 51 -9.83 -8.20 7.89
C ILE A 51 -10.66 -8.26 9.18
N VAL A 52 -11.98 -8.10 9.09
CA VAL A 52 -12.85 -8.08 10.26
C VAL A 52 -14.14 -8.85 9.98
N ASN A 53 -14.76 -9.42 11.01
CA ASN A 53 -15.95 -10.23 10.81
C ASN A 53 -17.14 -9.63 11.56
N VAL A 54 -18.28 -10.28 11.39
CA VAL A 54 -19.52 -9.86 12.04
C VAL A 54 -19.46 -10.10 13.55
N GLY A 55 -19.85 -9.09 14.31
CA GLY A 55 -19.91 -9.19 15.76
C GLY A 55 -18.58 -8.86 16.43
N ASP A 56 -17.66 -8.28 15.69
CA ASP A 56 -16.34 -7.94 16.26
C ASP A 56 -16.28 -6.47 16.65
N GLU A 57 -15.77 -6.21 17.84
CA GLU A 57 -15.61 -4.83 18.31
C GLU A 57 -14.18 -4.38 18.03
N ILE A 58 -14.01 -3.51 17.05
CA ILE A 58 -12.67 -3.04 16.71
C ILE A 58 -12.58 -1.54 16.90
N LEU A 59 -11.37 -1.02 16.84
CA LEU A 59 -11.11 0.40 17.00
C LEU A 59 -10.87 1.06 15.65
N VAL A 60 -11.89 1.73 15.13
CA VAL A 60 -11.79 2.41 13.84
C VAL A 60 -11.63 3.90 13.99
N LYS A 61 -11.16 4.55 12.95
CA LYS A 61 -11.02 5.99 12.94
C LYS A 61 -12.04 6.59 12.00
N VAL A 62 -12.68 7.68 12.42
CA VAL A 62 -13.62 8.37 11.55
C VAL A 62 -12.86 9.16 10.50
N LEU A 63 -13.08 8.82 9.25
CA LEU A 63 -12.42 9.51 8.15
C LEU A 63 -13.28 10.63 7.59
N LYS A 64 -14.58 10.37 7.40
CA LYS A 64 -15.48 11.36 6.82
C LYS A 64 -16.79 11.37 7.58
N PHE A 65 -17.69 12.24 7.17
CA PHE A 65 -19.02 12.33 7.75
C PHE A 65 -20.06 12.57 6.66
N ASP A 66 -21.27 12.09 6.91
CA ASP A 66 -22.39 12.27 5.99
C ASP A 66 -22.89 13.70 6.09
N ARG A 67 -23.89 14.06 5.28
CA ARG A 67 -24.39 15.44 5.16
C ARG A 67 -24.23 16.25 6.45
N ASP A 68 -24.91 15.96 7.59
CA ASP A 68 -24.55 16.69 8.79
C ASP A 68 -23.87 15.80 9.83
N ARG A 69 -24.60 14.80 10.35
CA ARG A 69 -24.01 13.85 11.31
C ARG A 69 -24.40 12.40 10.98
N THR A 70 -25.66 12.27 10.55
CA THR A 70 -26.35 11.00 10.25
C THR A 70 -25.44 9.76 10.03
N ARG A 71 -24.61 9.76 8.99
CA ARG A 71 -23.73 8.60 8.76
C ARG A 71 -22.28 9.04 8.87
N VAL A 72 -21.37 8.08 8.80
CA VAL A 72 -19.97 8.40 8.93
C VAL A 72 -19.10 7.41 8.16
N SER A 73 -17.89 7.82 7.82
CA SER A 73 -16.95 6.96 7.13
C SER A 73 -15.82 6.56 8.08
N LEU A 74 -15.55 5.27 8.17
CA LEU A 74 -14.50 4.78 9.07
C LEU A 74 -13.29 4.32 8.29
N GLY A 75 -12.29 3.91 9.04
CA GLY A 75 -11.08 3.40 8.48
C GLY A 75 -10.47 2.36 9.37
N LEU A 76 -9.67 1.47 8.80
CA LEU A 76 -9.03 0.41 9.56
C LEU A 76 -7.57 0.30 9.18
N LYS A 77 -7.07 1.28 8.44
CA LYS A 77 -5.69 1.23 7.98
C LYS A 77 -4.87 2.40 8.55
N GLN A 78 -5.52 3.53 8.70
CA GLN A 78 -4.87 4.74 9.21
C GLN A 78 -4.88 4.81 10.74
N LEU A 79 -5.20 3.68 11.38
CA LEU A 79 -5.10 3.60 12.84
C LEU A 79 -3.65 3.29 13.18
N GLY A 80 -2.99 2.64 12.24
CA GLY A 80 -1.61 2.22 12.41
C GLY A 80 -0.64 3.13 11.72
N GLU A 81 0.17 2.55 10.86
CA GLU A 81 1.16 3.33 10.16
C GLU A 81 1.15 2.93 8.69
N ASP A 82 0.98 3.87 7.78
CA ASP A 82 1.05 3.53 6.37
C ASP A 82 2.53 3.38 6.01
N PRO A 83 2.96 2.21 5.50
CA PRO A 83 4.38 1.95 5.22
C PRO A 83 5.02 2.93 4.25
N TRP A 84 4.21 3.68 3.52
CA TRP A 84 4.73 4.59 2.52
C TRP A 84 5.01 5.99 3.05
N VAL A 85 4.35 6.39 4.13
CA VAL A 85 4.53 7.74 4.67
C VAL A 85 5.95 7.89 5.24
N ALA A 86 6.46 6.80 5.79
CA ALA A 86 7.79 6.78 6.38
C ALA A 86 8.82 6.25 5.40
N ILE A 87 8.37 5.81 4.24
CA ILE A 87 9.28 5.21 3.25
C ILE A 87 10.41 6.18 2.90
N ALA A 88 10.09 7.48 2.93
CA ALA A 88 11.05 8.51 2.59
C ALA A 88 12.11 8.70 3.67
N LYS A 89 11.73 8.50 4.94
CA LYS A 89 12.70 8.63 6.03
C LYS A 89 13.48 7.34 6.22
N ARG A 90 12.87 6.22 5.84
CA ARG A 90 13.53 4.94 5.95
C ARG A 90 14.60 4.78 4.87
N TYR A 91 14.17 4.84 3.62
CA TYR A 91 15.09 4.68 2.51
C TYR A 91 14.73 5.61 1.32
N PRO A 92 15.30 6.83 1.30
CA PRO A 92 15.09 7.77 0.21
C PRO A 92 16.01 7.46 -0.98
N GLU A 93 15.94 8.27 -2.02
CA GLU A 93 16.77 8.09 -3.22
C GLU A 93 18.24 7.89 -2.87
N GLY A 94 18.86 6.93 -3.54
CA GLY A 94 20.27 6.67 -3.32
C GLY A 94 20.51 5.50 -2.40
N HIS A 95 19.54 5.21 -1.54
CA HIS A 95 19.67 4.11 -0.59
C HIS A 95 19.60 2.76 -1.30
N LYS A 96 20.51 1.87 -0.93
CA LYS A 96 20.54 0.52 -1.50
C LYS A 96 19.68 -0.40 -0.66
N LEU A 97 18.81 -1.16 -1.31
CA LEU A 97 17.90 -2.07 -0.61
C LEU A 97 17.72 -3.34 -1.40
N SER A 98 17.44 -4.43 -0.71
CA SER A 98 17.25 -5.71 -1.34
C SER A 98 15.77 -5.98 -1.58
N GLY A 99 15.44 -6.45 -2.76
CA GLY A 99 14.08 -6.76 -3.11
C GLY A 99 13.99 -8.07 -3.87
N ARG A 100 12.80 -8.44 -4.33
CA ARG A 100 12.64 -9.64 -5.12
C ARG A 100 11.56 -9.44 -6.17
N VAL A 101 11.84 -9.91 -7.37
CA VAL A 101 10.91 -9.80 -8.47
C VAL A 101 9.68 -10.63 -8.19
N THR A 102 8.53 -9.97 -8.13
CA THR A 102 7.26 -10.62 -7.81
C THR A 102 6.37 -10.68 -9.03
N ASN A 103 6.62 -9.79 -9.97
CA ASN A 103 5.83 -9.65 -11.19
C ASN A 103 6.73 -9.23 -12.31
N LEU A 104 6.47 -9.74 -13.48
CA LEU A 104 7.26 -9.42 -14.64
C LEU A 104 6.34 -8.88 -15.71
N THR A 105 6.69 -7.75 -16.29
CA THR A 105 5.86 -7.13 -17.32
C THR A 105 6.65 -7.08 -18.62
N ASP A 106 6.18 -6.34 -19.59
CA ASP A 106 6.90 -6.16 -20.84
C ASP A 106 7.62 -4.82 -20.84
N TYR A 107 7.39 -4.04 -19.78
CA TYR A 107 7.97 -2.70 -19.67
C TYR A 107 8.74 -2.53 -18.37
N GLY A 108 9.22 -3.64 -17.82
CA GLY A 108 9.95 -3.58 -16.57
C GLY A 108 9.58 -4.71 -15.63
N CYS A 109 10.13 -4.69 -14.43
CA CYS A 109 9.83 -5.71 -13.45
C CYS A 109 9.48 -5.09 -12.11
N PHE A 110 8.55 -5.74 -11.43
CA PHE A 110 8.12 -5.31 -10.11
C PHE A 110 8.91 -6.06 -9.06
N VAL A 111 9.58 -5.31 -8.20
CA VAL A 111 10.41 -5.88 -7.17
C VAL A 111 9.89 -5.49 -5.79
N GLU A 112 9.56 -6.50 -5.00
CA GLU A 112 9.00 -6.29 -3.67
C GLU A 112 10.09 -5.93 -2.69
N ILE A 113 9.93 -4.77 -2.08
CA ILE A 113 10.88 -4.28 -1.08
C ILE A 113 10.53 -4.88 0.28
N GLU A 114 9.24 -5.04 0.49
CA GLU A 114 8.70 -5.54 1.75
C GLU A 114 7.18 -5.68 1.65
N GLU A 115 6.59 -6.11 2.76
CA GLU A 115 5.14 -6.30 2.83
C GLU A 115 4.39 -4.97 2.69
N GLY A 116 3.88 -4.73 1.49
CA GLY A 116 3.14 -3.51 1.24
C GLY A 116 3.92 -2.55 0.37
N VAL A 117 5.22 -2.80 0.21
CA VAL A 117 6.05 -1.94 -0.61
C VAL A 117 6.68 -2.73 -1.74
N GLU A 118 6.35 -2.33 -2.95
CA GLU A 118 6.84 -2.97 -4.14
C GLU A 118 7.17 -1.90 -5.18
N GLY A 119 8.42 -1.87 -5.61
CA GLY A 119 8.86 -0.88 -6.58
C GLY A 119 8.95 -1.44 -8.00
N LEU A 120 9.10 -0.56 -8.97
CA LEU A 120 9.19 -0.97 -10.37
C LEU A 120 10.49 -0.52 -11.01
N VAL A 121 11.09 -1.42 -11.75
CA VAL A 121 12.31 -1.13 -12.48
C VAL A 121 12.02 -1.09 -13.97
N HIS A 122 12.24 0.07 -14.56
CA HIS A 122 12.02 0.29 -15.98
C HIS A 122 13.03 -0.51 -16.81
N VAL A 123 12.60 -1.02 -17.97
CA VAL A 123 13.44 -1.82 -18.87
C VAL A 123 14.84 -1.20 -19.10
N SER A 124 14.90 0.12 -19.16
CA SER A 124 16.16 0.82 -19.38
C SER A 124 17.09 0.67 -18.17
N GLU A 125 16.49 0.59 -16.99
CA GLU A 125 17.24 0.50 -15.75
C GLU A 125 17.50 -0.95 -15.34
N MET A 126 17.17 -1.89 -16.23
CA MET A 126 17.36 -3.31 -15.95
C MET A 126 18.78 -3.77 -16.24
N ASP A 127 19.24 -3.51 -17.47
CA ASP A 127 20.57 -3.94 -17.88
C ASP A 127 21.28 -2.82 -18.64
N TRP A 128 22.57 -3.00 -18.90
CA TRP A 128 23.37 -1.97 -19.58
C TRP A 128 23.52 -2.26 -21.09
N THR A 129 23.26 -3.51 -21.49
CA THR A 129 23.42 -3.91 -22.89
C THR A 129 22.37 -3.28 -23.79
N ASN A 130 21.12 -3.34 -23.38
CA ASN A 130 20.02 -2.83 -24.19
C ASN A 130 19.15 -1.86 -23.40
N LYS A 131 18.54 -0.94 -24.13
CA LYS A 131 17.68 0.10 -23.56
C LYS A 131 16.26 -0.40 -23.32
N ASN A 132 15.79 -1.25 -24.20
CA ASN A 132 14.43 -1.77 -24.12
C ASN A 132 14.41 -3.28 -24.00
N ILE A 133 15.44 -3.80 -23.34
CA ILE A 133 15.57 -5.22 -23.09
C ILE A 133 14.37 -5.73 -22.29
N HIS A 134 13.82 -6.87 -22.70
CA HIS A 134 12.69 -7.43 -22.01
C HIS A 134 13.14 -7.86 -20.62
N PRO A 135 12.37 -7.55 -19.56
CA PRO A 135 12.77 -7.86 -18.19
C PRO A 135 13.03 -9.36 -17.94
N SER A 136 12.50 -10.21 -18.81
CA SER A 136 12.66 -11.66 -18.66
C SER A 136 14.07 -12.09 -19.03
N LYS A 137 14.74 -11.28 -19.85
CA LYS A 137 16.09 -11.60 -20.29
C LYS A 137 17.07 -11.28 -19.17
N VAL A 138 16.63 -10.42 -18.24
CA VAL A 138 17.47 -10.00 -17.13
C VAL A 138 17.14 -10.77 -15.85
N VAL A 139 15.84 -10.88 -15.56
CA VAL A 139 15.38 -11.58 -14.35
C VAL A 139 14.08 -12.32 -14.59
N ASN A 140 13.61 -12.98 -13.53
CA ASN A 140 12.35 -13.71 -13.57
C ASN A 140 11.68 -13.54 -12.21
N VAL A 141 10.41 -13.88 -12.12
CA VAL A 141 9.69 -13.77 -10.85
C VAL A 141 10.15 -14.86 -9.91
N GLY A 142 10.69 -14.46 -8.77
CA GLY A 142 11.21 -15.41 -7.80
C GLY A 142 12.66 -15.15 -7.52
N ASP A 143 13.27 -14.35 -8.38
CA ASP A 143 14.67 -14.00 -8.24
C ASP A 143 14.84 -12.83 -7.29
N GLU A 144 15.57 -13.08 -6.22
CA GLU A 144 15.85 -12.06 -5.25
C GLU A 144 17.05 -11.24 -5.71
N VAL A 145 16.90 -9.94 -5.67
CA VAL A 145 17.93 -9.04 -6.15
C VAL A 145 18.03 -7.79 -5.29
N GLU A 146 18.94 -6.91 -5.66
CA GLU A 146 19.10 -5.65 -4.98
C GLU A 146 18.75 -4.52 -5.92
N VAL A 147 18.22 -3.44 -5.39
CA VAL A 147 17.87 -2.29 -6.18
C VAL A 147 18.13 -1.02 -5.39
N MET A 148 18.09 0.11 -6.07
CA MET A 148 18.31 1.40 -5.44
C MET A 148 17.16 2.33 -5.73
N VAL A 149 16.79 3.13 -4.75
CA VAL A 149 15.68 4.07 -4.88
C VAL A 149 16.00 5.13 -5.92
N LEU A 150 15.19 5.20 -6.96
CA LEU A 150 15.37 6.20 -8.01
C LEU A 150 14.33 7.30 -7.90
N GLU A 151 13.10 6.91 -7.55
CA GLU A 151 12.01 7.87 -7.46
C GLU A 151 10.79 7.28 -6.75
N ILE A 152 10.47 7.79 -5.56
CA ILE A 152 9.29 7.33 -4.84
C ILE A 152 8.25 8.43 -4.79
N ASP A 153 7.01 8.07 -5.09
CA ASP A 153 5.90 9.00 -4.99
C ASP A 153 4.89 8.41 -4.03
N GLU A 154 4.93 8.87 -2.80
CA GLU A 154 4.04 8.36 -1.76
C GLU A 154 2.59 8.76 -2.06
N GLU A 155 2.42 9.89 -2.75
CA GLU A 155 1.10 10.42 -3.06
C GLU A 155 0.42 9.60 -4.15
N ARG A 156 1.13 9.41 -5.24
CA ARG A 156 0.59 8.69 -6.39
C ARG A 156 0.86 7.20 -6.22
N ARG A 157 1.47 6.91 -5.08
CA ARG A 157 1.87 5.56 -4.68
C ARG A 157 2.59 4.86 -5.83
N ARG A 158 3.65 5.50 -6.32
CA ARG A 158 4.43 4.98 -7.45
C ARG A 158 5.91 4.95 -7.09
N ILE A 159 6.51 3.77 -7.05
CA ILE A 159 7.91 3.62 -6.68
C ILE A 159 8.78 3.15 -7.86
N SER A 160 9.88 3.87 -8.06
CA SER A 160 10.85 3.59 -9.11
C SER A 160 12.16 3.12 -8.49
N LEU A 161 12.66 1.99 -8.95
CA LEU A 161 13.90 1.44 -8.43
C LEU A 161 14.84 1.09 -9.58
N GLY A 162 16.13 1.03 -9.28
CA GLY A 162 17.12 0.72 -10.28
C GLY A 162 17.81 -0.59 -10.04
N LEU A 163 17.73 -1.48 -11.04
CA LEU A 163 18.36 -2.79 -10.95
C LEU A 163 19.84 -2.67 -11.28
N LYS A 164 20.15 -1.93 -12.32
CA LYS A 164 21.54 -1.75 -12.75
C LYS A 164 22.42 -1.15 -11.64
N GLN A 165 21.76 -0.58 -10.65
CA GLN A 165 22.45 0.03 -9.51
C GLN A 165 23.11 -1.01 -8.60
N CYS A 166 22.84 -2.29 -8.85
CA CYS A 166 23.47 -3.38 -8.09
C CYS A 166 24.27 -4.27 -9.03
N LYS A 167 24.31 -3.88 -10.28
CA LYS A 167 24.98 -4.66 -11.31
C LYS A 167 26.40 -4.14 -11.51
N ALA A 168 27.22 -4.94 -12.15
CA ALA A 168 28.62 -4.59 -12.36
C ALA A 168 28.79 -3.81 -13.65
N ASN A 169 29.50 -2.69 -13.56
CA ASN A 169 29.78 -1.88 -14.74
C ASN A 169 30.66 -2.65 -15.71
N PRO A 170 30.36 -2.60 -17.02
CA PRO A 170 31.19 -3.25 -18.01
C PRO A 170 32.54 -2.55 -18.16
N TRP A 171 32.59 -1.30 -17.69
CA TRP A 171 33.82 -0.51 -17.78
C TRP A 171 34.76 -0.74 -16.59
N GLN A 172 34.40 -1.62 -15.67
CA GLN A 172 35.21 -1.84 -14.48
C GLN A 172 36.41 -2.75 -14.77
N SER A 173 37.48 -2.52 -14.04
CA SER A 173 38.68 -3.32 -14.17
C SER A 173 39.31 -3.50 -12.79
N GLY A 1 -21.10 7.41 22.64
CA GLY A 1 -19.85 7.46 21.84
C GLY A 1 -20.13 7.29 20.36
N ALA A 2 -20.71 8.32 19.76
CA ALA A 2 -21.07 8.29 18.35
C ALA A 2 -21.01 9.68 17.78
N MET A 3 -21.68 9.92 16.65
CA MET A 3 -21.75 11.26 16.01
C MET A 3 -22.09 12.34 17.04
N GLU A 4 -22.70 11.93 18.15
CA GLU A 4 -23.06 12.82 19.26
C GLU A 4 -21.84 13.53 19.86
N THR A 5 -20.73 12.80 19.93
CA THR A 5 -19.50 13.30 20.53
C THR A 5 -18.31 13.05 19.62
N LEU A 6 -18.60 12.64 18.41
CA LEU A 6 -17.59 12.35 17.42
C LEU A 6 -17.02 13.61 16.81
N GLN A 7 -16.10 13.37 15.91
CA GLN A 7 -15.42 14.47 15.27
C GLN A 7 -14.51 13.88 14.19
N GLU A 8 -14.63 14.30 12.94
CA GLU A 8 -13.81 13.72 11.87
C GLU A 8 -12.34 13.61 12.31
N GLY A 9 -11.81 12.38 12.30
CA GLY A 9 -10.45 12.14 12.79
C GLY A 9 -10.43 11.49 14.18
N SER A 10 -11.61 11.40 14.79
CA SER A 10 -11.75 10.83 16.14
C SER A 10 -11.73 9.30 16.13
N GLU A 11 -10.94 8.72 17.03
CA GLU A 11 -10.91 7.27 17.19
C GLU A 11 -12.00 6.81 18.15
N VAL A 12 -12.79 5.87 17.67
CA VAL A 12 -13.91 5.30 18.44
C VAL A 12 -14.08 3.83 18.13
N LYS A 13 -14.47 3.06 19.13
CA LYS A 13 -14.66 1.64 18.95
C LYS A 13 -16.10 1.34 18.56
N GLY A 14 -16.27 0.45 17.58
CA GLY A 14 -17.61 0.12 17.12
C GLY A 14 -17.76 -1.36 16.82
N ILE A 15 -18.99 -1.78 16.54
CA ILE A 15 -19.30 -3.18 16.27
C ILE A 15 -19.57 -3.44 14.80
N VAL A 16 -18.76 -4.30 14.19
CA VAL A 16 -18.96 -4.66 12.78
C VAL A 16 -20.05 -5.71 12.70
N LYS A 17 -21.26 -5.27 12.39
CA LYS A 17 -22.41 -6.15 12.32
C LYS A 17 -22.79 -6.59 10.90
N ASN A 18 -22.11 -6.06 9.89
CA ASN A 18 -22.46 -6.39 8.51
C ASN A 18 -21.27 -6.23 7.60
N LEU A 19 -21.17 -7.09 6.60
CA LEU A 19 -20.05 -7.08 5.67
C LEU A 19 -20.56 -7.20 4.24
N THR A 20 -20.42 -6.13 3.47
CA THR A 20 -20.85 -6.14 2.07
C THR A 20 -19.67 -6.47 1.16
N ASP A 21 -19.85 -6.30 -0.15
CA ASP A 21 -18.82 -6.61 -1.12
C ASP A 21 -17.95 -5.39 -1.43
N TYR A 22 -18.41 -4.24 -0.99
CA TYR A 22 -17.68 -2.98 -1.21
C TYR A 22 -17.20 -2.38 0.12
N GLY A 23 -17.67 -2.94 1.23
CA GLY A 23 -17.30 -2.45 2.53
C GLY A 23 -18.00 -3.15 3.66
N ALA A 24 -18.11 -2.50 4.79
CA ALA A 24 -18.75 -3.07 5.95
C ALA A 24 -19.54 -2.01 6.69
N PHE A 25 -20.27 -2.41 7.72
CA PHE A 25 -21.04 -1.47 8.53
C PHE A 25 -20.79 -1.68 10.01
N VAL A 26 -20.40 -0.60 10.68
CA VAL A 26 -20.12 -0.61 12.10
C VAL A 26 -21.18 0.16 12.86
N ASP A 27 -21.60 -0.40 13.99
CA ASP A 27 -22.59 0.23 14.85
C ASP A 27 -21.87 1.05 15.92
N LEU A 28 -22.13 2.35 15.96
CA LEU A 28 -21.51 3.24 16.95
C LEU A 28 -22.40 3.35 18.17
N GLY A 29 -23.44 2.53 18.20
CA GLY A 29 -24.41 2.58 19.27
C GLY A 29 -25.58 3.46 18.90
N GLY A 30 -26.26 3.08 17.81
CA GLY A 30 -27.44 3.82 17.37
C GLY A 30 -27.27 4.43 15.99
N VAL A 31 -26.06 4.41 15.47
CA VAL A 31 -25.79 4.97 14.15
C VAL A 31 -24.80 4.08 13.44
N ASP A 32 -25.02 3.84 12.17
CA ASP A 32 -24.18 2.96 11.38
C ASP A 32 -23.16 3.76 10.57
N GLY A 33 -21.92 3.30 10.59
CA GLY A 33 -20.88 3.92 9.80
C GLY A 33 -20.41 2.97 8.71
N LEU A 34 -20.29 3.48 7.50
CA LEU A 34 -19.83 2.68 6.37
C LEU A 34 -18.31 2.71 6.31
N LEU A 35 -17.71 1.53 6.37
CA LEU A 35 -16.27 1.41 6.25
C LEU A 35 -15.96 0.77 4.91
N HIS A 36 -15.42 1.56 4.00
CA HIS A 36 -15.11 1.07 2.66
C HIS A 36 -13.97 0.03 2.73
N ILE A 37 -14.09 -1.02 1.91
CA ILE A 37 -13.10 -2.11 1.86
C ILE A 37 -11.65 -1.62 1.74
N THR A 38 -11.44 -0.53 1.01
CA THR A 38 -10.08 -0.05 0.78
C THR A 38 -9.53 0.69 2.00
N ASP A 39 -10.33 0.80 3.05
CA ASP A 39 -9.92 1.48 4.25
C ASP A 39 -9.68 0.49 5.38
N MET A 40 -9.82 -0.80 5.10
CA MET A 40 -9.58 -1.83 6.09
C MET A 40 -8.09 -2.08 6.32
N ALA A 41 -7.30 -1.78 5.30
CA ALA A 41 -5.85 -1.97 5.36
C ALA A 41 -5.13 -1.23 4.25
N TRP A 42 -3.81 -1.13 4.40
CA TRP A 42 -2.96 -0.46 3.43
C TRP A 42 -2.82 -1.31 2.15
N LYS A 43 -3.00 -2.62 2.31
CA LYS A 43 -2.83 -3.55 1.19
C LYS A 43 -4.09 -3.63 0.33
N ARG A 44 -4.04 -4.53 -0.64
CA ARG A 44 -5.14 -4.75 -1.55
C ARG A 44 -6.13 -5.73 -0.94
N VAL A 45 -7.03 -5.20 -0.13
CA VAL A 45 -8.09 -6.00 0.49
C VAL A 45 -9.21 -6.28 -0.52
N LYS A 46 -9.72 -7.51 -0.51
CA LYS A 46 -10.77 -7.89 -1.45
C LYS A 46 -12.14 -7.94 -0.79
N HIS A 47 -12.19 -8.29 0.48
CA HIS A 47 -13.45 -8.43 1.19
C HIS A 47 -13.19 -8.05 2.66
N PRO A 48 -14.16 -7.43 3.36
CA PRO A 48 -13.93 -6.98 4.74
C PRO A 48 -13.85 -8.11 5.74
N SER A 49 -14.45 -9.25 5.39
CA SER A 49 -14.45 -10.41 6.28
C SER A 49 -13.02 -10.94 6.46
N GLU A 50 -12.16 -10.61 5.50
CA GLU A 50 -10.77 -11.03 5.55
C GLU A 50 -10.02 -10.26 6.64
N ILE A 51 -10.54 -9.10 7.00
CA ILE A 51 -9.92 -8.21 7.99
C ILE A 51 -10.68 -8.20 9.32
N VAL A 52 -12.02 -8.15 9.25
CA VAL A 52 -12.87 -8.11 10.44
C VAL A 52 -14.16 -8.89 10.19
N ASN A 53 -14.76 -9.48 11.23
CA ASN A 53 -15.95 -10.29 11.05
C ASN A 53 -17.16 -9.67 11.74
N VAL A 54 -18.31 -10.30 11.54
CA VAL A 54 -19.55 -9.86 12.14
C VAL A 54 -19.54 -10.08 13.66
N GLY A 55 -19.94 -9.05 14.39
CA GLY A 55 -19.99 -9.12 15.84
C GLY A 55 -18.69 -8.77 16.51
N ASP A 56 -17.76 -8.19 15.76
CA ASP A 56 -16.45 -7.84 16.32
C ASP A 56 -16.40 -6.37 16.73
N GLU A 57 -15.93 -6.12 17.95
CA GLU A 57 -15.76 -4.76 18.44
C GLU A 57 -14.33 -4.34 18.18
N ILE A 58 -14.11 -3.40 17.29
CA ILE A 58 -12.77 -2.93 16.99
C ILE A 58 -12.69 -1.43 17.12
N LEU A 59 -11.49 -0.90 17.07
CA LEU A 59 -11.27 0.53 17.18
C LEU A 59 -11.08 1.13 15.78
N VAL A 60 -12.00 1.98 15.35
CA VAL A 60 -11.91 2.64 14.05
C VAL A 60 -11.82 4.15 14.20
N LYS A 61 -11.36 4.80 13.13
CA LYS A 61 -11.30 6.25 13.10
C LYS A 61 -12.32 6.79 12.11
N VAL A 62 -12.95 7.92 12.45
CA VAL A 62 -13.89 8.56 11.54
C VAL A 62 -13.13 9.32 10.46
N LEU A 63 -13.35 8.96 9.21
CA LEU A 63 -12.69 9.61 8.08
C LEU A 63 -13.59 10.66 7.44
N LYS A 64 -14.89 10.36 7.32
CA LYS A 64 -15.83 11.27 6.67
C LYS A 64 -17.13 11.26 7.42
N PHE A 65 -18.09 12.01 6.94
CA PHE A 65 -19.41 12.05 7.52
C PHE A 65 -20.48 12.10 6.41
N ASP A 66 -21.66 11.58 6.73
CA ASP A 66 -22.80 11.58 5.81
C ASP A 66 -23.26 13.02 5.59
N ARG A 67 -24.25 13.21 4.72
CA ARG A 67 -24.71 14.54 4.31
C ARG A 67 -24.53 15.62 5.38
N ASP A 68 -25.21 15.54 6.54
CA ASP A 68 -24.88 16.53 7.57
C ASP A 68 -24.08 15.91 8.71
N ARG A 69 -24.71 15.02 9.49
CA ARG A 69 -24.01 14.28 10.54
C ARG A 69 -24.55 12.84 10.70
N THR A 70 -25.76 12.64 10.17
CA THR A 70 -26.55 11.39 10.29
C THR A 70 -25.74 10.07 10.29
N ARG A 71 -24.84 9.87 9.33
CA ARG A 71 -24.04 8.65 9.28
C ARG A 71 -22.57 9.03 9.17
N VAL A 72 -21.67 8.06 9.20
CA VAL A 72 -20.26 8.39 9.18
C VAL A 72 -19.41 7.38 8.40
N SER A 73 -18.21 7.80 8.03
CA SER A 73 -17.26 6.93 7.34
C SER A 73 -16.11 6.57 8.27
N LEU A 74 -15.69 5.32 8.25
CA LEU A 74 -14.63 4.86 9.15
C LEU A 74 -13.41 4.41 8.37
N GLY A 75 -12.38 4.08 9.13
CA GLY A 75 -11.15 3.59 8.59
C GLY A 75 -10.49 2.64 9.54
N LEU A 76 -9.62 1.78 9.02
CA LEU A 76 -8.95 0.80 9.86
C LEU A 76 -7.43 0.88 9.69
N LYS A 77 -6.96 1.43 8.57
CA LYS A 77 -5.52 1.48 8.31
C LYS A 77 -4.86 2.77 8.79
N GLN A 78 -5.57 3.87 8.70
CA GLN A 78 -5.02 5.17 9.09
C GLN A 78 -5.00 5.39 10.62
N LEU A 79 -5.33 4.36 11.39
CA LEU A 79 -5.20 4.44 12.85
C LEU A 79 -3.78 4.07 13.23
N GLY A 80 -3.12 3.38 12.30
CA GLY A 80 -1.78 2.89 12.52
C GLY A 80 -0.72 3.69 11.83
N GLU A 81 0.08 3.00 11.04
CA GLU A 81 1.17 3.68 10.36
C GLU A 81 1.20 3.25 8.91
N ASP A 82 1.08 4.17 7.98
CA ASP A 82 1.19 3.80 6.58
C ASP A 82 2.68 3.65 6.27
N PRO A 83 3.10 2.54 5.65
CA PRO A 83 4.53 2.28 5.42
C PRO A 83 5.17 3.22 4.41
N TRP A 84 4.34 3.90 3.63
CA TRP A 84 4.84 4.77 2.59
C TRP A 84 5.13 6.19 3.08
N VAL A 85 4.52 6.59 4.18
CA VAL A 85 4.74 7.94 4.71
C VAL A 85 6.17 8.08 5.24
N ALA A 86 6.67 7.01 5.82
CA ALA A 86 8.01 7.00 6.40
C ALA A 86 9.02 6.41 5.44
N ILE A 87 8.56 5.91 4.30
CA ILE A 87 9.43 5.24 3.35
C ILE A 87 10.63 6.13 2.99
N ALA A 88 10.40 7.43 2.98
CA ALA A 88 11.43 8.40 2.63
C ALA A 88 12.49 8.53 3.73
N LYS A 89 12.10 8.38 5.01
CA LYS A 89 13.07 8.48 6.09
C LYS A 89 13.76 7.13 6.32
N ARG A 90 13.08 6.06 5.93
CA ARG A 90 13.64 4.73 6.09
C ARG A 90 14.68 4.46 5.03
N TYR A 91 14.28 4.60 3.77
CA TYR A 91 15.20 4.41 2.66
C TYR A 91 14.88 5.36 1.49
N PRO A 92 15.50 6.57 1.50
CA PRO A 92 15.32 7.58 0.46
C PRO A 92 16.06 7.21 -0.83
N GLU A 93 16.01 8.11 -1.81
CA GLU A 93 16.64 7.86 -3.10
C GLU A 93 18.15 7.68 -2.94
N GLY A 94 18.68 6.66 -3.61
CA GLY A 94 20.10 6.40 -3.51
C GLY A 94 20.42 5.28 -2.54
N HIS A 95 19.45 4.91 -1.71
CA HIS A 95 19.64 3.83 -0.75
C HIS A 95 19.66 2.46 -1.46
N LYS A 96 20.58 1.61 -1.05
CA LYS A 96 20.69 0.25 -1.57
C LYS A 96 19.83 -0.69 -0.75
N LEU A 97 19.01 -1.48 -1.42
CA LEU A 97 18.13 -2.40 -0.74
C LEU A 97 17.93 -3.66 -1.57
N SER A 98 17.63 -4.76 -0.91
CA SER A 98 17.44 -6.02 -1.57
C SER A 98 15.96 -6.32 -1.75
N GLY A 99 15.56 -6.56 -2.98
CA GLY A 99 14.17 -6.85 -3.29
C GLY A 99 14.04 -8.19 -4.00
N ARG A 100 12.85 -8.51 -4.45
CA ARG A 100 12.61 -9.73 -5.21
C ARG A 100 11.55 -9.50 -6.26
N VAL A 101 11.86 -9.91 -7.48
CA VAL A 101 10.94 -9.73 -8.60
C VAL A 101 9.66 -10.50 -8.31
N THR A 102 8.55 -9.79 -8.24
CA THR A 102 7.27 -10.38 -7.91
C THR A 102 6.38 -10.50 -9.13
N ASN A 103 6.66 -9.66 -10.10
CA ASN A 103 5.87 -9.61 -11.32
C ASN A 103 6.75 -9.15 -12.46
N LEU A 104 6.46 -9.62 -13.65
CA LEU A 104 7.25 -9.28 -14.82
C LEU A 104 6.34 -8.70 -15.88
N THR A 105 6.79 -7.63 -16.53
CA THR A 105 6.01 -7.00 -17.58
C THR A 105 6.84 -6.93 -18.85
N ASP A 106 6.41 -6.16 -19.84
CA ASP A 106 7.19 -5.96 -21.05
C ASP A 106 7.92 -4.63 -20.98
N TYR A 107 7.62 -3.85 -19.96
CA TYR A 107 8.23 -2.53 -19.82
C TYR A 107 8.99 -2.40 -18.50
N GLY A 108 9.43 -3.53 -17.95
CA GLY A 108 10.15 -3.50 -16.70
C GLY A 108 9.74 -4.63 -15.78
N CYS A 109 10.30 -4.63 -14.59
CA CYS A 109 10.01 -5.67 -13.61
C CYS A 109 9.63 -5.07 -12.28
N PHE A 110 8.66 -5.70 -11.65
CA PHE A 110 8.18 -5.31 -10.35
C PHE A 110 8.97 -6.05 -9.30
N VAL A 111 9.44 -5.35 -8.28
CA VAL A 111 10.28 -5.96 -7.26
C VAL A 111 9.82 -5.56 -5.84
N GLU A 112 9.53 -6.57 -5.02
CA GLU A 112 9.07 -6.34 -3.65
C GLU A 112 10.20 -5.92 -2.75
N ILE A 113 10.07 -4.74 -2.15
CA ILE A 113 11.05 -4.24 -1.20
C ILE A 113 10.75 -4.81 0.18
N GLU A 114 9.45 -4.98 0.42
CA GLU A 114 8.94 -5.49 1.69
C GLU A 114 7.43 -5.65 1.65
N GLU A 115 6.85 -6.08 2.76
CA GLU A 115 5.42 -6.29 2.86
C GLU A 115 4.64 -4.99 2.69
N GLY A 116 4.10 -4.80 1.49
CA GLY A 116 3.31 -3.60 1.23
C GLY A 116 4.06 -2.60 0.39
N VAL A 117 5.35 -2.82 0.20
CA VAL A 117 6.18 -1.94 -0.61
C VAL A 117 6.80 -2.70 -1.77
N GLU A 118 6.47 -2.27 -2.97
CA GLU A 118 6.93 -2.89 -4.19
C GLU A 118 7.32 -1.81 -5.19
N GLY A 119 8.56 -1.89 -5.68
CA GLY A 119 9.05 -0.91 -6.63
C GLY A 119 9.10 -1.47 -8.05
N LEU A 120 9.27 -0.58 -9.02
CA LEU A 120 9.34 -0.97 -10.42
C LEU A 120 10.64 -0.49 -11.05
N VAL A 121 11.27 -1.39 -11.80
CA VAL A 121 12.48 -1.09 -12.52
C VAL A 121 12.20 -1.05 -14.02
N HIS A 122 12.49 0.08 -14.67
CA HIS A 122 12.23 0.22 -16.09
C HIS A 122 13.27 -0.55 -16.90
N VAL A 123 12.86 -1.06 -18.06
CA VAL A 123 13.75 -1.82 -18.95
C VAL A 123 15.09 -1.12 -19.19
N SER A 124 15.08 0.21 -19.18
CA SER A 124 16.28 1.00 -19.42
C SER A 124 17.27 0.87 -18.26
N GLU A 125 16.78 0.56 -17.06
CA GLU A 125 17.62 0.44 -15.88
C GLU A 125 17.81 -1.01 -15.45
N MET A 126 17.57 -1.96 -16.35
CA MET A 126 17.75 -3.36 -16.00
C MET A 126 19.12 -3.86 -16.41
N ASP A 127 19.49 -3.62 -17.66
CA ASP A 127 20.81 -4.00 -18.15
C ASP A 127 21.39 -2.82 -18.94
N TRP A 128 22.70 -2.83 -19.18
CA TRP A 128 23.33 -1.72 -19.88
C TRP A 128 23.53 -2.00 -21.37
N THR A 129 23.42 -3.27 -21.75
CA THR A 129 23.67 -3.65 -23.13
C THR A 129 22.55 -3.22 -24.06
N ASN A 130 21.32 -3.31 -23.60
CA ASN A 130 20.18 -2.95 -24.43
C ASN A 130 19.18 -2.09 -23.66
N LYS A 131 18.89 -0.94 -24.23
CA LYS A 131 17.99 0.07 -23.65
C LYS A 131 16.57 -0.44 -23.42
N ASN A 132 16.06 -1.18 -24.37
CA ASN A 132 14.68 -1.67 -24.30
C ASN A 132 14.65 -3.20 -24.21
N ILE A 133 15.64 -3.74 -23.52
CA ILE A 133 15.74 -5.17 -23.30
C ILE A 133 14.53 -5.70 -22.53
N HIS A 134 14.00 -6.84 -22.95
CA HIS A 134 12.87 -7.44 -22.26
C HIS A 134 13.31 -7.90 -20.87
N PRO A 135 12.57 -7.52 -19.81
CA PRO A 135 12.92 -7.86 -18.42
C PRO A 135 13.19 -9.35 -18.21
N SER A 136 12.59 -10.20 -19.04
CA SER A 136 12.75 -11.65 -18.92
C SER A 136 14.17 -12.08 -19.28
N LYS A 137 14.85 -11.29 -20.11
CA LYS A 137 16.19 -11.65 -20.54
C LYS A 137 17.20 -11.31 -19.44
N VAL A 138 16.80 -10.43 -18.53
CA VAL A 138 17.67 -10.02 -17.42
C VAL A 138 17.33 -10.78 -16.14
N VAL A 139 16.04 -10.85 -15.82
CA VAL A 139 15.58 -11.51 -14.60
C VAL A 139 14.28 -12.25 -14.83
N ASN A 140 13.80 -12.92 -13.80
CA ASN A 140 12.53 -13.62 -13.86
C ASN A 140 11.77 -13.34 -12.56
N VAL A 141 10.49 -13.64 -12.56
CA VAL A 141 9.68 -13.46 -11.37
C VAL A 141 9.97 -14.56 -10.36
N GLY A 142 10.46 -14.14 -9.21
CA GLY A 142 10.86 -15.06 -8.17
C GLY A 142 12.31 -14.88 -7.85
N ASP A 143 13.00 -14.17 -8.74
CA ASP A 143 14.42 -13.90 -8.59
C ASP A 143 14.63 -12.77 -7.60
N GLU A 144 15.38 -13.07 -6.55
CA GLU A 144 15.68 -12.08 -5.54
C GLU A 144 16.91 -11.27 -5.99
N VAL A 145 16.76 -9.96 -6.02
CA VAL A 145 17.82 -9.08 -6.50
C VAL A 145 17.87 -7.75 -5.77
N GLU A 146 19.05 -7.16 -5.77
CA GLU A 146 19.23 -5.86 -5.15
C GLU A 146 18.95 -4.74 -6.12
N VAL A 147 18.37 -3.67 -5.60
CA VAL A 147 18.04 -2.49 -6.37
C VAL A 147 18.29 -1.23 -5.54
N MET A 148 18.22 -0.09 -6.19
CA MET A 148 18.41 1.18 -5.51
C MET A 148 17.24 2.09 -5.74
N VAL A 149 16.83 2.83 -4.71
CA VAL A 149 15.73 3.75 -4.82
C VAL A 149 16.02 4.80 -5.87
N LEU A 150 15.25 4.78 -6.95
CA LEU A 150 15.45 5.68 -8.05
C LEU A 150 14.52 6.88 -7.90
N GLU A 151 13.25 6.59 -7.56
CA GLU A 151 12.26 7.64 -7.36
C GLU A 151 10.99 7.10 -6.67
N ILE A 152 10.70 7.62 -5.48
CA ILE A 152 9.49 7.22 -4.77
C ILE A 152 8.44 8.32 -4.75
N ASP A 153 7.23 7.96 -5.16
CA ASP A 153 6.08 8.85 -5.13
C ASP A 153 5.11 8.34 -4.09
N GLU A 154 5.28 8.80 -2.87
CA GLU A 154 4.46 8.37 -1.74
C GLU A 154 2.99 8.73 -1.97
N GLU A 155 2.77 9.87 -2.63
CA GLU A 155 1.42 10.37 -2.87
C GLU A 155 0.72 9.60 -3.97
N ARG A 156 1.44 9.33 -5.05
CA ARG A 156 0.87 8.64 -6.21
C ARG A 156 1.02 7.14 -6.03
N ARG A 157 1.54 6.77 -4.86
CA ARG A 157 1.81 5.38 -4.50
C ARG A 157 2.47 4.63 -5.65
N ARG A 158 3.57 5.20 -6.12
CA ARG A 158 4.35 4.65 -7.22
C ARG A 158 5.83 4.72 -6.89
N ILE A 159 6.52 3.58 -6.95
CA ILE A 159 7.94 3.52 -6.60
C ILE A 159 8.80 3.06 -7.78
N SER A 160 9.89 3.77 -8.00
CA SER A 160 10.84 3.50 -9.05
C SER A 160 12.15 3.06 -8.44
N LEU A 161 12.69 1.95 -8.94
CA LEU A 161 13.95 1.43 -8.45
C LEU A 161 14.88 1.16 -9.63
N GLY A 162 16.18 1.17 -9.37
CA GLY A 162 17.15 0.93 -10.41
C GLY A 162 17.95 -0.34 -10.18
N LEU A 163 17.93 -1.24 -11.17
CA LEU A 163 18.66 -2.50 -11.08
C LEU A 163 20.09 -2.32 -11.53
N LYS A 164 20.30 -1.59 -12.61
CA LYS A 164 21.64 -1.35 -13.13
C LYS A 164 22.47 -0.60 -12.07
N GLN A 165 21.77 0.00 -11.11
CA GLN A 165 22.42 0.71 -10.01
C GLN A 165 23.12 -0.26 -9.06
N CYS A 166 22.88 -1.56 -9.25
CA CYS A 166 23.53 -2.58 -8.45
C CYS A 166 24.33 -3.53 -9.35
N LYS A 167 24.49 -3.14 -10.60
CA LYS A 167 25.21 -3.95 -11.58
C LYS A 167 26.55 -3.27 -11.91
N ALA A 168 27.41 -3.98 -12.63
CA ALA A 168 28.71 -3.43 -12.99
C ALA A 168 28.55 -2.44 -14.13
N ASN A 169 29.30 -1.35 -14.08
CA ASN A 169 29.19 -0.31 -15.09
C ASN A 169 30.19 -0.55 -16.23
N PRO A 170 29.72 -0.42 -17.50
CA PRO A 170 30.58 -0.60 -18.70
C PRO A 170 31.58 0.53 -18.87
N TRP A 171 31.61 1.39 -17.88
CA TRP A 171 32.48 2.56 -17.88
C TRP A 171 33.84 2.19 -17.30
N GLN A 172 34.01 0.91 -17.01
CA GLN A 172 35.28 0.41 -16.49
C GLN A 172 36.26 0.18 -17.63
N SER A 173 37.29 0.99 -17.67
CA SER A 173 38.32 0.86 -18.68
C SER A 173 39.66 1.33 -18.14
N GLY A 1 -21.24 7.85 22.16
CA GLY A 1 -19.92 7.92 21.48
C GLY A 1 -20.03 7.93 19.97
N ALA A 2 -21.16 8.39 19.46
CA ALA A 2 -21.40 8.43 18.03
C ALA A 2 -21.21 9.84 17.48
N MET A 3 -21.72 10.07 16.26
CA MET A 3 -21.66 11.37 15.58
C MET A 3 -22.07 12.52 16.51
N GLU A 4 -22.81 12.18 17.55
CA GLU A 4 -23.27 13.13 18.58
C GLU A 4 -22.10 13.91 19.22
N THR A 5 -21.01 13.20 19.51
CA THR A 5 -19.85 13.79 20.17
C THR A 5 -18.57 13.43 19.44
N LEU A 6 -18.74 12.85 18.26
CA LEU A 6 -17.63 12.49 17.40
C LEU A 6 -16.99 13.71 16.75
N GLN A 7 -16.01 13.41 15.92
CA GLN A 7 -15.29 14.45 15.23
C GLN A 7 -14.41 13.77 14.21
N GLU A 8 -14.41 14.23 12.97
CA GLU A 8 -13.61 13.57 11.93
C GLU A 8 -12.15 13.45 12.43
N GLY A 9 -11.58 12.25 12.35
CA GLY A 9 -10.25 12.03 12.87
C GLY A 9 -10.27 11.38 14.25
N SER A 10 -11.46 11.29 14.85
CA SER A 10 -11.63 10.71 16.17
C SER A 10 -11.46 9.20 16.14
N GLU A 11 -11.16 8.63 17.31
CA GLU A 11 -11.01 7.20 17.47
C GLU A 11 -12.08 6.66 18.40
N VAL A 12 -12.85 5.73 17.89
CA VAL A 12 -13.95 5.13 18.65
C VAL A 12 -14.14 3.67 18.27
N LYS A 13 -14.51 2.86 19.25
CA LYS A 13 -14.71 1.43 18.99
C LYS A 13 -16.15 1.18 18.55
N GLY A 14 -16.30 0.32 17.56
CA GLY A 14 -17.61 0.02 17.03
C GLY A 14 -17.79 -1.46 16.72
N ILE A 15 -19.02 -1.88 16.49
CA ILE A 15 -19.33 -3.28 16.21
C ILE A 15 -19.61 -3.51 14.74
N VAL A 16 -18.77 -4.32 14.11
CA VAL A 16 -18.96 -4.68 12.71
C VAL A 16 -20.05 -5.73 12.62
N LYS A 17 -21.26 -5.30 12.34
CA LYS A 17 -22.40 -6.19 12.28
C LYS A 17 -22.82 -6.53 10.86
N ASN A 18 -22.11 -6.03 9.87
CA ASN A 18 -22.46 -6.30 8.47
C ASN A 18 -21.24 -6.16 7.59
N LEU A 19 -21.18 -6.97 6.54
CA LEU A 19 -20.04 -6.98 5.63
C LEU A 19 -20.56 -7.08 4.21
N THR A 20 -20.35 -6.03 3.42
CA THR A 20 -20.80 -6.04 2.03
C THR A 20 -19.64 -6.35 1.10
N ASP A 21 -19.85 -6.20 -0.20
CA ASP A 21 -18.81 -6.51 -1.18
C ASP A 21 -18.02 -5.25 -1.55
N TYR A 22 -18.47 -4.11 -1.04
CA TYR A 22 -17.79 -2.83 -1.27
C TYR A 22 -17.32 -2.20 0.04
N GLY A 23 -17.71 -2.82 1.14
CA GLY A 23 -17.32 -2.30 2.45
C GLY A 23 -17.99 -3.05 3.57
N ALA A 24 -18.07 -2.41 4.73
CA ALA A 24 -18.69 -3.01 5.89
C ALA A 24 -19.48 -1.96 6.64
N PHE A 25 -20.23 -2.39 7.65
CA PHE A 25 -21.02 -1.46 8.46
C PHE A 25 -20.81 -1.69 9.95
N VAL A 26 -20.38 -0.63 10.63
CA VAL A 26 -20.15 -0.66 12.06
C VAL A 26 -21.21 0.12 12.81
N ASP A 27 -21.64 -0.46 13.93
CA ASP A 27 -22.63 0.17 14.79
C ASP A 27 -21.92 1.05 15.80
N LEU A 28 -22.16 2.35 15.75
CA LEU A 28 -21.54 3.29 16.68
C LEU A 28 -22.43 3.46 17.90
N GLY A 29 -23.48 2.67 17.93
CA GLY A 29 -24.45 2.74 18.99
C GLY A 29 -25.60 3.63 18.61
N GLY A 30 -26.27 3.26 17.52
CA GLY A 30 -27.42 4.02 17.04
C GLY A 30 -27.24 4.57 15.64
N VAL A 31 -26.04 4.44 15.07
CA VAL A 31 -25.78 4.90 13.73
C VAL A 31 -24.77 3.99 13.05
N ASP A 32 -25.00 3.68 11.79
CA ASP A 32 -24.12 2.77 11.05
C ASP A 32 -23.11 3.57 10.22
N GLY A 33 -21.84 3.27 10.41
CA GLY A 33 -20.80 3.91 9.64
C GLY A 33 -20.33 2.97 8.55
N LEU A 34 -20.16 3.48 7.36
CA LEU A 34 -19.69 2.67 6.24
C LEU A 34 -18.18 2.62 6.26
N LEU A 35 -17.64 1.41 6.37
CA LEU A 35 -16.20 1.21 6.36
C LEU A 35 -15.80 0.73 4.99
N HIS A 36 -15.19 1.60 4.21
CA HIS A 36 -14.79 1.29 2.85
C HIS A 36 -13.75 0.17 2.85
N ILE A 37 -13.95 -0.81 1.96
CA ILE A 37 -13.07 -1.99 1.84
C ILE A 37 -11.58 -1.66 1.76
N THR A 38 -11.23 -0.56 1.13
CA THR A 38 -9.82 -0.22 0.95
C THR A 38 -9.26 0.39 2.22
N ASP A 39 -10.11 0.64 3.20
CA ASP A 39 -9.68 1.26 4.44
C ASP A 39 -9.42 0.23 5.53
N MET A 40 -9.52 -1.04 5.18
CA MET A 40 -9.28 -2.13 6.10
C MET A 40 -7.78 -2.33 6.33
N ALA A 41 -6.99 -2.06 5.30
CA ALA A 41 -5.53 -2.21 5.39
C ALA A 41 -4.83 -1.48 4.26
N TRP A 42 -3.51 -1.31 4.41
CA TRP A 42 -2.69 -0.61 3.41
C TRP A 42 -2.55 -1.43 2.13
N LYS A 43 -2.64 -2.75 2.28
CA LYS A 43 -2.46 -3.66 1.15
C LYS A 43 -3.71 -3.76 0.29
N ARG A 44 -3.67 -4.71 -0.64
CA ARG A 44 -4.78 -4.97 -1.51
C ARG A 44 -5.77 -5.98 -0.91
N VAL A 45 -6.66 -5.46 -0.07
CA VAL A 45 -7.71 -6.27 0.52
C VAL A 45 -8.87 -6.40 -0.47
N LYS A 46 -9.41 -7.61 -0.58
CA LYS A 46 -10.49 -7.88 -1.53
C LYS A 46 -11.86 -7.93 -0.88
N HIS A 47 -11.92 -8.34 0.38
CA HIS A 47 -13.20 -8.50 1.06
C HIS A 47 -13.00 -8.07 2.53
N PRO A 48 -14.01 -7.48 3.19
CA PRO A 48 -13.85 -6.99 4.57
C PRO A 48 -13.72 -8.12 5.59
N SER A 49 -14.29 -9.28 5.26
CA SER A 49 -14.28 -10.43 6.16
C SER A 49 -12.86 -10.97 6.35
N GLU A 50 -11.98 -10.59 5.43
CA GLU A 50 -10.60 -11.01 5.51
C GLU A 50 -9.89 -10.29 6.66
N ILE A 51 -10.39 -9.10 7.00
CA ILE A 51 -9.78 -8.25 8.04
C ILE A 51 -10.63 -8.24 9.32
N VAL A 52 -11.95 -8.13 9.19
CA VAL A 52 -12.85 -8.09 10.34
C VAL A 52 -14.16 -8.81 10.00
N ASN A 53 -14.79 -9.43 11.00
CA ASN A 53 -15.99 -10.22 10.77
C ASN A 53 -17.19 -9.64 11.51
N VAL A 54 -18.34 -10.28 11.31
CA VAL A 54 -19.57 -9.88 11.95
C VAL A 54 -19.53 -10.15 13.46
N GLY A 55 -19.89 -9.13 14.23
CA GLY A 55 -19.92 -9.23 15.67
C GLY A 55 -18.60 -8.90 16.34
N ASP A 56 -17.67 -8.32 15.59
CA ASP A 56 -16.36 -7.96 16.17
C ASP A 56 -16.30 -6.50 16.56
N GLU A 57 -15.90 -6.26 17.79
CA GLU A 57 -15.74 -4.90 18.31
C GLU A 57 -14.30 -4.46 18.07
N ILE A 58 -14.08 -3.55 17.14
CA ILE A 58 -12.74 -3.07 16.87
C ILE A 58 -12.67 -1.56 17.05
N LEU A 59 -11.46 -1.03 17.06
CA LEU A 59 -11.24 0.39 17.23
C LEU A 59 -10.98 1.05 15.88
N VAL A 60 -11.98 1.76 15.37
CA VAL A 60 -11.87 2.43 14.07
C VAL A 60 -11.75 3.94 14.22
N LYS A 61 -11.22 4.57 13.20
CA LYS A 61 -11.10 6.01 13.17
C LYS A 61 -12.06 6.60 12.13
N VAL A 62 -12.76 7.66 12.52
CA VAL A 62 -13.67 8.33 11.59
C VAL A 62 -12.86 9.11 10.57
N LEU A 63 -13.01 8.76 9.30
CA LEU A 63 -12.25 9.41 8.24
C LEU A 63 -13.04 10.50 7.56
N LYS A 64 -14.34 10.28 7.35
CA LYS A 64 -15.17 11.24 6.64
C LYS A 64 -16.53 11.35 7.31
N PHE A 65 -17.35 12.28 6.83
CA PHE A 65 -18.70 12.47 7.32
C PHE A 65 -19.65 12.77 6.17
N ASP A 66 -20.89 12.30 6.32
CA ASP A 66 -21.95 12.53 5.33
C ASP A 66 -22.41 13.98 5.42
N ARG A 67 -23.34 14.35 4.53
CA ARG A 67 -23.83 15.72 4.38
C ARG A 67 -23.78 16.56 5.66
N ASP A 68 -24.54 16.30 6.75
CA ASP A 68 -24.28 17.10 7.95
C ASP A 68 -23.65 16.25 9.06
N ARG A 69 -24.38 15.24 9.57
CA ARG A 69 -23.84 14.31 10.56
C ARG A 69 -24.20 12.86 10.23
N THR A 70 -25.44 12.71 9.76
CA THR A 70 -26.11 11.43 9.45
C THR A 70 -25.21 10.19 9.31
N ARG A 71 -24.46 10.05 8.21
CA ARG A 71 -23.63 8.87 8.02
C ARG A 71 -22.16 9.23 8.23
N VAL A 72 -21.30 8.23 8.33
CA VAL A 72 -19.89 8.49 8.56
C VAL A 72 -19.01 7.44 7.91
N SER A 73 -17.75 7.79 7.71
CA SER A 73 -16.77 6.88 7.14
C SER A 73 -15.73 6.47 8.17
N LEU A 74 -15.43 5.17 8.25
CA LEU A 74 -14.45 4.66 9.22
C LEU A 74 -13.19 4.21 8.52
N GLY A 75 -12.18 3.92 9.31
CA GLY A 75 -10.92 3.45 8.80
C GLY A 75 -10.28 2.44 9.72
N LEU A 76 -9.46 1.56 9.16
CA LEU A 76 -8.77 0.53 9.93
C LEU A 76 -7.26 0.56 9.71
N LYS A 77 -6.79 1.12 8.58
CA LYS A 77 -5.37 1.11 8.29
C LYS A 77 -4.63 2.28 8.92
N GLN A 78 -5.28 3.43 8.97
CA GLN A 78 -4.66 4.63 9.49
C GLN A 78 -4.53 4.62 11.01
N LEU A 79 -5.18 3.68 11.71
CA LEU A 79 -4.97 3.56 13.15
C LEU A 79 -3.50 3.24 13.42
N GLY A 80 -2.89 2.58 12.43
CA GLY A 80 -1.51 2.16 12.54
C GLY A 80 -0.54 3.13 11.91
N GLU A 81 0.25 2.61 10.99
CA GLU A 81 1.25 3.43 10.34
C GLU A 81 1.18 3.19 8.84
N ASP A 82 1.06 4.23 8.05
CA ASP A 82 1.11 4.07 6.61
C ASP A 82 2.59 3.97 6.21
N PRO A 83 3.09 2.75 5.86
CA PRO A 83 4.53 2.52 5.58
C PRO A 83 5.14 3.45 4.53
N TRP A 84 4.31 4.00 3.67
CA TRP A 84 4.78 4.84 2.58
C TRP A 84 5.05 6.28 3.04
N VAL A 85 4.48 6.68 4.17
CA VAL A 85 4.70 8.05 4.65
C VAL A 85 6.13 8.22 5.14
N ALA A 86 6.65 7.17 5.74
CA ALA A 86 7.99 7.18 6.29
C ALA A 86 8.99 6.57 5.33
N ILE A 87 8.51 6.05 4.21
CA ILE A 87 9.38 5.37 3.25
C ILE A 87 10.55 6.27 2.84
N ALA A 88 10.28 7.57 2.79
CA ALA A 88 11.28 8.56 2.42
C ALA A 88 12.37 8.70 3.48
N LYS A 89 11.99 8.57 4.75
CA LYS A 89 12.96 8.69 5.83
C LYS A 89 13.63 7.35 6.10
N ARG A 90 12.97 6.25 5.75
CA ARG A 90 13.53 4.93 5.93
C ARG A 90 14.62 4.67 4.89
N TYR A 91 14.26 4.87 3.63
CA TYR A 91 15.21 4.71 2.53
C TYR A 91 14.92 5.67 1.37
N PRO A 92 15.60 6.83 1.34
CA PRO A 92 15.45 7.82 0.26
C PRO A 92 16.25 7.42 -0.98
N GLU A 93 16.22 8.26 -2.01
CA GLU A 93 16.92 7.98 -3.26
C GLU A 93 18.41 7.81 -3.04
N GLY A 94 18.98 6.82 -3.73
CA GLY A 94 20.40 6.54 -3.61
C GLY A 94 20.68 5.38 -2.68
N HIS A 95 19.75 5.08 -1.80
CA HIS A 95 19.89 3.97 -0.87
C HIS A 95 19.69 2.64 -1.59
N LYS A 96 20.57 1.68 -1.31
CA LYS A 96 20.43 0.36 -1.91
C LYS A 96 19.63 -0.53 -0.98
N LEU A 97 18.78 -1.35 -1.54
CA LEU A 97 17.92 -2.22 -0.77
C LEU A 97 17.68 -3.51 -1.52
N SER A 98 17.43 -4.58 -0.79
CA SER A 98 17.23 -5.87 -1.41
C SER A 98 15.73 -6.14 -1.60
N GLY A 99 15.36 -6.48 -2.81
CA GLY A 99 13.99 -6.78 -3.12
C GLY A 99 13.88 -8.10 -3.85
N ARG A 100 12.71 -8.38 -4.39
CA ARG A 100 12.51 -9.59 -5.16
C ARG A 100 11.47 -9.37 -6.23
N VAL A 101 11.77 -9.84 -7.43
CA VAL A 101 10.84 -9.69 -8.53
C VAL A 101 9.60 -10.52 -8.26
N THR A 102 8.49 -9.84 -8.09
CA THR A 102 7.22 -10.45 -7.76
C THR A 102 6.31 -10.59 -8.97
N ASN A 103 6.55 -9.73 -9.94
CA ASN A 103 5.74 -9.68 -11.14
C ASN A 103 6.60 -9.20 -12.30
N LEU A 104 6.40 -9.81 -13.44
CA LEU A 104 7.17 -9.48 -14.61
C LEU A 104 6.24 -8.90 -15.65
N THR A 105 6.63 -7.78 -16.24
CA THR A 105 5.81 -7.13 -17.26
C THR A 105 6.59 -7.06 -18.57
N ASP A 106 6.10 -6.30 -19.52
CA ASP A 106 6.82 -6.11 -20.78
C ASP A 106 7.55 -4.77 -20.75
N TYR A 107 7.28 -3.98 -19.72
CA TYR A 107 7.87 -2.65 -19.59
C TYR A 107 8.63 -2.50 -18.28
N GLY A 108 9.10 -3.61 -17.73
CA GLY A 108 9.83 -3.57 -16.49
C GLY A 108 9.49 -4.75 -15.59
N CYS A 109 10.03 -4.75 -14.39
CA CYS A 109 9.73 -5.82 -13.45
C CYS A 109 9.49 -5.25 -12.06
N PHE A 110 8.46 -5.77 -11.42
CA PHE A 110 8.07 -5.33 -10.09
C PHE A 110 8.91 -6.02 -9.04
N VAL A 111 9.35 -5.26 -8.05
CA VAL A 111 10.23 -5.78 -7.02
C VAL A 111 9.69 -5.50 -5.60
N GLU A 112 9.45 -6.56 -4.85
CA GLU A 112 8.96 -6.44 -3.47
C GLU A 112 10.06 -5.97 -2.54
N ILE A 113 9.90 -4.77 -2.01
CA ILE A 113 10.87 -4.22 -1.08
C ILE A 113 10.60 -4.75 0.32
N GLU A 114 9.32 -4.94 0.59
CA GLU A 114 8.84 -5.41 1.89
C GLU A 114 7.33 -5.59 1.86
N GLU A 115 6.77 -6.06 2.97
CA GLU A 115 5.35 -6.31 3.06
C GLU A 115 4.55 -5.01 3.04
N GLY A 116 4.05 -4.67 1.86
CA GLY A 116 3.31 -3.44 1.69
C GLY A 116 4.00 -2.48 0.76
N VAL A 117 5.27 -2.74 0.47
CA VAL A 117 6.04 -1.90 -0.42
C VAL A 117 6.60 -2.72 -1.57
N GLU A 118 6.15 -2.38 -2.76
CA GLU A 118 6.57 -3.04 -3.97
C GLU A 118 6.91 -1.96 -5.00
N GLY A 119 8.13 -2.02 -5.49
CA GLY A 119 8.60 -1.03 -6.44
C GLY A 119 8.62 -1.54 -7.85
N LEU A 120 9.11 -0.73 -8.77
CA LEU A 120 9.15 -1.09 -10.18
C LEU A 120 10.38 -0.53 -10.88
N VAL A 121 11.03 -1.38 -11.66
CA VAL A 121 12.16 -0.97 -12.44
C VAL A 121 11.77 -0.97 -13.92
N HIS A 122 11.85 0.19 -14.52
CA HIS A 122 11.47 0.36 -15.91
C HIS A 122 12.54 -0.29 -16.79
N VAL A 123 12.13 -0.85 -17.94
CA VAL A 123 13.05 -1.55 -18.84
C VAL A 123 14.33 -0.77 -19.15
N SER A 124 14.21 0.52 -19.37
CA SER A 124 15.38 1.33 -19.69
C SER A 124 16.23 1.63 -18.46
N GLU A 125 15.62 1.51 -17.29
CA GLU A 125 16.31 1.78 -16.04
C GLU A 125 16.77 0.50 -15.37
N MET A 126 16.40 -0.65 -15.91
CA MET A 126 16.76 -1.91 -15.28
C MET A 126 18.06 -2.50 -15.83
N ASP A 127 18.36 -2.29 -17.10
CA ASP A 127 19.62 -2.77 -17.66
C ASP A 127 20.37 -1.58 -18.24
N TRP A 128 21.67 -1.75 -18.51
CA TRP A 128 22.46 -0.68 -19.10
C TRP A 128 22.72 -0.86 -20.60
N THR A 129 22.52 -2.07 -21.10
CA THR A 129 22.81 -2.38 -22.50
C THR A 129 21.73 -1.89 -23.47
N ASN A 130 20.47 -2.03 -23.10
CA ASN A 130 19.36 -1.64 -23.97
C ASN A 130 18.44 -0.69 -23.20
N LYS A 131 17.42 -0.17 -23.87
CA LYS A 131 16.45 0.68 -23.21
C LYS A 131 15.06 0.06 -23.29
N ASN A 132 14.91 -0.99 -24.09
CA ASN A 132 13.60 -1.63 -24.24
C ASN A 132 13.77 -3.15 -24.18
N ILE A 133 14.86 -3.61 -23.56
CA ILE A 133 15.09 -5.03 -23.41
C ILE A 133 13.97 -5.63 -22.56
N HIS A 134 13.49 -6.81 -22.91
CA HIS A 134 12.43 -7.43 -22.13
C HIS A 134 12.99 -7.79 -20.77
N PRO A 135 12.26 -7.52 -19.68
CA PRO A 135 12.76 -7.79 -18.32
C PRO A 135 13.04 -9.26 -18.07
N SER A 136 12.52 -10.12 -18.94
CA SER A 136 12.69 -11.57 -18.81
C SER A 136 14.11 -11.96 -19.20
N LYS A 137 14.74 -11.13 -20.00
CA LYS A 137 16.09 -11.38 -20.47
C LYS A 137 17.08 -11.04 -19.36
N VAL A 138 16.63 -10.19 -18.44
CA VAL A 138 17.46 -9.75 -17.33
C VAL A 138 17.18 -10.52 -16.04
N VAL A 139 15.90 -10.68 -15.71
CA VAL A 139 15.49 -11.38 -14.48
C VAL A 139 14.23 -12.19 -14.71
N ASN A 140 13.83 -12.93 -13.67
CA ASN A 140 12.63 -13.73 -13.72
C ASN A 140 11.83 -13.46 -12.46
N VAL A 141 10.53 -13.66 -12.52
CA VAL A 141 9.68 -13.44 -11.36
C VAL A 141 9.94 -14.53 -10.31
N GLY A 142 10.42 -14.10 -9.14
CA GLY A 142 10.75 -15.02 -8.08
C GLY A 142 12.20 -14.90 -7.68
N ASP A 143 12.98 -14.18 -8.48
CA ASP A 143 14.40 -14.02 -8.20
C ASP A 143 14.63 -12.86 -7.25
N GLU A 144 15.30 -13.16 -6.15
CA GLU A 144 15.62 -12.13 -5.17
C GLU A 144 16.83 -11.34 -5.68
N VAL A 145 16.69 -10.02 -5.70
CA VAL A 145 17.74 -9.13 -6.21
C VAL A 145 17.82 -7.83 -5.44
N GLU A 146 18.88 -7.06 -5.69
CA GLU A 146 19.05 -5.79 -5.01
C GLU A 146 18.75 -4.65 -5.96
N VAL A 147 18.20 -3.58 -5.45
CA VAL A 147 17.91 -2.41 -6.26
C VAL A 147 18.18 -1.14 -5.46
N MET A 148 18.16 -0.02 -6.15
CA MET A 148 18.40 1.27 -5.53
C MET A 148 17.23 2.21 -5.78
N VAL A 149 16.92 3.04 -4.80
CA VAL A 149 15.82 3.99 -4.91
C VAL A 149 16.13 5.08 -5.94
N LEU A 150 15.30 5.18 -6.97
CA LEU A 150 15.45 6.20 -8.00
C LEU A 150 14.39 7.28 -7.86
N GLU A 151 13.16 6.88 -7.58
CA GLU A 151 12.08 7.84 -7.46
C GLU A 151 10.87 7.23 -6.75
N ILE A 152 10.53 7.76 -5.58
CA ILE A 152 9.35 7.32 -4.85
C ILE A 152 8.31 8.43 -4.80
N ASP A 153 7.08 8.08 -5.15
CA ASP A 153 5.95 8.99 -5.07
C ASP A 153 4.94 8.44 -4.09
N GLU A 154 5.08 8.85 -2.84
CA GLU A 154 4.21 8.37 -1.78
C GLU A 154 2.77 8.81 -2.05
N GLU A 155 2.66 9.97 -2.68
CA GLU A 155 1.38 10.58 -2.99
C GLU A 155 0.68 9.86 -4.14
N ARG A 156 1.44 9.54 -5.18
CA ARG A 156 0.88 8.91 -6.37
C ARG A 156 0.78 7.40 -6.18
N ARG A 157 1.61 6.92 -5.26
CA ARG A 157 1.73 5.49 -4.95
C ARG A 157 2.49 4.79 -6.06
N ARG A 158 3.60 5.41 -6.42
CA ARG A 158 4.50 4.92 -7.46
C ARG A 158 5.93 4.86 -6.93
N ILE A 159 6.59 3.74 -7.13
CA ILE A 159 7.97 3.59 -6.67
C ILE A 159 8.86 3.09 -7.81
N SER A 160 9.99 3.77 -8.00
CA SER A 160 10.95 3.47 -9.06
C SER A 160 12.30 3.08 -8.47
N LEU A 161 12.85 1.98 -8.97
CA LEU A 161 14.15 1.51 -8.50
C LEU A 161 15.13 1.33 -9.66
N GLY A 162 16.37 1.01 -9.33
CA GLY A 162 17.40 0.75 -10.33
C GLY A 162 18.03 -0.60 -10.15
N LEU A 163 17.85 -1.47 -11.13
CA LEU A 163 18.38 -2.84 -11.09
C LEU A 163 19.84 -2.89 -11.48
N LYS A 164 20.22 -2.16 -12.53
CA LYS A 164 21.60 -2.19 -13.00
C LYS A 164 22.59 -1.72 -11.92
N GLN A 165 22.06 -1.10 -10.87
CA GLN A 165 22.88 -0.67 -9.73
C GLN A 165 23.39 -1.89 -8.95
N CYS A 166 22.86 -3.07 -9.27
CA CYS A 166 23.27 -4.31 -8.60
C CYS A 166 23.82 -5.34 -9.60
N LYS A 167 23.41 -5.25 -10.85
CA LYS A 167 23.85 -6.24 -11.84
C LYS A 167 25.31 -5.97 -12.27
N ALA A 168 25.78 -6.73 -13.25
CA ALA A 168 27.15 -6.54 -13.75
C ALA A 168 27.37 -5.10 -14.21
N ASN A 169 28.28 -4.43 -13.53
CA ASN A 169 28.60 -3.03 -13.81
C ASN A 169 29.49 -2.94 -15.06
N PRO A 170 29.18 -2.03 -16.01
CA PRO A 170 29.92 -1.90 -17.28
C PRO A 170 31.30 -1.28 -17.14
N TRP A 171 31.66 -0.88 -15.93
CA TRP A 171 32.96 -0.26 -15.70
C TRP A 171 33.91 -1.22 -15.00
N GLN A 172 33.49 -2.47 -14.85
CA GLN A 172 34.35 -3.49 -14.23
C GLN A 172 35.36 -4.01 -15.26
N SER A 173 36.00 -5.11 -14.94
CA SER A 173 36.97 -5.72 -15.84
C SER A 173 36.69 -7.21 -15.97
N GLY A 1 -21.22 7.85 22.40
CA GLY A 1 -19.98 7.84 21.57
C GLY A 1 -20.28 7.64 20.10
N ALA A 2 -21.14 8.50 19.56
CA ALA A 2 -21.52 8.42 18.15
C ALA A 2 -21.39 9.78 17.49
N MET A 3 -21.93 9.91 16.27
CA MET A 3 -21.91 11.17 15.51
C MET A 3 -22.37 12.38 16.34
N GLU A 4 -23.05 12.09 17.45
CA GLU A 4 -23.51 13.08 18.39
C GLU A 4 -22.37 14.00 18.87
N THR A 5 -21.19 13.41 19.08
CA THR A 5 -20.03 14.15 19.58
C THR A 5 -18.75 13.74 18.85
N LEU A 6 -18.87 12.81 17.92
CA LEU A 6 -17.73 12.34 17.14
C LEU A 6 -17.36 13.34 16.07
N GLN A 7 -16.09 13.36 15.71
CA GLN A 7 -15.58 14.29 14.74
C GLN A 7 -14.38 13.73 14.02
N GLU A 8 -14.29 14.00 12.73
CA GLU A 8 -13.19 13.53 11.89
C GLU A 8 -11.84 13.55 12.62
N GLY A 9 -11.11 12.45 12.50
CA GLY A 9 -9.83 12.31 13.17
C GLY A 9 -9.93 11.61 14.52
N SER A 10 -11.11 11.62 15.12
CA SER A 10 -11.32 11.00 16.41
C SER A 10 -11.31 9.47 16.33
N GLU A 11 -10.99 8.85 17.46
CA GLU A 11 -10.92 7.39 17.55
C GLU A 11 -12.02 6.82 18.43
N VAL A 12 -12.76 5.89 17.87
CA VAL A 12 -13.88 5.25 18.57
C VAL A 12 -14.02 3.80 18.17
N LYS A 13 -14.44 2.96 19.11
CA LYS A 13 -14.63 1.55 18.82
C LYS A 13 -16.05 1.30 18.33
N GLY A 14 -16.19 0.41 17.36
CA GLY A 14 -17.48 0.10 16.81
C GLY A 14 -17.64 -1.38 16.52
N ILE A 15 -18.87 -1.80 16.28
CA ILE A 15 -19.17 -3.20 16.01
C ILE A 15 -19.42 -3.43 14.52
N VAL A 16 -18.57 -4.23 13.90
CA VAL A 16 -18.76 -4.57 12.49
C VAL A 16 -19.86 -5.61 12.39
N LYS A 17 -21.06 -5.14 12.16
CA LYS A 17 -22.23 -6.01 12.10
C LYS A 17 -22.64 -6.38 10.68
N ASN A 18 -21.90 -5.90 9.70
CA ASN A 18 -22.24 -6.20 8.32
C ASN A 18 -21.03 -6.08 7.44
N LEU A 19 -21.04 -6.82 6.33
CA LEU A 19 -19.92 -6.84 5.42
C LEU A 19 -20.45 -6.90 3.99
N THR A 20 -20.06 -5.92 3.20
CA THR A 20 -20.46 -5.89 1.80
C THR A 20 -19.28 -6.27 0.90
N ASP A 21 -19.44 -6.17 -0.41
CA ASP A 21 -18.39 -6.53 -1.34
C ASP A 21 -17.48 -5.35 -1.61
N TYR A 22 -17.94 -4.17 -1.24
CA TYR A 22 -17.17 -2.94 -1.42
C TYR A 22 -16.73 -2.34 -0.09
N GLY A 23 -17.23 -2.90 1.00
CA GLY A 23 -16.89 -2.39 2.33
C GLY A 23 -17.61 -3.12 3.44
N ALA A 24 -17.93 -2.40 4.50
CA ALA A 24 -18.63 -2.97 5.64
C ALA A 24 -19.41 -1.90 6.37
N PHE A 25 -20.13 -2.30 7.41
CA PHE A 25 -20.90 -1.35 8.24
C PHE A 25 -20.64 -1.59 9.72
N VAL A 26 -20.29 -0.51 10.42
CA VAL A 26 -20.00 -0.54 11.84
C VAL A 26 -21.02 0.20 12.67
N ASP A 27 -21.38 -0.38 13.82
CA ASP A 27 -22.32 0.25 14.74
C ASP A 27 -21.57 1.14 15.72
N LEU A 28 -21.99 2.39 15.81
CA LEU A 28 -21.40 3.34 16.75
C LEU A 28 -22.30 3.44 17.97
N GLY A 29 -23.31 2.58 18.01
CA GLY A 29 -24.28 2.61 19.08
C GLY A 29 -25.50 3.42 18.71
N GLY A 30 -26.12 3.04 17.60
CA GLY A 30 -27.33 3.72 17.16
C GLY A 30 -27.19 4.35 15.78
N VAL A 31 -26.01 4.23 15.19
CA VAL A 31 -25.76 4.75 13.86
C VAL A 31 -24.72 3.91 13.15
N ASP A 32 -24.93 3.64 11.86
CA ASP A 32 -24.02 2.81 11.09
C ASP A 32 -23.02 3.67 10.33
N GLY A 33 -21.75 3.35 10.48
CA GLY A 33 -20.71 4.02 9.74
C GLY A 33 -20.26 3.16 8.59
N LEU A 34 -20.12 3.75 7.41
CA LEU A 34 -19.69 3.00 6.25
C LEU A 34 -18.18 3.01 6.19
N LEU A 35 -17.61 1.82 6.17
CA LEU A 35 -16.19 1.67 6.04
C LEU A 35 -15.93 0.97 4.73
N HIS A 36 -15.36 1.68 3.78
CA HIS A 36 -15.05 1.08 2.50
C HIS A 36 -13.87 0.13 2.62
N ILE A 37 -13.87 -0.93 1.80
CA ILE A 37 -12.78 -1.90 1.76
C ILE A 37 -11.43 -1.18 1.69
N THR A 38 -11.48 0.01 1.13
CA THR A 38 -10.33 0.88 0.96
C THR A 38 -9.66 1.25 2.30
N ASP A 39 -10.43 1.33 3.37
CA ASP A 39 -9.86 1.76 4.65
C ASP A 39 -9.50 0.59 5.57
N MET A 40 -9.68 -0.62 5.08
CA MET A 40 -9.40 -1.81 5.89
C MET A 40 -7.90 -2.02 6.07
N ALA A 41 -7.13 -1.72 5.03
CA ALA A 41 -5.69 -1.92 5.08
C ALA A 41 -4.97 -1.09 4.04
N TRP A 42 -3.66 -0.98 4.22
CA TRP A 42 -2.80 -0.22 3.31
C TRP A 42 -2.63 -0.96 1.98
N LYS A 43 -2.76 -2.28 2.04
CA LYS A 43 -2.55 -3.13 0.89
C LYS A 43 -3.75 -3.17 -0.03
N ARG A 44 -3.67 -4.06 -1.02
CA ARG A 44 -4.77 -4.27 -1.93
C ARG A 44 -5.64 -5.40 -1.39
N VAL A 45 -6.51 -5.02 -0.48
CA VAL A 45 -7.46 -5.94 0.13
C VAL A 45 -8.64 -6.15 -0.82
N LYS A 46 -9.10 -7.41 -0.90
CA LYS A 46 -10.17 -7.77 -1.83
C LYS A 46 -11.53 -7.90 -1.16
N HIS A 47 -11.56 -8.16 0.14
CA HIS A 47 -12.82 -8.37 0.84
C HIS A 47 -12.64 -7.94 2.31
N PRO A 48 -13.69 -7.44 2.99
CA PRO A 48 -13.56 -6.96 4.38
C PRO A 48 -13.41 -8.09 5.40
N SER A 49 -13.96 -9.25 5.09
CA SER A 49 -13.92 -10.41 5.99
C SER A 49 -12.49 -10.90 6.21
N GLU A 50 -11.60 -10.51 5.32
CA GLU A 50 -10.21 -10.91 5.42
C GLU A 50 -9.53 -10.16 6.58
N ILE A 51 -10.11 -9.01 6.94
CA ILE A 51 -9.56 -8.16 8.00
C ILE A 51 -10.44 -8.20 9.26
N VAL A 52 -11.76 -8.07 9.08
CA VAL A 52 -12.69 -8.04 10.21
C VAL A 52 -13.98 -8.79 9.85
N ASN A 53 -14.61 -9.39 10.84
CA ASN A 53 -15.82 -10.18 10.61
C ASN A 53 -17.02 -9.59 11.35
N VAL A 54 -18.18 -10.17 11.09
CA VAL A 54 -19.42 -9.73 11.73
C VAL A 54 -19.40 -9.99 13.23
N GLY A 55 -19.73 -8.96 14.00
CA GLY A 55 -19.78 -9.08 15.45
C GLY A 55 -18.45 -8.75 16.12
N ASP A 56 -17.54 -8.14 15.38
CA ASP A 56 -16.22 -7.80 15.94
C ASP A 56 -16.18 -6.35 16.40
N GLU A 57 -15.72 -6.14 17.63
CA GLU A 57 -15.56 -4.80 18.17
C GLU A 57 -14.14 -4.32 17.95
N ILE A 58 -13.93 -3.48 16.96
CA ILE A 58 -12.58 -2.98 16.68
C ILE A 58 -12.53 -1.48 16.88
N LEU A 59 -11.32 -0.94 16.93
CA LEU A 59 -11.13 0.48 17.12
C LEU A 59 -10.90 1.14 15.77
N VAL A 60 -11.88 1.92 15.34
CA VAL A 60 -11.80 2.62 14.05
C VAL A 60 -11.66 4.13 14.25
N LYS A 61 -11.11 4.77 13.24
CA LYS A 61 -10.96 6.22 13.24
C LYS A 61 -11.94 6.83 12.27
N VAL A 62 -12.53 7.95 12.64
CA VAL A 62 -13.45 8.64 11.75
C VAL A 62 -12.67 9.43 10.71
N LEU A 63 -12.87 9.08 9.44
CA LEU A 63 -12.18 9.72 8.34
C LEU A 63 -13.01 10.84 7.74
N LYS A 64 -14.31 10.61 7.57
CA LYS A 64 -15.20 11.57 6.94
C LYS A 64 -16.54 11.54 7.63
N PHE A 65 -17.45 12.35 7.13
CA PHE A 65 -18.81 12.39 7.62
C PHE A 65 -19.78 12.56 6.45
N ASP A 66 -20.97 11.99 6.61
CA ASP A 66 -22.04 12.10 5.62
C ASP A 66 -22.52 13.54 5.54
N ARG A 67 -23.48 13.82 4.66
CA ARG A 67 -23.98 15.17 4.40
C ARG A 67 -23.82 16.10 5.61
N ASP A 68 -24.49 15.88 6.76
CA ASP A 68 -24.12 16.70 7.91
C ASP A 68 -23.38 15.87 8.96
N ARG A 69 -24.07 14.90 9.56
CA ARG A 69 -23.43 13.96 10.48
C ARG A 69 -23.95 12.52 10.31
N THR A 70 -25.26 12.43 9.98
CA THR A 70 -26.03 11.17 9.84
C THR A 70 -25.19 9.89 9.72
N ARG A 71 -24.35 9.79 8.71
CA ARG A 71 -23.49 8.63 8.55
C ARG A 71 -22.05 9.07 8.63
N VAL A 72 -21.11 8.14 8.70
CA VAL A 72 -19.72 8.52 8.86
C VAL A 72 -18.80 7.56 8.13
N SER A 73 -17.60 8.03 7.84
CA SER A 73 -16.60 7.18 7.21
C SER A 73 -15.61 6.74 8.27
N LEU A 74 -15.35 5.44 8.33
CA LEU A 74 -14.40 4.92 9.30
C LEU A 74 -13.12 4.50 8.59
N GLY A 75 -12.14 4.16 9.39
CA GLY A 75 -10.88 3.68 8.89
C GLY A 75 -10.28 2.64 9.79
N LEU A 76 -9.53 1.72 9.20
CA LEU A 76 -8.88 0.67 9.96
C LEU A 76 -7.37 0.76 9.86
N LYS A 77 -6.89 1.06 8.66
CA LYS A 77 -5.45 1.10 8.44
C LYS A 77 -4.78 2.32 9.09
N GLN A 78 -5.50 3.44 9.15
CA GLN A 78 -4.94 4.67 9.71
C GLN A 78 -4.95 4.70 11.23
N LEU A 79 -5.26 3.57 11.85
CA LEU A 79 -5.18 3.45 13.30
C LEU A 79 -3.77 3.02 13.65
N GLY A 80 -3.14 2.36 12.68
CA GLY A 80 -1.79 1.86 12.84
C GLY A 80 -0.77 2.77 12.24
N GLU A 81 -0.01 2.22 11.32
CA GLU A 81 1.00 3.03 10.66
C GLU A 81 0.96 2.76 9.16
N ASP A 82 0.84 3.79 8.37
CA ASP A 82 0.90 3.62 6.93
C ASP A 82 2.38 3.53 6.54
N PRO A 83 2.90 2.33 6.18
CA PRO A 83 4.33 2.12 5.92
C PRO A 83 4.91 3.02 4.83
N TRP A 84 4.06 3.56 4.01
CA TRP A 84 4.49 4.40 2.90
C TRP A 84 4.79 5.84 3.36
N VAL A 85 4.10 6.30 4.39
CA VAL A 85 4.31 7.68 4.87
C VAL A 85 5.73 7.85 5.39
N ALA A 86 6.28 6.79 5.95
CA ALA A 86 7.62 6.81 6.50
C ALA A 86 8.63 6.24 5.52
N ILE A 87 8.17 5.74 4.38
CA ILE A 87 9.07 5.12 3.42
C ILE A 87 10.21 6.08 3.06
N ALA A 88 9.88 7.36 3.05
CA ALA A 88 10.83 8.39 2.68
C ALA A 88 11.89 8.59 3.76
N LYS A 89 11.56 8.37 5.02
CA LYS A 89 12.55 8.49 6.09
C LYS A 89 13.28 7.17 6.32
N ARG A 90 12.65 6.07 5.88
CA ARG A 90 13.25 4.75 5.99
C ARG A 90 14.30 4.54 4.91
N TYR A 91 13.89 4.68 3.67
CA TYR A 91 14.79 4.51 2.54
C TYR A 91 14.43 5.42 1.37
N PRO A 92 14.96 6.66 1.38
CA PRO A 92 14.75 7.62 0.30
C PRO A 92 15.64 7.33 -0.90
N GLU A 93 15.57 8.17 -1.94
CA GLU A 93 16.38 8.00 -3.14
C GLU A 93 17.85 7.84 -2.82
N GLY A 94 18.48 6.90 -3.49
CA GLY A 94 19.89 6.65 -3.31
C GLY A 94 20.17 5.51 -2.35
N HIS A 95 19.20 5.20 -1.50
CA HIS A 95 19.36 4.12 -0.54
C HIS A 95 19.33 2.78 -1.26
N LYS A 96 20.26 1.91 -0.90
CA LYS A 96 20.36 0.57 -1.46
C LYS A 96 19.52 -0.40 -0.65
N LEU A 97 18.72 -1.21 -1.33
CA LEU A 97 17.86 -2.15 -0.65
C LEU A 97 17.71 -3.42 -1.49
N SER A 98 17.52 -4.54 -0.81
CA SER A 98 17.40 -5.81 -1.48
C SER A 98 15.94 -6.16 -1.71
N GLY A 99 15.59 -6.46 -2.94
CA GLY A 99 14.22 -6.80 -3.27
C GLY A 99 14.14 -8.12 -4.02
N ARG A 100 12.95 -8.50 -4.44
CA ARG A 100 12.77 -9.71 -5.22
C ARG A 100 11.68 -9.52 -6.26
N VAL A 101 11.95 -10.01 -7.46
CA VAL A 101 10.99 -9.90 -8.56
C VAL A 101 9.78 -10.76 -8.25
N THR A 102 8.63 -10.11 -8.14
CA THR A 102 7.38 -10.78 -7.79
C THR A 102 6.44 -10.86 -8.99
N ASN A 103 6.66 -9.97 -9.94
CA ASN A 103 5.81 -9.84 -11.10
C ASN A 103 6.64 -9.35 -12.28
N LEU A 104 6.39 -9.92 -13.44
CA LEU A 104 7.14 -9.58 -14.63
C LEU A 104 6.20 -9.02 -15.66
N THR A 105 6.59 -7.92 -16.28
CA THR A 105 5.75 -7.30 -17.29
C THR A 105 6.53 -7.22 -18.61
N ASP A 106 6.03 -6.44 -19.54
CA ASP A 106 6.70 -6.23 -20.82
C ASP A 106 7.46 -4.91 -20.78
N TYR A 107 7.02 -4.04 -19.88
CA TYR A 107 7.58 -2.71 -19.76
C TYR A 107 8.45 -2.58 -18.50
N GLY A 108 8.91 -3.72 -17.97
CA GLY A 108 9.73 -3.67 -16.77
C GLY A 108 9.43 -4.82 -15.82
N CYS A 109 9.97 -4.73 -14.62
CA CYS A 109 9.75 -5.76 -13.62
C CYS A 109 9.47 -5.18 -12.24
N PHE A 110 8.55 -5.82 -11.54
CA PHE A 110 8.17 -5.45 -10.20
C PHE A 110 9.03 -6.16 -9.18
N VAL A 111 9.61 -5.39 -8.28
CA VAL A 111 10.49 -5.94 -7.26
C VAL A 111 9.98 -5.56 -5.87
N GLU A 112 9.63 -6.56 -5.08
CA GLU A 112 9.08 -6.35 -3.75
C GLU A 112 10.19 -6.02 -2.76
N ILE A 113 10.04 -4.86 -2.13
CA ILE A 113 11.00 -4.39 -1.14
C ILE A 113 10.74 -5.03 0.20
N GLU A 114 9.47 -5.28 0.46
CA GLU A 114 9.01 -5.87 1.70
C GLU A 114 7.50 -6.10 1.65
N GLU A 115 6.96 -6.70 2.69
CA GLU A 115 5.53 -6.97 2.74
C GLU A 115 4.72 -5.68 2.78
N GLY A 116 4.14 -5.34 1.64
CA GLY A 116 3.35 -4.14 1.53
C GLY A 116 4.02 -3.10 0.65
N VAL A 117 5.32 -3.24 0.43
CA VAL A 117 6.05 -2.31 -0.41
C VAL A 117 6.68 -3.03 -1.60
N GLU A 118 6.32 -2.57 -2.79
CA GLU A 118 6.81 -3.17 -4.01
C GLU A 118 7.12 -2.08 -5.03
N GLY A 119 8.36 -2.07 -5.50
CA GLY A 119 8.79 -1.08 -6.47
C GLY A 119 8.77 -1.61 -7.90
N LEU A 120 8.91 -0.73 -8.87
CA LEU A 120 8.87 -1.12 -10.27
C LEU A 120 10.03 -0.49 -11.03
N VAL A 121 10.73 -1.33 -11.78
CA VAL A 121 11.85 -0.90 -12.58
C VAL A 121 11.46 -0.97 -14.05
N HIS A 122 11.73 0.10 -14.79
CA HIS A 122 11.37 0.14 -16.20
C HIS A 122 12.45 -0.52 -17.04
N VAL A 123 12.05 -1.07 -18.18
CA VAL A 123 12.99 -1.72 -19.10
C VAL A 123 14.18 -0.81 -19.45
N SER A 124 13.94 0.49 -19.37
CA SER A 124 14.93 1.50 -19.71
C SER A 124 16.19 1.41 -18.84
N GLU A 125 16.02 1.39 -17.52
CA GLU A 125 17.17 1.36 -16.61
C GLU A 125 17.25 0.10 -15.76
N MET A 126 16.68 -1.00 -16.24
CA MET A 126 16.75 -2.23 -15.46
C MET A 126 18.01 -3.03 -15.81
N ASP A 127 18.56 -2.81 -16.99
CA ASP A 127 19.76 -3.53 -17.40
C ASP A 127 20.95 -2.63 -17.44
N TRP A 128 22.05 -3.21 -17.87
CA TRP A 128 23.33 -2.57 -17.96
C TRP A 128 23.22 -1.22 -18.68
N THR A 129 22.83 -1.29 -19.94
CA THR A 129 22.68 -0.09 -20.75
C THR A 129 21.66 -0.28 -21.87
N ASN A 130 20.88 -1.35 -21.78
CA ASN A 130 19.86 -1.64 -22.78
C ASN A 130 18.55 -0.96 -22.42
N LYS A 131 17.94 -0.31 -23.39
CA LYS A 131 16.70 0.44 -23.15
C LYS A 131 15.46 -0.43 -23.39
N ASN A 132 15.39 -1.07 -24.55
CA ASN A 132 14.21 -1.86 -24.88
C ASN A 132 14.45 -3.36 -24.69
N ILE A 133 15.06 -3.69 -23.56
CA ILE A 133 15.34 -5.08 -23.25
C ILE A 133 14.20 -5.66 -22.42
N HIS A 134 13.70 -6.82 -22.82
CA HIS A 134 12.60 -7.45 -22.11
C HIS A 134 13.07 -7.84 -20.71
N PRO A 135 12.26 -7.60 -19.67
CA PRO A 135 12.65 -7.89 -18.28
C PRO A 135 13.02 -9.35 -18.05
N SER A 136 12.49 -10.24 -18.89
CA SER A 136 12.76 -11.67 -18.74
C SER A 136 14.20 -11.99 -19.12
N LYS A 137 14.83 -11.11 -19.89
CA LYS A 137 16.21 -11.32 -20.30
C LYS A 137 17.15 -10.95 -19.16
N VAL A 138 16.63 -10.16 -18.22
CA VAL A 138 17.40 -9.69 -17.10
C VAL A 138 17.11 -10.51 -15.84
N VAL A 139 15.83 -10.68 -15.54
CA VAL A 139 15.39 -11.39 -14.34
C VAL A 139 14.09 -12.13 -14.58
N ASN A 140 13.70 -12.91 -13.59
CA ASN A 140 12.44 -13.63 -13.62
C ASN A 140 11.79 -13.53 -12.25
N VAL A 141 10.52 -13.90 -12.16
CA VAL A 141 9.82 -13.86 -10.89
C VAL A 141 10.31 -14.99 -9.99
N GLY A 142 10.89 -14.61 -8.86
CA GLY A 142 11.42 -15.58 -7.93
C GLY A 142 12.89 -15.33 -7.68
N ASP A 143 13.47 -14.47 -8.49
CA ASP A 143 14.86 -14.12 -8.35
C ASP A 143 15.04 -12.92 -7.45
N GLU A 144 15.77 -13.13 -6.37
CA GLU A 144 16.02 -12.07 -5.42
C GLU A 144 17.23 -11.25 -5.88
N VAL A 145 17.11 -9.95 -5.83
CA VAL A 145 18.15 -9.04 -6.32
C VAL A 145 18.23 -7.79 -5.47
N GLU A 146 19.13 -6.89 -5.82
CA GLU A 146 19.24 -5.62 -5.12
C GLU A 146 18.82 -4.50 -6.04
N VAL A 147 18.23 -3.47 -5.47
CA VAL A 147 17.78 -2.32 -6.22
C VAL A 147 17.99 -1.04 -5.42
N MET A 148 17.90 0.08 -6.09
CA MET A 148 18.08 1.37 -5.43
C MET A 148 16.92 2.29 -5.74
N VAL A 149 16.51 3.06 -4.74
CA VAL A 149 15.38 3.98 -4.87
C VAL A 149 15.69 5.07 -5.91
N LEU A 150 14.83 5.21 -6.93
CA LEU A 150 15.02 6.24 -7.95
C LEU A 150 13.96 7.31 -7.84
N GLU A 151 12.74 6.90 -7.51
CA GLU A 151 11.63 7.82 -7.37
C GLU A 151 10.48 7.17 -6.62
N ILE A 152 10.08 7.79 -5.53
CA ILE A 152 8.95 7.31 -4.75
C ILE A 152 7.84 8.37 -4.68
N ASP A 153 6.62 7.94 -4.96
CA ASP A 153 5.46 8.83 -4.91
C ASP A 153 4.40 8.24 -4.00
N GLU A 154 4.47 8.65 -2.74
CA GLU A 154 3.57 8.14 -1.72
C GLU A 154 2.15 8.65 -1.92
N GLU A 155 2.02 9.73 -2.70
CA GLU A 155 0.71 10.26 -3.03
C GLU A 155 0.12 9.54 -4.24
N ARG A 156 0.97 9.27 -5.22
CA ARG A 156 0.55 8.65 -6.47
C ARG A 156 0.64 7.13 -6.38
N ARG A 157 1.07 6.65 -5.22
CA ARG A 157 1.27 5.23 -4.95
C ARG A 157 2.18 4.60 -6.02
N ARG A 158 3.26 5.30 -6.34
CA ARG A 158 4.18 4.85 -7.38
C ARG A 158 5.60 4.80 -6.84
N ILE A 159 6.22 3.64 -6.90
CA ILE A 159 7.60 3.48 -6.46
C ILE A 159 8.46 2.99 -7.61
N SER A 160 9.55 3.71 -7.86
CA SER A 160 10.48 3.44 -8.94
C SER A 160 11.85 3.11 -8.39
N LEU A 161 12.36 1.97 -8.80
CA LEU A 161 13.67 1.50 -8.36
C LEU A 161 14.57 1.24 -9.54
N GLY A 162 15.85 1.09 -9.25
CA GLY A 162 16.83 0.82 -10.28
C GLY A 162 17.58 -0.46 -10.05
N LEU A 163 17.55 -1.33 -11.04
CA LEU A 163 18.20 -2.63 -10.94
C LEU A 163 19.68 -2.50 -11.31
N LYS A 164 19.97 -1.73 -12.35
CA LYS A 164 21.34 -1.57 -12.82
C LYS A 164 22.23 -0.93 -11.75
N GLN A 165 21.59 -0.40 -10.71
CA GLN A 165 22.31 0.23 -9.61
C GLN A 165 23.07 -0.80 -8.77
N CYS A 166 22.80 -2.08 -9.01
CA CYS A 166 23.54 -3.16 -8.35
C CYS A 166 24.36 -3.89 -9.41
N LYS A 167 24.47 -3.24 -10.56
CA LYS A 167 25.18 -3.78 -11.71
C LYS A 167 26.22 -2.75 -12.16
N ALA A 168 26.93 -3.04 -13.23
CA ALA A 168 27.97 -2.14 -13.72
C ALA A 168 27.34 -0.98 -14.48
N ASN A 169 28.07 0.12 -14.58
CA ASN A 169 27.61 1.28 -15.33
C ASN A 169 28.64 1.69 -16.38
N PRO A 170 28.38 1.43 -17.68
CA PRO A 170 29.33 1.76 -18.74
C PRO A 170 29.37 3.27 -19.02
N TRP A 171 28.45 3.99 -18.42
CA TRP A 171 28.36 5.44 -18.60
C TRP A 171 28.86 6.17 -17.36
N GLN A 172 29.78 5.53 -16.64
CA GLN A 172 30.32 6.10 -15.41
C GLN A 172 31.26 7.27 -15.70
N SER A 173 31.70 7.91 -14.64
CA SER A 173 32.59 9.07 -14.73
C SER A 173 33.34 9.23 -13.42
N GLY A 1 -20.66 7.35 22.50
CA GLY A 1 -19.39 7.60 21.76
C GLY A 1 -19.57 7.59 20.27
N ALA A 2 -20.77 7.95 19.82
CA ALA A 2 -21.09 7.95 18.39
C ALA A 2 -21.07 9.36 17.83
N MET A 3 -21.75 9.55 16.69
CA MET A 3 -21.86 10.85 16.00
C MET A 3 -22.21 12.00 16.97
N GLU A 4 -22.84 11.65 18.08
CA GLU A 4 -23.20 12.60 19.14
C GLU A 4 -21.99 13.44 19.58
N THR A 5 -20.83 12.79 19.61
CA THR A 5 -19.60 13.41 20.06
C THR A 5 -18.45 13.02 19.14
N LEU A 6 -18.80 12.52 17.97
CA LEU A 6 -17.81 12.07 17.01
C LEU A 6 -17.49 13.16 16.02
N GLN A 7 -16.22 13.26 15.70
CA GLN A 7 -15.73 14.21 14.72
C GLN A 7 -14.59 13.58 13.96
N GLU A 8 -14.52 13.85 12.66
CA GLU A 8 -13.49 13.29 11.79
C GLU A 8 -12.10 13.29 12.43
N GLY A 9 -11.38 12.18 12.23
CA GLY A 9 -10.06 12.03 12.81
C GLY A 9 -10.08 11.38 14.18
N SER A 10 -11.25 11.33 14.81
CA SER A 10 -11.39 10.79 16.15
C SER A 10 -11.40 9.26 16.14
N GLU A 11 -10.64 8.65 17.03
CA GLU A 11 -10.64 7.20 17.16
C GLU A 11 -11.75 6.73 18.10
N VAL A 12 -12.55 5.81 17.60
CA VAL A 12 -13.67 5.24 18.37
C VAL A 12 -13.88 3.77 18.03
N LYS A 13 -14.26 2.97 19.01
CA LYS A 13 -14.46 1.55 18.79
C LYS A 13 -15.90 1.26 18.39
N GLY A 14 -16.07 0.29 17.50
CA GLY A 14 -17.39 -0.09 17.04
C GLY A 14 -17.50 -1.56 16.70
N ILE A 15 -18.70 -2.00 16.36
CA ILE A 15 -18.95 -3.40 16.03
C ILE A 15 -19.28 -3.60 14.56
N VAL A 16 -18.46 -4.40 13.89
CA VAL A 16 -18.70 -4.72 12.48
C VAL A 16 -19.73 -5.83 12.39
N LYS A 17 -20.98 -5.47 12.20
CA LYS A 17 -22.06 -6.44 12.16
C LYS A 17 -22.55 -6.75 10.74
N ASN A 18 -21.95 -6.12 9.75
CA ASN A 18 -22.38 -6.31 8.36
C ASN A 18 -21.20 -6.13 7.43
N LEU A 19 -21.14 -6.96 6.39
CA LEU A 19 -20.05 -6.92 5.45
C LEU A 19 -20.61 -6.99 4.02
N THR A 20 -20.59 -5.87 3.31
CA THR A 20 -21.10 -5.85 1.94
C THR A 20 -19.97 -6.16 0.97
N ASP A 21 -20.21 -5.99 -0.33
CA ASP A 21 -19.19 -6.27 -1.33
C ASP A 21 -18.43 -5.00 -1.70
N TYR A 22 -18.87 -3.87 -1.14
CA TYR A 22 -18.22 -2.58 -1.38
C TYR A 22 -17.69 -1.98 -0.08
N GLY A 23 -18.01 -2.62 1.03
CA GLY A 23 -17.57 -2.14 2.32
C GLY A 23 -18.20 -2.90 3.45
N ALA A 24 -18.29 -2.27 4.61
CA ALA A 24 -18.86 -2.90 5.78
C ALA A 24 -19.62 -1.86 6.59
N PHE A 25 -20.29 -2.30 7.65
CA PHE A 25 -21.03 -1.38 8.51
C PHE A 25 -20.72 -1.64 9.98
N VAL A 26 -20.18 -0.62 10.63
CA VAL A 26 -19.85 -0.66 12.05
C VAL A 26 -20.92 0.04 12.88
N ASP A 27 -21.31 -0.58 13.98
CA ASP A 27 -22.29 -0.01 14.89
C ASP A 27 -21.58 0.81 15.96
N LEU A 28 -21.93 2.08 16.06
CA LEU A 28 -21.30 2.96 17.05
C LEU A 28 -22.14 3.02 18.31
N GLY A 29 -23.17 2.19 18.35
CA GLY A 29 -24.08 2.20 19.47
C GLY A 29 -25.28 3.07 19.19
N GLY A 30 -26.06 2.67 18.20
CA GLY A 30 -27.24 3.42 17.81
C GLY A 30 -27.17 3.91 16.38
N VAL A 31 -25.97 4.08 15.84
CA VAL A 31 -25.78 4.55 14.49
C VAL A 31 -24.74 3.68 13.80
N ASP A 32 -24.92 3.45 12.51
CA ASP A 32 -23.99 2.63 11.76
C ASP A 32 -23.17 3.48 10.79
N GLY A 33 -21.89 3.16 10.69
CA GLY A 33 -21.00 3.86 9.80
C GLY A 33 -20.53 2.97 8.68
N LEU A 34 -20.45 3.52 7.48
CA LEU A 34 -20.00 2.76 6.33
C LEU A 34 -18.49 2.85 6.23
N LEU A 35 -17.83 1.70 6.26
CA LEU A 35 -16.39 1.66 6.10
C LEU A 35 -16.11 1.15 4.71
N HIS A 36 -15.60 2.02 3.86
CA HIS A 36 -15.31 1.66 2.48
C HIS A 36 -14.19 0.62 2.45
N ILE A 37 -14.37 -0.40 1.61
CA ILE A 37 -13.44 -1.52 1.48
C ILE A 37 -11.96 -1.11 1.38
N THR A 38 -11.66 0.00 0.74
CA THR A 38 -10.27 0.42 0.54
C THR A 38 -9.65 0.95 1.83
N ASP A 39 -10.46 1.14 2.86
CA ASP A 39 -9.98 1.69 4.11
C ASP A 39 -9.75 0.65 5.18
N MET A 40 -9.78 -0.63 4.81
CA MET A 40 -9.56 -1.70 5.77
C MET A 40 -8.06 -1.93 6.03
N ALA A 41 -7.23 -1.63 5.03
CA ALA A 41 -5.80 -1.83 5.16
C ALA A 41 -5.01 -1.08 4.09
N TRP A 42 -3.71 -0.96 4.34
CA TRP A 42 -2.80 -0.30 3.42
C TRP A 42 -2.59 -1.15 2.16
N LYS A 43 -2.77 -2.46 2.30
CA LYS A 43 -2.54 -3.38 1.20
C LYS A 43 -3.70 -3.37 0.21
N ARG A 44 -3.63 -4.29 -0.76
CA ARG A 44 -4.67 -4.40 -1.74
C ARG A 44 -5.66 -5.49 -1.33
N VAL A 45 -6.56 -5.08 -0.45
CA VAL A 45 -7.63 -5.93 0.05
C VAL A 45 -8.86 -5.80 -0.83
N LYS A 46 -9.70 -6.81 -0.81
CA LYS A 46 -10.93 -6.74 -1.53
C LYS A 46 -12.07 -6.86 -0.55
N HIS A 47 -12.27 -8.06 -0.04
CA HIS A 47 -13.40 -8.20 0.87
C HIS A 47 -13.04 -7.74 2.28
N PRO A 48 -13.98 -7.11 2.99
CA PRO A 48 -13.73 -6.63 4.34
C PRO A 48 -13.55 -7.79 5.31
N SER A 49 -14.06 -8.95 4.90
CA SER A 49 -13.94 -10.15 5.71
C SER A 49 -12.49 -10.64 5.72
N GLU A 50 -11.70 -10.17 4.77
CA GLU A 50 -10.29 -10.52 4.70
C GLU A 50 -9.55 -9.92 5.92
N ILE A 51 -10.17 -8.91 6.54
CA ILE A 51 -9.59 -8.20 7.69
C ILE A 51 -10.45 -8.36 8.95
N VAL A 52 -11.75 -8.06 8.85
CA VAL A 52 -12.63 -8.08 10.02
C VAL A 52 -13.87 -8.94 9.75
N ASN A 53 -14.42 -9.54 10.80
CA ASN A 53 -15.57 -10.42 10.65
C ASN A 53 -16.78 -9.84 11.38
N VAL A 54 -17.94 -10.42 11.11
CA VAL A 54 -19.19 -9.98 11.73
C VAL A 54 -19.17 -10.20 13.24
N GLY A 55 -19.55 -9.16 13.97
CA GLY A 55 -19.62 -9.23 15.41
C GLY A 55 -18.30 -8.96 16.11
N ASP A 56 -17.35 -8.37 15.39
CA ASP A 56 -16.05 -8.07 15.99
C ASP A 56 -15.98 -6.61 16.42
N GLU A 57 -15.41 -6.37 17.58
CA GLU A 57 -15.27 -5.01 18.10
C GLU A 57 -13.87 -4.51 17.79
N ILE A 58 -13.77 -3.51 16.94
CA ILE A 58 -12.47 -2.98 16.56
C ILE A 58 -12.44 -1.48 16.79
N LEU A 59 -11.25 -0.92 16.77
CA LEU A 59 -11.06 0.51 16.94
C LEU A 59 -10.91 1.18 15.58
N VAL A 60 -11.96 1.84 15.11
CA VAL A 60 -11.92 2.51 13.82
C VAL A 60 -11.76 4.01 13.98
N LYS A 61 -11.33 4.65 12.92
CA LYS A 61 -11.20 6.09 12.89
C LYS A 61 -12.26 6.67 11.98
N VAL A 62 -12.86 7.77 12.40
CA VAL A 62 -13.84 8.45 11.56
C VAL A 62 -13.12 9.24 10.48
N LEU A 63 -13.35 8.88 9.21
CA LEU A 63 -12.71 9.54 8.10
C LEU A 63 -13.57 10.64 7.49
N LYS A 64 -14.89 10.40 7.40
CA LYS A 64 -15.79 11.37 6.77
C LYS A 64 -17.10 11.39 7.53
N PHE A 65 -17.99 12.29 7.15
CA PHE A 65 -19.32 12.38 7.73
C PHE A 65 -20.38 12.59 6.66
N ASP A 66 -21.57 12.10 6.93
CA ASP A 66 -22.71 12.21 6.02
C ASP A 66 -23.22 13.65 5.97
N ARG A 67 -24.22 13.90 5.11
CA ARG A 67 -24.74 15.25 4.85
C ARG A 67 -24.61 16.21 6.03
N ASP A 68 -25.30 16.01 7.18
CA ASP A 68 -25.00 16.90 8.30
C ASP A 68 -24.27 16.16 9.43
N ARG A 69 -24.93 15.18 10.05
CA ARG A 69 -24.27 14.37 11.10
C ARG A 69 -24.61 12.88 10.95
N THR A 70 -25.87 12.64 10.57
CA THR A 70 -26.53 11.32 10.47
C THR A 70 -25.61 10.09 10.30
N ARG A 71 -24.90 9.95 9.19
CA ARG A 71 -24.06 8.76 8.98
C ARG A 71 -22.59 9.14 9.01
N VAL A 72 -21.70 8.16 8.93
CA VAL A 72 -20.29 8.46 9.01
C VAL A 72 -19.44 7.46 8.24
N SER A 73 -18.21 7.86 7.94
CA SER A 73 -17.27 7.00 7.25
C SER A 73 -16.12 6.60 8.18
N LEU A 74 -15.78 5.33 8.20
CA LEU A 74 -14.72 4.83 9.08
C LEU A 74 -13.53 4.31 8.29
N GLY A 75 -12.55 3.90 9.04
CA GLY A 75 -11.35 3.32 8.48
C GLY A 75 -10.67 2.38 9.43
N LEU A 76 -9.75 1.58 8.89
CA LEU A 76 -9.02 0.61 9.68
C LEU A 76 -7.51 0.73 9.50
N LYS A 77 -7.06 1.44 8.48
CA LYS A 77 -5.63 1.54 8.22
C LYS A 77 -5.02 2.82 8.80
N GLN A 78 -5.85 3.84 8.92
CA GLN A 78 -5.43 5.16 9.45
C GLN A 78 -5.13 5.08 10.94
N LEU A 79 -5.44 3.95 11.52
CA LEU A 79 -5.26 3.75 12.94
C LEU A 79 -3.80 3.48 13.23
N GLY A 80 -3.10 3.05 12.18
CA GLY A 80 -1.70 2.79 12.28
C GLY A 80 -0.93 3.67 11.33
N GLU A 81 0.38 3.54 11.33
CA GLU A 81 1.22 4.34 10.47
C GLU A 81 1.57 3.58 9.20
N ASP A 82 1.25 4.16 8.06
CA ASP A 82 1.52 3.55 6.76
C ASP A 82 3.04 3.52 6.51
N PRO A 83 3.58 2.42 5.95
CA PRO A 83 5.03 2.30 5.72
C PRO A 83 5.56 3.22 4.62
N TRP A 84 4.69 3.74 3.79
CA TRP A 84 5.11 4.59 2.68
C TRP A 84 5.36 6.04 3.10
N VAL A 85 4.63 6.52 4.07
CA VAL A 85 4.76 7.91 4.50
C VAL A 85 6.15 8.17 5.10
N ALA A 86 6.72 7.13 5.70
CA ALA A 86 8.06 7.23 6.27
C ALA A 86 9.11 6.63 5.34
N ILE A 87 8.67 6.07 4.23
CA ILE A 87 9.56 5.40 3.29
C ILE A 87 10.73 6.31 2.89
N ALA A 88 10.45 7.61 2.82
CA ALA A 88 11.47 8.58 2.44
C ALA A 88 12.56 8.70 3.51
N LYS A 89 12.18 8.66 4.79
CA LYS A 89 13.17 8.79 5.85
C LYS A 89 13.86 7.46 6.13
N ARG A 90 13.22 6.36 5.72
CA ARG A 90 13.79 5.04 5.88
C ARG A 90 14.85 4.79 4.81
N TYR A 91 14.43 4.94 3.55
CA TYR A 91 15.36 4.77 2.43
C TYR A 91 15.00 5.68 1.25
N PRO A 92 15.64 6.87 1.17
CA PRO A 92 15.43 7.80 0.06
C PRO A 92 16.27 7.43 -1.15
N GLU A 93 16.19 8.22 -2.22
CA GLU A 93 16.94 7.96 -3.43
C GLU A 93 18.43 7.80 -3.16
N GLY A 94 19.00 6.76 -3.76
CA GLY A 94 20.42 6.49 -3.57
C GLY A 94 20.69 5.37 -2.59
N HIS A 95 19.72 5.06 -1.74
CA HIS A 95 19.87 3.99 -0.77
C HIS A 95 19.78 2.62 -1.46
N LYS A 96 20.66 1.70 -1.07
CA LYS A 96 20.67 0.35 -1.61
C LYS A 96 19.79 -0.56 -0.77
N LEU A 97 18.94 -1.32 -1.42
CA LEU A 97 18.04 -2.21 -0.72
C LEU A 97 17.81 -3.48 -1.50
N SER A 98 17.49 -4.54 -0.80
CA SER A 98 17.25 -5.83 -1.43
C SER A 98 15.76 -6.08 -1.59
N GLY A 99 15.39 -6.60 -2.74
CA GLY A 99 13.99 -6.92 -3.02
C GLY A 99 13.86 -8.25 -3.73
N ARG A 100 12.64 -8.59 -4.14
CA ARG A 100 12.41 -9.82 -4.88
C ARG A 100 11.36 -9.61 -5.97
N VAL A 101 11.68 -10.05 -7.18
CA VAL A 101 10.77 -9.88 -8.31
C VAL A 101 9.49 -10.65 -8.04
N THR A 102 8.38 -9.93 -8.02
CA THR A 102 7.07 -10.51 -7.70
C THR A 102 6.18 -10.60 -8.93
N ASN A 103 6.46 -9.74 -9.90
CA ASN A 103 5.66 -9.61 -11.11
C ASN A 103 6.54 -9.17 -12.25
N LEU A 104 6.29 -9.73 -13.42
CA LEU A 104 7.09 -9.43 -14.59
C LEU A 104 6.19 -8.87 -15.67
N THR A 105 6.64 -7.82 -16.33
CA THR A 105 5.84 -7.19 -17.39
C THR A 105 6.68 -7.09 -18.66
N ASP A 106 6.19 -6.35 -19.65
CA ASP A 106 6.96 -6.11 -20.87
C ASP A 106 7.63 -4.74 -20.84
N TYR A 107 7.38 -3.97 -19.79
CA TYR A 107 7.93 -2.63 -19.68
C TYR A 107 8.73 -2.46 -18.39
N GLY A 108 9.11 -3.58 -17.79
CA GLY A 108 9.84 -3.53 -16.54
C GLY A 108 9.49 -4.69 -15.64
N CYS A 109 10.03 -4.69 -14.44
CA CYS A 109 9.72 -5.74 -13.49
C CYS A 109 9.47 -5.18 -12.11
N PHE A 110 8.50 -5.75 -11.44
CA PHE A 110 8.10 -5.36 -10.11
C PHE A 110 8.89 -6.14 -9.07
N VAL A 111 9.38 -5.45 -8.06
CA VAL A 111 10.19 -6.06 -7.03
C VAL A 111 9.71 -5.64 -5.63
N GLU A 112 9.37 -6.62 -4.81
CA GLU A 112 8.88 -6.35 -3.46
C GLU A 112 10.01 -5.98 -2.53
N ILE A 113 9.92 -4.79 -1.95
CA ILE A 113 10.93 -4.32 -1.01
C ILE A 113 10.60 -4.84 0.38
N GLU A 114 9.30 -4.92 0.65
CA GLU A 114 8.78 -5.37 1.93
C GLU A 114 7.25 -5.42 1.91
N GLU A 115 6.66 -5.67 3.08
CA GLU A 115 5.21 -5.76 3.22
C GLU A 115 4.50 -4.49 2.77
N GLY A 116 3.90 -4.52 1.59
CA GLY A 116 3.16 -3.37 1.12
C GLY A 116 3.99 -2.46 0.25
N VAL A 117 5.31 -2.60 0.34
CA VAL A 117 6.21 -1.79 -0.44
C VAL A 117 6.79 -2.59 -1.59
N GLU A 118 6.39 -2.23 -2.79
CA GLU A 118 6.84 -2.88 -4.00
C GLU A 118 7.26 -1.83 -5.02
N GLY A 119 8.49 -1.94 -5.50
CA GLY A 119 9.00 -0.98 -6.46
C GLY A 119 8.97 -1.52 -7.87
N LEU A 120 9.12 -0.63 -8.85
CA LEU A 120 9.08 -1.03 -10.25
C LEU A 120 10.26 -0.42 -10.99
N VAL A 121 10.99 -1.28 -11.69
CA VAL A 121 12.13 -0.86 -12.47
C VAL A 121 11.74 -0.82 -13.94
N HIS A 122 12.15 0.23 -14.64
CA HIS A 122 11.83 0.35 -16.06
C HIS A 122 12.87 -0.40 -16.88
N VAL A 123 12.45 -1.00 -18.00
CA VAL A 123 13.35 -1.78 -18.85
C VAL A 123 14.61 -1.01 -19.25
N SER A 124 14.51 0.31 -19.36
CA SER A 124 15.65 1.11 -19.78
C SER A 124 16.64 1.35 -18.64
N GLU A 125 16.19 1.20 -17.40
CA GLU A 125 17.07 1.38 -16.26
C GLU A 125 17.29 0.08 -15.50
N MET A 126 16.89 -1.03 -16.10
CA MET A 126 17.11 -2.31 -15.45
C MET A 126 18.30 -3.02 -16.08
N ASP A 127 18.60 -2.69 -17.33
CA ASP A 127 19.78 -3.23 -17.99
C ASP A 127 20.40 -2.12 -18.84
N TRP A 128 21.72 -2.10 -19.01
CA TRP A 128 22.37 -1.02 -19.76
C TRP A 128 22.70 -1.40 -21.21
N THR A 129 22.65 -2.69 -21.53
CA THR A 129 23.03 -3.13 -22.87
C THR A 129 21.93 -2.84 -23.88
N ASN A 130 20.68 -3.00 -23.46
CA ASN A 130 19.55 -2.80 -24.36
C ASN A 130 18.40 -2.08 -23.66
N LYS A 131 18.08 -0.90 -24.15
CA LYS A 131 17.04 -0.04 -23.59
C LYS A 131 15.68 -0.72 -23.43
N ASN A 132 15.23 -1.37 -24.48
CA ASN A 132 13.91 -1.99 -24.48
C ASN A 132 14.01 -3.51 -24.37
N ILE A 133 15.01 -3.97 -23.66
CA ILE A 133 15.20 -5.39 -23.40
C ILE A 133 14.04 -5.92 -22.57
N HIS A 134 13.56 -7.14 -22.87
CA HIS A 134 12.50 -7.73 -22.08
C HIS A 134 13.04 -8.04 -20.69
N PRO A 135 12.30 -7.70 -19.62
CA PRO A 135 12.77 -7.91 -18.25
C PRO A 135 13.03 -9.37 -17.91
N SER A 136 12.48 -10.29 -18.70
CA SER A 136 12.67 -11.71 -18.48
C SER A 136 14.10 -12.12 -18.85
N LYS A 137 14.74 -11.32 -19.69
CA LYS A 137 16.10 -11.61 -20.10
C LYS A 137 17.05 -11.22 -18.98
N VAL A 138 16.57 -10.38 -18.09
CA VAL A 138 17.36 -9.89 -16.97
C VAL A 138 17.04 -10.64 -15.68
N VAL A 139 15.75 -10.75 -15.36
CA VAL A 139 15.30 -11.42 -14.12
C VAL A 139 14.01 -12.18 -14.35
N ASN A 140 13.56 -12.88 -13.30
CA ASN A 140 12.32 -13.61 -13.35
C ASN A 140 11.62 -13.48 -11.99
N VAL A 141 10.32 -13.72 -11.98
CA VAL A 141 9.56 -13.65 -10.74
C VAL A 141 9.96 -14.78 -9.81
N GLY A 142 10.42 -14.40 -8.63
CA GLY A 142 10.85 -15.37 -7.65
C GLY A 142 12.29 -15.18 -7.30
N ASP A 143 12.99 -14.45 -8.17
CA ASP A 143 14.39 -14.18 -7.94
C ASP A 143 14.57 -13.01 -7.00
N GLU A 144 15.27 -13.26 -5.92
CA GLU A 144 15.56 -12.23 -4.95
C GLU A 144 16.81 -11.46 -5.42
N VAL A 145 16.69 -10.13 -5.45
CA VAL A 145 17.77 -9.29 -5.98
C VAL A 145 17.94 -8.00 -5.19
N GLU A 146 18.85 -7.15 -5.65
CA GLU A 146 19.08 -5.87 -5.02
C GLU A 146 18.80 -4.73 -6.00
N VAL A 147 18.27 -3.64 -5.47
CA VAL A 147 17.97 -2.46 -6.27
C VAL A 147 18.23 -1.20 -5.46
N MET A 148 18.12 -0.07 -6.11
CA MET A 148 18.34 1.21 -5.45
C MET A 148 17.19 2.14 -5.73
N VAL A 149 16.83 2.93 -4.73
CA VAL A 149 15.73 3.89 -4.85
C VAL A 149 16.03 4.89 -5.95
N LEU A 150 15.21 4.87 -6.99
CA LEU A 150 15.39 5.77 -8.11
C LEU A 150 14.49 7.00 -7.92
N GLU A 151 13.21 6.75 -7.62
CA GLU A 151 12.25 7.82 -7.36
C GLU A 151 10.98 7.27 -6.72
N ILE A 152 10.72 7.64 -5.47
CA ILE A 152 9.51 7.21 -4.79
C ILE A 152 8.47 8.31 -4.75
N ASP A 153 7.25 7.95 -5.15
CA ASP A 153 6.11 8.85 -5.13
C ASP A 153 5.13 8.35 -4.08
N GLU A 154 5.29 8.81 -2.86
CA GLU A 154 4.43 8.38 -1.75
C GLU A 154 2.98 8.78 -2.03
N GLU A 155 2.82 9.91 -2.71
CA GLU A 155 1.50 10.46 -3.00
C GLU A 155 0.76 9.63 -4.05
N ARG A 156 1.47 9.30 -5.12
CA ARG A 156 0.87 8.56 -6.24
C ARG A 156 0.92 7.07 -5.95
N ARG A 157 1.55 6.75 -4.82
CA ARG A 157 1.82 5.38 -4.41
C ARG A 157 2.47 4.61 -5.56
N ARG A 158 3.60 5.15 -5.99
CA ARG A 158 4.41 4.57 -7.06
C ARG A 158 5.88 4.65 -6.68
N ILE A 159 6.59 3.54 -6.81
CA ILE A 159 8.01 3.50 -6.47
C ILE A 159 8.83 3.08 -7.67
N SER A 160 9.90 3.81 -7.92
CA SER A 160 10.79 3.53 -9.02
C SER A 160 12.11 3.08 -8.45
N LEU A 161 12.63 1.98 -8.97
CA LEU A 161 13.90 1.48 -8.51
C LEU A 161 14.82 1.26 -9.69
N GLY A 162 16.11 1.29 -9.44
CA GLY A 162 17.08 1.10 -10.49
C GLY A 162 17.86 -0.19 -10.30
N LEU A 163 17.73 -1.10 -11.26
CA LEU A 163 18.41 -2.38 -11.19
C LEU A 163 19.86 -2.19 -11.64
N LYS A 164 20.06 -1.26 -12.57
CA LYS A 164 21.39 -0.98 -13.09
C LYS A 164 22.33 -0.53 -11.96
N GLN A 165 21.72 -0.06 -10.88
CA GLN A 165 22.46 0.37 -9.69
C GLN A 165 23.01 -0.84 -8.91
N CYS A 166 22.68 -2.04 -9.36
CA CYS A 166 23.19 -3.28 -8.76
C CYS A 166 23.98 -4.07 -9.81
N LYS A 167 23.78 -3.69 -11.06
CA LYS A 167 24.40 -4.36 -12.19
C LYS A 167 25.78 -3.75 -12.48
N ALA A 168 26.54 -4.39 -13.37
CA ALA A 168 27.86 -3.91 -13.75
C ALA A 168 27.76 -2.50 -14.30
N ASN A 169 28.53 -1.59 -13.74
CA ASN A 169 28.53 -0.21 -14.16
C ASN A 169 29.54 0.02 -15.29
N PRO A 170 29.07 0.20 -16.55
CA PRO A 170 29.97 0.39 -17.71
C PRO A 170 30.65 1.76 -17.72
N TRP A 171 30.28 2.59 -16.75
CA TRP A 171 30.80 3.95 -16.65
C TRP A 171 31.93 4.03 -15.63
N GLN A 172 32.27 2.88 -15.03
CA GLN A 172 33.31 2.82 -14.01
C GLN A 172 34.54 3.67 -14.35
N SER A 173 35.17 3.38 -15.48
CA SER A 173 36.32 4.14 -15.96
C SER A 173 37.39 4.31 -14.88
N GLY A 1 -19.76 8.03 22.08
CA GLY A 1 -18.92 8.31 20.89
C GLY A 1 -19.45 7.62 19.65
N ALA A 2 -19.98 8.41 18.72
CA ALA A 2 -20.59 7.87 17.51
C ALA A 2 -20.71 8.95 16.45
N MET A 3 -21.21 10.10 16.89
CA MET A 3 -21.39 11.28 16.06
C MET A 3 -21.79 12.42 16.99
N GLU A 4 -22.35 11.99 18.12
CA GLU A 4 -22.77 12.86 19.22
C GLU A 4 -21.59 13.70 19.76
N THR A 5 -20.45 13.03 19.89
CA THR A 5 -19.24 13.63 20.43
C THR A 5 -18.06 13.28 19.54
N LEU A 6 -18.37 12.75 18.38
CA LEU A 6 -17.36 12.34 17.43
C LEU A 6 -16.78 13.56 16.75
N GLN A 7 -15.86 13.29 15.85
CA GLN A 7 -15.18 14.37 15.18
C GLN A 7 -14.32 13.75 14.09
N GLU A 8 -14.41 14.22 12.87
CA GLU A 8 -13.64 13.61 11.78
C GLU A 8 -12.16 13.54 12.18
N GLY A 9 -11.58 12.34 12.12
CA GLY A 9 -10.20 12.17 12.58
C GLY A 9 -10.15 11.56 13.97
N SER A 10 -11.32 11.40 14.60
CA SER A 10 -11.41 10.82 15.94
C SER A 10 -11.21 9.31 15.89
N GLU A 11 -10.90 8.73 17.04
CA GLU A 11 -10.73 7.30 17.17
C GLU A 11 -11.78 6.74 18.11
N VAL A 12 -12.55 5.81 17.58
CA VAL A 12 -13.64 5.21 18.34
C VAL A 12 -13.84 3.75 17.98
N LYS A 13 -14.24 2.96 18.96
CA LYS A 13 -14.47 1.55 18.73
C LYS A 13 -15.91 1.31 18.32
N GLY A 14 -16.11 0.41 17.37
CA GLY A 14 -17.44 0.11 16.89
C GLY A 14 -17.62 -1.37 16.62
N ILE A 15 -18.86 -1.78 16.40
CA ILE A 15 -19.18 -3.17 16.16
C ILE A 15 -19.49 -3.43 14.69
N VAL A 16 -18.70 -4.30 14.08
CA VAL A 16 -18.95 -4.66 12.69
C VAL A 16 -20.09 -5.65 12.62
N LYS A 17 -21.28 -5.15 12.36
CA LYS A 17 -22.49 -5.99 12.33
C LYS A 17 -22.89 -6.40 10.92
N ASN A 18 -22.21 -5.90 9.91
CA ASN A 18 -22.54 -6.27 8.54
C ASN A 18 -21.31 -6.19 7.67
N LEU A 19 -21.30 -6.98 6.61
CA LEU A 19 -20.17 -7.08 5.71
C LEU A 19 -20.68 -7.22 4.28
N THR A 20 -20.36 -6.25 3.45
CA THR A 20 -20.75 -6.30 2.04
C THR A 20 -19.55 -6.69 1.19
N ASP A 21 -19.71 -6.72 -0.13
CA ASP A 21 -18.62 -7.07 -1.01
C ASP A 21 -17.85 -5.84 -1.46
N TYR A 22 -18.28 -4.67 -1.00
CA TYR A 22 -17.59 -3.41 -1.34
C TYR A 22 -17.14 -2.70 -0.06
N GLY A 23 -17.55 -3.24 1.07
CA GLY A 23 -17.20 -2.65 2.35
C GLY A 23 -17.91 -3.32 3.50
N ALA A 24 -18.04 -2.61 4.60
CA ALA A 24 -18.69 -3.15 5.78
C ALA A 24 -19.47 -2.06 6.49
N PHE A 25 -20.20 -2.44 7.53
CA PHE A 25 -20.97 -1.49 8.32
C PHE A 25 -20.74 -1.69 9.81
N VAL A 26 -20.31 -0.63 10.46
CA VAL A 26 -20.04 -0.64 11.89
C VAL A 26 -21.10 0.13 12.68
N ASP A 27 -21.50 -0.46 13.79
CA ASP A 27 -22.47 0.17 14.67
C ASP A 27 -21.73 1.01 15.70
N LEU A 28 -22.02 2.30 15.71
CA LEU A 28 -21.38 3.20 16.67
C LEU A 28 -22.25 3.35 17.90
N GLY A 29 -23.29 2.54 17.95
CA GLY A 29 -24.24 2.62 19.03
C GLY A 29 -25.42 3.51 18.67
N GLY A 30 -26.12 3.14 17.59
CA GLY A 30 -27.27 3.91 17.15
C GLY A 30 -27.12 4.49 15.75
N VAL A 31 -25.90 4.47 15.23
CA VAL A 31 -25.64 5.00 13.90
C VAL A 31 -24.64 4.09 13.19
N ASP A 32 -24.88 3.85 11.90
CA ASP A 32 -24.02 2.96 11.13
C ASP A 32 -23.07 3.75 10.24
N GLY A 33 -21.79 3.39 10.30
CA GLY A 33 -20.80 4.02 9.44
C GLY A 33 -20.38 3.07 8.34
N LEU A 34 -20.11 3.61 7.16
CA LEU A 34 -19.67 2.78 6.05
C LEU A 34 -18.15 2.70 6.03
N LEU A 35 -17.64 1.49 6.07
CA LEU A 35 -16.22 1.27 6.00
C LEU A 35 -15.88 0.63 4.66
N HIS A 36 -15.26 1.39 3.78
CA HIS A 36 -14.91 0.89 2.45
C HIS A 36 -13.81 -0.17 2.56
N ILE A 37 -13.94 -1.23 1.76
CA ILE A 37 -12.98 -2.34 1.74
C ILE A 37 -11.52 -1.91 1.67
N THR A 38 -11.24 -0.80 0.99
CA THR A 38 -9.87 -0.36 0.79
C THR A 38 -9.32 0.35 2.04
N ASP A 39 -10.13 0.44 3.09
CA ASP A 39 -9.72 1.10 4.32
C ASP A 39 -9.43 0.10 5.42
N MET A 40 -9.56 -1.18 5.11
CA MET A 40 -9.32 -2.24 6.08
C MET A 40 -7.82 -2.41 6.36
N ALA A 41 -6.99 -2.08 5.38
CA ALA A 41 -5.55 -2.23 5.53
C ALA A 41 -4.79 -1.43 4.48
N TRP A 42 -3.50 -1.29 4.69
CA TRP A 42 -2.61 -0.58 3.77
C TRP A 42 -2.50 -1.34 2.45
N LYS A 43 -2.67 -2.65 2.52
CA LYS A 43 -2.58 -3.48 1.34
C LYS A 43 -3.90 -3.47 0.57
N ARG A 44 -3.95 -4.29 -0.47
CA ARG A 44 -5.15 -4.39 -1.28
C ARG A 44 -6.02 -5.52 -0.77
N VAL A 45 -6.90 -5.18 0.14
CA VAL A 45 -7.86 -6.12 0.69
C VAL A 45 -8.97 -6.38 -0.32
N LYS A 46 -9.39 -7.64 -0.44
CA LYS A 46 -10.40 -8.01 -1.42
C LYS A 46 -11.79 -8.16 -0.81
N HIS A 47 -11.87 -8.43 0.49
CA HIS A 47 -13.16 -8.65 1.14
C HIS A 47 -13.00 -8.26 2.62
N PRO A 48 -14.03 -7.68 3.27
CA PRO A 48 -13.92 -7.21 4.66
C PRO A 48 -13.86 -8.32 5.70
N SER A 49 -14.47 -9.46 5.37
CA SER A 49 -14.53 -10.60 6.28
C SER A 49 -13.13 -11.15 6.54
N GLU A 50 -12.21 -10.84 5.65
CA GLU A 50 -10.84 -11.33 5.77
C GLU A 50 -10.10 -10.56 6.87
N ILE A 51 -10.59 -9.35 7.16
CA ILE A 51 -9.96 -8.47 8.16
C ILE A 51 -10.77 -8.43 9.46
N VAL A 52 -12.09 -8.35 9.33
CA VAL A 52 -12.97 -8.26 10.49
C VAL A 52 -14.28 -9.02 10.21
N ASN A 53 -14.93 -9.54 11.25
CA ASN A 53 -16.14 -10.32 11.05
C ASN A 53 -17.33 -9.67 11.75
N VAL A 54 -18.49 -10.27 11.55
CA VAL A 54 -19.71 -9.79 12.18
C VAL A 54 -19.65 -9.97 13.70
N GLY A 55 -19.95 -8.89 14.42
CA GLY A 55 -19.96 -8.93 15.86
C GLY A 55 -18.62 -8.60 16.49
N ASP A 56 -17.70 -8.03 15.72
CA ASP A 56 -16.37 -7.69 16.25
C ASP A 56 -16.30 -6.24 16.66
N GLU A 57 -15.75 -6.00 17.85
CA GLU A 57 -15.55 -4.65 18.36
C GLU A 57 -14.11 -4.22 18.09
N ILE A 58 -13.91 -3.43 17.06
CA ILE A 58 -12.57 -2.98 16.72
C ILE A 58 -12.48 -1.45 16.85
N LEU A 59 -11.27 -0.93 16.83
CA LEU A 59 -11.04 0.50 16.96
C LEU A 59 -10.85 1.13 15.58
N VAL A 60 -11.86 1.86 15.12
CA VAL A 60 -11.80 2.51 13.81
C VAL A 60 -11.65 4.02 13.93
N LYS A 61 -11.13 4.64 12.88
CA LYS A 61 -11.00 6.08 12.83
C LYS A 61 -12.01 6.66 11.85
N VAL A 62 -12.68 7.72 12.26
CA VAL A 62 -13.63 8.39 11.38
C VAL A 62 -12.88 9.18 10.32
N LEU A 63 -13.13 8.86 9.05
CA LEU A 63 -12.43 9.51 7.96
C LEU A 63 -13.28 10.60 7.32
N LYS A 64 -14.60 10.39 7.27
CA LYS A 64 -15.49 11.35 6.62
C LYS A 64 -16.78 11.45 7.40
N PHE A 65 -17.63 12.40 7.02
CA PHE A 65 -18.93 12.56 7.64
C PHE A 65 -20.01 12.84 6.59
N ASP A 66 -21.21 12.37 6.87
CA ASP A 66 -22.38 12.57 6.02
C ASP A 66 -22.92 13.99 6.22
N ARG A 67 -24.00 14.36 5.52
CA ARG A 67 -24.54 15.74 5.51
C ARG A 67 -24.27 16.49 6.81
N ASP A 68 -24.94 16.16 7.93
CA ASP A 68 -24.58 16.82 9.19
C ASP A 68 -23.95 15.84 10.19
N ARG A 69 -24.72 14.81 10.61
CA ARG A 69 -24.18 13.76 11.50
C ARG A 69 -24.53 12.37 10.98
N THR A 70 -25.78 12.28 10.48
CA THR A 70 -26.43 11.06 9.98
C THR A 70 -25.52 9.84 9.75
N ARG A 71 -24.56 9.92 8.84
CA ARG A 71 -23.67 8.79 8.58
C ARG A 71 -22.22 9.20 8.68
N VAL A 72 -21.29 8.24 8.60
CA VAL A 72 -19.88 8.56 8.75
C VAL A 72 -19.00 7.52 8.05
N SER A 73 -17.76 7.89 7.72
CA SER A 73 -16.83 6.95 7.09
C SER A 73 -15.81 6.49 8.12
N LEU A 74 -15.44 5.21 8.09
CA LEU A 74 -14.46 4.67 9.04
C LEU A 74 -13.22 4.17 8.31
N GLY A 75 -12.20 3.92 9.10
CA GLY A 75 -10.95 3.40 8.60
C GLY A 75 -10.34 2.40 9.54
N LEU A 76 -9.54 1.49 9.01
CA LEU A 76 -8.86 0.48 9.82
C LEU A 76 -7.36 0.50 9.61
N LYS A 77 -6.90 1.19 8.57
CA LYS A 77 -5.48 1.20 8.27
C LYS A 77 -4.75 2.40 8.85
N GLN A 78 -5.41 3.55 8.89
CA GLN A 78 -4.79 4.78 9.36
C GLN A 78 -4.85 4.90 10.89
N LEU A 79 -5.16 3.79 11.56
CA LEU A 79 -5.10 3.72 13.02
C LEU A 79 -3.67 3.42 13.42
N GLY A 80 -2.97 2.78 12.49
CA GLY A 80 -1.61 2.35 12.71
C GLY A 80 -0.58 3.23 12.05
N GLU A 81 0.19 2.62 11.17
CA GLU A 81 1.27 3.35 10.51
C GLU A 81 1.23 3.07 9.03
N ASP A 82 1.14 4.10 8.21
CA ASP A 82 1.19 3.89 6.78
C ASP A 82 2.66 3.70 6.38
N PRO A 83 3.02 2.57 5.75
CA PRO A 83 4.42 2.28 5.41
C PRO A 83 5.06 3.26 4.43
N TRP A 84 4.25 4.01 3.72
CA TRP A 84 4.77 4.92 2.71
C TRP A 84 5.09 6.31 3.26
N VAL A 85 4.49 6.67 4.38
CA VAL A 85 4.72 8.02 4.96
C VAL A 85 6.17 8.18 5.41
N ALA A 86 6.72 7.10 5.95
CA ALA A 86 8.10 7.10 6.45
C ALA A 86 9.05 6.49 5.44
N ILE A 87 8.53 5.97 4.33
CA ILE A 87 9.36 5.27 3.36
C ILE A 87 10.58 6.11 2.95
N ALA A 88 10.40 7.44 2.92
CA ALA A 88 11.48 8.34 2.52
C ALA A 88 12.56 8.46 3.59
N LYS A 89 12.19 8.34 4.87
CA LYS A 89 13.18 8.42 5.94
C LYS A 89 13.81 7.05 6.21
N ARG A 90 13.14 6.00 5.76
CA ARG A 90 13.67 4.66 5.91
C ARG A 90 14.74 4.41 4.85
N TYR A 91 14.36 4.59 3.59
CA TYR A 91 15.27 4.42 2.48
C TYR A 91 15.02 5.42 1.36
N PRO A 92 15.70 6.59 1.41
CA PRO A 92 15.56 7.64 0.39
C PRO A 92 16.30 7.29 -0.90
N GLU A 93 16.29 8.21 -1.86
CA GLU A 93 16.96 7.99 -3.14
C GLU A 93 18.43 7.71 -2.94
N GLY A 94 18.95 6.75 -3.69
CA GLY A 94 20.36 6.41 -3.59
C GLY A 94 20.62 5.27 -2.63
N HIS A 95 19.71 5.06 -1.70
CA HIS A 95 19.82 3.99 -0.74
C HIS A 95 19.60 2.65 -1.44
N LYS A 96 20.41 1.66 -1.10
CA LYS A 96 20.27 0.33 -1.68
C LYS A 96 19.46 -0.56 -0.75
N LEU A 97 18.60 -1.36 -1.33
CA LEU A 97 17.79 -2.28 -0.57
C LEU A 97 17.57 -3.55 -1.37
N SER A 98 17.22 -4.62 -0.70
CA SER A 98 17.02 -5.89 -1.36
C SER A 98 15.53 -6.15 -1.63
N GLY A 99 15.21 -6.37 -2.89
CA GLY A 99 13.85 -6.63 -3.29
C GLY A 99 13.74 -7.82 -4.22
N ARG A 100 12.67 -8.57 -4.11
CA ARG A 100 12.46 -9.73 -4.98
C ARG A 100 11.46 -9.42 -6.08
N VAL A 101 11.78 -9.84 -7.30
CA VAL A 101 10.87 -9.66 -8.42
C VAL A 101 9.61 -10.48 -8.19
N THR A 102 8.48 -9.81 -8.10
CA THR A 102 7.21 -10.46 -7.80
C THR A 102 6.33 -10.59 -9.01
N ASN A 103 6.55 -9.73 -9.99
CA ASN A 103 5.74 -9.67 -11.18
C ASN A 103 6.58 -9.17 -12.34
N LEU A 104 6.32 -9.73 -13.50
CA LEU A 104 7.07 -9.38 -14.70
C LEU A 104 6.13 -8.75 -15.70
N THR A 105 6.56 -7.67 -16.33
CA THR A 105 5.77 -7.00 -17.35
C THR A 105 6.56 -6.96 -18.65
N ASP A 106 6.12 -6.14 -19.59
CA ASP A 106 6.83 -5.94 -20.85
C ASP A 106 7.65 -4.66 -20.80
N TYR A 107 7.31 -3.80 -19.86
CA TYR A 107 7.95 -2.51 -19.73
C TYR A 107 8.75 -2.42 -18.43
N GLY A 108 9.15 -3.56 -17.91
CA GLY A 108 9.90 -3.57 -16.66
C GLY A 108 9.51 -4.71 -15.75
N CYS A 109 10.01 -4.71 -14.53
CA CYS A 109 9.66 -5.74 -13.58
C CYS A 109 9.39 -5.13 -12.21
N PHE A 110 8.39 -5.69 -11.55
CA PHE A 110 8.01 -5.26 -10.22
C PHE A 110 8.80 -6.00 -9.18
N VAL A 111 9.34 -5.26 -8.24
CA VAL A 111 10.18 -5.83 -7.21
C VAL A 111 9.67 -5.43 -5.82
N GLU A 112 9.30 -6.43 -5.03
CA GLU A 112 8.75 -6.19 -3.70
C GLU A 112 9.86 -5.86 -2.72
N ILE A 113 9.77 -4.66 -2.18
CA ILE A 113 10.76 -4.16 -1.23
C ILE A 113 10.48 -4.73 0.15
N GLU A 114 9.19 -4.92 0.42
CA GLU A 114 8.71 -5.39 1.71
C GLU A 114 7.22 -5.63 1.68
N GLU A 115 6.68 -6.10 2.79
CA GLU A 115 5.26 -6.37 2.91
C GLU A 115 4.45 -5.08 2.92
N GLY A 116 3.95 -4.71 1.74
CA GLY A 116 3.18 -3.48 1.60
C GLY A 116 3.86 -2.48 0.69
N VAL A 117 5.11 -2.75 0.33
CA VAL A 117 5.87 -1.87 -0.56
C VAL A 117 6.48 -2.66 -1.70
N GLU A 118 6.11 -2.28 -2.91
CA GLU A 118 6.58 -2.91 -4.12
C GLU A 118 6.93 -1.84 -5.15
N GLY A 119 8.19 -1.83 -5.57
CA GLY A 119 8.67 -0.82 -6.52
C GLY A 119 8.76 -1.35 -7.93
N LEU A 120 9.05 -0.47 -8.88
CA LEU A 120 9.15 -0.86 -10.28
C LEU A 120 10.41 -0.32 -10.93
N VAL A 121 11.04 -1.18 -11.73
CA VAL A 121 12.22 -0.81 -12.49
C VAL A 121 11.88 -0.81 -13.99
N HIS A 122 12.30 0.23 -14.68
CA HIS A 122 12.03 0.36 -16.10
C HIS A 122 13.01 -0.48 -16.90
N VAL A 123 12.58 -1.01 -18.04
CA VAL A 123 13.43 -1.83 -18.92
C VAL A 123 14.80 -1.20 -19.18
N SER A 124 14.84 0.13 -19.26
CA SER A 124 16.08 0.85 -19.52
C SER A 124 17.04 0.79 -18.32
N GLU A 125 16.47 0.59 -17.13
CA GLU A 125 17.23 0.55 -15.90
C GLU A 125 17.42 -0.89 -15.43
N MET A 126 17.19 -1.85 -16.31
CA MET A 126 17.36 -3.26 -15.95
C MET A 126 18.73 -3.77 -16.35
N ASP A 127 19.13 -3.53 -17.61
CA ASP A 127 20.42 -3.99 -18.10
C ASP A 127 21.10 -2.87 -18.88
N TRP A 128 22.36 -3.07 -19.24
CA TRP A 128 23.13 -2.05 -19.93
C TRP A 128 23.18 -2.29 -21.44
N THR A 129 22.89 -3.51 -21.88
CA THR A 129 22.97 -3.86 -23.29
C THR A 129 21.91 -3.18 -24.15
N ASN A 130 20.65 -3.30 -23.75
CA ASN A 130 19.54 -2.78 -24.54
C ASN A 130 18.61 -1.93 -23.67
N LYS A 131 18.24 -0.76 -24.19
CA LYS A 131 17.39 0.19 -23.46
C LYS A 131 15.95 -0.33 -23.34
N ASN A 132 15.52 -1.14 -24.29
CA ASN A 132 14.16 -1.66 -24.30
C ASN A 132 14.18 -3.17 -24.13
N ILE A 133 15.20 -3.66 -23.46
CA ILE A 133 15.34 -5.09 -23.24
C ILE A 133 14.15 -5.66 -22.47
N HIS A 134 13.64 -6.80 -22.91
CA HIS A 134 12.54 -7.44 -22.22
C HIS A 134 13.01 -7.87 -20.83
N PRO A 135 12.25 -7.56 -19.78
CA PRO A 135 12.65 -7.88 -18.40
C PRO A 135 12.97 -9.35 -18.16
N SER A 136 12.43 -10.23 -18.99
CA SER A 136 12.65 -11.67 -18.84
C SER A 136 14.07 -12.05 -19.22
N LYS A 137 14.71 -11.23 -20.06
CA LYS A 137 16.06 -11.53 -20.51
C LYS A 137 17.05 -11.16 -19.40
N VAL A 138 16.58 -10.34 -18.47
CA VAL A 138 17.40 -9.86 -17.36
C VAL A 138 17.10 -10.62 -16.07
N VAL A 139 15.82 -10.73 -15.73
CA VAL A 139 15.39 -11.39 -14.48
C VAL A 139 14.12 -12.19 -14.69
N ASN A 140 13.75 -12.95 -13.67
CA ASN A 140 12.54 -13.74 -13.69
C ASN A 140 11.75 -13.44 -12.43
N VAL A 141 10.45 -13.64 -12.48
CA VAL A 141 9.64 -13.43 -11.30
C VAL A 141 9.92 -14.51 -10.27
N GLY A 142 10.40 -14.07 -9.11
CA GLY A 142 10.76 -14.99 -8.06
C GLY A 142 12.24 -14.86 -7.72
N ASP A 143 12.98 -14.13 -8.55
CA ASP A 143 14.40 -13.95 -8.30
C ASP A 143 14.61 -12.82 -7.30
N GLU A 144 15.27 -13.15 -6.19
CA GLU A 144 15.55 -12.17 -5.18
C GLU A 144 16.82 -11.40 -5.54
N VAL A 145 16.73 -10.08 -5.52
CA VAL A 145 17.83 -9.22 -5.92
C VAL A 145 17.89 -7.94 -5.10
N GLU A 146 18.76 -7.03 -5.51
CA GLU A 146 18.91 -5.74 -4.86
C GLU A 146 18.58 -4.63 -5.84
N VAL A 147 17.98 -3.56 -5.34
CA VAL A 147 17.66 -2.40 -6.16
C VAL A 147 17.93 -1.11 -5.39
N MET A 148 18.02 -0.01 -6.11
CA MET A 148 18.31 1.28 -5.52
C MET A 148 17.14 2.22 -5.72
N VAL A 149 16.85 3.03 -4.71
CA VAL A 149 15.74 3.97 -4.79
C VAL A 149 16.03 5.07 -5.80
N LEU A 150 15.18 5.21 -6.81
CA LEU A 150 15.36 6.27 -7.81
C LEU A 150 14.34 7.37 -7.65
N GLU A 151 13.10 7.00 -7.36
CA GLU A 151 12.04 7.99 -7.21
C GLU A 151 10.81 7.40 -6.53
N ILE A 152 10.51 7.87 -5.33
CA ILE A 152 9.32 7.42 -4.61
C ILE A 152 8.30 8.54 -4.49
N ASP A 153 7.09 8.26 -4.93
CA ASP A 153 5.99 9.20 -4.80
C ASP A 153 4.99 8.65 -3.81
N GLU A 154 5.13 9.08 -2.57
CA GLU A 154 4.28 8.61 -1.47
C GLU A 154 2.83 9.01 -1.73
N GLU A 155 2.64 10.11 -2.46
CA GLU A 155 1.31 10.61 -2.80
C GLU A 155 0.71 9.88 -4.00
N ARG A 156 1.51 9.76 -5.06
CA ARG A 156 1.05 9.16 -6.31
C ARG A 156 1.10 7.65 -6.22
N ARG A 157 1.53 7.19 -5.06
CA ARG A 157 1.70 5.76 -4.77
C ARG A 157 2.45 5.07 -5.91
N ARG A 158 3.57 5.67 -6.29
CA ARG A 158 4.44 5.15 -7.32
C ARG A 158 5.87 5.09 -6.80
N ILE A 159 6.51 3.95 -7.00
CA ILE A 159 7.88 3.76 -6.57
C ILE A 159 8.76 3.29 -7.71
N SER A 160 9.82 4.04 -7.92
CA SER A 160 10.80 3.79 -8.97
C SER A 160 12.11 3.32 -8.36
N LEU A 161 12.61 2.19 -8.82
CA LEU A 161 13.85 1.65 -8.30
C LEU A 161 14.82 1.36 -9.43
N GLY A 162 16.07 1.12 -9.07
CA GLY A 162 17.09 0.86 -10.06
C GLY A 162 17.77 -0.49 -9.92
N LEU A 163 17.77 -1.25 -10.99
CA LEU A 163 18.42 -2.55 -11.01
C LEU A 163 19.82 -2.42 -11.58
N LYS A 164 19.93 -1.70 -12.67
CA LYS A 164 21.21 -1.47 -13.33
C LYS A 164 22.18 -0.77 -12.38
N GLN A 165 21.64 0.04 -11.48
CA GLN A 165 22.45 0.75 -10.49
C GLN A 165 23.09 -0.25 -9.50
N CYS A 166 22.50 -1.43 -9.42
CA CYS A 166 22.99 -2.49 -8.53
C CYS A 166 23.68 -3.58 -9.34
N LYS A 167 23.62 -3.44 -10.65
CA LYS A 167 24.21 -4.39 -11.57
C LYS A 167 25.70 -4.09 -11.76
N ALA A 168 26.41 -5.05 -12.32
CA ALA A 168 27.83 -4.92 -12.54
C ALA A 168 28.11 -4.25 -13.88
N ASN A 169 29.06 -3.31 -13.89
CA ASN A 169 29.43 -2.63 -15.12
C ASN A 169 30.34 -3.53 -15.95
N PRO A 170 30.15 -3.58 -17.28
CA PRO A 170 30.97 -4.43 -18.15
C PRO A 170 32.41 -3.95 -18.30
N TRP A 171 32.67 -2.75 -17.82
CA TRP A 171 34.01 -2.16 -17.92
C TRP A 171 34.96 -2.76 -16.90
N GLN A 172 34.49 -3.75 -16.16
CA GLN A 172 35.33 -4.43 -15.19
C GLN A 172 35.60 -5.85 -15.69
N SER A 173 36.86 -6.21 -15.80
CA SER A 173 37.24 -7.53 -16.27
C SER A 173 38.59 -7.92 -15.68
N GLY A 1 -20.54 6.54 21.98
CA GLY A 1 -19.34 7.11 21.31
C GLY A 1 -19.53 7.26 19.81
N ALA A 2 -20.68 7.80 19.43
CA ALA A 2 -21.03 7.98 18.03
C ALA A 2 -20.90 9.45 17.62
N MET A 3 -21.50 9.79 16.49
CA MET A 3 -21.54 11.16 15.95
C MET A 3 -21.98 12.18 17.02
N GLU A 4 -22.69 11.67 18.03
CA GLU A 4 -23.17 12.45 19.19
C GLU A 4 -22.09 13.40 19.75
N THR A 5 -20.89 12.87 19.94
CA THR A 5 -19.77 13.63 20.49
C THR A 5 -18.52 13.38 19.67
N LEU A 6 -18.74 12.86 18.49
CA LEU A 6 -17.67 12.50 17.58
C LEU A 6 -17.05 13.75 16.97
N GLN A 7 -16.09 13.49 16.12
CA GLN A 7 -15.37 14.57 15.50
C GLN A 7 -14.45 13.96 14.46
N GLU A 8 -14.44 14.46 13.25
CA GLU A 8 -13.61 13.86 12.20
C GLU A 8 -12.16 13.70 12.72
N GLY A 9 -11.63 12.47 12.66
CA GLY A 9 -10.31 12.22 13.20
C GLY A 9 -10.37 11.57 14.58
N SER A 10 -11.57 11.52 15.15
CA SER A 10 -11.77 10.94 16.49
C SER A 10 -11.61 9.43 16.46
N GLU A 11 -10.80 8.93 17.36
CA GLU A 11 -10.61 7.50 17.49
C GLU A 11 -11.69 6.91 18.39
N VAL A 12 -12.48 5.98 17.84
CA VAL A 12 -13.61 5.37 18.58
C VAL A 12 -13.81 3.90 18.19
N LYS A 13 -14.31 3.11 19.12
CA LYS A 13 -14.56 1.70 18.86
C LYS A 13 -15.98 1.48 18.35
N GLY A 14 -16.14 0.49 17.49
CA GLY A 14 -17.45 0.15 16.97
C GLY A 14 -17.61 -1.34 16.70
N ILE A 15 -18.85 -1.78 16.43
CA ILE A 15 -19.14 -3.18 16.18
C ILE A 15 -19.42 -3.44 14.70
N VAL A 16 -18.58 -4.27 14.08
CA VAL A 16 -18.79 -4.65 12.69
C VAL A 16 -19.80 -5.76 12.61
N LYS A 17 -21.04 -5.44 12.28
CA LYS A 17 -22.10 -6.43 12.22
C LYS A 17 -22.53 -6.77 10.79
N ASN A 18 -21.89 -6.17 9.82
CA ASN A 18 -22.24 -6.39 8.41
C ASN A 18 -21.02 -6.27 7.55
N LEU A 19 -20.91 -7.11 6.52
CA LEU A 19 -19.75 -7.11 5.64
C LEU A 19 -20.21 -7.22 4.19
N THR A 20 -20.17 -6.12 3.45
CA THR A 20 -20.55 -6.12 2.05
C THR A 20 -19.36 -6.47 1.18
N ASP A 21 -19.52 -6.35 -0.13
CA ASP A 21 -18.47 -6.69 -1.08
C ASP A 21 -17.58 -5.49 -1.38
N TYR A 22 -18.05 -4.32 -0.99
CA TYR A 22 -17.31 -3.07 -1.21
C TYR A 22 -16.86 -2.43 0.10
N GLY A 23 -17.32 -3.01 1.20
CA GLY A 23 -16.99 -2.48 2.52
C GLY A 23 -17.77 -3.16 3.60
N ALA A 24 -17.98 -2.47 4.71
CA ALA A 24 -18.68 -3.05 5.86
C ALA A 24 -19.48 -1.98 6.58
N PHE A 25 -20.18 -2.38 7.63
CA PHE A 25 -20.95 -1.44 8.44
C PHE A 25 -20.73 -1.66 9.93
N VAL A 26 -20.33 -0.59 10.59
CA VAL A 26 -20.05 -0.61 12.02
C VAL A 26 -21.12 0.14 12.80
N ASP A 27 -21.50 -0.44 13.93
CA ASP A 27 -22.47 0.18 14.81
C ASP A 27 -21.75 1.05 15.84
N LEU A 28 -22.08 2.34 15.83
CA LEU A 28 -21.49 3.28 16.78
C LEU A 28 -22.40 3.39 18.00
N GLY A 29 -23.41 2.54 18.01
CA GLY A 29 -24.39 2.55 19.06
C GLY A 29 -25.60 3.39 18.69
N GLY A 30 -26.23 3.03 17.59
CA GLY A 30 -27.42 3.74 17.14
C GLY A 30 -27.27 4.36 15.76
N VAL A 31 -26.04 4.42 15.27
CA VAL A 31 -25.78 4.95 13.94
C VAL A 31 -24.71 4.11 13.28
N ASP A 32 -24.88 3.83 12.01
CA ASP A 32 -23.96 2.99 11.28
C ASP A 32 -22.96 3.80 10.48
N GLY A 33 -21.70 3.48 10.65
CA GLY A 33 -20.64 4.13 9.92
C GLY A 33 -20.13 3.22 8.84
N LEU A 34 -20.09 3.72 7.62
CA LEU A 34 -19.64 2.95 6.48
C LEU A 34 -18.14 2.96 6.42
N LEU A 35 -17.57 1.77 6.48
CA LEU A 35 -16.14 1.61 6.37
C LEU A 35 -15.90 0.85 5.08
N HIS A 36 -15.35 1.53 4.10
CA HIS A 36 -15.11 0.90 2.81
C HIS A 36 -13.91 -0.03 2.86
N ILE A 37 -13.92 -1.04 2.00
CA ILE A 37 -12.81 -1.99 1.89
C ILE A 37 -11.47 -1.27 1.79
N THR A 38 -11.54 -0.08 1.21
CA THR A 38 -10.41 0.80 1.02
C THR A 38 -9.74 1.23 2.33
N ASP A 39 -10.49 1.21 3.42
CA ASP A 39 -9.95 1.68 4.69
C ASP A 39 -9.70 0.55 5.68
N MET A 40 -9.82 -0.69 5.22
CA MET A 40 -9.64 -1.85 6.08
C MET A 40 -8.17 -2.15 6.34
N ALA A 41 -7.35 -2.02 5.30
CA ALA A 41 -5.93 -2.33 5.42
C ALA A 41 -5.10 -1.69 4.33
N TRP A 42 -3.79 -1.69 4.55
CA TRP A 42 -2.84 -1.13 3.60
C TRP A 42 -2.67 -2.03 2.39
N LYS A 43 -2.92 -3.32 2.57
CA LYS A 43 -2.73 -4.29 1.49
C LYS A 43 -3.85 -4.22 0.47
N ARG A 44 -3.73 -5.07 -0.54
CA ARG A 44 -4.73 -5.15 -1.57
C ARG A 44 -5.85 -6.07 -1.10
N VAL A 45 -6.75 -5.50 -0.31
CA VAL A 45 -7.84 -6.25 0.26
C VAL A 45 -9.00 -6.38 -0.71
N LYS A 46 -9.54 -7.58 -0.71
CA LYS A 46 -10.59 -7.98 -1.63
C LYS A 46 -11.96 -8.02 -0.96
N HIS A 47 -11.99 -8.22 0.35
CA HIS A 47 -13.25 -8.32 1.07
C HIS A 47 -12.97 -7.92 2.54
N PRO A 48 -13.93 -7.32 3.27
CA PRO A 48 -13.67 -6.84 4.63
C PRO A 48 -13.53 -7.98 5.64
N SER A 49 -14.01 -9.16 5.27
CA SER A 49 -13.94 -10.34 6.13
C SER A 49 -12.48 -10.74 6.35
N GLU A 50 -11.62 -10.29 5.45
CA GLU A 50 -10.21 -10.61 5.51
C GLU A 50 -9.53 -9.86 6.66
N ILE A 51 -10.15 -8.77 7.11
CA ILE A 51 -9.60 -7.95 8.18
C ILE A 51 -10.44 -8.04 9.45
N VAL A 52 -11.77 -7.95 9.31
CA VAL A 52 -12.67 -7.97 10.46
C VAL A 52 -13.92 -8.77 10.12
N ASN A 53 -14.54 -9.39 11.13
CA ASN A 53 -15.71 -10.22 10.90
C ASN A 53 -16.91 -9.69 11.65
N VAL A 54 -18.03 -10.35 11.41
CA VAL A 54 -19.30 -9.98 12.02
C VAL A 54 -19.27 -10.19 13.55
N GLY A 55 -19.64 -9.15 14.28
CA GLY A 55 -19.70 -9.22 15.72
C GLY A 55 -18.40 -8.84 16.41
N ASP A 56 -17.47 -8.23 15.68
CA ASP A 56 -16.19 -7.84 16.28
C ASP A 56 -16.17 -6.37 16.66
N GLU A 57 -15.70 -6.09 17.87
CA GLU A 57 -15.56 -4.73 18.35
C GLU A 57 -14.13 -4.26 18.10
N ILE A 58 -13.93 -3.47 17.06
CA ILE A 58 -12.60 -2.99 16.73
C ILE A 58 -12.50 -1.50 16.97
N LEU A 59 -11.29 -0.98 16.87
CA LEU A 59 -11.03 0.43 17.08
C LEU A 59 -10.89 1.14 15.73
N VAL A 60 -11.91 1.90 15.32
CA VAL A 60 -11.87 2.62 14.06
C VAL A 60 -11.70 4.12 14.27
N LYS A 61 -11.26 4.80 13.21
CA LYS A 61 -11.14 6.23 13.25
C LYS A 61 -12.08 6.87 12.24
N VAL A 62 -12.79 7.91 12.66
CA VAL A 62 -13.66 8.63 11.73
C VAL A 62 -12.82 9.42 10.75
N LEU A 63 -12.95 9.09 9.48
CA LEU A 63 -12.16 9.75 8.46
C LEU A 63 -12.94 10.89 7.82
N LYS A 64 -14.23 10.68 7.58
CA LYS A 64 -15.05 11.68 6.90
C LYS A 64 -16.42 11.71 7.55
N PHE A 65 -17.30 12.56 7.03
CA PHE A 65 -18.67 12.64 7.50
C PHE A 65 -19.62 12.83 6.32
N ASP A 66 -20.83 12.31 6.47
CA ASP A 66 -21.87 12.43 5.44
C ASP A 66 -22.33 13.87 5.36
N ARG A 67 -23.25 14.15 4.42
CA ARG A 67 -23.72 15.51 4.14
C ARG A 67 -23.64 16.44 5.34
N ASP A 68 -24.35 16.23 6.46
CA ASP A 68 -24.09 17.07 7.61
C ASP A 68 -23.38 16.29 8.71
N ARG A 69 -24.08 15.31 9.31
CA ARG A 69 -23.48 14.41 10.30
C ARG A 69 -23.99 12.97 10.14
N THR A 70 -25.28 12.86 9.79
CA THR A 70 -26.04 11.61 9.64
C THR A 70 -25.20 10.31 9.59
N ARG A 71 -24.47 10.09 8.50
CA ARG A 71 -23.65 8.89 8.36
C ARG A 71 -22.19 9.29 8.47
N VAL A 72 -21.28 8.33 8.60
CA VAL A 72 -19.89 8.69 8.78
C VAL A 72 -18.96 7.71 8.08
N SER A 73 -17.76 8.19 7.76
CA SER A 73 -16.74 7.37 7.14
C SER A 73 -15.72 6.94 8.18
N LEU A 74 -15.41 5.66 8.21
CA LEU A 74 -14.48 5.11 9.19
C LEU A 74 -13.22 4.59 8.52
N GLY A 75 -12.29 4.17 9.34
CA GLY A 75 -11.06 3.61 8.86
C GLY A 75 -10.47 2.60 9.80
N LEU A 76 -9.67 1.70 9.27
CA LEU A 76 -9.03 0.67 10.06
C LEU A 76 -7.51 0.70 9.93
N LYS A 77 -7.02 1.02 8.74
CA LYS A 77 -5.57 0.99 8.50
C LYS A 77 -4.84 2.21 9.08
N GLN A 78 -5.47 3.39 9.06
CA GLN A 78 -4.80 4.61 9.53
C GLN A 78 -4.60 4.59 11.04
N LEU A 79 -5.26 3.69 11.76
CA LEU A 79 -5.03 3.57 13.19
C LEU A 79 -3.57 3.18 13.44
N GLY A 80 -3.02 2.47 12.45
CA GLY A 80 -1.65 2.02 12.53
C GLY A 80 -0.70 2.96 11.81
N GLU A 81 0.08 2.40 10.89
CA GLU A 81 1.01 3.25 10.17
C GLU A 81 0.94 2.90 8.69
N ASP A 82 0.72 3.88 7.84
CA ASP A 82 0.74 3.63 6.41
C ASP A 82 2.19 3.49 5.95
N PRO A 83 2.62 2.30 5.52
CA PRO A 83 4.03 2.02 5.15
C PRO A 83 4.62 3.02 4.16
N TRP A 84 3.78 3.63 3.35
CA TRP A 84 4.23 4.54 2.32
C TRP A 84 4.51 5.96 2.83
N VAL A 85 3.91 6.34 3.95
CA VAL A 85 4.12 7.68 4.50
C VAL A 85 5.52 7.77 5.12
N ALA A 86 5.97 6.66 5.66
CA ALA A 86 7.27 6.59 6.30
C ALA A 86 8.32 6.02 5.35
N ILE A 87 7.89 5.62 4.16
CA ILE A 87 8.78 4.99 3.21
C ILE A 87 9.98 5.90 2.90
N ALA A 88 9.76 7.22 3.01
CA ALA A 88 10.79 8.21 2.70
C ALA A 88 11.81 8.32 3.83
N LYS A 89 11.39 8.14 5.08
CA LYS A 89 12.32 8.20 6.21
C LYS A 89 13.05 6.87 6.36
N ARG A 90 12.40 5.79 5.90
CA ARG A 90 12.97 4.47 5.99
C ARG A 90 14.04 4.26 4.93
N TYR A 91 13.66 4.41 3.67
CA TYR A 91 14.60 4.26 2.57
C TYR A 91 14.33 5.28 1.46
N PRO A 92 14.95 6.47 1.56
CA PRO A 92 14.81 7.54 0.56
C PRO A 92 15.60 7.24 -0.72
N GLU A 93 15.59 8.18 -1.65
CA GLU A 93 16.27 8.00 -2.93
C GLU A 93 17.77 7.87 -2.71
N GLY A 94 18.37 6.88 -3.37
CA GLY A 94 19.79 6.63 -3.22
C GLY A 94 20.09 5.52 -2.23
N HIS A 95 19.10 5.15 -1.43
CA HIS A 95 19.25 4.07 -0.46
C HIS A 95 19.28 2.70 -1.17
N LYS A 96 20.14 1.81 -0.69
CA LYS A 96 20.25 0.46 -1.25
C LYS A 96 19.33 -0.47 -0.48
N LEU A 97 18.51 -1.25 -1.18
CA LEU A 97 17.59 -2.16 -0.54
C LEU A 97 17.45 -3.44 -1.34
N SER A 98 17.09 -4.53 -0.67
CA SER A 98 16.90 -5.80 -1.33
C SER A 98 15.42 -6.05 -1.59
N GLY A 99 15.12 -6.48 -2.80
CA GLY A 99 13.75 -6.77 -3.18
C GLY A 99 13.66 -8.07 -3.94
N ARG A 100 12.51 -8.40 -4.47
CA ARG A 100 12.35 -9.59 -5.28
C ARG A 100 11.34 -9.37 -6.38
N VAL A 101 11.68 -9.84 -7.56
CA VAL A 101 10.78 -9.70 -8.71
C VAL A 101 9.56 -10.56 -8.48
N THR A 102 8.41 -9.92 -8.39
CA THR A 102 7.16 -10.60 -8.12
C THR A 102 6.30 -10.69 -9.36
N ASN A 103 6.54 -9.79 -10.29
CA ASN A 103 5.78 -9.70 -11.51
C ASN A 103 6.66 -9.21 -12.62
N LEU A 104 6.60 -9.90 -13.73
CA LEU A 104 7.44 -9.57 -14.87
C LEU A 104 6.55 -9.04 -15.98
N THR A 105 6.89 -7.89 -16.54
CA THR A 105 6.10 -7.30 -17.60
C THR A 105 6.92 -7.32 -18.88
N ASP A 106 6.49 -6.57 -19.87
CA ASP A 106 7.24 -6.44 -21.11
C ASP A 106 7.99 -5.11 -21.10
N TYR A 107 7.53 -4.22 -20.21
CA TYR A 107 8.09 -2.88 -20.09
C TYR A 107 8.88 -2.70 -18.80
N GLY A 108 9.33 -3.81 -18.21
CA GLY A 108 10.07 -3.72 -16.96
C GLY A 108 9.73 -4.84 -15.99
N CYS A 109 10.20 -4.71 -14.76
CA CYS A 109 9.93 -5.73 -13.75
C CYS A 109 9.53 -5.09 -12.42
N PHE A 110 8.57 -5.71 -11.76
CA PHE A 110 8.10 -5.28 -10.46
C PHE A 110 8.88 -5.99 -9.37
N VAL A 111 9.35 -5.23 -8.39
CA VAL A 111 10.15 -5.78 -7.32
C VAL A 111 9.52 -5.47 -5.95
N GLU A 112 9.20 -6.53 -5.22
CA GLU A 112 8.61 -6.38 -3.89
C GLU A 112 9.67 -6.02 -2.88
N ILE A 113 9.52 -4.85 -2.29
CA ILE A 113 10.46 -4.38 -1.29
C ILE A 113 10.08 -4.96 0.07
N GLU A 114 8.78 -5.15 0.22
CA GLU A 114 8.21 -5.68 1.46
C GLU A 114 6.70 -5.86 1.32
N GLU A 115 6.07 -6.32 2.40
CA GLU A 115 4.63 -6.54 2.42
C GLU A 115 3.88 -5.21 2.33
N GLY A 116 3.46 -4.87 1.12
CA GLY A 116 2.73 -3.62 0.92
C GLY A 116 3.50 -2.64 0.07
N VAL A 117 4.79 -2.89 -0.11
CA VAL A 117 5.62 -2.02 -0.93
C VAL A 117 6.27 -2.80 -2.06
N GLU A 118 5.88 -2.45 -3.26
CA GLU A 118 6.39 -3.07 -4.46
C GLU A 118 6.74 -1.98 -5.46
N GLY A 119 7.99 -1.98 -5.91
CA GLY A 119 8.44 -0.96 -6.84
C GLY A 119 8.55 -1.48 -8.26
N LEU A 120 9.06 -0.64 -9.17
CA LEU A 120 9.17 -1.02 -10.58
C LEU A 120 10.44 -0.50 -11.23
N VAL A 121 11.05 -1.35 -12.04
CA VAL A 121 12.25 -1.02 -12.78
C VAL A 121 11.94 -1.03 -14.27
N HIS A 122 12.27 0.07 -14.96
CA HIS A 122 11.98 0.17 -16.39
C HIS A 122 13.03 -0.60 -17.18
N VAL A 123 12.64 -1.15 -18.33
CA VAL A 123 13.54 -1.93 -19.20
C VAL A 123 14.89 -1.23 -19.44
N SER A 124 14.87 0.09 -19.50
CA SER A 124 16.06 0.87 -19.77
C SER A 124 16.95 1.02 -18.53
N GLU A 125 16.38 0.71 -17.37
CA GLU A 125 17.10 0.83 -16.11
C GLU A 125 17.58 -0.56 -15.64
N MET A 126 17.16 -1.59 -16.37
CA MET A 126 17.49 -2.95 -16.00
C MET A 126 18.93 -3.25 -16.35
N ASP A 127 19.30 -2.97 -17.59
CA ASP A 127 20.66 -3.15 -18.02
C ASP A 127 21.13 -1.85 -18.66
N TRP A 128 22.44 -1.67 -18.81
CA TRP A 128 22.97 -0.42 -19.33
C TRP A 128 23.31 -0.48 -20.82
N THR A 129 23.25 -1.65 -21.42
CA THR A 129 23.58 -1.79 -22.83
C THR A 129 22.34 -1.61 -23.71
N ASN A 130 21.41 -2.55 -23.60
CA ASN A 130 20.17 -2.50 -24.35
C ASN A 130 19.13 -1.68 -23.61
N LYS A 131 18.57 -0.70 -24.30
CA LYS A 131 17.59 0.22 -23.73
C LYS A 131 16.19 -0.38 -23.66
N ASN A 132 15.90 -1.31 -24.55
CA ASN A 132 14.58 -1.94 -24.59
C ASN A 132 14.70 -3.44 -24.35
N ILE A 133 15.72 -3.83 -23.60
CA ILE A 133 15.92 -5.23 -23.27
C ILE A 133 14.75 -5.77 -22.47
N HIS A 134 14.26 -6.95 -22.84
CA HIS A 134 13.13 -7.54 -22.15
C HIS A 134 13.54 -7.89 -20.74
N PRO A 135 12.71 -7.61 -19.73
CA PRO A 135 13.04 -7.87 -18.32
C PRO A 135 13.46 -9.31 -18.06
N SER A 136 12.89 -10.23 -18.81
CA SER A 136 13.16 -11.65 -18.63
C SER A 136 14.61 -12.00 -18.97
N LYS A 137 15.26 -11.15 -19.76
CA LYS A 137 16.64 -11.40 -20.15
C LYS A 137 17.60 -11.05 -19.03
N VAL A 138 17.17 -10.17 -18.13
CA VAL A 138 18.01 -9.74 -17.02
C VAL A 138 17.60 -10.48 -15.74
N VAL A 139 16.30 -10.52 -15.47
CA VAL A 139 15.75 -11.19 -14.29
C VAL A 139 14.39 -11.78 -14.57
N ASN A 140 13.88 -12.55 -13.63
CA ASN A 140 12.56 -13.11 -13.76
C ASN A 140 11.85 -13.05 -12.45
N VAL A 141 10.60 -13.44 -12.51
CA VAL A 141 9.74 -13.42 -11.34
C VAL A 141 10.05 -14.60 -10.42
N GLY A 142 10.57 -14.26 -9.25
CA GLY A 142 10.96 -15.26 -8.27
C GLY A 142 12.38 -15.05 -7.83
N ASP A 143 13.11 -14.28 -8.61
CA ASP A 143 14.50 -14.02 -8.33
C ASP A 143 14.64 -12.85 -7.38
N GLU A 144 15.26 -13.10 -6.25
CA GLU A 144 15.50 -12.06 -5.28
C GLU A 144 16.75 -11.28 -5.68
N VAL A 145 16.65 -9.97 -5.59
CA VAL A 145 17.74 -9.09 -6.02
C VAL A 145 17.84 -7.85 -5.16
N GLU A 146 18.82 -7.03 -5.45
CA GLU A 146 18.98 -5.77 -4.74
C GLU A 146 18.77 -4.64 -5.72
N VAL A 147 18.24 -3.54 -5.23
CA VAL A 147 17.98 -2.37 -6.06
C VAL A 147 18.18 -1.09 -5.25
N MET A 148 18.13 0.04 -5.93
CA MET A 148 18.29 1.33 -5.29
C MET A 148 17.13 2.23 -5.62
N VAL A 149 16.68 3.00 -4.63
CA VAL A 149 15.56 3.91 -4.81
C VAL A 149 15.92 5.01 -5.79
N LEU A 150 15.17 5.09 -6.90
CA LEU A 150 15.40 6.14 -7.88
C LEU A 150 14.34 7.20 -7.76
N GLU A 151 13.13 6.79 -7.44
CA GLU A 151 12.01 7.72 -7.32
C GLU A 151 10.80 7.09 -6.63
N ILE A 152 10.46 7.58 -5.45
CA ILE A 152 9.26 7.13 -4.77
C ILE A 152 8.25 8.24 -4.72
N ASP A 153 7.03 7.93 -5.13
CA ASP A 153 5.96 8.89 -5.05
C ASP A 153 4.86 8.31 -4.19
N GLU A 154 4.79 8.80 -2.99
CA GLU A 154 3.84 8.33 -2.00
C GLU A 154 2.42 8.76 -2.38
N GLU A 155 2.33 9.89 -3.10
CA GLU A 155 1.04 10.44 -3.53
C GLU A 155 0.50 9.68 -4.74
N ARG A 156 1.35 9.53 -5.74
CA ARG A 156 0.97 8.85 -6.98
C ARG A 156 1.09 7.34 -6.78
N ARG A 157 1.63 6.99 -5.62
CA ARG A 157 1.89 5.60 -5.26
C ARG A 157 2.67 4.89 -6.36
N ARG A 158 3.72 5.57 -6.80
CA ARG A 158 4.59 5.10 -7.87
C ARG A 158 6.02 4.98 -7.37
N ILE A 159 6.56 3.77 -7.34
CA ILE A 159 7.92 3.54 -6.85
C ILE A 159 8.84 3.05 -7.96
N SER A 160 9.99 3.70 -8.06
CA SER A 160 10.99 3.43 -9.08
C SER A 160 12.31 2.97 -8.45
N LEU A 161 12.83 1.85 -8.94
CA LEU A 161 14.10 1.33 -8.45
C LEU A 161 15.10 1.19 -9.60
N GLY A 162 16.37 1.15 -9.24
CA GLY A 162 17.43 0.99 -10.21
C GLY A 162 18.11 -0.37 -10.09
N LEU A 163 18.27 -1.05 -11.22
CA LEU A 163 18.87 -2.37 -11.22
C LEU A 163 20.36 -2.27 -11.54
N LYS A 164 20.72 -1.46 -12.53
CA LYS A 164 22.12 -1.34 -12.92
C LYS A 164 22.95 -0.75 -11.78
N GLN A 165 22.25 -0.21 -10.77
CA GLN A 165 22.88 0.35 -9.60
C GLN A 165 23.60 -0.73 -8.79
N CYS A 166 22.97 -1.88 -8.64
CA CYS A 166 23.56 -2.99 -7.89
C CYS A 166 24.45 -3.82 -8.81
N LYS A 167 24.08 -3.83 -10.08
CA LYS A 167 24.82 -4.57 -11.10
C LYS A 167 26.08 -3.79 -11.47
N ALA A 168 26.85 -4.28 -12.43
CA ALA A 168 28.04 -3.59 -12.87
C ALA A 168 27.67 -2.24 -13.49
N ASN A 169 28.14 -1.18 -12.85
CA ASN A 169 27.84 0.18 -13.29
C ASN A 169 28.92 0.66 -14.26
N PRO A 170 28.55 1.03 -15.50
CA PRO A 170 29.52 1.46 -16.53
C PRO A 170 30.16 2.82 -16.22
N TRP A 171 29.71 3.46 -15.15
CA TRP A 171 30.22 4.78 -14.79
C TRP A 171 31.26 4.68 -13.67
N GLN A 172 31.53 3.45 -13.23
CA GLN A 172 32.56 3.23 -12.20
C GLN A 172 33.88 3.89 -12.58
N SER A 173 34.68 4.18 -11.56
CA SER A 173 35.94 4.86 -11.74
C SER A 173 36.81 4.59 -10.52
N GLY A 1 -20.96 7.98 22.65
CA GLY A 1 -19.80 7.55 21.82
C GLY A 1 -20.17 7.40 20.36
N ALA A 2 -20.78 8.44 19.80
CA ALA A 2 -21.20 8.42 18.41
C ALA A 2 -21.10 9.83 17.83
N MET A 3 -21.56 9.98 16.58
CA MET A 3 -21.56 11.27 15.86
C MET A 3 -22.03 12.45 16.74
N GLU A 4 -22.78 12.13 17.80
CA GLU A 4 -23.28 13.10 18.77
C GLU A 4 -22.17 14.01 19.33
N THR A 5 -21.02 13.41 19.66
CA THR A 5 -19.91 14.15 20.26
C THR A 5 -18.60 13.86 19.53
N LEU A 6 -18.71 13.11 18.45
CA LEU A 6 -17.56 12.73 17.65
C LEU A 6 -17.05 13.85 16.77
N GLN A 7 -16.07 13.48 15.95
CA GLN A 7 -15.41 14.48 15.13
C GLN A 7 -14.58 13.74 14.09
N GLU A 8 -14.49 14.25 12.87
CA GLU A 8 -13.74 13.56 11.83
C GLU A 8 -12.28 13.40 12.28
N GLY A 9 -11.75 12.19 12.18
CA GLY A 9 -10.41 11.91 12.66
C GLY A 9 -10.40 11.27 14.03
N SER A 10 -11.58 11.20 14.65
CA SER A 10 -11.73 10.62 15.99
C SER A 10 -11.63 9.10 15.98
N GLU A 11 -10.81 8.58 16.87
CA GLU A 11 -10.69 7.14 17.02
C GLU A 11 -11.74 6.60 17.98
N VAL A 12 -12.51 5.65 17.48
CA VAL A 12 -13.62 5.07 18.25
C VAL A 12 -13.79 3.59 17.95
N LYS A 13 -14.12 2.83 18.97
CA LYS A 13 -14.34 1.41 18.82
C LYS A 13 -15.80 1.13 18.49
N GLY A 14 -16.00 0.35 17.43
CA GLY A 14 -17.34 0.07 16.97
C GLY A 14 -17.56 -1.40 16.67
N ILE A 15 -18.80 -1.79 16.43
CA ILE A 15 -19.15 -3.18 16.15
C ILE A 15 -19.45 -3.41 14.68
N VAL A 16 -18.68 -4.30 14.05
CA VAL A 16 -18.92 -4.65 12.66
C VAL A 16 -20.06 -5.64 12.58
N LYS A 17 -21.24 -5.12 12.33
CA LYS A 17 -22.45 -5.95 12.27
C LYS A 17 -22.84 -6.36 10.85
N ASN A 18 -22.13 -5.87 9.85
CA ASN A 18 -22.43 -6.23 8.48
C ASN A 18 -21.19 -6.13 7.61
N LEU A 19 -21.15 -6.92 6.56
CA LEU A 19 -20.01 -6.98 5.67
C LEU A 19 -20.49 -7.12 4.23
N THR A 20 -20.26 -6.09 3.43
CA THR A 20 -20.66 -6.15 2.03
C THR A 20 -19.45 -6.51 1.18
N ASP A 21 -19.60 -6.50 -0.13
CA ASP A 21 -18.51 -6.83 -1.02
C ASP A 21 -17.81 -5.59 -1.52
N TYR A 22 -18.24 -4.43 -1.03
CA TYR A 22 -17.62 -3.15 -1.37
C TYR A 22 -17.17 -2.43 -0.09
N GLY A 23 -17.55 -3.00 1.05
CA GLY A 23 -17.20 -2.41 2.33
C GLY A 23 -17.89 -3.12 3.48
N ALA A 24 -18.04 -2.44 4.60
CA ALA A 24 -18.68 -3.02 5.76
C ALA A 24 -19.46 -1.95 6.51
N PHE A 25 -20.16 -2.35 7.56
CA PHE A 25 -20.93 -1.41 8.38
C PHE A 25 -20.67 -1.63 9.86
N VAL A 26 -20.28 -0.55 10.53
CA VAL A 26 -19.97 -0.57 11.95
C VAL A 26 -20.96 0.23 12.77
N ASP A 27 -21.34 -0.35 13.90
CA ASP A 27 -22.26 0.29 14.84
C ASP A 27 -21.49 1.16 15.82
N LEU A 28 -21.89 2.42 15.92
CA LEU A 28 -21.27 3.35 16.86
C LEU A 28 -22.18 3.49 18.08
N GLY A 29 -23.17 2.61 18.14
CA GLY A 29 -24.14 2.65 19.21
C GLY A 29 -25.37 3.42 18.80
N GLY A 30 -25.98 3.01 17.69
CA GLY A 30 -27.19 3.64 17.22
C GLY A 30 -27.07 4.28 15.85
N VAL A 31 -25.86 4.25 15.29
CA VAL A 31 -25.61 4.79 13.97
C VAL A 31 -24.60 3.91 13.24
N ASP A 32 -24.90 3.59 12.00
CA ASP A 32 -24.04 2.72 11.21
C ASP A 32 -23.10 3.53 10.33
N GLY A 33 -21.83 3.23 10.42
CA GLY A 33 -20.85 3.89 9.59
C GLY A 33 -20.41 2.97 8.47
N LEU A 34 -20.24 3.52 7.29
CA LEU A 34 -19.79 2.73 6.15
C LEU A 34 -18.27 2.70 6.12
N LEU A 35 -17.71 1.50 6.16
CA LEU A 35 -16.26 1.35 6.08
C LEU A 35 -15.92 0.78 4.71
N HIS A 36 -15.32 1.61 3.88
CA HIS A 36 -14.95 1.20 2.53
C HIS A 36 -13.84 0.13 2.56
N ILE A 37 -13.99 -0.89 1.72
CA ILE A 37 -13.06 -2.03 1.66
C ILE A 37 -11.58 -1.65 1.60
N THR A 38 -11.24 -0.58 0.90
CA THR A 38 -9.84 -0.23 0.71
C THR A 38 -9.28 0.44 1.97
N ASP A 39 -10.14 0.62 2.97
CA ASP A 39 -9.73 1.29 4.18
C ASP A 39 -9.50 0.31 5.32
N MET A 40 -9.54 -0.99 5.00
CA MET A 40 -9.29 -2.03 5.98
C MET A 40 -7.79 -2.19 6.24
N ALA A 41 -6.98 -1.83 5.24
CA ALA A 41 -5.54 -1.96 5.34
C ALA A 41 -4.84 -1.19 4.23
N TRP A 42 -3.54 -1.03 4.40
CA TRP A 42 -2.71 -0.31 3.43
C TRP A 42 -2.54 -1.13 2.15
N LYS A 43 -2.73 -2.44 2.28
CA LYS A 43 -2.56 -3.36 1.17
C LYS A 43 -3.78 -3.37 0.25
N ARG A 44 -3.76 -4.29 -0.70
CA ARG A 44 -4.85 -4.46 -1.61
C ARG A 44 -5.77 -5.56 -1.07
N VAL A 45 -6.65 -5.13 -0.17
CA VAL A 45 -7.64 -6.02 0.43
C VAL A 45 -8.81 -6.23 -0.54
N LYS A 46 -9.29 -7.48 -0.56
CA LYS A 46 -10.34 -7.87 -1.50
C LYS A 46 -11.72 -7.88 -0.86
N HIS A 47 -11.79 -8.22 0.41
CA HIS A 47 -13.07 -8.39 1.09
C HIS A 47 -12.89 -8.00 2.57
N PRO A 48 -13.93 -7.47 3.25
CA PRO A 48 -13.81 -7.01 4.64
C PRO A 48 -13.73 -8.14 5.67
N SER A 49 -14.34 -9.29 5.35
CA SER A 49 -14.36 -10.42 6.26
C SER A 49 -12.95 -10.97 6.49
N GLU A 50 -12.06 -10.67 5.56
CA GLU A 50 -10.69 -11.14 5.65
C GLU A 50 -9.93 -10.36 6.72
N ILE A 51 -10.49 -9.21 7.12
CA ILE A 51 -9.88 -8.35 8.15
C ILE A 51 -10.71 -8.35 9.44
N VAL A 52 -12.02 -8.28 9.31
CA VAL A 52 -12.91 -8.23 10.47
C VAL A 52 -14.22 -8.96 10.17
N ASN A 53 -14.87 -9.52 11.19
CA ASN A 53 -16.09 -10.29 10.99
C ASN A 53 -17.28 -9.67 11.72
N VAL A 54 -18.44 -10.24 11.47
CA VAL A 54 -19.68 -9.76 12.08
C VAL A 54 -19.67 -9.98 13.60
N GLY A 55 -19.99 -8.91 14.33
CA GLY A 55 -20.06 -8.99 15.78
C GLY A 55 -18.76 -8.68 16.47
N ASP A 56 -17.76 -8.20 15.73
CA ASP A 56 -16.45 -7.92 16.32
C ASP A 56 -16.31 -6.45 16.64
N GLU A 57 -15.81 -6.16 17.84
CA GLU A 57 -15.58 -4.79 18.28
C GLU A 57 -14.13 -4.42 18.02
N ILE A 58 -13.90 -3.55 17.04
CA ILE A 58 -12.55 -3.12 16.71
C ILE A 58 -12.42 -1.62 16.86
N LEU A 59 -11.21 -1.11 16.74
CA LEU A 59 -10.95 0.32 16.90
C LEU A 59 -10.87 0.96 15.51
N VAL A 60 -11.89 1.73 15.11
CA VAL A 60 -11.88 2.42 13.82
C VAL A 60 -11.77 3.92 13.99
N LYS A 61 -11.34 4.58 12.93
CA LYS A 61 -11.24 6.02 12.90
C LYS A 61 -12.23 6.58 11.91
N VAL A 62 -12.87 7.68 12.28
CA VAL A 62 -13.80 8.34 11.35
C VAL A 62 -13.02 9.13 10.31
N LEU A 63 -13.21 8.80 9.06
CA LEU A 63 -12.53 9.47 7.96
C LEU A 63 -13.39 10.57 7.35
N LYS A 64 -14.69 10.33 7.25
CA LYS A 64 -15.58 11.31 6.62
C LYS A 64 -16.89 11.38 7.37
N PHE A 65 -17.72 12.34 7.00
CA PHE A 65 -19.04 12.52 7.57
C PHE A 65 -20.06 12.85 6.50
N ASP A 66 -21.30 12.42 6.74
CA ASP A 66 -22.44 12.71 5.87
C ASP A 66 -22.83 14.16 6.08
N ARG A 67 -23.83 14.62 5.32
CA ARG A 67 -24.25 16.02 5.33
C ARG A 67 -24.01 16.73 6.65
N ASP A 68 -24.68 16.38 7.77
CA ASP A 68 -24.31 17.03 9.02
C ASP A 68 -23.65 16.04 9.97
N ARG A 69 -24.41 15.02 10.42
CA ARG A 69 -23.85 13.97 11.29
C ARG A 69 -24.30 12.57 10.87
N THR A 70 -25.59 12.50 10.47
CA THR A 70 -26.31 11.26 10.14
C THR A 70 -25.46 10.01 9.82
N ARG A 71 -24.65 10.03 8.78
CA ARG A 71 -23.83 8.86 8.44
C ARG A 71 -22.36 9.22 8.55
N VAL A 72 -21.48 8.21 8.56
CA VAL A 72 -20.07 8.49 8.73
C VAL A 72 -19.21 7.45 8.02
N SER A 73 -17.98 7.83 7.71
CA SER A 73 -17.04 6.93 7.05
C SER A 73 -15.94 6.51 8.03
N LEU A 74 -15.59 5.24 8.04
CA LEU A 74 -14.56 4.74 8.97
C LEU A 74 -13.33 4.29 8.20
N GLY A 75 -12.32 3.94 8.97
CA GLY A 75 -11.07 3.44 8.43
C GLY A 75 -10.39 2.52 9.41
N LEU A 76 -9.58 1.60 8.91
CA LEU A 76 -8.87 0.65 9.75
C LEU A 76 -7.36 0.80 9.62
N LYS A 77 -6.90 1.32 8.49
CA LYS A 77 -5.46 1.43 8.28
C LYS A 77 -4.90 2.74 8.85
N GLN A 78 -5.74 3.77 8.98
CA GLN A 78 -5.30 5.06 9.54
C GLN A 78 -5.24 5.01 11.06
N LEU A 79 -5.42 3.84 11.63
CA LEU A 79 -5.31 3.66 13.08
C LEU A 79 -3.86 3.37 13.44
N GLY A 80 -3.13 2.90 12.44
CA GLY A 80 -1.75 2.53 12.62
C GLY A 80 -0.80 3.51 12.02
N GLU A 81 0.07 3.00 11.16
CA GLU A 81 1.04 3.88 10.53
C GLU A 81 1.13 3.53 9.06
N ASP A 82 1.01 4.52 8.20
CA ASP A 82 1.15 4.27 6.77
C ASP A 82 2.64 4.11 6.45
N PRO A 83 3.07 2.93 5.97
CA PRO A 83 4.50 2.65 5.72
C PRO A 83 5.14 3.54 4.66
N TRP A 84 4.33 4.21 3.86
CA TRP A 84 4.85 5.03 2.78
C TRP A 84 5.17 6.47 3.22
N VAL A 85 4.60 6.89 4.34
CA VAL A 85 4.83 8.26 4.83
C VAL A 85 6.27 8.42 5.29
N ALA A 86 6.81 7.36 5.89
CA ALA A 86 8.17 7.36 6.40
C ALA A 86 9.13 6.70 5.42
N ILE A 87 8.61 6.17 4.32
CA ILE A 87 9.45 5.45 3.36
C ILE A 87 10.62 6.32 2.91
N ALA A 88 10.39 7.63 2.87
CA ALA A 88 11.39 8.58 2.42
C ALA A 88 12.51 8.74 3.45
N LYS A 89 12.20 8.59 4.74
CA LYS A 89 13.22 8.74 5.77
C LYS A 89 13.90 7.41 6.06
N ARG A 90 13.18 6.31 5.80
CA ARG A 90 13.74 4.98 6.03
C ARG A 90 14.78 4.67 4.96
N TYR A 91 14.35 4.75 3.72
CA TYR A 91 15.24 4.51 2.60
C TYR A 91 14.93 5.46 1.45
N PRO A 92 15.55 6.65 1.46
CA PRO A 92 15.35 7.66 0.43
C PRO A 92 16.02 7.28 -0.88
N GLU A 93 15.92 8.16 -1.86
CA GLU A 93 16.52 7.92 -3.16
C GLU A 93 18.03 7.80 -3.02
N GLY A 94 18.57 6.73 -3.59
CA GLY A 94 20.00 6.48 -3.46
C GLY A 94 20.32 5.37 -2.48
N HIS A 95 19.35 5.00 -1.65
CA HIS A 95 19.54 3.92 -0.68
C HIS A 95 19.56 2.55 -1.38
N LYS A 96 20.49 1.70 -0.96
CA LYS A 96 20.60 0.35 -1.50
C LYS A 96 19.77 -0.62 -0.66
N LEU A 97 18.90 -1.38 -1.31
CA LEU A 97 18.03 -2.30 -0.61
C LEU A 97 17.84 -3.58 -1.42
N SER A 98 17.56 -4.66 -0.74
CA SER A 98 17.36 -5.94 -1.39
C SER A 98 15.87 -6.20 -1.61
N GLY A 99 15.53 -6.57 -2.83
CA GLY A 99 14.15 -6.88 -3.17
C GLY A 99 14.03 -8.18 -3.95
N ARG A 100 12.84 -8.50 -4.41
CA ARG A 100 12.62 -9.69 -5.22
C ARG A 100 11.52 -9.48 -6.24
N VAL A 101 11.76 -9.91 -7.46
CA VAL A 101 10.80 -9.77 -8.53
C VAL A 101 9.56 -10.61 -8.24
N THR A 102 8.41 -9.96 -8.14
CA THR A 102 7.16 -10.62 -7.81
C THR A 102 6.25 -10.69 -9.02
N ASN A 103 6.50 -9.82 -9.97
CA ASN A 103 5.70 -9.68 -11.16
C ASN A 103 6.54 -9.16 -12.31
N LEU A 104 6.37 -9.75 -13.46
CA LEU A 104 7.14 -9.37 -14.63
C LEU A 104 6.19 -8.80 -15.67
N THR A 105 6.57 -7.69 -16.27
CA THR A 105 5.74 -7.06 -17.29
C THR A 105 6.53 -6.99 -18.60
N ASP A 106 6.04 -6.24 -19.57
CA ASP A 106 6.78 -6.04 -20.81
C ASP A 106 7.49 -4.69 -20.77
N TYR A 107 7.19 -3.90 -19.74
CA TYR A 107 7.75 -2.57 -19.60
C TYR A 107 8.53 -2.42 -18.30
N GLY A 108 9.01 -3.53 -17.78
CA GLY A 108 9.77 -3.48 -16.54
C GLY A 108 9.42 -4.64 -15.62
N CYS A 109 9.97 -4.62 -14.41
CA CYS A 109 9.69 -5.67 -13.44
C CYS A 109 9.37 -5.07 -12.08
N PHE A 110 8.42 -5.69 -11.41
CA PHE A 110 8.00 -5.29 -10.08
C PHE A 110 8.80 -6.03 -9.04
N VAL A 111 9.35 -5.28 -8.09
CA VAL A 111 10.22 -5.85 -7.08
C VAL A 111 9.68 -5.54 -5.67
N GLU A 112 9.49 -6.59 -4.88
CA GLU A 112 9.00 -6.45 -3.51
C GLU A 112 10.12 -5.99 -2.60
N ILE A 113 9.96 -4.81 -2.03
CA ILE A 113 10.95 -4.27 -1.11
C ILE A 113 10.71 -4.85 0.28
N GLU A 114 9.43 -5.06 0.56
CA GLU A 114 9.00 -5.57 1.85
C GLU A 114 7.49 -5.78 1.88
N GLU A 115 7.00 -6.26 3.02
CA GLU A 115 5.58 -6.54 3.17
C GLU A 115 4.76 -5.26 3.17
N GLY A 116 4.23 -4.92 2.00
CA GLY A 116 3.44 -3.71 1.85
C GLY A 116 4.07 -2.73 0.89
N VAL A 117 5.34 -2.96 0.55
CA VAL A 117 6.05 -2.08 -0.37
C VAL A 117 6.62 -2.86 -1.55
N GLU A 118 6.12 -2.53 -2.72
CA GLU A 118 6.57 -3.16 -3.96
C GLU A 118 6.82 -2.05 -4.99
N GLY A 119 8.05 -1.98 -5.46
CA GLY A 119 8.41 -0.96 -6.43
C GLY A 119 8.52 -1.49 -7.84
N LEU A 120 8.97 -0.64 -8.76
CA LEU A 120 9.07 -1.03 -10.17
C LEU A 120 10.37 -0.55 -10.81
N VAL A 121 10.91 -1.41 -11.64
CA VAL A 121 12.12 -1.11 -12.39
C VAL A 121 11.77 -1.06 -13.88
N HIS A 122 12.12 0.03 -14.54
CA HIS A 122 11.80 0.21 -15.95
C HIS A 122 12.76 -0.59 -16.83
N VAL A 123 12.30 -1.00 -18.02
CA VAL A 123 13.13 -1.76 -18.96
C VAL A 123 14.50 -1.11 -19.21
N SER A 124 14.53 0.22 -19.21
CA SER A 124 15.77 0.96 -19.46
C SER A 124 16.69 0.91 -18.24
N GLU A 125 16.16 0.45 -17.13
CA GLU A 125 16.91 0.39 -15.89
C GLU A 125 17.30 -1.05 -15.56
N MET A 126 16.91 -1.98 -16.44
CA MET A 126 17.16 -3.40 -16.22
C MET A 126 18.61 -3.77 -16.55
N ASP A 127 19.03 -3.48 -17.78
CA ASP A 127 20.38 -3.81 -18.22
C ASP A 127 20.99 -2.60 -18.93
N TRP A 128 22.30 -2.61 -19.15
CA TRP A 128 22.97 -1.47 -19.78
C TRP A 128 23.19 -1.68 -21.27
N THR A 129 23.05 -2.91 -21.73
CA THR A 129 23.30 -3.24 -23.13
C THR A 129 22.16 -2.77 -24.04
N ASN A 130 20.95 -2.74 -23.52
CA ASN A 130 19.80 -2.31 -24.32
C ASN A 130 18.80 -1.53 -23.46
N LYS A 131 18.17 -0.52 -24.07
CA LYS A 131 17.24 0.35 -23.37
C LYS A 131 15.82 -0.20 -23.36
N ASN A 132 15.42 -0.91 -24.41
CA ASN A 132 14.07 -1.43 -24.52
C ASN A 132 14.06 -2.95 -24.33
N ILE A 133 15.08 -3.46 -23.66
CA ILE A 133 15.23 -4.88 -23.41
C ILE A 133 14.07 -5.42 -22.57
N HIS A 134 13.56 -6.58 -22.96
CA HIS A 134 12.47 -7.21 -22.24
C HIS A 134 12.98 -7.61 -20.85
N PRO A 135 12.22 -7.33 -19.79
CA PRO A 135 12.66 -7.63 -18.42
C PRO A 135 12.95 -9.11 -18.19
N SER A 136 12.41 -9.97 -19.05
CA SER A 136 12.60 -11.41 -18.92
C SER A 136 14.01 -11.82 -19.33
N LYS A 137 14.66 -10.98 -20.12
CA LYS A 137 16.01 -11.30 -20.58
C LYS A 137 16.99 -11.12 -19.44
N VAL A 138 16.60 -10.31 -18.47
CA VAL A 138 17.44 -10.00 -17.33
C VAL A 138 17.03 -10.80 -16.09
N VAL A 139 15.72 -10.82 -15.79
CA VAL A 139 15.23 -11.52 -14.60
C VAL A 139 13.87 -12.20 -14.86
N ASN A 140 13.41 -12.92 -13.85
CA ASN A 140 12.12 -13.59 -13.87
C ASN A 140 11.51 -13.43 -12.48
N VAL A 141 10.25 -13.78 -12.34
CA VAL A 141 9.58 -13.70 -11.05
C VAL A 141 10.08 -14.80 -10.14
N GLY A 142 10.63 -14.41 -8.99
CA GLY A 142 11.16 -15.37 -8.05
C GLY A 142 12.61 -15.11 -7.79
N ASP A 143 13.22 -14.33 -8.66
CA ASP A 143 14.62 -13.99 -8.54
C ASP A 143 14.81 -12.85 -7.56
N GLU A 144 15.56 -13.11 -6.51
CA GLU A 144 15.86 -12.09 -5.53
C GLU A 144 17.02 -11.24 -6.04
N VAL A 145 16.90 -9.94 -5.91
CA VAL A 145 17.89 -9.01 -6.41
C VAL A 145 18.05 -7.81 -5.51
N GLU A 146 19.07 -7.03 -5.75
CA GLU A 146 19.28 -5.82 -4.98
C GLU A 146 18.98 -4.65 -5.88
N VAL A 147 18.30 -3.66 -5.34
CA VAL A 147 17.91 -2.50 -6.11
C VAL A 147 18.14 -1.22 -5.31
N MET A 148 18.13 -0.08 -5.99
CA MET A 148 18.33 1.20 -5.33
C MET A 148 17.17 2.14 -5.62
N VAL A 149 16.76 2.88 -4.61
CA VAL A 149 15.66 3.82 -4.74
C VAL A 149 15.98 4.90 -5.76
N LEU A 150 15.21 4.96 -6.84
CA LEU A 150 15.43 5.97 -7.85
C LEU A 150 14.40 7.07 -7.78
N GLU A 151 13.16 6.71 -7.45
CA GLU A 151 12.09 7.70 -7.40
C GLU A 151 10.85 7.16 -6.69
N ILE A 152 10.58 7.68 -5.50
CA ILE A 152 9.37 7.30 -4.77
C ILE A 152 8.41 8.46 -4.70
N ASP A 153 7.15 8.19 -5.05
CA ASP A 153 6.09 9.18 -4.95
C ASP A 153 5.08 8.65 -3.94
N GLU A 154 5.26 9.04 -2.70
CA GLU A 154 4.40 8.56 -1.62
C GLU A 154 2.97 9.03 -1.86
N GLU A 155 2.83 10.20 -2.47
CA GLU A 155 1.52 10.79 -2.73
C GLU A 155 0.82 10.12 -3.90
N ARG A 156 1.57 9.87 -4.96
CA ARG A 156 0.99 9.29 -6.17
C ARG A 156 0.91 7.79 -6.02
N ARG A 157 1.69 7.29 -5.06
CA ARG A 157 1.73 5.88 -4.70
C ARG A 157 2.40 5.08 -5.80
N ARG A 158 3.55 5.61 -6.23
CA ARG A 158 4.35 4.98 -7.27
C ARG A 158 5.81 4.93 -6.81
N ILE A 159 6.47 3.79 -7.01
CA ILE A 159 7.86 3.62 -6.57
C ILE A 159 8.75 3.08 -7.70
N SER A 160 9.93 3.69 -7.81
CA SER A 160 10.93 3.36 -8.83
C SER A 160 12.23 2.88 -8.21
N LEU A 161 12.76 1.76 -8.71
CA LEU A 161 14.03 1.22 -8.23
C LEU A 161 14.99 1.02 -9.39
N GLY A 162 16.27 0.91 -9.07
CA GLY A 162 17.28 0.64 -10.07
C GLY A 162 17.74 -0.78 -10.01
N LEU A 163 18.15 -1.34 -11.15
CA LEU A 163 18.59 -2.73 -11.20
C LEU A 163 20.07 -2.79 -11.60
N LYS A 164 20.45 -1.98 -12.59
CA LYS A 164 21.83 -1.99 -13.06
C LYS A 164 22.78 -1.50 -11.95
N GLN A 165 22.20 -0.91 -10.92
CA GLN A 165 22.95 -0.43 -9.76
C GLN A 165 23.64 -1.58 -8.97
N CYS A 166 23.26 -2.82 -9.26
CA CYS A 166 23.91 -3.98 -8.63
C CYS A 166 24.61 -4.81 -9.69
N LYS A 167 24.51 -4.34 -10.92
CA LYS A 167 25.10 -5.00 -12.06
C LYS A 167 26.52 -4.49 -12.28
N ALA A 168 27.29 -5.23 -13.05
CA ALA A 168 28.66 -4.84 -13.33
C ALA A 168 28.70 -3.65 -14.28
N ASN A 169 29.15 -2.52 -13.78
CA ASN A 169 29.29 -1.32 -14.60
C ASN A 169 30.39 -1.58 -15.62
N PRO A 170 30.10 -1.47 -16.93
CA PRO A 170 31.10 -1.79 -17.95
C PRO A 170 32.29 -0.87 -17.98
N TRP A 171 32.14 0.33 -17.46
CA TRP A 171 33.25 1.27 -17.42
C TRP A 171 34.19 0.96 -16.26
N GLN A 172 33.97 -0.17 -15.58
CA GLN A 172 34.83 -0.56 -14.48
C GLN A 172 35.22 -2.04 -14.57
N SER A 173 36.40 -2.37 -14.08
CA SER A 173 36.84 -3.75 -14.06
C SER A 173 37.78 -3.96 -12.87
N GLY A 1 -20.64 7.24 22.44
CA GLY A 1 -19.41 7.42 21.63
C GLY A 1 -19.68 7.35 20.15
N ALA A 2 -20.69 8.09 19.71
CA ALA A 2 -21.07 8.11 18.31
C ALA A 2 -20.93 9.50 17.71
N MET A 3 -21.49 9.70 16.52
CA MET A 3 -21.49 10.99 15.83
C MET A 3 -21.89 12.15 16.75
N GLU A 4 -22.63 11.80 17.81
CA GLU A 4 -23.11 12.74 18.83
C GLU A 4 -21.99 13.69 19.31
N THR A 5 -20.80 13.14 19.55
CA THR A 5 -19.69 13.94 20.06
C THR A 5 -18.40 13.61 19.31
N LEU A 6 -18.51 12.77 18.29
CA LEU A 6 -17.37 12.38 17.48
C LEU A 6 -17.07 13.41 16.40
N GLN A 7 -15.81 13.47 16.00
CA GLN A 7 -15.37 14.38 14.97
C GLN A 7 -14.31 13.73 14.08
N GLU A 8 -14.27 14.14 12.82
CA GLU A 8 -13.35 13.58 11.84
C GLU A 8 -11.91 13.52 12.39
N GLY A 9 -11.26 12.36 12.27
CA GLY A 9 -9.93 12.19 12.82
C GLY A 9 -9.95 11.55 14.20
N SER A 10 -11.11 11.50 14.82
CA SER A 10 -11.24 10.90 16.14
C SER A 10 -11.16 9.37 16.08
N GLU A 11 -10.68 8.79 17.16
CA GLU A 11 -10.47 7.36 17.24
C GLU A 11 -11.48 6.73 18.20
N VAL A 12 -12.27 5.78 17.70
CA VAL A 12 -13.34 5.16 18.51
C VAL A 12 -13.55 3.70 18.13
N LYS A 13 -14.07 2.91 19.07
CA LYS A 13 -14.35 1.51 18.80
C LYS A 13 -15.80 1.35 18.37
N GLY A 14 -16.03 0.42 17.46
CA GLY A 14 -17.37 0.15 17.00
C GLY A 14 -17.61 -1.33 16.72
N ILE A 15 -18.87 -1.69 16.48
CA ILE A 15 -19.25 -3.08 16.23
C ILE A 15 -19.56 -3.33 14.75
N VAL A 16 -18.82 -4.25 14.14
CA VAL A 16 -19.08 -4.61 12.75
C VAL A 16 -20.26 -5.57 12.69
N LYS A 17 -21.42 -5.04 12.39
CA LYS A 17 -22.64 -5.84 12.34
C LYS A 17 -23.06 -6.22 10.92
N ASN A 18 -22.32 -5.79 9.91
CA ASN A 18 -22.67 -6.10 8.53
C ASN A 18 -21.44 -6.07 7.66
N LEU A 19 -21.42 -6.91 6.64
CA LEU A 19 -20.30 -7.01 5.73
C LEU A 19 -20.82 -7.07 4.31
N THR A 20 -20.54 -6.04 3.51
CA THR A 20 -20.97 -6.01 2.12
C THR A 20 -19.85 -6.51 1.23
N ASP A 21 -19.99 -6.34 -0.08
CA ASP A 21 -18.97 -6.79 -1.01
C ASP A 21 -17.99 -5.67 -1.32
N TYR A 22 -18.37 -4.45 -0.95
CA TYR A 22 -17.54 -3.26 -1.21
C TYR A 22 -17.07 -2.62 0.10
N GLY A 23 -17.53 -3.16 1.21
CA GLY A 23 -17.16 -2.62 2.51
C GLY A 23 -17.94 -3.26 3.63
N ALA A 24 -18.11 -2.54 4.73
CA ALA A 24 -18.82 -3.06 5.88
C ALA A 24 -19.51 -1.93 6.63
N PHE A 25 -20.26 -2.29 7.66
CA PHE A 25 -20.94 -1.29 8.49
C PHE A 25 -20.68 -1.52 9.97
N VAL A 26 -20.20 -0.47 10.62
CA VAL A 26 -19.90 -0.48 12.05
C VAL A 26 -20.93 0.32 12.83
N ASP A 27 -21.39 -0.26 13.93
CA ASP A 27 -22.37 0.38 14.80
C ASP A 27 -21.64 1.17 15.87
N LEU A 28 -21.85 2.48 15.89
CA LEU A 28 -21.20 3.36 16.86
C LEU A 28 -22.05 3.49 18.10
N GLY A 29 -23.09 2.68 18.17
CA GLY A 29 -24.00 2.73 19.28
C GLY A 29 -25.21 3.60 18.96
N GLY A 30 -25.92 3.23 17.89
CA GLY A 30 -27.10 3.97 17.48
C GLY A 30 -26.98 4.55 16.08
N VAL A 31 -25.79 4.47 15.49
CA VAL A 31 -25.56 4.94 14.14
C VAL A 31 -24.55 4.03 13.45
N ASP A 32 -24.76 3.76 12.17
CA ASP A 32 -23.88 2.89 11.42
C ASP A 32 -22.97 3.69 10.48
N GLY A 33 -21.70 3.32 10.49
CA GLY A 33 -20.73 3.95 9.61
C GLY A 33 -20.31 3.00 8.52
N LEU A 34 -20.11 3.53 7.33
CA LEU A 34 -19.67 2.72 6.20
C LEU A 34 -18.15 2.71 6.15
N LEU A 35 -17.60 1.50 6.20
CA LEU A 35 -16.16 1.33 6.08
C LEU A 35 -15.88 0.74 4.71
N HIS A 36 -15.25 1.50 3.86
CA HIS A 36 -14.95 1.05 2.51
C HIS A 36 -13.80 0.03 2.55
N ILE A 37 -13.92 -1.05 1.80
CA ILE A 37 -12.92 -2.13 1.79
C ILE A 37 -11.47 -1.64 1.65
N THR A 38 -11.26 -0.52 0.98
CA THR A 38 -9.90 -0.04 0.75
C THR A 38 -9.30 0.66 1.97
N ASP A 39 -10.13 0.97 2.97
CA ASP A 39 -9.63 1.64 4.16
C ASP A 39 -9.42 0.65 5.31
N MET A 40 -9.65 -0.63 5.04
CA MET A 40 -9.49 -1.66 6.07
C MET A 40 -8.01 -2.01 6.29
N ALA A 41 -7.21 -1.71 5.29
CA ALA A 41 -5.79 -2.01 5.34
C ALA A 41 -5.01 -1.24 4.28
N TRP A 42 -3.72 -1.15 4.50
CA TRP A 42 -2.83 -0.44 3.58
C TRP A 42 -2.68 -1.20 2.27
N LYS A 43 -2.91 -2.51 2.33
CA LYS A 43 -2.81 -3.37 1.16
C LYS A 43 -4.11 -3.37 0.37
N ARG A 44 -4.14 -4.22 -0.66
CA ARG A 44 -5.33 -4.38 -1.47
C ARG A 44 -6.23 -5.50 -0.95
N VAL A 45 -7.14 -5.11 -0.08
CA VAL A 45 -8.14 -6.02 0.47
C VAL A 45 -9.21 -6.29 -0.57
N LYS A 46 -9.69 -7.53 -0.57
CA LYS A 46 -10.66 -7.98 -1.54
C LYS A 46 -12.05 -8.18 -0.95
N HIS A 47 -12.12 -8.51 0.35
CA HIS A 47 -13.40 -8.75 1.00
C HIS A 47 -13.25 -8.38 2.48
N PRO A 48 -14.28 -7.78 3.11
CA PRO A 48 -14.20 -7.30 4.50
C PRO A 48 -14.13 -8.41 5.54
N SER A 49 -14.74 -9.55 5.24
CA SER A 49 -14.75 -10.67 6.18
C SER A 49 -13.33 -11.18 6.42
N GLU A 50 -12.45 -10.85 5.50
CA GLU A 50 -11.06 -11.27 5.60
C GLU A 50 -10.32 -10.45 6.65
N ILE A 51 -10.85 -9.27 6.95
CA ILE A 51 -10.24 -8.35 7.91
C ILE A 51 -11.02 -8.33 9.22
N VAL A 52 -12.35 -8.30 9.14
CA VAL A 52 -13.21 -8.25 10.33
C VAL A 52 -14.54 -8.97 10.05
N ASN A 53 -15.18 -9.49 11.09
CA ASN A 53 -16.43 -10.25 10.92
C ASN A 53 -17.58 -9.60 11.69
N VAL A 54 -18.75 -10.19 11.52
CA VAL A 54 -19.95 -9.72 12.19
C VAL A 54 -19.88 -9.94 13.71
N GLY A 55 -20.17 -8.89 14.45
CA GLY A 55 -20.17 -8.97 15.90
C GLY A 55 -18.82 -8.65 16.53
N ASP A 56 -17.89 -8.11 15.75
CA ASP A 56 -16.56 -7.81 16.28
C ASP A 56 -16.43 -6.34 16.65
N GLU A 57 -15.94 -6.10 17.86
CA GLU A 57 -15.69 -4.75 18.33
C GLU A 57 -14.25 -4.38 18.02
N ILE A 58 -14.04 -3.55 17.02
CA ILE A 58 -12.70 -3.15 16.64
C ILE A 58 -12.52 -1.65 16.79
N LEU A 59 -11.29 -1.19 16.67
CA LEU A 59 -10.98 0.21 16.81
C LEU A 59 -10.92 0.87 15.44
N VAL A 60 -11.85 1.76 15.13
CA VAL A 60 -11.84 2.46 13.85
C VAL A 60 -11.63 3.96 14.03
N LYS A 61 -11.17 4.60 12.97
CA LYS A 61 -10.99 6.04 12.97
C LYS A 61 -11.94 6.69 11.96
N VAL A 62 -12.58 7.77 12.39
CA VAL A 62 -13.50 8.49 11.51
C VAL A 62 -12.72 9.26 10.45
N LEU A 63 -12.96 8.93 9.18
CA LEU A 63 -12.25 9.57 8.10
C LEU A 63 -13.09 10.65 7.44
N LYS A 64 -14.40 10.40 7.30
CA LYS A 64 -15.30 11.35 6.64
C LYS A 64 -16.61 11.38 7.38
N PHE A 65 -17.50 12.26 6.97
CA PHE A 65 -18.82 12.35 7.56
C PHE A 65 -19.87 12.55 6.48
N ASP A 66 -21.01 11.90 6.66
CA ASP A 66 -22.15 12.05 5.74
C ASP A 66 -22.70 13.46 5.90
N ARG A 67 -23.71 13.83 5.12
CA ARG A 67 -24.21 15.21 5.04
C ARG A 67 -24.00 16.03 6.32
N ASP A 68 -24.65 15.75 7.47
CA ASP A 68 -24.25 16.50 8.67
C ASP A 68 -23.56 15.60 9.69
N ARG A 69 -24.31 14.63 10.25
CA ARG A 69 -23.75 13.66 11.20
C ARG A 69 -24.25 12.24 10.89
N THR A 70 -25.52 12.19 10.47
CA THR A 70 -26.30 10.97 10.18
C THR A 70 -25.49 9.68 9.90
N ARG A 71 -24.47 9.78 9.09
CA ARG A 71 -23.66 8.62 8.73
C ARG A 71 -22.19 9.03 8.70
N VAL A 72 -21.28 8.08 8.79
CA VAL A 72 -19.87 8.42 8.84
C VAL A 72 -18.99 7.43 8.09
N SER A 73 -17.77 7.86 7.77
CA SER A 73 -16.80 7.01 7.09
C SER A 73 -15.70 6.61 8.06
N LEU A 74 -15.41 5.32 8.12
CA LEU A 74 -14.39 4.82 9.05
C LEU A 74 -13.16 4.38 8.30
N GLY A 75 -12.15 4.03 9.07
CA GLY A 75 -10.91 3.52 8.56
C GLY A 75 -10.36 2.49 9.51
N LEU A 76 -9.63 1.51 8.99
CA LEU A 76 -9.10 0.46 9.86
C LEU A 76 -7.59 0.39 9.76
N LYS A 77 -7.07 1.00 8.71
CA LYS A 77 -5.63 1.02 8.49
C LYS A 77 -5.04 2.28 9.10
N GLN A 78 -5.90 3.29 9.22
CA GLN A 78 -5.54 4.59 9.80
C GLN A 78 -5.20 4.49 11.27
N LEU A 79 -5.42 3.32 11.82
CA LEU A 79 -5.22 3.10 13.23
C LEU A 79 -3.79 2.65 13.49
N GLY A 80 -3.07 2.40 12.40
CA GLY A 80 -1.70 1.95 12.49
C GLY A 80 -0.74 2.89 11.82
N GLU A 81 0.03 2.34 10.89
CA GLU A 81 1.03 3.16 10.23
C GLU A 81 0.99 2.89 8.72
N ASP A 82 0.85 3.92 7.92
CA ASP A 82 0.94 3.73 6.48
C ASP A 82 2.43 3.70 6.12
N PRO A 83 2.97 2.52 5.74
CA PRO A 83 4.42 2.36 5.48
C PRO A 83 4.99 3.30 4.43
N TRP A 84 4.12 3.86 3.62
CA TRP A 84 4.54 4.73 2.55
C TRP A 84 4.80 6.17 3.01
N VAL A 85 4.19 6.56 4.12
CA VAL A 85 4.36 7.92 4.62
C VAL A 85 5.77 8.15 5.13
N ALA A 86 6.35 7.11 5.73
CA ALA A 86 7.69 7.17 6.27
C ALA A 86 8.71 6.57 5.33
N ILE A 87 8.25 6.02 4.21
CA ILE A 87 9.12 5.31 3.29
C ILE A 87 10.32 6.18 2.85
N ALA A 88 10.11 7.49 2.72
CA ALA A 88 11.16 8.38 2.29
C ALA A 88 12.16 8.65 3.41
N LYS A 89 11.74 8.55 4.67
CA LYS A 89 12.68 8.76 5.77
C LYS A 89 13.40 7.45 6.09
N ARG A 90 12.78 6.34 5.73
CA ARG A 90 13.39 5.04 5.93
C ARG A 90 14.47 4.81 4.88
N TYR A 91 14.07 4.90 3.62
CA TYR A 91 14.99 4.72 2.51
C TYR A 91 14.59 5.59 1.31
N PRO A 92 15.15 6.83 1.22
CA PRO A 92 14.89 7.73 0.10
C PRO A 92 15.74 7.38 -1.11
N GLU A 93 15.63 8.17 -2.17
CA GLU A 93 16.38 7.93 -3.39
C GLU A 93 17.87 7.79 -3.11
N GLY A 94 18.48 6.79 -3.74
CA GLY A 94 19.90 6.56 -3.56
C GLY A 94 20.20 5.45 -2.58
N HIS A 95 19.24 5.13 -1.72
CA HIS A 95 19.43 4.05 -0.76
C HIS A 95 19.38 2.69 -1.47
N LYS A 96 20.33 1.83 -1.13
CA LYS A 96 20.41 0.49 -1.70
C LYS A 96 19.63 -0.47 -0.83
N LEU A 97 18.78 -1.26 -1.45
CA LEU A 97 17.93 -2.19 -0.72
C LEU A 97 17.75 -3.48 -1.50
N SER A 98 17.49 -4.55 -0.78
CA SER A 98 17.31 -5.85 -1.39
C SER A 98 15.82 -6.14 -1.58
N GLY A 99 15.45 -6.50 -2.80
CA GLY A 99 14.08 -6.83 -3.12
C GLY A 99 13.98 -8.16 -3.85
N ARG A 100 12.79 -8.49 -4.31
CA ARG A 100 12.59 -9.70 -5.08
C ARG A 100 11.53 -9.50 -6.15
N VAL A 101 11.84 -9.94 -7.36
CA VAL A 101 10.93 -9.79 -8.48
C VAL A 101 9.66 -10.60 -8.21
N THR A 102 8.53 -9.92 -8.25
CA THR A 102 7.23 -10.54 -7.96
C THR A 102 6.33 -10.55 -9.19
N ASN A 103 6.64 -9.66 -10.11
CA ASN A 103 5.83 -9.48 -11.31
C ASN A 103 6.73 -9.04 -12.44
N LEU A 104 6.41 -9.48 -13.63
CA LEU A 104 7.22 -9.16 -14.79
C LEU A 104 6.32 -8.54 -15.85
N THR A 105 6.83 -7.52 -16.52
CA THR A 105 6.07 -6.85 -17.57
C THR A 105 6.94 -6.78 -18.82
N ASP A 106 6.48 -6.07 -19.84
CA ASP A 106 7.27 -5.87 -21.06
C ASP A 106 7.92 -4.50 -21.05
N TYR A 107 7.68 -3.75 -19.97
CA TYR A 107 8.20 -2.39 -19.84
C TYR A 107 8.95 -2.20 -18.51
N GLY A 108 9.35 -3.31 -17.91
CA GLY A 108 10.03 -3.25 -16.64
C GLY A 108 9.73 -4.45 -15.76
N CYS A 109 10.32 -4.48 -14.58
CA CYS A 109 10.11 -5.57 -13.65
C CYS A 109 9.80 -5.04 -12.26
N PHE A 110 8.81 -5.65 -11.63
CA PHE A 110 8.39 -5.27 -10.28
C PHE A 110 9.21 -6.03 -9.25
N VAL A 111 9.62 -5.34 -8.21
CA VAL A 111 10.45 -5.93 -7.17
C VAL A 111 9.93 -5.55 -5.78
N GLU A 112 9.55 -6.56 -5.01
CA GLU A 112 9.02 -6.36 -3.67
C GLU A 112 10.10 -5.95 -2.69
N ILE A 113 9.92 -4.80 -2.08
CA ILE A 113 10.86 -4.30 -1.09
C ILE A 113 10.50 -4.90 0.26
N GLU A 114 9.21 -5.11 0.44
CA GLU A 114 8.63 -5.66 1.66
C GLU A 114 7.12 -5.83 1.48
N GLU A 115 6.46 -6.41 2.47
CA GLU A 115 5.03 -6.65 2.38
C GLU A 115 4.26 -5.32 2.35
N GLY A 116 3.76 -4.98 1.18
CA GLY A 116 3.02 -3.75 1.01
C GLY A 116 3.81 -2.70 0.26
N VAL A 117 5.11 -2.94 0.10
CA VAL A 117 5.97 -2.03 -0.63
C VAL A 117 6.66 -2.75 -1.76
N GLU A 118 6.32 -2.36 -2.97
CA GLU A 118 6.86 -2.97 -4.16
C GLU A 118 7.24 -1.89 -5.16
N GLY A 119 8.48 -1.94 -5.63
CA GLY A 119 8.97 -0.95 -6.58
C GLY A 119 9.05 -1.49 -7.98
N LEU A 120 9.15 -0.60 -8.96
CA LEU A 120 9.25 -1.00 -10.36
C LEU A 120 10.53 -0.50 -10.99
N VAL A 121 11.22 -1.39 -11.68
CA VAL A 121 12.44 -1.05 -12.38
C VAL A 121 12.15 -0.98 -13.87
N HIS A 122 12.48 0.14 -14.47
CA HIS A 122 12.21 0.35 -15.88
C HIS A 122 13.22 -0.39 -16.76
N VAL A 123 12.78 -0.84 -17.93
CA VAL A 123 13.64 -1.56 -18.88
C VAL A 123 14.86 -0.74 -19.32
N SER A 124 14.85 0.54 -19.01
CA SER A 124 15.94 1.42 -19.43
C SER A 124 17.10 1.42 -18.46
N GLU A 125 16.81 1.31 -17.18
CA GLU A 125 17.86 1.38 -16.18
C GLU A 125 18.03 0.07 -15.43
N MET A 126 17.63 -1.04 -16.06
CA MET A 126 17.83 -2.34 -15.42
C MET A 126 19.10 -3.03 -15.92
N ASP A 127 19.49 -2.78 -17.16
CA ASP A 127 20.67 -3.45 -17.69
C ASP A 127 21.82 -2.53 -17.92
N TRP A 128 22.79 -3.13 -18.56
CA TRP A 128 24.02 -2.53 -18.86
C TRP A 128 23.84 -1.45 -19.94
N THR A 129 23.52 -1.86 -21.16
CA THR A 129 23.40 -0.91 -22.26
C THR A 129 21.97 -0.78 -22.80
N ASN A 130 21.46 -1.86 -23.37
CA ASN A 130 20.14 -1.92 -23.96
C ASN A 130 19.07 -1.36 -23.03
N LYS A 131 18.51 -0.21 -23.42
CA LYS A 131 17.52 0.47 -22.59
C LYS A 131 16.09 0.08 -22.96
N ASN A 132 15.94 -0.95 -23.79
CA ASN A 132 14.60 -1.40 -24.18
C ASN A 132 14.53 -2.92 -24.14
N ILE A 133 15.56 -3.53 -23.54
CA ILE A 133 15.63 -4.97 -23.39
C ILE A 133 14.40 -5.52 -22.66
N HIS A 134 14.19 -6.84 -22.74
CA HIS A 134 13.02 -7.41 -22.12
C HIS A 134 13.43 -7.85 -20.71
N PRO A 135 12.68 -7.49 -19.67
CA PRO A 135 13.05 -7.82 -18.29
C PRO A 135 13.19 -9.32 -18.02
N SER A 136 12.62 -10.13 -18.91
CA SER A 136 12.69 -11.58 -18.75
C SER A 136 14.10 -12.09 -19.09
N LYS A 137 14.83 -11.32 -19.88
CA LYS A 137 16.19 -11.72 -20.25
C LYS A 137 17.15 -11.36 -19.13
N VAL A 138 16.65 -10.54 -18.21
CA VAL A 138 17.46 -10.04 -17.11
C VAL A 138 17.13 -10.77 -15.80
N VAL A 139 15.84 -10.84 -15.50
CA VAL A 139 15.37 -11.47 -14.26
C VAL A 139 14.10 -12.26 -14.49
N ASN A 140 13.67 -12.94 -13.44
CA ASN A 140 12.45 -13.71 -13.46
C ASN A 140 11.73 -13.56 -12.13
N VAL A 141 10.43 -13.74 -12.14
CA VAL A 141 9.63 -13.63 -10.91
C VAL A 141 10.05 -14.71 -9.91
N GLY A 142 10.58 -14.27 -8.78
CA GLY A 142 11.05 -15.18 -7.75
C GLY A 142 12.52 -15.00 -7.49
N ASP A 143 13.19 -14.29 -8.41
CA ASP A 143 14.60 -14.03 -8.27
C ASP A 143 14.81 -12.87 -7.31
N GLU A 144 15.54 -13.14 -6.24
CA GLU A 144 15.82 -12.11 -5.27
C GLU A 144 17.03 -11.31 -5.74
N VAL A 145 16.87 -10.00 -5.76
CA VAL A 145 17.92 -9.12 -6.26
C VAL A 145 18.00 -7.84 -5.46
N GLU A 146 19.00 -7.04 -5.76
CA GLU A 146 19.20 -5.78 -5.04
C GLU A 146 18.94 -4.62 -5.98
N VAL A 147 18.34 -3.58 -5.45
CA VAL A 147 17.97 -2.41 -6.23
C VAL A 147 18.14 -1.14 -5.40
N MET A 148 18.05 -0.02 -6.08
CA MET A 148 18.20 1.28 -5.44
C MET A 148 16.98 2.13 -5.71
N VAL A 149 16.58 2.92 -4.72
CA VAL A 149 15.46 3.82 -4.86
C VAL A 149 15.75 4.87 -5.91
N LEU A 150 14.97 4.88 -6.98
CA LEU A 150 15.15 5.83 -8.06
C LEU A 150 14.20 7.00 -7.91
N GLU A 151 12.96 6.69 -7.55
CA GLU A 151 11.93 7.73 -7.43
C GLU A 151 10.68 7.19 -6.71
N ILE A 152 10.44 7.67 -5.49
CA ILE A 152 9.23 7.26 -4.76
C ILE A 152 8.23 8.39 -4.70
N ASP A 153 7.00 8.09 -5.10
CA ASP A 153 5.90 9.03 -5.00
C ASP A 153 4.89 8.51 -3.99
N GLU A 154 5.07 8.93 -2.75
CA GLU A 154 4.22 8.49 -1.65
C GLU A 154 2.78 8.93 -1.90
N GLU A 155 2.64 10.10 -2.50
CA GLU A 155 1.34 10.70 -2.75
C GLU A 155 0.64 10.03 -3.92
N ARG A 156 1.40 9.75 -4.97
CA ARG A 156 0.86 9.16 -6.18
C ARG A 156 0.89 7.64 -6.07
N ARG A 157 1.35 7.19 -4.91
CA ARG A 157 1.48 5.78 -4.58
C ARG A 157 2.13 4.99 -5.72
N ARG A 158 3.32 5.44 -6.09
CA ARG A 158 4.12 4.81 -7.13
C ARG A 158 5.59 4.81 -6.71
N ILE A 159 6.29 3.70 -6.95
CA ILE A 159 7.69 3.57 -6.57
C ILE A 159 8.55 3.09 -7.75
N SER A 160 9.67 3.78 -7.96
CA SER A 160 10.61 3.48 -9.03
C SER A 160 11.97 3.11 -8.47
N LEU A 161 12.52 1.98 -8.94
CA LEU A 161 13.83 1.50 -8.49
C LEU A 161 14.76 1.27 -9.68
N GLY A 162 16.03 1.08 -9.38
CA GLY A 162 17.02 0.85 -10.41
C GLY A 162 17.86 -0.37 -10.17
N LEU A 163 18.13 -1.13 -11.23
CA LEU A 163 18.92 -2.36 -11.15
C LEU A 163 20.38 -2.06 -11.50
N LYS A 164 20.61 -1.12 -12.42
CA LYS A 164 21.97 -0.76 -12.85
C LYS A 164 22.88 -0.44 -11.64
N GLN A 165 22.25 -0.01 -10.55
CA GLN A 165 22.97 0.33 -9.32
C GLN A 165 23.51 -0.92 -8.60
N CYS A 166 23.11 -2.09 -9.09
CA CYS A 166 23.59 -3.36 -8.55
C CYS A 166 24.28 -4.14 -9.67
N LYS A 167 24.44 -3.46 -10.79
CA LYS A 167 25.03 -4.04 -11.99
C LYS A 167 26.19 -3.14 -12.45
N ALA A 168 26.86 -3.53 -13.51
CA ALA A 168 27.92 -2.71 -14.07
C ALA A 168 27.29 -1.59 -14.87
N ASN A 169 27.99 -0.49 -15.03
CA ASN A 169 27.46 0.62 -15.81
C ASN A 169 28.45 1.03 -16.89
N PRO A 170 28.06 0.98 -18.19
CA PRO A 170 28.96 1.37 -19.28
C PRO A 170 29.08 2.87 -19.41
N TRP A 171 28.16 3.57 -18.75
CA TRP A 171 28.16 5.02 -18.72
C TRP A 171 29.03 5.47 -17.58
N GLN A 172 28.98 4.68 -16.52
CA GLN A 172 29.74 4.86 -15.30
C GLN A 172 29.69 6.30 -14.82
N SER A 173 28.50 6.87 -14.86
CA SER A 173 28.29 8.22 -14.43
C SER A 173 27.60 8.21 -13.07
N GLY A 1 -17.38 7.15 21.49
CA GLY A 1 -18.82 7.49 21.41
C GLY A 1 -19.32 7.48 19.98
N ALA A 2 -20.43 8.18 19.73
CA ALA A 2 -21.02 8.23 18.40
C ALA A 2 -20.95 9.64 17.82
N MET A 3 -21.54 9.81 16.64
CA MET A 3 -21.58 11.08 15.91
C MET A 3 -21.96 12.28 16.79
N GLU A 4 -22.70 12.03 17.86
CA GLU A 4 -23.14 13.07 18.79
C GLU A 4 -21.96 13.75 19.49
N THR A 5 -20.91 12.99 19.76
CA THR A 5 -19.74 13.49 20.48
C THR A 5 -18.49 13.22 19.65
N LEU A 6 -18.73 12.82 18.43
CA LEU A 6 -17.67 12.46 17.50
C LEU A 6 -17.04 13.69 16.88
N GLN A 7 -16.10 13.41 16.00
CA GLN A 7 -15.42 14.47 15.29
C GLN A 7 -14.56 13.80 14.23
N GLU A 8 -14.57 14.28 13.00
CA GLU A 8 -13.79 13.64 11.95
C GLU A 8 -12.33 13.49 12.40
N GLY A 9 -11.80 12.27 12.35
CA GLY A 9 -10.46 12.01 12.84
C GLY A 9 -10.45 11.41 14.23
N SER A 10 -11.64 11.30 14.83
CA SER A 10 -11.81 10.76 16.17
C SER A 10 -11.68 9.24 16.20
N GLU A 11 -10.90 8.76 17.14
CA GLU A 11 -10.80 7.32 17.36
C GLU A 11 -11.92 6.84 18.25
N VAL A 12 -12.67 5.89 17.74
CA VAL A 12 -13.81 5.32 18.48
C VAL A 12 -14.00 3.85 18.14
N LYS A 13 -14.39 3.08 19.14
CA LYS A 13 -14.60 1.66 18.94
C LYS A 13 -16.03 1.40 18.51
N GLY A 14 -16.18 0.47 17.57
CA GLY A 14 -17.50 0.13 17.08
C GLY A 14 -17.64 -1.34 16.77
N ILE A 15 -18.86 -1.78 16.50
CA ILE A 15 -19.13 -3.18 16.21
C ILE A 15 -19.37 -3.42 14.74
N VAL A 16 -18.49 -4.20 14.13
CA VAL A 16 -18.66 -4.56 12.72
C VAL A 16 -19.70 -5.66 12.66
N LYS A 17 -20.93 -5.30 12.35
CA LYS A 17 -22.00 -6.29 12.28
C LYS A 17 -22.43 -6.63 10.88
N ASN A 18 -21.77 -6.05 9.90
CA ASN A 18 -22.14 -6.34 8.53
C ASN A 18 -20.94 -6.18 7.63
N LEU A 19 -20.92 -6.97 6.58
CA LEU A 19 -19.80 -7.00 5.66
C LEU A 19 -20.32 -7.08 4.22
N THR A 20 -20.09 -6.05 3.43
CA THR A 20 -20.50 -6.05 2.03
C THR A 20 -19.29 -6.30 1.14
N ASP A 21 -19.46 -6.17 -0.19
CA ASP A 21 -18.37 -6.38 -1.13
C ASP A 21 -17.65 -5.09 -1.46
N TYR A 22 -18.25 -3.99 -1.05
CA TYR A 22 -17.65 -2.66 -1.26
C TYR A 22 -17.22 -2.02 0.06
N GLY A 23 -17.58 -2.68 1.16
CA GLY A 23 -17.21 -2.16 2.47
C GLY A 23 -17.88 -2.93 3.58
N ALA A 24 -17.95 -2.32 4.74
CA ALA A 24 -18.58 -2.94 5.90
C ALA A 24 -19.37 -1.90 6.67
N PHE A 25 -20.10 -2.34 7.68
CA PHE A 25 -20.91 -1.43 8.51
C PHE A 25 -20.66 -1.65 9.99
N VAL A 26 -20.25 -0.58 10.67
CA VAL A 26 -19.97 -0.60 12.09
C VAL A 26 -21.02 0.15 12.88
N ASP A 27 -21.39 -0.42 14.01
CA ASP A 27 -22.35 0.20 14.92
C ASP A 27 -21.62 1.07 15.92
N LEU A 28 -21.96 2.35 15.96
CA LEU A 28 -21.37 3.28 16.91
C LEU A 28 -22.29 3.40 18.11
N GLY A 29 -23.31 2.54 18.14
CA GLY A 29 -24.30 2.58 19.19
C GLY A 29 -25.52 3.39 18.78
N GLY A 30 -26.14 2.96 17.67
CA GLY A 30 -27.33 3.63 17.20
C GLY A 30 -27.16 4.21 15.80
N VAL A 31 -25.93 4.24 15.32
CA VAL A 31 -25.65 4.76 13.99
C VAL A 31 -24.64 3.87 13.30
N ASP A 32 -24.88 3.56 12.02
CA ASP A 32 -23.99 2.69 11.27
C ASP A 32 -23.05 3.52 10.41
N GLY A 33 -21.76 3.24 10.50
CA GLY A 33 -20.79 3.92 9.68
C GLY A 33 -20.32 3.00 8.57
N LEU A 34 -20.09 3.55 7.39
CA LEU A 34 -19.61 2.74 6.27
C LEU A 34 -18.10 2.70 6.31
N LEU A 35 -17.55 1.50 6.42
CA LEU A 35 -16.10 1.35 6.42
C LEU A 35 -15.70 0.92 5.03
N HIS A 36 -15.11 1.82 4.29
CA HIS A 36 -14.70 1.54 2.93
C HIS A 36 -13.62 0.44 2.92
N ILE A 37 -13.81 -0.56 2.06
CA ILE A 37 -12.93 -1.73 1.96
C ILE A 37 -11.42 -1.41 1.85
N THR A 38 -11.06 -0.35 1.14
CA THR A 38 -9.65 -0.04 0.95
C THR A 38 -9.09 0.66 2.18
N ASP A 39 -9.94 0.86 3.17
CA ASP A 39 -9.55 1.51 4.40
C ASP A 39 -9.43 0.53 5.56
N MET A 40 -9.52 -0.77 5.25
CA MET A 40 -9.38 -1.82 6.26
C MET A 40 -7.92 -2.10 6.58
N ALA A 41 -7.07 -1.93 5.57
CA ALA A 41 -5.65 -2.22 5.72
C ALA A 41 -4.81 -1.53 4.66
N TRP A 42 -3.49 -1.47 4.94
CA TRP A 42 -2.53 -0.85 4.02
C TRP A 42 -2.34 -1.69 2.77
N LYS A 43 -2.54 -2.99 2.89
CA LYS A 43 -2.34 -3.91 1.78
C LYS A 43 -3.47 -3.82 0.76
N ARG A 44 -3.37 -4.66 -0.25
CA ARG A 44 -4.39 -4.72 -1.27
C ARG A 44 -5.42 -5.76 -0.88
N VAL A 45 -6.35 -5.32 -0.05
CA VAL A 45 -7.44 -6.14 0.41
C VAL A 45 -8.63 -6.03 -0.52
N LYS A 46 -9.41 -7.09 -0.52
CA LYS A 46 -10.63 -7.09 -1.28
C LYS A 46 -11.80 -7.17 -0.31
N HIS A 47 -11.95 -8.32 0.32
CA HIS A 47 -13.10 -8.44 1.21
C HIS A 47 -12.77 -7.93 2.61
N PRO A 48 -13.73 -7.32 3.30
CA PRO A 48 -13.49 -6.81 4.63
C PRO A 48 -13.31 -7.94 5.63
N SER A 49 -13.81 -9.12 5.26
CA SER A 49 -13.70 -10.32 6.09
C SER A 49 -12.25 -10.75 6.19
N GLU A 50 -11.44 -10.31 5.24
CA GLU A 50 -10.02 -10.62 5.24
C GLU A 50 -9.33 -9.95 6.44
N ILE A 51 -9.97 -8.91 7.00
CA ILE A 51 -9.43 -8.15 8.13
C ILE A 51 -10.32 -8.24 9.39
N VAL A 52 -11.63 -8.01 9.23
CA VAL A 52 -12.54 -7.99 10.37
C VAL A 52 -13.83 -8.72 10.01
N ASN A 53 -14.54 -9.25 11.02
CA ASN A 53 -15.75 -10.02 10.76
C ASN A 53 -16.94 -9.42 11.50
N VAL A 54 -18.08 -10.06 11.32
CA VAL A 54 -19.31 -9.63 11.97
C VAL A 54 -19.31 -9.99 13.44
N GLY A 55 -19.70 -9.01 14.23
CA GLY A 55 -19.78 -9.17 15.64
C GLY A 55 -18.49 -8.84 16.37
N ASP A 56 -17.53 -8.23 15.66
CA ASP A 56 -16.23 -7.88 16.26
C ASP A 56 -16.19 -6.41 16.66
N GLU A 57 -15.71 -6.13 17.88
CA GLU A 57 -15.56 -4.77 18.35
C GLU A 57 -14.12 -4.32 18.12
N ILE A 58 -13.91 -3.39 17.20
CA ILE A 58 -12.56 -2.90 16.94
C ILE A 58 -12.52 -1.38 17.07
N LEU A 59 -11.33 -0.83 17.04
CA LEU A 59 -11.14 0.61 17.19
C LEU A 59 -10.91 1.25 15.82
N VAL A 60 -11.94 1.95 15.33
CA VAL A 60 -11.86 2.60 14.02
C VAL A 60 -11.74 4.11 14.16
N LYS A 61 -11.23 4.74 13.12
CA LYS A 61 -11.14 6.19 13.08
C LYS A 61 -12.13 6.75 12.08
N VAL A 62 -12.86 7.79 12.48
CA VAL A 62 -13.80 8.43 11.55
C VAL A 62 -13.02 9.22 10.51
N LEU A 63 -13.22 8.89 9.23
CA LEU A 63 -12.50 9.56 8.17
C LEU A 63 -13.35 10.63 7.51
N LYS A 64 -14.65 10.38 7.39
CA LYS A 64 -15.54 11.34 6.71
C LYS A 64 -16.85 11.42 7.44
N PHE A 65 -17.73 12.28 6.96
CA PHE A 65 -19.06 12.43 7.53
C PHE A 65 -20.09 12.65 6.43
N ASP A 66 -21.32 12.27 6.73
CA ASP A 66 -22.46 12.44 5.84
C ASP A 66 -22.96 13.87 5.92
N ARG A 67 -23.97 14.19 5.12
CA ARG A 67 -24.52 15.54 4.97
C ARG A 67 -24.36 16.40 6.24
N ASP A 68 -25.01 16.11 7.37
CA ASP A 68 -24.67 16.92 8.55
C ASP A 68 -23.87 16.11 9.57
N ARG A 69 -24.49 15.09 10.17
CA ARG A 69 -23.79 14.20 11.10
C ARG A 69 -24.26 12.74 10.98
N THR A 70 -25.44 12.56 10.38
CA THR A 70 -26.13 11.27 10.29
C THR A 70 -25.23 10.03 10.03
N ARG A 71 -24.59 9.94 8.88
CA ARG A 71 -23.74 8.76 8.59
C ARG A 71 -22.27 9.17 8.66
N VAL A 72 -21.36 8.19 8.56
CA VAL A 72 -19.96 8.50 8.73
C VAL A 72 -19.07 7.46 8.03
N SER A 73 -17.82 7.83 7.74
CA SER A 73 -16.87 6.91 7.13
C SER A 73 -15.85 6.49 8.18
N LEU A 74 -15.48 5.20 8.22
CA LEU A 74 -14.49 4.72 9.18
C LEU A 74 -13.22 4.24 8.49
N GLY A 75 -12.18 4.18 9.28
CA GLY A 75 -10.89 3.72 8.84
C GLY A 75 -10.33 2.67 9.76
N LEU A 76 -9.49 1.78 9.23
CA LEU A 76 -8.92 0.73 10.05
C LEU A 76 -7.40 0.68 9.92
N LYS A 77 -6.86 1.25 8.84
CA LYS A 77 -5.42 1.20 8.64
C LYS A 77 -4.71 2.45 9.16
N GLN A 78 -5.35 3.60 9.04
CA GLN A 78 -4.74 4.85 9.46
C GLN A 78 -4.77 5.03 10.98
N LEU A 79 -5.14 3.98 11.70
CA LEU A 79 -5.06 3.98 13.16
C LEU A 79 -3.60 3.75 13.52
N GLY A 80 -2.90 3.12 12.59
CA GLY A 80 -1.50 2.75 12.77
C GLY A 80 -0.55 3.63 12.01
N GLU A 81 0.22 3.01 11.14
CA GLU A 81 1.22 3.76 10.39
C GLU A 81 1.19 3.32 8.93
N ASP A 82 0.94 4.23 8.00
CA ASP A 82 0.97 3.87 6.59
C ASP A 82 2.43 3.76 6.15
N PRO A 83 2.89 2.55 5.76
CA PRO A 83 4.32 2.32 5.42
C PRO A 83 4.88 3.25 4.36
N TRP A 84 4.02 3.78 3.51
CA TRP A 84 4.44 4.63 2.41
C TRP A 84 4.75 6.06 2.87
N VAL A 85 4.17 6.48 3.99
CA VAL A 85 4.42 7.83 4.49
C VAL A 85 5.83 7.93 5.05
N ALA A 86 6.27 6.82 5.64
CA ALA A 86 7.58 6.74 6.26
C ALA A 86 8.59 6.11 5.32
N ILE A 87 8.13 5.68 4.16
CA ILE A 87 9.01 5.00 3.21
C ILE A 87 10.18 5.90 2.84
N ALA A 88 9.94 7.20 2.88
CA ALA A 88 10.95 8.19 2.54
C ALA A 88 12.01 8.29 3.64
N LYS A 89 11.60 8.13 4.91
CA LYS A 89 12.54 8.18 6.01
C LYS A 89 13.20 6.82 6.23
N ARG A 90 12.53 5.74 5.81
CA ARG A 90 13.08 4.41 5.94
C ARG A 90 14.22 4.22 4.94
N TYR A 91 13.88 4.37 3.68
CA TYR A 91 14.85 4.26 2.61
C TYR A 91 14.57 5.28 1.51
N PRO A 92 15.23 6.46 1.60
CA PRO A 92 15.06 7.53 0.62
C PRO A 92 15.73 7.20 -0.71
N GLU A 93 15.67 8.14 -1.65
CA GLU A 93 16.25 7.94 -2.96
C GLU A 93 17.77 7.85 -2.84
N GLY A 94 18.34 6.84 -3.49
CA GLY A 94 19.78 6.63 -3.40
C GLY A 94 20.13 5.50 -2.44
N HIS A 95 19.19 5.12 -1.59
CA HIS A 95 19.39 4.03 -0.63
C HIS A 95 19.36 2.67 -1.33
N LYS A 96 20.20 1.74 -0.86
CA LYS A 96 20.23 0.38 -1.39
C LYS A 96 19.34 -0.54 -0.56
N LEU A 97 18.48 -1.29 -1.23
CA LEU A 97 17.57 -2.22 -0.57
C LEU A 97 17.47 -3.52 -1.35
N SER A 98 17.05 -4.58 -0.69
CA SER A 98 16.89 -5.87 -1.33
C SER A 98 15.41 -6.16 -1.56
N GLY A 99 15.05 -6.46 -2.80
CA GLY A 99 13.68 -6.77 -3.17
C GLY A 99 13.60 -8.10 -3.90
N ARG A 100 12.42 -8.45 -4.39
CA ARG A 100 12.24 -9.67 -5.17
C ARG A 100 11.20 -9.47 -6.26
N VAL A 101 11.56 -9.89 -7.47
CA VAL A 101 10.68 -9.74 -8.63
C VAL A 101 9.43 -10.59 -8.45
N THR A 102 8.28 -9.94 -8.51
CA THR A 102 7.00 -10.61 -8.29
C THR A 102 6.19 -10.73 -9.58
N ASN A 103 6.50 -9.85 -10.52
CA ASN A 103 5.77 -9.79 -11.78
C ASN A 103 6.69 -9.27 -12.86
N LEU A 104 6.50 -9.76 -14.07
CA LEU A 104 7.33 -9.38 -15.19
C LEU A 104 6.47 -8.73 -16.26
N THR A 105 6.95 -7.63 -16.81
CA THR A 105 6.19 -6.93 -17.85
C THR A 105 7.08 -6.81 -19.09
N ASP A 106 6.67 -6.00 -20.05
CA ASP A 106 7.48 -5.74 -21.24
C ASP A 106 8.20 -4.42 -21.11
N TYR A 107 7.82 -3.64 -20.10
CA TYR A 107 8.41 -2.32 -19.89
C TYR A 107 9.29 -2.28 -18.64
N GLY A 108 9.50 -3.43 -18.02
CA GLY A 108 10.31 -3.50 -16.83
C GLY A 108 9.87 -4.64 -15.92
N CYS A 109 10.28 -4.60 -14.67
CA CYS A 109 9.92 -5.64 -13.71
C CYS A 109 9.46 -5.05 -12.40
N PHE A 110 8.49 -5.71 -11.79
CA PHE A 110 7.96 -5.32 -10.50
C PHE A 110 8.68 -6.05 -9.38
N VAL A 111 9.14 -5.31 -8.39
CA VAL A 111 9.92 -5.88 -7.30
C VAL A 111 9.29 -5.56 -5.94
N GLU A 112 9.02 -6.60 -5.16
CA GLU A 112 8.43 -6.43 -3.83
C GLU A 112 9.50 -6.07 -2.82
N ILE A 113 9.36 -4.89 -2.23
CA ILE A 113 10.32 -4.42 -1.24
C ILE A 113 9.97 -4.95 0.13
N GLU A 114 8.67 -5.06 0.37
CA GLU A 114 8.14 -5.49 1.65
C GLU A 114 6.63 -5.61 1.60
N GLU A 115 6.03 -5.90 2.76
CA GLU A 115 4.59 -6.04 2.90
C GLU A 115 3.86 -4.77 2.50
N GLY A 116 3.27 -4.78 1.31
CA GLY A 116 2.49 -3.66 0.85
C GLY A 116 3.29 -2.70 -0.01
N VAL A 117 4.60 -2.89 -0.05
CA VAL A 117 5.47 -2.04 -0.84
C VAL A 117 6.05 -2.81 -2.02
N GLU A 118 5.70 -2.36 -3.20
CA GLU A 118 6.14 -2.95 -4.44
C GLU A 118 6.69 -1.86 -5.34
N GLY A 119 7.90 -2.03 -5.80
CA GLY A 119 8.49 -1.07 -6.69
C GLY A 119 8.55 -1.58 -8.12
N LEU A 120 9.07 -0.76 -9.02
CA LEU A 120 9.17 -1.11 -10.42
C LEU A 120 10.46 -0.58 -11.03
N VAL A 121 11.09 -1.41 -11.83
CA VAL A 121 12.30 -1.03 -12.54
C VAL A 121 12.00 -1.00 -14.03
N HIS A 122 12.41 0.06 -14.71
CA HIS A 122 12.14 0.19 -16.13
C HIS A 122 13.14 -0.65 -16.94
N VAL A 123 12.72 -1.17 -18.10
CA VAL A 123 13.59 -1.97 -18.96
C VAL A 123 14.95 -1.33 -19.22
N SER A 124 14.99 -0.01 -19.21
CA SER A 124 16.21 0.74 -19.47
C SER A 124 17.15 0.77 -18.27
N GLU A 125 16.61 0.46 -17.10
CA GLU A 125 17.35 0.49 -15.86
C GLU A 125 17.68 -0.91 -15.38
N MET A 126 17.41 -1.90 -16.23
CA MET A 126 17.62 -3.31 -15.89
C MET A 126 19.07 -3.73 -16.06
N ASP A 127 19.61 -3.50 -17.26
CA ASP A 127 20.97 -3.92 -17.57
C ASP A 127 21.70 -2.80 -18.29
N TRP A 128 22.98 -3.00 -18.58
CA TRP A 128 23.79 -1.98 -19.23
C TRP A 128 23.90 -2.22 -20.74
N THR A 129 23.66 -3.45 -21.15
CA THR A 129 23.79 -3.83 -22.56
C THR A 129 22.79 -3.13 -23.47
N ASN A 130 21.51 -3.46 -23.32
CA ASN A 130 20.48 -2.90 -24.18
C ASN A 130 19.52 -2.00 -23.42
N LYS A 131 19.19 -0.87 -24.04
CA LYS A 131 18.33 0.17 -23.46
C LYS A 131 16.86 -0.26 -23.41
N ASN A 132 16.49 -1.21 -24.26
CA ASN A 132 15.10 -1.69 -24.30
C ASN A 132 15.06 -3.19 -24.06
N ILE A 133 16.07 -3.69 -23.36
CA ILE A 133 16.18 -5.11 -23.05
C ILE A 133 14.96 -5.61 -22.28
N HIS A 134 14.41 -6.76 -22.69
CA HIS A 134 13.26 -7.34 -22.01
C HIS A 134 13.69 -7.76 -20.61
N PRO A 135 12.85 -7.56 -19.59
CA PRO A 135 13.20 -7.90 -18.21
C PRO A 135 13.51 -9.39 -18.00
N SER A 136 13.00 -10.23 -18.89
CA SER A 136 13.20 -11.67 -18.78
C SER A 136 14.65 -12.06 -19.10
N LYS A 137 15.33 -11.21 -19.84
CA LYS A 137 16.70 -11.48 -20.23
C LYS A 137 17.62 -11.21 -19.04
N VAL A 138 17.14 -10.40 -18.11
CA VAL A 138 17.93 -10.01 -16.94
C VAL A 138 17.49 -10.78 -15.69
N VAL A 139 16.18 -10.84 -15.46
CA VAL A 139 15.63 -11.51 -14.28
C VAL A 139 14.32 -12.22 -14.60
N ASN A 140 13.81 -12.93 -13.61
CA ASN A 140 12.54 -13.62 -13.73
C ASN A 140 11.76 -13.45 -12.45
N VAL A 141 10.48 -13.77 -12.49
CA VAL A 141 9.64 -13.68 -11.32
C VAL A 141 9.99 -14.78 -10.33
N GLY A 142 10.41 -14.38 -9.15
CA GLY A 142 10.82 -15.34 -8.14
C GLY A 142 12.28 -15.15 -7.79
N ASP A 143 12.94 -14.30 -8.56
CA ASP A 143 14.33 -13.99 -8.32
C ASP A 143 14.47 -12.82 -7.38
N GLU A 144 15.18 -13.07 -6.30
CA GLU A 144 15.45 -12.06 -5.31
C GLU A 144 16.62 -11.20 -5.81
N VAL A 145 16.44 -9.90 -5.79
CA VAL A 145 17.45 -8.99 -6.30
C VAL A 145 17.59 -7.73 -5.44
N GLU A 146 18.67 -7.01 -5.66
CA GLU A 146 18.89 -5.77 -4.94
C GLU A 146 18.64 -4.60 -5.85
N VAL A 147 18.07 -3.56 -5.30
CA VAL A 147 17.78 -2.37 -6.06
C VAL A 147 18.04 -1.13 -5.23
N MET A 148 18.09 0.00 -5.91
CA MET A 148 18.30 1.28 -5.26
C MET A 148 17.12 2.19 -5.55
N VAL A 149 16.64 2.89 -4.53
CA VAL A 149 15.50 3.78 -4.69
C VAL A 149 15.79 4.81 -5.76
N LEU A 150 15.07 4.71 -6.87
CA LEU A 150 15.28 5.59 -7.98
C LEU A 150 14.32 6.77 -7.89
N GLU A 151 13.05 6.48 -7.56
CA GLU A 151 12.04 7.52 -7.44
C GLU A 151 10.76 6.99 -6.79
N ILE A 152 10.43 7.48 -5.61
CA ILE A 152 9.21 7.08 -4.93
C ILE A 152 8.17 8.20 -4.93
N ASP A 153 6.94 7.84 -5.32
CA ASP A 153 5.82 8.77 -5.30
C ASP A 153 4.77 8.25 -4.32
N GLU A 154 4.85 8.68 -3.08
CA GLU A 154 3.93 8.21 -2.04
C GLU A 154 2.51 8.68 -2.37
N GLU A 155 2.40 9.81 -3.07
CA GLU A 155 1.10 10.37 -3.44
C GLU A 155 0.46 9.56 -4.57
N ARG A 156 1.24 9.31 -5.59
CA ARG A 156 0.74 8.63 -6.78
C ARG A 156 0.70 7.14 -6.52
N ARG A 157 1.43 6.73 -5.49
CA ARG A 157 1.48 5.36 -5.04
C ARG A 157 2.16 4.50 -6.09
N ARG A 158 3.28 5.03 -6.58
CA ARG A 158 4.12 4.35 -7.54
C ARG A 158 5.56 4.48 -7.09
N ILE A 159 6.27 3.37 -7.09
CA ILE A 159 7.65 3.34 -6.67
C ILE A 159 8.57 2.87 -7.80
N SER A 160 9.68 3.58 -7.96
CA SER A 160 10.68 3.30 -8.99
C SER A 160 12.01 2.88 -8.37
N LEU A 161 12.59 1.81 -8.90
CA LEU A 161 13.90 1.33 -8.45
C LEU A 161 14.87 1.23 -9.60
N GLY A 162 16.15 1.29 -9.28
CA GLY A 162 17.17 1.15 -10.28
C GLY A 162 17.97 -0.13 -10.09
N LEU A 163 17.83 -1.06 -11.03
CA LEU A 163 18.52 -2.35 -10.96
C LEU A 163 20.00 -2.15 -11.31
N LYS A 164 20.25 -1.37 -12.36
CA LYS A 164 21.62 -1.10 -12.82
C LYS A 164 22.50 -0.51 -11.70
N GLN A 165 21.84 0.03 -10.68
CA GLN A 165 22.54 0.56 -9.51
C GLN A 165 23.19 -0.55 -8.68
N CYS A 166 22.79 -1.80 -8.95
CA CYS A 166 23.37 -2.97 -8.28
C CYS A 166 24.11 -3.82 -9.30
N LYS A 167 24.14 -3.33 -10.54
CA LYS A 167 24.81 -4.04 -11.63
C LYS A 167 26.32 -3.77 -11.59
N ALA A 168 27.09 -4.71 -12.09
CA ALA A 168 28.54 -4.57 -12.14
C ALA A 168 28.94 -3.91 -13.45
N ASN A 169 29.82 -2.92 -13.38
CA ASN A 169 30.27 -2.22 -14.57
C ASN A 169 31.20 -3.13 -15.39
N PRO A 170 30.98 -3.28 -16.69
CA PRO A 170 31.78 -4.17 -17.55
C PRO A 170 33.23 -3.72 -17.70
N TRP A 171 33.54 -2.52 -17.25
CA TRP A 171 34.89 -2.00 -17.34
C TRP A 171 35.76 -2.49 -16.17
N GLN A 172 35.26 -3.49 -15.44
CA GLN A 172 36.03 -4.08 -14.35
C GLN A 172 36.23 -5.56 -14.65
N SER A 173 37.47 -6.02 -14.51
CA SER A 173 37.78 -7.42 -14.79
C SER A 173 38.94 -7.89 -13.94
#